data_8YIL
#
_entry.id   8YIL
#
_cell.length_a   1.00
_cell.length_b   1.00
_cell.length_c   1.00
_cell.angle_alpha   90.00
_cell.angle_beta   90.00
_cell.angle_gamma   90.00
#
_symmetry.space_group_name_H-M   'P 1'
#
loop_
_entity.id
_entity.type
_entity.pdbx_description
1 polymer 'COR1 isoform 1'
2 polymer 'Cytochrome b'
3 polymer 'Cytochrome b-c1 complex subunit 2, mitochondrial'
4 polymer 'Cytochrome c1, heme protein, mitochondrial'
5 polymer 'Cytochrome b-c1 complex subunit Rieske, mitochondrial'
6 polymer 'QCR6 isoform 1'
7 polymer 'Cytochrome b-c1 complex subunit 7'
8 polymer 'Cytochrome b-c1 complex subunit 8'
9 polymer 'Cytochrome b-c1 complex subunit 9, mitochondrial'
10 polymer 'Cytochrome b-c1 complex subunit 10, mitochondrial'
11 non-polymer 5-(3,7,11,15,19,23-HEXAMETHYL-TETRACOSA-2,6,10,14,18,22-HEXAENYL)-2,3-DIMETHOXY-6-METHYL-BENZENE-1,4-DIOL
12 non-polymer '(2R)-3-{[(S)-(2-aminoethoxy)(hydroxy)phosphoryl]oxy}-2-(tetradecanoyloxy)propyl octadecanoate'
13 non-polymer '(1R)-2-{[(S)-(2-aminoethoxy)(hydroxy)phosphoryl]oxy}-1-[(heptanoyloxy)methyl]ethyl octadecanoate'
14 non-polymer 'PROTOPORPHYRIN IX CONTAINING FE'
15 non-polymer '(5S,11R)-5,8,11-trihydroxy-5,11-dioxido-17-oxo-4,6,10,12,16-pentaoxa-5,11-diphosphaoctadec-1-yl pentadecanoate'
16 non-polymer metyltetraprole
17 non-polymer '(2R,5S,11R,14R)-5,8,11-trihydroxy-2-(nonanoyloxy)-5,11-dioxido-16-oxo-14-[(propanoyloxy)methyl]-4,6,10,12,15-pentaoxa-5,11-diphosphanonadec-1-yl undecanoate'
18 non-polymer '(1R)-2-(phosphonooxy)-1-[(tridecanoyloxy)methyl]ethyl pentadecanoate'
#
loop_
_entity_poly.entity_id
_entity_poly.type
_entity_poly.pdbx_seq_one_letter_code
_entity_poly.pdbx_strand_id
1 'polypeptide(L)'
;AEVTQLSNGIVVATEHNPSAHTASVGVVFGSGAANENPYNNGVSNLWKNIFLSKENSAVAAKEGLALSSNISRDFQSYIV
SSLPGSTDKSLDFLNQSFIQQKANLLSSSNFEATKKSVLKQVQDFEENDHPNRVLEHLHSTAFQNTPLSLPTRGTLESLE
NLVVADLESFANNHFLNSNAVVVGTGNIKHEDLVNSIESKNLSLQTGTKPVLKKKAAFLGSEVRLRDDTLPKAWISLAVE
GEPVNSPNYFVAKLAAQIFGSYNAFEPASRLQGIKLLDNIQEYQLCDNFNHFSLSYKDSGLWGFSTATRNVTMIDDLIHF
TLKQWNRLTISVTDTEVERAKSLLKLQLGQLYESGNPVNDANLLGAEVLIKGSKLSLGEAFKKIDAITVKDVKAWAGKRL
WDQDIAIAGTGQIEGLLDYMRIRSDMSMMRW
;
A,L
2 'polypeptide(L)'
;MAFRKSNVYLSLVNSYIIDSPQPSSINYWWNMGSLLGLCLVIQIVTGIFMAMHYSSNIELAFSSVEHIMRDVHNGYILRY
LHANGASFFFMVMFMHMAKGLYYGSYRSPRVTLWNVGVIIFILTIATAFLGYCCVYGQMSHWGATVITNLFSAIPFVGND
IVSWLWGGFSVSNPTIQRFFALHYLVPFIIAAMVIMHLMALHIHGSSNPLGITGNLDRIPMHSYFIFKDLVTVFLFMLIL
ALFVFYSPNTLGHPDNYIPGNPLVTPASIVPEWYLLPFYAILRSIPDKLLGVITMFAAILVLLVLPFTDRSVVRGNTFKV
LSKFFFFIFVFNFVLLGQIGACHVEVPYVLMGQIATFIYFAYFLIIVPVISTIENVLFYIGRVNK
;
C,N
3 'polypeptide(L)'
;LTVSARDAPTKISTLAVKVHGGSRYATKDGVAHLLNRFNFQNTNTRSALKLVRESELLGGTFKSTLDREYITLKATFLKD
DLPYYVNALADVLYKTAFKPHELTESVLPAARYDYAVAEQCPVKSAEDQLYAITFRKGLGNPLLYDGVERVSLQDIKDFA
DKVYTKENLEVSGENVVEADLKRFVDESLLSTLPAGKSLVSKSEPKFFLGEENRVRFIGDSVAAIGIPVNKASLAQYEVL
ANYLTSALSELSGLISSAKLDKFTDGGLFTLFVRDQDSAVVSSNIKKIVADLKKGKDLSPAINYTKLKNAVQNESVSSPI
ELNFDAVKDFKLGKFNYVAVGDVSNLPYLDEL
;
B,M
4 'polypeptide(L)'
;MTAAEHGLHAPAYAWSHNGPFETFDHASIRRGYQVYREVCAACHSLDRVAWRTLVGVSHTNEEVRNMAEEFEYDDEPDEQ
GNPKKRPGKLSDYIPGPYPNEQAARAANQGALPPDLSLIVKARHGGCDYIFSLLTGYPDEPPAGVALPPGSNYNPYFPGG
SIAMARVLFDDMVEYEDGTPATTSQMAKDVTTFLNWCAEPEHDERKRLGLKTVIILSSLYLLSIWVKKFKWAGIKTRKFV
FNPPKPRK
;
D,O
5 'polypeptide(L)'
;KSTYRTPNFDDVLKENNDADKGRSYAYFMVGAMGLLSSAGAKSTVETFISSMTATADVLAMAKVEVNLAAIPLGKNVVVK
WQGKPVFIRHRTPHEIQEANSVDMSALKDPQTDADRVKDPQWLIMLGICTHLGCVPIGEAGDFGGWFCPCHGSHYDISGR
IRKGPAPLNLEIPAYEFDGDKVIVG
;
E,P
6 'polypeptide(L)' EVTDQLEDLREHFKNTEEGKALVHHYEECAERVKIQQQQPGYADLEHKEDCVEEFFHLQHYLDTATAPRLFDKLK F,Q
7 'polypeptide(L)'
;PQSFTSIARIGDYILKSPVLSKLCVPVANQFINLAGYKKLGLKFDDLIAEENPIMQTALRRLPEDESYARAYRIIRAHQT
ELTHHLLPRNEWIKAQEDVPYLLPYILEAEAAAKEKDELDNIEVSK
;
G,R
8 'polypeptide(L)'
;GPPSGKTYMGWWGHMGGPKQKGITSYAVSPYAQKPLQGIFHNAVFNSFRRFKSQFLYVLIPAGIYWYWWKNGNEYNEFLY
SKAGREELERVNV
;
H,S
9 'polypeptide(L)' SSLYKTFFKRNAVFVGTIFAGAFVFQTVFDTAITSWYENHNKGKLWKDVKARIAA I,T
10 'polypeptide(L)' KTGLHFGRLSLRSLTAYAPNLMLWGGASMLGLFVFTEGWPKFQDTLYKKIPL U,V
#
loop_
_chem_comp.id
_chem_comp.type
_chem_comp.name
_chem_comp.formula
6PH non-polymer '(1R)-2-(phosphonooxy)-1-[(tridecanoyloxy)methyl]ethyl pentadecanoate' 'C31 H61 O8 P'
86T non-polymer metyltetraprole 'C19 H17 Cl N6 O2'
8PE non-polymer '(2R)-3-{[(S)-(2-aminoethoxy)(hydroxy)phosphoryl]oxy}-2-(tetradecanoyloxy)propyl octadecanoate' 'C37 H74 N O8 P'
9PE non-polymer '(1R)-2-{[(S)-(2-aminoethoxy)(hydroxy)phosphoryl]oxy}-1-[(heptanoyloxy)methyl]ethyl octadecanoate' 'C30 H60 N O8 P'
CN3 non-polymer '(2R,5S,11R,14R)-5,8,11-trihydroxy-2-(nonanoyloxy)-5,11-dioxido-16-oxo-14-[(propanoyloxy)methyl]-4,6,10,12,15-pentaoxa-5,11-diphosphanonadec-1-yl undecanoate' 'C36 H68 O17 P2'
CN5 non-polymer '(5S,11R)-5,8,11-trihydroxy-5,11-dioxido-17-oxo-4,6,10,12,16-pentaoxa-5,11-diphosphaoctadec-1-yl pentadecanoate' 'C26 H52 O13 P2'
HEM non-polymer 'PROTOPORPHYRIN IX CONTAINING FE' 'C34 H32 Fe N4 O4'
UQ6 non-polymer 5-(3,7,11,15,19,23-HEXAMETHYL-TETRACOSA-2,6,10,14,18,22-HEXAENYL)-2,3-DIMETHOXY-6-METHYL-BENZENE-1,4-DIOL 'C39 H60 O4'
#
# COMPACT_ATOMS: atom_id res chain seq x y z
N ALA A 1 -29.88 55.78 31.68
CA ALA A 1 -29.13 54.53 31.74
C ALA A 1 -28.08 54.57 32.84
N GLU A 2 -28.49 54.98 34.03
CA GLU A 2 -27.61 55.02 35.18
C GLU A 2 -28.25 54.22 36.32
N VAL A 3 -27.41 53.59 37.13
CA VAL A 3 -27.85 52.65 38.15
C VAL A 3 -27.76 53.32 39.51
N THR A 4 -28.68 52.97 40.40
CA THR A 4 -28.75 53.62 41.71
C THR A 4 -28.97 52.56 42.77
N GLN A 5 -28.02 52.44 43.70
CA GLN A 5 -28.17 51.59 44.88
C GLN A 5 -28.51 52.46 46.08
N LEU A 6 -29.35 51.92 46.97
CA LEU A 6 -29.73 52.66 48.18
C LEU A 6 -30.14 51.65 49.24
N SER A 7 -29.29 51.45 50.25
CA SER A 7 -29.53 50.48 51.30
C SER A 7 -30.09 51.20 52.53
N ASN A 8 -31.35 50.92 52.86
CA ASN A 8 -31.94 51.30 54.13
C ASN A 8 -31.92 50.14 55.12
N GLY A 9 -30.97 49.21 54.96
CA GLY A 9 -31.04 47.88 55.53
C GLY A 9 -31.32 46.82 54.50
N ILE A 10 -32.03 47.18 53.44
CA ILE A 10 -32.28 46.32 52.29
C ILE A 10 -31.68 46.99 51.06
N VAL A 11 -30.92 46.24 50.28
CA VAL A 11 -30.33 46.78 49.06
C VAL A 11 -31.42 46.85 48.00
N VAL A 12 -31.56 48.01 47.37
CA VAL A 12 -32.51 48.24 46.30
C VAL A 12 -31.76 48.88 45.15
N ALA A 13 -31.62 48.15 44.04
CA ALA A 13 -31.01 48.66 42.83
C ALA A 13 -32.06 48.83 41.75
N THR A 14 -31.86 49.81 40.87
CA THR A 14 -32.87 50.18 39.88
C THR A 14 -32.21 50.98 38.76
N GLU A 15 -32.46 50.61 37.51
CA GLU A 15 -32.10 51.45 36.37
C GLU A 15 -33.36 51.91 35.66
N HIS A 16 -33.63 53.21 35.74
CA HIS A 16 -34.78 53.79 35.07
C HIS A 16 -34.54 53.89 33.58
N ASN A 17 -35.61 53.76 32.80
CA ASN A 17 -35.58 53.99 31.37
C ASN A 17 -36.98 54.41 30.97
N PRO A 18 -37.23 55.71 30.81
CA PRO A 18 -38.59 56.20 30.57
C PRO A 18 -39.11 56.00 29.16
N SER A 19 -38.43 55.23 28.31
CA SER A 19 -38.92 54.88 26.99
C SER A 19 -39.42 53.43 26.92
N ALA A 20 -39.61 52.79 28.06
CA ALA A 20 -40.09 51.41 28.11
C ALA A 20 -41.58 51.38 28.40
N HIS A 21 -42.21 50.26 28.03
CA HIS A 21 -43.65 50.11 28.16
C HIS A 21 -44.07 49.14 29.25
N THR A 22 -43.13 48.45 29.89
CA THR A 22 -43.43 47.55 30.99
C THR A 22 -42.43 47.81 32.11
N ALA A 23 -42.58 47.07 33.20
CA ALA A 23 -41.73 47.25 34.38
C ALA A 23 -41.66 45.94 35.14
N SER A 24 -40.47 45.59 35.59
CA SER A 24 -40.24 44.35 36.32
C SER A 24 -39.84 44.65 37.76
N VAL A 25 -40.34 43.85 38.69
CA VAL A 25 -40.02 43.96 40.12
C VAL A 25 -39.82 42.55 40.65
N GLY A 26 -38.65 42.28 41.22
CA GLY A 26 -38.39 40.97 41.78
C GLY A 26 -37.38 40.97 42.90
N VAL A 27 -36.95 39.80 43.35
CA VAL A 27 -35.89 39.68 44.34
C VAL A 27 -34.92 38.61 43.89
N VAL A 28 -33.62 38.87 44.04
CA VAL A 28 -32.56 37.99 43.59
C VAL A 28 -31.73 37.59 44.80
N PHE A 29 -31.57 36.29 45.02
CA PHE A 29 -30.80 35.81 46.14
C PHE A 29 -29.39 35.43 45.72
N GLY A 30 -28.48 35.44 46.68
CA GLY A 30 -27.07 35.17 46.40
C GLY A 30 -26.61 33.77 46.75
N SER A 31 -27.49 32.79 46.58
CA SER A 31 -27.17 31.39 46.84
C SER A 31 -27.74 30.56 45.71
N GLY A 32 -26.88 29.85 44.99
CA GLY A 32 -27.33 29.09 43.85
C GLY A 32 -27.13 27.60 43.97
N ALA A 33 -26.87 26.94 42.84
CA ALA A 33 -26.66 25.49 42.86
C ALA A 33 -25.31 25.11 43.40
N ALA A 34 -24.39 26.05 43.58
CA ALA A 34 -23.10 25.81 44.21
C ALA A 34 -23.12 26.06 45.70
N ASN A 35 -24.28 25.90 46.34
CA ASN A 35 -24.46 25.97 47.79
C ASN A 35 -25.31 24.80 48.26
N GLU A 36 -25.10 23.64 47.67
CA GLU A 36 -25.87 22.45 47.99
C GLU A 36 -24.93 21.28 48.23
N ASN A 37 -25.46 20.22 48.83
CA ASN A 37 -24.73 18.97 49.00
C ASN A 37 -25.27 17.94 48.02
N PRO A 38 -24.59 16.78 47.83
CA PRO A 38 -25.09 15.82 46.84
C PRO A 38 -26.35 15.04 47.19
N TYR A 39 -27.08 15.42 48.23
CA TYR A 39 -28.31 14.72 48.58
C TYR A 39 -29.56 15.59 48.43
N ASN A 40 -29.45 16.91 48.60
CA ASN A 40 -30.53 17.82 48.27
C ASN A 40 -30.25 18.53 46.95
N ASN A 41 -29.68 17.82 45.98
CA ASN A 41 -29.29 18.44 44.73
C ASN A 41 -30.50 18.73 43.86
N GLY A 42 -30.51 19.91 43.25
CA GLY A 42 -31.66 20.33 42.48
C GLY A 42 -32.85 20.70 43.31
N VAL A 43 -32.64 21.18 44.53
CA VAL A 43 -33.75 21.61 45.36
C VAL A 43 -34.16 23.04 45.04
N SER A 44 -33.27 23.82 44.41
CA SER A 44 -33.65 25.12 43.90
C SER A 44 -34.47 25.03 42.64
N ASN A 45 -34.38 23.92 41.92
CA ASN A 45 -35.23 23.69 40.77
C ASN A 45 -36.67 23.38 41.16
N LEU A 46 -36.90 22.95 42.40
CA LEU A 46 -38.24 22.79 42.93
C LEU A 46 -38.76 24.04 43.62
N TRP A 47 -37.91 25.04 43.86
CA TRP A 47 -38.39 26.32 44.33
C TRP A 47 -38.77 27.25 43.19
N LYS A 48 -38.14 27.10 42.03
CA LYS A 48 -38.59 27.82 40.85
C LYS A 48 -39.96 27.33 40.41
N ASN A 49 -40.17 26.02 40.44
CA ASN A 49 -41.34 25.44 39.79
C ASN A 49 -42.63 25.65 40.59
N ILE A 50 -42.58 25.53 41.92
CA ILE A 50 -43.80 25.78 42.69
C ILE A 50 -44.12 27.26 42.80
N PHE A 51 -43.18 28.13 42.49
CA PHE A 51 -43.51 29.55 42.31
C PHE A 51 -44.25 29.77 40.99
N LEU A 52 -44.00 28.91 39.99
CA LEU A 52 -44.67 28.97 38.70
C LEU A 52 -45.77 27.92 38.58
N SER A 53 -46.18 27.31 39.68
CA SER A 53 -47.25 26.31 39.66
C SER A 53 -48.59 26.97 39.37
N LYS A 54 -49.58 26.15 39.04
CA LYS A 54 -50.76 26.64 38.35
C LYS A 54 -51.68 27.40 39.29
N GLU A 55 -51.78 26.95 40.54
CA GLU A 55 -52.59 27.67 41.53
C GLU A 55 -51.95 28.97 41.97
N ASN A 56 -50.62 29.08 41.91
CA ASN A 56 -49.96 30.32 42.28
C ASN A 56 -49.95 31.33 41.14
N SER A 57 -49.89 30.84 39.90
CA SER A 57 -49.89 31.70 38.72
C SER A 57 -51.29 32.06 38.25
N ALA A 58 -52.32 31.39 38.74
CA ALA A 58 -53.69 31.81 38.45
C ALA A 58 -54.05 33.07 39.21
N VAL A 59 -53.47 33.24 40.40
CA VAL A 59 -53.76 34.42 41.22
C VAL A 59 -53.11 35.65 40.60
N ALA A 60 -51.92 35.49 40.01
CA ALA A 60 -51.22 36.62 39.43
C ALA A 60 -51.83 37.06 38.11
N ALA A 61 -52.41 36.14 37.35
CA ALA A 61 -53.00 36.48 36.06
C ALA A 61 -54.30 37.25 36.19
N LYS A 62 -54.90 37.27 37.38
CA LYS A 62 -56.13 38.03 37.61
C LYS A 62 -55.88 39.50 37.88
N GLU A 63 -54.62 39.94 37.93
CA GLU A 63 -54.31 41.36 38.00
C GLU A 63 -53.38 41.82 36.88
N GLY A 64 -53.08 40.95 35.93
CA GLY A 64 -52.24 41.32 34.81
C GLY A 64 -50.76 41.28 35.17
N LEU A 65 -50.34 40.19 35.80
CA LEU A 65 -48.96 40.04 36.28
C LEU A 65 -48.40 38.72 35.77
N ALA A 66 -47.22 38.77 35.19
CA ALA A 66 -46.54 37.58 34.69
C ALA A 66 -45.41 37.19 35.64
N LEU A 67 -45.17 35.89 35.77
CA LEU A 67 -44.14 35.38 36.65
C LEU A 67 -43.00 34.79 35.84
N SER A 68 -41.78 34.92 36.37
CA SER A 68 -40.61 34.30 35.74
C SER A 68 -39.53 34.09 36.79
N SER A 69 -38.74 33.03 36.60
CA SER A 69 -37.70 32.65 37.54
C SER A 69 -36.54 32.02 36.78
N ASN A 70 -35.42 31.80 37.47
CA ASN A 70 -34.19 31.32 36.85
C ASN A 70 -33.24 30.77 37.90
N ILE A 71 -32.78 29.53 37.71
CA ILE A 71 -31.85 28.88 38.64
C ILE A 71 -30.52 28.69 37.93
N SER A 72 -29.43 29.15 38.56
CA SER A 72 -28.08 28.99 38.03
C SER A 72 -27.15 28.66 39.19
N ARG A 73 -25.85 28.78 38.94
CA ARG A 73 -24.88 28.80 40.04
C ARG A 73 -24.75 30.21 40.57
N ASP A 74 -24.50 30.30 41.88
CA ASP A 74 -24.23 31.52 42.65
C ASP A 74 -25.39 32.50 42.81
N PHE A 75 -26.54 32.28 42.15
CA PHE A 75 -27.71 33.15 42.31
C PHE A 75 -28.96 32.49 41.77
N GLN A 76 -30.11 32.88 42.33
CA GLN A 76 -31.45 32.57 41.83
C GLN A 76 -32.29 33.84 41.79
N SER A 77 -33.41 33.79 41.06
CA SER A 77 -34.27 34.96 40.96
C SER A 77 -35.73 34.56 40.87
N TYR A 78 -36.61 35.47 41.29
CA TYR A 78 -38.06 35.31 41.20
C TYR A 78 -38.62 36.67 40.79
N ILE A 79 -39.06 36.79 39.53
CA ILE A 79 -39.41 38.08 38.94
C ILE A 79 -40.92 38.15 38.73
N VAL A 80 -41.50 39.32 38.98
CA VAL A 80 -42.91 39.60 38.70
C VAL A 80 -42.96 40.78 37.72
N SER A 81 -43.58 40.57 36.56
CA SER A 81 -43.64 41.57 35.53
C SER A 81 -45.07 42.11 35.38
N SER A 82 -45.17 43.39 35.02
CA SER A 82 -46.46 44.10 34.99
C SER A 82 -46.35 45.29 34.06
N LEU A 83 -47.34 46.22 34.15
CA LEU A 83 -47.54 47.48 33.46
C LEU A 83 -47.08 48.64 34.35
N PRO A 84 -46.56 49.74 33.79
CA PRO A 84 -45.85 50.74 34.61
C PRO A 84 -46.74 51.60 35.50
N GLY A 85 -48.05 51.44 35.48
CA GLY A 85 -48.88 52.15 36.43
C GLY A 85 -49.43 51.20 37.48
N SER A 86 -48.80 50.04 37.62
CA SER A 86 -49.35 48.95 38.40
C SER A 86 -48.29 48.24 39.23
N THR A 87 -47.19 48.93 39.55
CA THR A 87 -46.09 48.26 40.24
C THR A 87 -46.35 48.09 41.73
N ASP A 88 -47.32 48.78 42.30
CA ASP A 88 -47.63 48.57 43.71
C ASP A 88 -48.37 47.26 43.93
N LYS A 89 -49.08 46.77 42.91
CA LYS A 89 -49.65 45.43 42.97
C LYS A 89 -48.58 44.35 42.82
N SER A 90 -47.43 44.70 42.24
CA SER A 90 -46.36 43.71 42.08
C SER A 90 -45.64 43.43 43.39
N LEU A 91 -45.51 44.42 44.27
CA LEU A 91 -44.91 44.19 45.57
C LEU A 91 -45.83 43.39 46.48
N ASP A 92 -47.14 43.60 46.37
CA ASP A 92 -48.08 42.88 47.20
C ASP A 92 -48.18 41.41 46.84
N PHE A 93 -47.83 41.05 45.61
CA PHE A 93 -47.80 39.63 45.27
C PHE A 93 -46.55 38.97 45.81
N LEU A 94 -45.43 39.68 45.85
CA LEU A 94 -44.23 39.08 46.41
C LEU A 94 -44.30 38.97 47.91
N ASN A 95 -44.96 39.93 48.56
CA ASN A 95 -45.10 39.97 50.01
C ASN A 95 -45.95 38.82 50.54
N GLN A 96 -47.11 38.59 49.94
CA GLN A 96 -47.96 37.48 50.33
C GLN A 96 -47.54 36.21 49.62
N SER A 97 -47.62 35.08 50.32
CA SER A 97 -47.46 33.72 49.79
C SER A 97 -46.09 33.40 49.19
N PHE A 98 -45.14 34.34 49.25
CA PHE A 98 -43.75 33.99 49.03
C PHE A 98 -42.88 34.39 50.21
N ILE A 99 -43.11 35.58 50.77
CA ILE A 99 -42.32 36.04 51.90
C ILE A 99 -43.05 35.75 53.20
N GLN A 100 -44.28 36.26 53.34
CA GLN A 100 -44.96 36.16 54.63
C GLN A 100 -45.66 34.82 54.82
N GLN A 101 -46.72 34.57 54.05
CA GLN A 101 -47.55 33.37 54.26
C GLN A 101 -47.22 32.30 53.23
N LYS A 102 -45.98 31.82 53.28
CA LYS A 102 -45.49 30.86 52.29
C LYS A 102 -45.76 29.41 52.67
N ALA A 103 -46.77 29.15 53.51
CA ALA A 103 -47.09 27.80 53.95
C ALA A 103 -48.12 27.10 53.08
N ASN A 104 -49.07 27.84 52.49
CA ASN A 104 -50.12 27.22 51.69
C ASN A 104 -49.62 26.77 50.33
N LEU A 105 -48.47 27.25 49.88
CA LEU A 105 -47.89 26.77 48.63
C LEU A 105 -47.29 25.38 48.79
N LEU A 106 -46.85 25.03 49.99
CA LEU A 106 -46.23 23.74 50.27
C LEU A 106 -47.24 22.76 50.85
N SER A 107 -48.23 22.42 50.03
CA SER A 107 -49.26 21.47 50.43
C SER A 107 -48.74 20.05 50.22
N SER A 108 -49.62 19.06 50.28
CA SER A 108 -49.25 17.70 49.96
C SER A 108 -49.66 17.30 48.55
N SER A 109 -50.70 17.92 48.00
CA SER A 109 -51.11 17.66 46.64
C SER A 109 -50.45 18.59 45.64
N ASN A 110 -50.14 19.82 46.04
CA ASN A 110 -49.44 20.73 45.15
C ASN A 110 -47.98 20.35 45.01
N PHE A 111 -47.38 19.78 46.07
CA PHE A 111 -45.98 19.37 46.00
C PHE A 111 -45.84 18.08 45.20
N GLU A 112 -46.77 17.14 45.34
CA GLU A 112 -46.63 15.85 44.68
C GLU A 112 -46.91 15.93 43.18
N ALA A 113 -47.80 16.83 42.76
CA ALA A 113 -48.03 17.02 41.33
C ALA A 113 -46.87 17.78 40.69
N THR A 114 -46.16 18.61 41.46
CA THR A 114 -45.05 19.37 40.94
C THR A 114 -43.81 18.52 40.74
N LYS A 115 -43.53 17.63 41.70
CA LYS A 115 -42.31 16.83 41.66
C LYS A 115 -42.32 15.86 40.49
N LYS A 116 -43.48 15.31 40.16
CA LYS A 116 -43.58 14.41 39.01
C LYS A 116 -43.59 15.15 37.69
N SER A 117 -43.68 16.48 37.69
CA SER A 117 -43.44 17.25 36.48
C SER A 117 -41.98 17.62 36.32
N VAL A 118 -41.28 17.88 37.43
CA VAL A 118 -39.84 18.09 37.39
C VAL A 118 -39.10 16.78 37.15
N LEU A 119 -39.69 15.63 37.50
CA LEU A 119 -39.05 14.36 37.20
C LEU A 119 -39.06 14.03 35.72
N LYS A 120 -39.99 14.58 34.95
CA LYS A 120 -40.04 14.29 33.53
C LYS A 120 -39.35 15.36 32.68
N GLN A 121 -39.04 16.51 33.25
CA GLN A 121 -38.24 17.51 32.53
C GLN A 121 -36.80 17.09 32.45
N VAL A 122 -36.24 16.63 33.57
CA VAL A 122 -34.85 16.18 33.63
C VAL A 122 -34.67 14.85 32.91
N GLN A 123 -35.71 14.02 32.83
CA GLN A 123 -35.62 12.78 32.08
C GLN A 123 -35.60 13.02 30.58
N ASP A 124 -36.41 13.96 30.09
CA ASP A 124 -36.35 14.33 28.68
C ASP A 124 -35.09 15.12 28.35
N PHE A 125 -34.52 15.82 29.32
CA PHE A 125 -33.27 16.54 29.09
C PHE A 125 -32.11 15.56 28.91
N GLU A 126 -32.13 14.46 29.66
CA GLU A 126 -31.02 13.51 29.63
C GLU A 126 -31.01 12.65 28.37
N GLU A 127 -32.08 12.65 27.60
CA GLU A 127 -32.15 11.81 26.41
C GLU A 127 -32.21 12.59 25.11
N ASN A 128 -32.40 13.90 25.15
CA ASN A 128 -32.65 14.62 23.91
C ASN A 128 -31.69 15.78 23.68
N ASP A 129 -31.23 16.43 24.75
CA ASP A 129 -30.52 17.71 24.63
C ASP A 129 -29.01 17.47 24.74
N HIS A 130 -28.43 16.97 23.66
CA HIS A 130 -27.05 16.50 23.68
C HIS A 130 -25.96 17.58 23.75
N PRO A 131 -26.05 18.74 23.08
CA PRO A 131 -25.01 19.76 23.33
C PRO A 131 -25.06 20.41 24.70
N ASN A 132 -26.15 20.26 25.45
CA ASN A 132 -26.23 20.87 26.77
C ASN A 132 -26.00 19.91 27.91
N ARG A 133 -26.19 18.61 27.70
CA ARG A 133 -25.85 17.63 28.72
C ARG A 133 -24.40 17.17 28.63
N VAL A 134 -23.66 17.62 27.61
CA VAL A 134 -22.22 17.40 27.55
C VAL A 134 -21.47 18.54 28.24
N LEU A 135 -21.96 19.76 28.09
CA LEU A 135 -21.42 20.89 28.84
C LEU A 135 -21.67 20.76 30.34
N GLU A 136 -22.70 20.01 30.74
CA GLU A 136 -22.90 19.76 32.16
C GLU A 136 -21.87 18.78 32.70
N HIS A 137 -21.53 17.75 31.92
CA HIS A 137 -20.48 16.81 32.32
C HIS A 137 -19.10 17.45 32.31
N LEU A 138 -18.91 18.54 31.57
CA LEU A 138 -17.66 19.29 31.64
C LEU A 138 -17.51 19.99 32.97
N HIS A 139 -18.59 20.48 33.55
CA HIS A 139 -18.50 21.01 34.91
C HIS A 139 -18.42 19.89 35.94
N SER A 140 -18.97 18.74 35.62
CA SER A 140 -18.97 17.62 36.55
C SER A 140 -17.63 16.92 36.65
N THR A 141 -16.79 17.02 35.62
CA THR A 141 -15.51 16.33 35.64
C THR A 141 -14.34 17.26 35.90
N ALA A 142 -14.52 18.56 35.75
CA ALA A 142 -13.44 19.51 35.99
C ALA A 142 -13.40 19.97 37.44
N PHE A 143 -14.53 19.97 38.13
CA PHE A 143 -14.60 20.37 39.52
C PHE A 143 -15.17 19.26 40.37
N GLN A 144 -14.73 18.03 40.16
CA GLN A 144 -15.26 16.91 40.91
C GLN A 144 -14.85 16.96 42.37
N ASN A 145 -15.79 16.56 43.24
CA ASN A 145 -15.67 16.57 44.71
C ASN A 145 -15.38 17.98 45.24
N THR A 146 -16.26 18.90 44.89
CA THR A 146 -16.09 20.34 44.99
C THR A 146 -17.46 20.95 44.67
N PRO A 147 -17.86 22.06 45.30
CA PRO A 147 -19.24 22.58 45.12
C PRO A 147 -19.63 22.94 43.69
N LEU A 148 -18.68 23.34 42.85
CA LEU A 148 -19.00 23.89 41.54
C LEU A 148 -19.34 22.83 40.49
N SER A 149 -19.61 21.58 40.89
CA SER A 149 -19.90 20.53 39.91
C SER A 149 -21.31 19.96 40.00
N LEU A 150 -22.16 20.48 40.86
CA LEU A 150 -23.45 19.81 40.88
C LEU A 150 -24.36 20.40 39.80
N PRO A 151 -25.14 19.57 39.11
CA PRO A 151 -25.97 20.08 38.02
C PRO A 151 -27.14 20.88 38.54
N THR A 152 -27.45 21.98 37.83
CA THR A 152 -28.45 22.95 38.29
C THR A 152 -29.86 22.41 38.27
N ARG A 153 -30.12 21.34 37.51
CA ARG A 153 -31.41 20.68 37.51
C ARG A 153 -31.51 19.55 38.53
N GLY A 154 -30.40 19.09 39.08
CA GLY A 154 -30.40 17.90 39.90
C GLY A 154 -30.41 16.63 39.05
N THR A 155 -30.26 15.51 39.72
CA THR A 155 -30.25 14.22 39.05
C THR A 155 -31.50 13.43 39.40
N LEU A 156 -31.69 12.32 38.70
CA LEU A 156 -32.96 11.61 38.76
C LEU A 156 -33.16 10.86 40.06
N GLU A 157 -32.10 10.49 40.77
CA GLU A 157 -32.30 9.85 42.07
C GLU A 157 -32.08 10.80 43.23
N SER A 158 -31.40 11.92 43.01
CA SER A 158 -31.39 12.99 44.01
C SER A 158 -32.67 13.79 44.02
N LEU A 159 -33.46 13.72 42.94
CA LEU A 159 -34.77 14.37 42.90
C LEU A 159 -35.87 13.50 43.49
N GLU A 160 -35.69 12.18 43.48
CA GLU A 160 -36.74 11.30 43.97
C GLU A 160 -36.75 11.20 45.48
N ASN A 161 -35.59 11.31 46.12
CA ASN A 161 -35.48 11.28 47.57
C ASN A 161 -35.54 12.69 48.17
N LEU A 162 -36.56 13.45 47.79
CA LEU A 162 -36.71 14.83 48.22
C LEU A 162 -38.13 15.01 48.74
N VAL A 163 -38.25 15.33 50.02
CA VAL A 163 -39.56 15.48 50.66
C VAL A 163 -39.79 16.95 50.94
N VAL A 164 -40.98 17.27 51.46
CA VAL A 164 -41.34 18.67 51.68
C VAL A 164 -40.55 19.28 52.83
N ALA A 165 -40.01 18.45 53.74
CA ALA A 165 -39.18 18.94 54.82
C ALA A 165 -37.87 19.54 54.34
N ASP A 166 -37.41 19.16 53.15
CA ASP A 166 -36.15 19.63 52.62
C ASP A 166 -36.23 21.04 52.06
N LEU A 167 -37.42 21.50 51.66
CA LEU A 167 -37.53 22.82 51.03
C LEU A 167 -37.46 23.93 52.07
N GLU A 168 -38.17 23.78 53.19
CA GLU A 168 -38.10 24.77 54.26
C GLU A 168 -36.74 24.75 54.93
N SER A 169 -36.08 23.59 54.94
CA SER A 169 -34.70 23.51 55.40
C SER A 169 -33.77 24.29 54.49
N PHE A 170 -34.08 24.36 53.20
CA PHE A 170 -33.28 25.17 52.29
C PHE A 170 -33.63 26.64 52.40
N ALA A 171 -34.91 26.97 52.62
CA ALA A 171 -35.32 28.37 52.68
C ALA A 171 -34.90 29.03 53.98
N ASN A 172 -34.81 28.26 55.07
CA ASN A 172 -34.44 28.83 56.36
C ASN A 172 -32.97 29.25 56.38
N ASN A 173 -32.14 28.59 55.59
CA ASN A 173 -30.71 28.85 55.58
C ASN A 173 -30.26 29.75 54.45
N HIS A 174 -31.11 30.01 53.45
CA HIS A 174 -30.64 30.70 52.26
C HIS A 174 -31.47 31.87 51.78
N PHE A 175 -32.74 31.97 52.16
CA PHE A 175 -33.56 33.14 51.78
C PHE A 175 -33.60 34.16 52.92
N LEU A 176 -32.44 34.71 53.22
CA LEU A 176 -32.28 35.62 54.34
C LEU A 176 -32.18 37.06 53.84
N ASN A 177 -32.09 38.00 54.78
CA ASN A 177 -32.18 39.41 54.43
C ASN A 177 -30.88 39.97 53.85
N SER A 178 -29.73 39.54 54.35
CA SER A 178 -28.47 40.04 53.80
C SER A 178 -28.06 39.32 52.54
N ASN A 179 -28.56 38.11 52.33
CA ASN A 179 -28.32 37.35 51.11
C ASN A 179 -29.37 37.65 50.04
N ALA A 180 -29.65 38.93 49.79
CA ALA A 180 -30.80 39.27 48.97
C ALA A 180 -30.65 40.68 48.42
N VAL A 181 -31.16 40.88 47.21
CA VAL A 181 -31.17 42.18 46.54
C VAL A 181 -32.53 42.32 45.85
N VAL A 182 -33.18 43.47 46.02
CA VAL A 182 -34.47 43.75 45.37
C VAL A 182 -34.22 44.67 44.18
N VAL A 183 -34.60 44.20 42.99
CA VAL A 183 -34.26 44.83 41.73
C VAL A 183 -35.54 45.39 41.11
N GLY A 184 -35.39 46.46 40.33
CA GLY A 184 -36.47 46.91 39.49
C GLY A 184 -35.98 47.59 38.23
N THR A 185 -36.38 47.10 37.06
CA THR A 185 -35.93 47.65 35.80
C THR A 185 -37.12 48.08 34.98
N GLY A 186 -36.87 48.74 33.86
CA GLY A 186 -37.94 49.24 33.04
C GLY A 186 -38.42 50.62 33.49
N ASN A 187 -39.66 50.91 33.10
CA ASN A 187 -40.27 52.21 33.34
C ASN A 187 -40.71 52.31 34.80
N ILE A 188 -39.74 52.59 35.67
CA ILE A 188 -40.02 52.75 37.10
C ILE A 188 -38.96 53.67 37.70
N LYS A 189 -39.40 54.66 38.47
CA LYS A 189 -38.47 55.57 39.11
C LYS A 189 -37.83 54.91 40.33
N HIS A 190 -36.66 55.43 40.71
CA HIS A 190 -35.94 54.85 41.84
C HIS A 190 -36.59 55.23 43.15
N GLU A 191 -37.21 56.40 43.22
CA GLU A 191 -37.77 56.89 44.48
C GLU A 191 -39.17 56.37 44.76
N ASP A 192 -39.94 56.03 43.73
CA ASP A 192 -41.25 55.43 43.97
C ASP A 192 -41.13 53.98 44.44
N LEU A 193 -40.03 53.31 44.14
CA LEU A 193 -39.84 51.97 44.67
C LEU A 193 -39.40 52.00 46.11
N VAL A 194 -38.59 52.98 46.49
CA VAL A 194 -38.03 53.03 47.84
C VAL A 194 -39.10 53.41 48.86
N ASN A 195 -39.95 54.37 48.51
CA ASN A 195 -41.01 54.79 49.43
C ASN A 195 -42.08 53.71 49.60
N SER A 196 -42.41 53.02 48.52
CA SER A 196 -43.39 51.95 48.55
C SER A 196 -42.89 50.71 49.29
N ILE A 197 -41.58 50.52 49.38
CA ILE A 197 -41.07 49.44 50.23
C ILE A 197 -41.13 49.83 51.69
N GLU A 198 -40.67 51.04 52.03
CA GLU A 198 -40.72 51.49 53.40
C GLU A 198 -42.03 52.19 53.78
N SER A 199 -43.06 52.10 52.93
CA SER A 199 -44.40 52.45 53.39
C SER A 199 -44.94 51.43 54.37
N LYS A 200 -44.40 50.22 54.34
CA LYS A 200 -44.59 49.19 55.34
C LYS A 200 -43.22 48.90 55.95
N ASN A 201 -43.13 47.84 56.75
CA ASN A 201 -41.84 47.48 57.33
C ASN A 201 -41.41 46.10 56.83
N LEU A 202 -41.49 45.95 55.50
CA LEU A 202 -40.95 44.83 54.75
C LEU A 202 -39.50 44.53 55.13
N SER A 203 -39.25 43.32 55.62
CA SER A 203 -37.93 42.91 56.11
C SER A 203 -37.88 41.40 56.20
N LEU A 204 -36.72 40.88 56.61
CA LEU A 204 -36.54 39.48 56.98
C LEU A 204 -35.75 39.45 58.30
N GLN A 205 -35.28 38.29 58.72
CA GLN A 205 -35.01 38.07 60.15
C GLN A 205 -33.56 37.91 60.55
N THR A 206 -32.77 37.02 59.93
CA THR A 206 -31.54 36.53 60.57
C THR A 206 -30.28 36.87 59.80
N GLY A 207 -30.16 36.45 58.54
CA GLY A 207 -28.92 36.60 57.80
C GLY A 207 -27.91 35.49 58.10
N THR A 208 -26.47 35.76 57.66
CA THR A 208 -25.26 34.96 57.92
C THR A 208 -25.47 33.47 57.59
N LYS A 209 -25.65 33.15 56.11
CA LYS A 209 -25.87 31.81 55.56
C LYS A 209 -24.68 30.93 55.93
N PRO A 210 -24.73 29.62 55.69
CA PRO A 210 -23.53 28.78 55.90
C PRO A 210 -22.38 29.11 54.96
N VAL A 211 -21.18 28.73 55.38
CA VAL A 211 -19.94 29.37 54.92
C VAL A 211 -19.07 28.42 54.09
N LEU A 212 -19.65 27.42 53.41
CA LEU A 212 -19.12 26.83 52.17
C LEU A 212 -17.76 26.15 52.35
N LYS A 213 -17.78 24.93 53.11
CA LYS A 213 -16.61 24.18 53.60
C LYS A 213 -15.45 24.04 52.63
N LYS A 214 -15.67 23.54 51.42
CA LYS A 214 -14.60 23.31 50.46
C LYS A 214 -14.61 24.36 49.37
N LYS A 215 -13.43 24.85 49.01
CA LYS A 215 -13.26 25.82 47.94
C LYS A 215 -13.29 25.11 46.58
N ALA A 216 -13.20 25.88 45.51
CA ALA A 216 -13.19 25.34 44.16
C ALA A 216 -11.77 25.06 43.70
N ALA A 217 -11.64 24.02 42.87
CA ALA A 217 -10.33 23.59 42.38
C ALA A 217 -10.49 22.87 41.05
N PHE A 218 -9.63 23.20 40.11
CA PHE A 218 -9.63 22.61 38.78
C PHE A 218 -8.84 21.30 38.79
N LEU A 219 -9.30 20.32 38.02
CA LEU A 219 -8.60 19.05 37.89
C LEU A 219 -8.65 18.57 36.45
N GLY A 220 -7.50 18.15 35.92
CA GLY A 220 -7.44 17.62 34.58
C GLY A 220 -7.97 16.20 34.49
N SER A 221 -9.00 15.99 33.68
CA SER A 221 -9.74 14.74 33.69
C SER A 221 -10.52 14.63 32.38
N GLU A 222 -11.20 13.50 32.20
CA GLU A 222 -12.03 13.27 31.03
C GLU A 222 -13.13 12.28 31.37
N VAL A 223 -14.27 12.40 30.67
CA VAL A 223 -15.38 11.46 30.83
C VAL A 223 -15.96 11.17 29.45
N ARG A 224 -16.24 9.89 29.18
CA ARG A 224 -16.65 9.42 27.86
C ARG A 224 -17.94 8.63 27.99
N LEU A 225 -18.97 9.06 27.26
CA LEU A 225 -20.26 8.38 27.23
C LEU A 225 -20.57 7.97 25.80
N ARG A 226 -20.02 6.85 25.36
CA ARG A 226 -20.20 6.45 23.98
C ARG A 226 -21.57 5.85 23.74
N ASP A 227 -22.18 6.23 22.63
CA ASP A 227 -23.52 5.77 22.23
C ASP A 227 -23.48 5.61 20.71
N ASP A 228 -23.42 4.38 20.24
CA ASP A 228 -23.24 4.09 18.83
C ASP A 228 -24.53 4.17 18.03
N THR A 229 -25.68 4.36 18.66
CA THR A 229 -26.94 4.49 17.96
C THR A 229 -27.34 5.93 17.69
N LEU A 230 -26.54 6.93 18.17
CA LEU A 230 -26.72 8.34 17.86
C LEU A 230 -25.98 8.71 16.59
N PRO A 231 -26.50 9.63 15.78
CA PRO A 231 -25.90 9.90 14.47
C PRO A 231 -24.78 10.92 14.43
N LYS A 232 -24.34 11.47 15.57
CA LYS A 232 -23.34 12.53 15.57
C LYS A 232 -22.33 12.25 16.68
N ALA A 233 -21.50 13.27 16.95
CA ALA A 233 -20.59 13.31 18.07
C ALA A 233 -20.52 14.73 18.60
N TRP A 234 -20.64 14.91 19.91
CA TRP A 234 -20.57 16.20 20.56
C TRP A 234 -19.41 16.18 21.55
N ILE A 235 -18.63 17.26 21.59
CA ILE A 235 -17.38 17.31 22.36
C ILE A 235 -17.19 18.73 22.90
N SER A 236 -16.87 18.84 24.19
CA SER A 236 -16.42 20.09 24.81
C SER A 236 -15.03 19.89 25.40
N LEU A 237 -14.31 21.00 25.59
CA LEU A 237 -12.91 20.97 26.02
C LEU A 237 -12.53 22.35 26.54
N ALA A 238 -11.91 22.43 27.71
CA ALA A 238 -11.62 23.71 28.31
C ALA A 238 -10.40 23.63 29.23
N VAL A 239 -9.94 24.81 29.67
CA VAL A 239 -8.87 24.97 30.65
C VAL A 239 -9.42 25.86 31.74
N GLU A 240 -8.57 26.23 32.70
CA GLU A 240 -8.99 27.13 33.76
C GLU A 240 -9.15 28.53 33.22
N GLY A 241 -10.07 29.29 33.81
CA GLY A 241 -10.35 30.61 33.31
C GLY A 241 -10.19 31.70 34.34
N GLU A 242 -10.74 32.87 34.03
CA GLU A 242 -10.62 34.05 34.87
C GLU A 242 -11.92 34.29 35.60
N PRO A 243 -11.91 34.44 36.93
CA PRO A 243 -13.16 34.59 37.68
C PRO A 243 -13.79 35.96 37.54
N VAL A 244 -14.88 36.20 38.25
CA VAL A 244 -15.45 37.54 38.35
C VAL A 244 -14.52 38.39 39.23
N ASN A 245 -14.43 39.69 38.91
CA ASN A 245 -13.54 40.71 39.49
C ASN A 245 -12.07 40.26 39.55
N SER A 246 -11.65 39.58 38.50
CA SER A 246 -10.28 39.28 38.12
C SER A 246 -9.75 40.40 37.22
N PRO A 247 -8.45 40.74 37.31
CA PRO A 247 -7.91 41.81 36.47
C PRO A 247 -7.74 41.44 35.01
N ASN A 248 -7.86 40.17 34.64
CA ASN A 248 -7.83 39.74 33.25
C ASN A 248 -9.21 39.28 32.81
N TYR A 249 -10.25 39.99 33.22
CA TYR A 249 -11.61 39.59 32.90
C TYR A 249 -11.93 39.85 31.43
N PHE A 250 -11.69 41.06 30.95
CA PHE A 250 -11.96 41.38 29.56
C PHE A 250 -10.91 40.81 28.62
N VAL A 251 -9.75 40.42 29.13
CA VAL A 251 -8.70 39.89 28.28
C VAL A 251 -9.02 38.45 27.88
N ALA A 252 -9.68 37.70 28.75
CA ALA A 252 -10.08 36.34 28.40
C ALA A 252 -11.29 36.34 27.48
N LYS A 253 -12.16 37.35 27.55
CA LYS A 253 -13.28 37.44 26.63
C LYS A 253 -12.84 37.87 25.25
N LEU A 254 -11.80 38.69 25.16
CA LEU A 254 -11.28 39.09 23.85
C LEU A 254 -10.60 37.94 23.15
N ALA A 255 -10.04 36.99 23.90
CA ALA A 255 -9.34 35.88 23.29
C ALA A 255 -10.29 34.85 22.71
N ALA A 256 -11.49 34.71 23.27
CA ALA A 256 -12.46 33.79 22.69
C ALA A 256 -13.16 34.36 21.47
N GLN A 257 -13.25 35.69 21.39
CA GLN A 257 -13.79 36.34 20.20
C GLN A 257 -12.83 36.25 19.02
N ILE A 258 -11.55 35.99 19.27
CA ILE A 258 -10.58 35.82 18.19
C ILE A 258 -10.91 34.57 17.38
N PHE A 259 -11.40 33.53 18.03
CA PHE A 259 -11.76 32.30 17.32
C PHE A 259 -13.25 32.15 17.07
N GLY A 260 -14.10 32.74 17.92
CA GLY A 260 -15.52 32.94 17.64
C GLY A 260 -16.35 31.67 17.51
N SER A 261 -17.39 31.77 16.66
CA SER A 261 -18.33 30.68 16.45
C SER A 261 -18.58 30.51 14.96
N TYR A 262 -19.15 29.36 14.60
CA TYR A 262 -19.23 28.93 13.22
C TYR A 262 -20.47 28.09 12.99
N ASN A 263 -21.05 28.23 11.79
CA ASN A 263 -22.16 27.39 11.35
C ASN A 263 -21.92 27.04 9.88
N ALA A 264 -21.83 25.75 9.59
CA ALA A 264 -21.43 25.30 8.26
C ALA A 264 -22.52 25.49 7.21
N PHE A 265 -23.77 25.64 7.62
CA PHE A 265 -24.88 25.77 6.69
C PHE A 265 -25.33 27.21 6.50
N GLU A 266 -24.69 28.15 7.17
CA GLU A 266 -24.96 29.56 6.90
C GLU A 266 -23.90 30.09 5.96
N PRO A 267 -24.27 30.72 4.85
CA PRO A 267 -23.25 31.15 3.89
C PRO A 267 -22.40 32.31 4.36
N ALA A 268 -22.95 33.25 5.12
CA ALA A 268 -22.16 34.37 5.61
C ALA A 268 -21.26 33.99 6.78
N SER A 269 -21.55 32.87 7.43
CA SER A 269 -20.68 32.40 8.51
C SER A 269 -19.38 31.82 7.99
N ARG A 270 -19.36 31.37 6.75
CA ARG A 270 -18.17 30.76 6.16
C ARG A 270 -17.17 31.78 5.64
N LEU A 271 -17.46 33.07 5.77
CA LEU A 271 -16.60 34.12 5.24
C LEU A 271 -15.95 34.96 6.33
N GLN A 272 -15.92 34.47 7.56
CA GLN A 272 -15.38 35.23 8.67
C GLN A 272 -13.86 35.23 8.66
N GLY A 273 -13.28 36.27 9.26
CA GLY A 273 -11.84 36.41 9.32
C GLY A 273 -11.17 35.60 10.41
N ILE A 274 -11.36 34.28 10.37
CA ILE A 274 -10.80 33.36 11.35
C ILE A 274 -9.88 32.41 10.62
N LYS A 275 -8.64 32.30 11.08
CA LYS A 275 -7.63 31.50 10.38
C LYS A 275 -7.87 30.00 10.54
N LEU A 276 -8.64 29.59 11.55
CA LEU A 276 -8.98 28.20 11.73
C LEU A 276 -9.92 27.68 10.65
N LEU A 277 -10.68 28.56 10.00
CA LEU A 277 -11.67 28.16 9.02
C LEU A 277 -11.06 27.72 7.70
N ASP A 278 -9.76 27.91 7.48
CA ASP A 278 -9.13 27.42 6.27
C ASP A 278 -8.91 25.91 6.32
N ASN A 279 -8.56 25.39 7.50
CA ASN A 279 -8.34 23.95 7.64
C ASN A 279 -9.65 23.19 7.81
N ILE A 280 -10.68 23.84 8.35
CA ILE A 280 -11.93 23.15 8.64
C ILE A 280 -12.69 22.86 7.35
N GLN A 281 -12.78 23.84 6.47
CA GLN A 281 -13.65 23.74 5.31
C GLN A 281 -13.07 22.95 4.16
N GLU A 282 -11.80 22.55 4.24
CA GLU A 282 -11.21 21.79 3.15
C GLU A 282 -11.73 20.36 3.11
N TYR A 283 -11.92 19.75 4.27
CA TYR A 283 -12.47 18.40 4.35
C TYR A 283 -13.75 18.32 5.16
N GLN A 284 -14.30 19.46 5.60
CA GLN A 284 -15.58 19.58 6.29
C GLN A 284 -15.61 18.76 7.59
N LEU A 285 -14.77 19.21 8.52
CA LEU A 285 -14.54 18.47 9.74
C LEU A 285 -15.67 18.56 10.75
N CYS A 286 -16.48 19.62 10.72
CA CYS A 286 -17.54 19.77 11.72
C CYS A 286 -18.77 20.42 11.10
N ASP A 287 -19.83 20.50 11.91
CA ASP A 287 -21.05 21.22 11.59
C ASP A 287 -21.11 22.60 12.24
N ASN A 288 -20.68 22.73 13.49
CA ASN A 288 -20.65 24.01 14.17
C ASN A 288 -19.66 23.93 15.32
N PHE A 289 -19.16 25.11 15.74
CA PHE A 289 -18.46 25.24 17.00
C PHE A 289 -18.73 26.63 17.58
N ASN A 290 -18.35 26.81 18.84
CA ASN A 290 -18.43 28.10 19.51
C ASN A 290 -17.43 28.14 20.65
N HIS A 291 -16.76 29.28 20.82
CA HIS A 291 -15.82 29.50 21.90
C HIS A 291 -16.47 30.32 23.01
N PHE A 292 -16.17 29.98 24.26
CA PHE A 292 -16.80 30.63 25.41
C PHE A 292 -15.75 31.08 26.41
N SER A 293 -16.20 31.87 27.39
CA SER A 293 -15.39 32.25 28.54
C SER A 293 -16.36 32.44 29.72
N LEU A 294 -16.51 31.38 30.52
CA LEU A 294 -17.38 31.43 31.67
C LEU A 294 -16.61 31.95 32.88
N SER A 295 -17.32 32.65 33.77
CA SER A 295 -16.68 33.24 34.93
C SER A 295 -17.60 33.24 36.13
N TYR A 296 -17.08 32.82 37.27
CA TYR A 296 -17.82 32.80 38.54
C TYR A 296 -17.03 33.53 39.61
N LYS A 297 -17.49 33.46 40.86
CA LYS A 297 -16.77 34.13 41.95
C LYS A 297 -15.56 33.34 42.43
N ASP A 298 -15.42 32.08 42.01
CA ASP A 298 -14.31 31.22 42.42
C ASP A 298 -13.26 31.03 41.33
N SER A 299 -13.69 30.70 40.12
CA SER A 299 -12.78 30.43 39.01
C SER A 299 -13.54 30.63 37.70
N GLY A 300 -12.98 30.13 36.60
CA GLY A 300 -13.66 30.21 35.32
C GLY A 300 -13.34 29.06 34.40
N LEU A 301 -13.84 29.10 33.17
CA LEU A 301 -13.56 28.06 32.17
C LEU A 301 -13.43 28.72 30.81
N TRP A 302 -12.33 28.45 30.11
CA TRP A 302 -12.07 28.99 28.78
C TRP A 302 -11.91 27.82 27.82
N GLY A 303 -12.73 27.79 26.78
CA GLY A 303 -12.68 26.66 25.86
C GLY A 303 -13.60 26.75 24.66
N PHE A 304 -14.04 25.60 24.14
CA PHE A 304 -14.89 25.56 22.96
C PHE A 304 -15.71 24.27 22.98
N SER A 305 -16.72 24.22 22.12
CA SER A 305 -17.63 23.08 22.09
C SER A 305 -18.11 22.86 20.65
N THR A 306 -18.06 21.61 20.18
CA THR A 306 -18.30 21.31 18.78
C THR A 306 -19.31 20.18 18.62
N ALA A 307 -19.78 20.01 17.38
CA ALA A 307 -20.67 18.91 17.01
C ALA A 307 -20.40 18.53 15.57
N THR A 308 -20.04 17.28 15.32
CA THR A 308 -19.59 16.87 14.00
C THR A 308 -20.27 15.59 13.56
N ARG A 309 -20.24 15.37 12.26
CA ARG A 309 -20.84 14.21 11.64
C ARG A 309 -19.80 13.41 10.85
N ASN A 310 -18.57 13.91 10.77
CA ASN A 310 -17.43 13.21 10.18
C ASN A 310 -16.74 12.43 11.28
N VAL A 311 -17.23 11.21 11.53
CA VAL A 311 -16.81 10.45 12.71
C VAL A 311 -15.51 9.70 12.51
N THR A 312 -14.85 9.84 11.37
CA THR A 312 -13.56 9.21 11.15
C THR A 312 -12.40 10.20 11.14
N MET A 313 -12.69 11.50 11.20
CA MET A 313 -11.65 12.53 11.19
C MET A 313 -11.80 13.44 12.39
N ILE A 314 -12.17 12.87 13.53
CA ILE A 314 -12.35 13.66 14.75
C ILE A 314 -11.01 14.15 15.26
N ASP A 315 -9.97 13.35 15.14
CA ASP A 315 -8.67 13.70 15.68
C ASP A 315 -7.95 14.77 14.86
N ASP A 316 -8.43 15.08 13.65
CA ASP A 316 -7.89 16.21 12.92
C ASP A 316 -8.53 17.53 13.36
N LEU A 317 -9.80 17.49 13.75
CA LEU A 317 -10.48 18.67 14.25
C LEU A 317 -9.92 19.12 15.58
N ILE A 318 -9.54 18.17 16.44
CA ILE A 318 -8.94 18.52 17.71
C ILE A 318 -7.50 18.98 17.51
N HIS A 319 -6.81 18.41 16.53
CA HIS A 319 -5.42 18.78 16.26
C HIS A 319 -5.32 20.20 15.72
N PHE A 320 -6.18 20.58 14.77
CA PHE A 320 -6.08 21.89 14.14
C PHE A 320 -6.54 23.00 15.07
N THR A 321 -7.50 22.73 15.95
CA THR A 321 -7.98 23.76 16.86
C THR A 321 -6.97 24.07 17.95
N LEU A 322 -6.34 23.04 18.49
CA LEU A 322 -5.37 23.24 19.57
C LEU A 322 -4.06 23.80 19.06
N LYS A 323 -3.79 23.70 17.75
CA LYS A 323 -2.62 24.35 17.17
C LYS A 323 -2.81 25.85 17.04
N GLN A 324 -4.03 26.31 16.79
CA GLN A 324 -4.29 27.74 16.71
C GLN A 324 -4.29 28.42 18.06
N TRP A 325 -4.56 27.67 19.13
CA TRP A 325 -4.48 28.21 20.48
C TRP A 325 -3.05 28.55 20.85
N ASN A 326 -2.09 27.83 20.27
CA ASN A 326 -0.68 28.09 20.52
C ASN A 326 -0.23 29.43 19.98
N ARG A 327 -0.90 29.95 18.95
CA ARG A 327 -0.49 31.20 18.32
C ARG A 327 -0.77 32.43 19.18
N LEU A 328 -1.62 32.31 20.20
CA LEU A 328 -1.85 33.43 21.11
C LEU A 328 -0.66 33.70 21.99
N THR A 329 0.26 32.76 22.12
CA THR A 329 1.47 32.94 22.91
C THR A 329 2.63 33.42 22.07
N ILE A 330 2.74 32.97 20.83
CA ILE A 330 3.96 33.15 20.05
C ILE A 330 3.77 34.12 18.89
N SER A 331 2.67 34.05 18.14
CA SER A 331 2.61 34.76 16.87
C SER A 331 1.24 35.35 16.57
N VAL A 332 0.59 35.95 17.57
CA VAL A 332 -0.69 36.61 17.30
C VAL A 332 -0.42 37.95 16.65
N THR A 333 -1.28 38.34 15.72
CA THR A 333 -1.07 39.54 14.91
C THR A 333 -1.97 40.68 15.38
N ASP A 334 -1.64 41.89 14.93
CA ASP A 334 -2.32 43.08 15.41
C ASP A 334 -3.68 43.28 14.73
N THR A 335 -3.88 42.74 13.53
CA THR A 335 -5.19 42.85 12.91
C THR A 335 -6.20 41.88 13.49
N GLU A 336 -5.75 40.83 14.19
CA GLU A 336 -6.66 39.95 14.88
C GLU A 336 -7.09 40.51 16.23
N VAL A 337 -6.28 41.36 16.83
CA VAL A 337 -6.65 41.98 18.10
C VAL A 337 -7.65 43.10 17.87
N GLU A 338 -7.50 43.84 16.77
CA GLU A 338 -8.41 44.94 16.48
C GLU A 338 -9.75 44.47 15.96
N ARG A 339 -9.81 43.31 15.31
CA ARG A 339 -11.09 42.76 14.87
C ARG A 339 -11.91 42.27 16.06
N ALA A 340 -11.26 41.62 17.02
CA ALA A 340 -11.97 41.12 18.18
C ALA A 340 -12.36 42.21 19.17
N LYS A 341 -11.76 43.40 19.08
CA LYS A 341 -12.21 44.51 19.91
C LYS A 341 -13.56 45.03 19.44
N SER A 342 -13.76 45.13 18.13
CA SER A 342 -15.00 45.67 17.60
C SER A 342 -16.15 44.70 17.79
N LEU A 343 -15.89 43.42 17.65
CA LEU A 343 -16.93 42.42 17.79
C LEU A 343 -17.28 42.13 19.24
N LEU A 344 -16.37 42.38 20.18
CA LEU A 344 -16.70 42.21 21.59
C LEU A 344 -17.57 43.34 22.11
N LYS A 345 -17.38 44.56 21.59
CA LYS A 345 -18.24 45.66 22.01
C LYS A 345 -19.63 45.54 21.45
N LEU A 346 -19.80 44.87 20.31
CA LEU A 346 -21.12 44.63 19.77
C LEU A 346 -21.83 43.48 20.48
N GLN A 347 -21.08 42.48 20.93
CA GLN A 347 -21.68 41.37 21.65
C GLN A 347 -22.05 41.75 23.08
N LEU A 348 -21.24 42.61 23.72
CA LEU A 348 -21.59 43.09 25.05
C LEU A 348 -22.72 44.09 25.01
N GLY A 349 -22.90 44.78 23.89
CA GLY A 349 -23.97 45.74 23.77
C GLY A 349 -25.34 45.14 23.55
N GLN A 350 -25.41 43.96 22.95
CA GLN A 350 -26.69 43.32 22.71
C GLN A 350 -27.17 42.49 23.89
N LEU A 351 -26.29 42.21 24.85
CA LEU A 351 -26.69 41.52 26.07
C LEU A 351 -27.13 42.48 27.16
N TYR A 352 -26.51 43.66 27.23
CA TYR A 352 -26.79 44.62 28.28
C TYR A 352 -27.73 45.73 27.83
N GLU A 353 -28.08 45.80 26.55
CA GLU A 353 -29.00 46.81 26.05
C GLU A 353 -30.02 46.17 25.13
N SER A 354 -30.63 45.08 25.57
CA SER A 354 -31.73 44.47 24.86
C SER A 354 -33.03 45.15 25.28
N GLY A 355 -34.17 44.58 24.89
CA GLY A 355 -35.46 45.17 25.21
C GLY A 355 -36.26 44.47 26.27
N ASN A 356 -35.73 43.45 26.93
CA ASN A 356 -36.48 42.67 27.89
C ASN A 356 -36.14 43.12 29.30
N PRO A 357 -37.06 43.71 30.05
CA PRO A 357 -36.75 44.05 31.45
C PRO A 357 -36.60 42.86 32.38
N VAL A 358 -37.06 41.68 31.97
CA VAL A 358 -36.79 40.47 32.74
C VAL A 358 -35.34 40.05 32.58
N ASN A 359 -34.76 40.29 31.39
CA ASN A 359 -33.36 39.96 31.16
C ASN A 359 -32.43 40.89 31.93
N ASP A 360 -32.80 42.16 32.03
CA ASP A 360 -31.95 43.11 32.73
C ASP A 360 -32.09 43.05 34.23
N ALA A 361 -33.03 42.28 34.74
CA ALA A 361 -33.18 42.14 36.18
C ALA A 361 -32.31 41.02 36.74
N ASN A 362 -32.04 39.99 35.96
CA ASN A 362 -31.06 38.99 36.37
C ASN A 362 -29.64 39.51 36.23
N LEU A 363 -29.39 40.40 35.26
CA LEU A 363 -28.06 40.96 35.09
C LEU A 363 -27.73 41.99 36.15
N LEU A 364 -28.70 42.80 36.56
CA LEU A 364 -28.45 43.79 37.59
C LEU A 364 -28.32 43.16 38.97
N GLY A 365 -29.11 42.12 39.25
CA GLY A 365 -29.07 41.52 40.57
C GLY A 365 -27.79 40.79 40.88
N ALA A 366 -27.14 40.23 39.86
CA ALA A 366 -25.91 39.48 40.10
C ALA A 366 -24.74 40.42 40.41
N GLU A 367 -24.63 41.52 39.67
CA GLU A 367 -23.49 42.42 39.82
C GLU A 367 -23.55 43.28 41.07
N VAL A 368 -24.65 43.29 41.80
CA VAL A 368 -24.76 44.10 43.00
C VAL A 368 -24.59 43.18 44.21
N LEU A 369 -24.93 41.91 44.02
CA LEU A 369 -24.67 40.93 45.08
C LEU A 369 -23.18 40.64 45.23
N ILE A 370 -22.44 40.71 44.13
CA ILE A 370 -21.07 40.23 44.11
C ILE A 370 -20.05 41.37 44.13
N LYS A 371 -20.47 42.60 43.84
CA LYS A 371 -19.59 43.75 43.80
C LYS A 371 -20.13 44.95 44.56
N GLY A 372 -21.42 45.02 44.85
CA GLY A 372 -22.02 46.14 45.50
C GLY A 372 -22.56 47.20 44.56
N SER A 373 -22.01 47.29 43.33
CA SER A 373 -22.43 48.32 42.40
C SER A 373 -22.23 47.82 40.97
N LYS A 374 -22.82 48.55 40.03
CA LYS A 374 -22.83 48.19 38.62
C LYS A 374 -21.72 48.92 37.88
N LEU A 375 -21.16 48.26 36.86
CA LEU A 375 -20.21 48.88 35.96
C LEU A 375 -20.93 49.29 34.69
N SER A 376 -20.68 50.52 34.25
CA SER A 376 -21.36 51.08 33.09
C SER A 376 -20.88 50.41 31.80
N LEU A 377 -21.61 50.67 30.72
CA LEU A 377 -21.17 50.22 29.41
C LEU A 377 -20.12 51.16 28.82
N GLY A 378 -20.06 52.40 29.30
CA GLY A 378 -19.00 53.29 28.86
C GLY A 378 -17.67 52.99 29.50
N GLU A 379 -17.67 52.55 30.75
CA GLU A 379 -16.44 52.19 31.43
C GLU A 379 -15.92 50.83 30.98
N ALA A 380 -16.81 49.90 30.62
CA ALA A 380 -16.35 48.64 30.05
C ALA A 380 -15.80 48.83 28.65
N PHE A 381 -16.34 49.78 27.89
CA PHE A 381 -15.82 50.07 26.55
C PHE A 381 -14.46 50.75 26.62
N LYS A 382 -14.21 51.54 27.67
CA LYS A 382 -12.91 52.17 27.83
C LYS A 382 -11.84 51.16 28.20
N LYS A 383 -12.22 50.09 28.90
CA LYS A 383 -11.25 49.07 29.26
C LYS A 383 -10.91 48.16 28.10
N ILE A 384 -11.86 47.91 27.19
CA ILE A 384 -11.61 47.01 26.08
C ILE A 384 -10.71 47.69 25.04
N ASP A 385 -10.80 49.01 24.92
CA ASP A 385 -9.98 49.73 23.96
C ASP A 385 -8.51 49.83 24.37
N ALA A 386 -8.16 49.50 25.61
CA ALA A 386 -6.80 49.67 26.11
C ALA A 386 -6.03 48.36 26.22
N ILE A 387 -6.53 47.27 25.64
CA ILE A 387 -5.82 46.01 25.58
C ILE A 387 -4.86 46.03 24.41
N THR A 388 -3.64 45.54 24.62
CA THR A 388 -2.63 45.49 23.57
C THR A 388 -2.33 44.03 23.20
N VAL A 389 -1.40 43.86 22.27
CA VAL A 389 -0.94 42.53 21.89
C VAL A 389 -0.12 41.91 23.00
N LYS A 390 0.59 42.74 23.76
CA LYS A 390 1.43 42.24 24.86
C LYS A 390 0.59 41.67 26.00
N ASP A 391 -0.58 42.25 26.26
CA ASP A 391 -1.45 41.76 27.32
C ASP A 391 -2.03 40.40 26.98
N VAL A 392 -2.30 40.15 25.69
CA VAL A 392 -2.85 38.85 25.30
C VAL A 392 -1.79 37.77 25.41
N LYS A 393 -0.56 38.07 24.99
CA LYS A 393 0.52 37.10 25.07
C LYS A 393 0.95 36.83 26.50
N ALA A 394 0.82 37.82 27.39
CA ALA A 394 1.11 37.60 28.80
C ALA A 394 0.03 36.76 29.46
N TRP A 395 -1.23 36.92 29.06
CA TRP A 395 -2.30 36.09 29.60
C TRP A 395 -2.21 34.67 29.06
N ALA A 396 -1.84 34.51 27.79
CA ALA A 396 -1.91 33.21 27.14
C ALA A 396 -0.79 32.28 27.59
N GLY A 397 0.40 32.83 27.82
CA GLY A 397 1.51 32.01 28.31
C GLY A 397 1.35 31.55 29.73
N LYS A 398 0.49 32.20 30.49
CA LYS A 398 0.19 31.85 31.87
C LYS A 398 -0.96 30.85 31.98
N ARG A 399 -1.95 30.94 31.09
CA ARG A 399 -3.22 30.25 31.27
C ARG A 399 -3.42 29.05 30.37
N LEU A 400 -2.83 29.02 29.18
CA LEU A 400 -3.06 27.89 28.29
C LEU A 400 -1.80 27.20 27.78
N TRP A 401 -0.64 27.83 27.77
CA TRP A 401 0.58 27.21 27.26
C TRP A 401 1.02 26.12 28.23
N ASP A 402 0.92 24.86 27.79
CA ASP A 402 1.33 23.67 28.52
C ASP A 402 0.61 23.56 29.87
N GLN A 403 -0.71 23.40 29.77
CA GLN A 403 -1.57 23.27 30.94
C GLN A 403 -2.51 22.08 30.77
N ASP A 404 -3.18 21.72 31.86
CA ASP A 404 -4.10 20.59 31.87
C ASP A 404 -5.46 20.98 31.29
N ILE A 405 -6.10 20.00 30.66
CA ILE A 405 -7.40 20.21 30.02
C ILE A 405 -8.43 19.27 30.64
N ALA A 406 -9.69 19.63 30.45
CA ALA A 406 -10.83 18.79 30.80
C ALA A 406 -11.64 18.53 29.54
N ILE A 407 -12.00 17.27 29.29
CA ILE A 407 -12.69 16.87 28.08
C ILE A 407 -14.00 16.18 28.46
N ALA A 408 -15.00 16.28 27.59
CA ALA A 408 -16.25 15.53 27.73
C ALA A 408 -16.85 15.28 26.36
N GLY A 409 -17.47 14.12 26.19
CA GLY A 409 -18.01 13.77 24.89
C GLY A 409 -19.07 12.69 24.92
N THR A 410 -19.91 12.66 23.89
CA THR A 410 -20.88 11.58 23.73
C THR A 410 -21.14 11.35 22.25
N GLY A 411 -21.72 10.19 21.95
CA GLY A 411 -22.10 9.84 20.60
C GLY A 411 -21.15 8.84 19.97
N GLN A 412 -20.76 9.08 18.72
CA GLN A 412 -19.81 8.22 18.01
C GLN A 412 -18.39 8.77 18.20
N ILE A 413 -17.87 8.59 19.41
CA ILE A 413 -16.61 9.21 19.80
C ILE A 413 -15.50 8.18 19.89
N GLU A 414 -15.59 7.13 19.07
CA GLU A 414 -14.55 6.11 19.01
C GLU A 414 -13.25 6.66 18.43
N GLY A 415 -13.33 7.60 17.50
CA GLY A 415 -12.15 8.22 16.93
C GLY A 415 -11.50 9.27 17.79
N LEU A 416 -12.06 9.57 18.96
CA LEU A 416 -11.43 10.47 19.91
C LEU A 416 -10.29 9.73 20.61
N LEU A 417 -9.07 10.24 20.47
CA LEU A 417 -7.92 9.60 21.08
C LEU A 417 -7.90 9.88 22.58
N ASP A 418 -6.96 9.26 23.29
CA ASP A 418 -6.94 9.34 24.74
C ASP A 418 -6.20 10.61 25.19
N TYR A 419 -5.87 10.68 26.47
CA TYR A 419 -5.59 11.96 27.11
C TYR A 419 -4.24 12.54 26.67
N MET A 420 -3.20 11.72 26.66
CA MET A 420 -1.86 12.26 26.43
C MET A 420 -1.58 12.59 24.98
N ARG A 421 -2.35 12.05 24.04
CA ARG A 421 -2.23 12.49 22.66
C ARG A 421 -2.89 13.83 22.43
N ILE A 422 -3.81 14.22 23.30
CA ILE A 422 -4.44 15.53 23.24
C ILE A 422 -3.74 16.54 24.13
N ARG A 423 -3.26 16.08 25.29
CA ARG A 423 -2.58 16.95 26.24
C ARG A 423 -1.28 17.49 25.69
N SER A 424 -0.60 16.72 24.83
CA SER A 424 0.67 17.17 24.28
C SER A 424 0.52 18.27 23.23
N ASP A 425 -0.70 18.54 22.77
CA ASP A 425 -0.95 19.59 21.79
C ASP A 425 -1.04 20.98 22.40
N MET A 426 -0.83 21.14 23.70
CA MET A 426 -0.91 22.44 24.35
C MET A 426 0.42 23.17 24.38
N SER A 427 1.37 22.77 23.53
CA SER A 427 2.61 23.48 23.31
C SER A 427 3.13 23.06 21.95
N MET A 428 3.38 24.03 21.08
CA MET A 428 3.64 23.78 19.67
C MET A 428 4.95 23.03 19.44
N MET A 429 5.93 23.25 20.31
CA MET A 429 7.31 22.78 20.15
C MET A 429 7.87 23.28 18.80
N ARG A 430 7.62 24.57 18.53
CA ARG A 430 8.29 25.31 17.48
C ARG A 430 8.76 26.66 17.98
N TRP A 431 8.17 27.20 19.04
CA TRP A 431 8.95 27.96 20.02
C TRP A 431 9.38 26.94 21.05
N MET B 1 -6.36 17.55 6.18
CA MET B 1 -5.70 16.63 7.10
C MET B 1 -4.23 17.00 7.29
N ALA B 2 -3.57 16.32 8.22
CA ALA B 2 -2.17 16.60 8.54
C ALA B 2 -1.26 16.17 7.39
N PHE B 3 -0.04 16.71 7.40
CA PHE B 3 0.92 16.42 6.33
C PHE B 3 1.42 14.99 6.41
N ARG B 4 1.46 14.41 7.61
CA ARG B 4 1.89 13.04 7.79
C ARG B 4 0.85 12.02 7.32
N LYS B 5 -0.33 12.46 6.90
CA LYS B 5 -1.34 11.56 6.38
C LYS B 5 -1.66 11.79 4.91
N SER B 6 -1.13 12.85 4.31
CA SER B 6 -1.37 13.15 2.90
C SER B 6 -0.16 12.92 2.01
N ASN B 7 1.04 12.87 2.57
CA ASN B 7 2.23 12.55 1.79
C ASN B 7 2.22 11.07 1.41
N VAL B 8 2.89 10.75 0.30
CA VAL B 8 2.91 9.36 -0.16
C VAL B 8 3.85 8.52 0.70
N TYR B 9 4.91 9.11 1.24
CA TYR B 9 5.91 8.38 2.01
C TYR B 9 5.71 8.49 3.51
N LEU B 10 5.27 9.65 3.99
CA LEU B 10 5.06 9.83 5.42
C LEU B 10 3.82 9.11 5.91
N SER B 11 2.87 8.79 5.03
CA SER B 11 1.67 8.09 5.45
C SER B 11 1.95 6.63 5.79
N LEU B 12 2.96 6.02 5.15
CA LEU B 12 3.33 4.65 5.50
C LEU B 12 3.96 4.60 6.89
N VAL B 13 4.73 5.61 7.26
CA VAL B 13 5.29 5.66 8.60
C VAL B 13 4.19 5.93 9.62
N ASN B 14 3.23 6.80 9.25
CA ASN B 14 2.14 7.13 10.15
C ASN B 14 1.18 5.96 10.35
N SER B 15 0.95 5.16 9.31
CA SER B 15 0.04 4.03 9.39
C SER B 15 0.68 2.78 9.97
N TYR B 16 1.94 2.82 10.38
CA TYR B 16 2.62 1.64 10.90
C TYR B 16 3.20 1.85 12.29
N ILE B 17 3.74 3.02 12.60
CA ILE B 17 4.40 3.21 13.89
C ILE B 17 3.88 4.44 14.64
N ILE B 18 2.86 5.13 14.13
CA ILE B 18 2.36 6.34 14.77
C ILE B 18 0.89 6.19 15.18
N ASP B 19 0.01 5.89 14.23
CA ASP B 19 -1.42 5.79 14.50
C ASP B 19 -1.94 4.36 14.36
N SER B 20 -1.11 3.38 14.60
CA SER B 20 -1.53 1.99 14.44
C SER B 20 -2.36 1.56 15.65
N PRO B 21 -3.54 0.99 15.44
CA PRO B 21 -4.36 0.56 16.59
C PRO B 21 -3.84 -0.75 17.19
N GLN B 22 -3.62 -0.72 18.50
CA GLN B 22 -3.05 -1.83 19.25
C GLN B 22 -4.02 -2.29 20.34
N PRO B 23 -4.04 -3.59 20.65
CA PRO B 23 -4.80 -4.03 21.83
C PRO B 23 -4.10 -3.58 23.10
N SER B 24 -4.88 -2.99 24.01
CA SER B 24 -4.30 -2.34 25.18
C SER B 24 -3.85 -3.31 26.27
N SER B 25 -4.01 -4.62 26.08
CA SER B 25 -3.66 -5.59 27.11
C SER B 25 -2.48 -6.48 26.72
N ILE B 26 -1.71 -6.12 25.68
CA ILE B 26 -0.55 -6.92 25.31
C ILE B 26 0.58 -6.66 26.30
N ASN B 27 1.43 -7.67 26.51
CA ASN B 27 2.49 -7.64 27.50
C ASN B 27 3.86 -7.57 26.82
N TYR B 28 4.92 -7.77 27.61
CA TYR B 28 6.28 -7.64 27.14
C TYR B 28 6.72 -8.76 26.21
N TRP B 29 5.91 -9.80 26.00
CA TRP B 29 6.23 -10.81 24.99
C TRP B 29 5.96 -10.32 23.57
N TRP B 30 5.22 -9.24 23.42
CA TRP B 30 4.97 -8.64 22.12
C TRP B 30 6.03 -7.64 21.72
N ASN B 31 7.12 -7.55 22.49
CA ASN B 31 8.22 -6.65 22.20
C ASN B 31 9.37 -7.33 21.47
N MET B 32 9.28 -8.65 21.25
CA MET B 32 10.39 -9.37 20.64
C MET B 32 10.50 -9.12 19.15
N GLY B 33 9.44 -8.68 18.48
CA GLY B 33 9.50 -8.48 17.05
C GLY B 33 10.18 -7.19 16.65
N SER B 34 10.05 -6.14 17.46
CA SER B 34 10.77 -4.90 17.20
C SER B 34 12.25 -5.05 17.52
N LEU B 35 12.56 -5.91 18.48
CA LEU B 35 13.94 -6.11 18.90
C LEU B 35 14.70 -6.93 17.89
N LEU B 36 13.99 -7.75 17.11
CA LEU B 36 14.59 -8.47 15.98
C LEU B 36 14.87 -7.55 14.79
N GLY B 37 14.19 -6.42 14.69
CA GLY B 37 14.51 -5.46 13.66
C GLY B 37 15.78 -4.70 13.98
N LEU B 38 16.07 -4.51 15.26
CA LEU B 38 17.34 -3.92 15.67
C LEU B 38 18.49 -4.91 15.52
N CYS B 39 18.22 -6.21 15.66
CA CYS B 39 19.27 -7.22 15.51
C CYS B 39 19.73 -7.33 14.07
N LEU B 40 18.82 -7.18 13.12
CA LEU B 40 19.19 -7.26 11.71
C LEU B 40 20.00 -6.04 11.28
N VAL B 41 19.76 -4.89 11.91
CA VAL B 41 20.47 -3.67 11.54
C VAL B 41 21.91 -3.71 12.04
N ILE B 42 22.14 -4.22 13.25
CA ILE B 42 23.47 -4.35 13.82
C ILE B 42 24.31 -5.35 13.02
N GLN B 43 23.71 -6.45 12.57
CA GLN B 43 24.46 -7.44 11.82
C GLN B 43 24.83 -6.96 10.43
N ILE B 44 23.98 -6.15 9.79
CA ILE B 44 24.31 -5.67 8.46
C ILE B 44 25.35 -4.56 8.52
N VAL B 45 25.26 -3.68 9.53
CA VAL B 45 26.15 -2.53 9.60
C VAL B 45 27.56 -2.95 10.01
N THR B 46 27.68 -3.78 11.05
CA THR B 46 29.00 -4.25 11.47
C THR B 46 29.64 -5.19 10.46
N GLY B 47 28.86 -5.85 9.61
CA GLY B 47 29.43 -6.74 8.62
C GLY B 47 29.92 -6.02 7.38
N ILE B 48 29.32 -4.88 7.06
CA ILE B 48 29.77 -4.10 5.92
C ILE B 48 31.08 -3.39 6.25
N PHE B 49 31.22 -2.91 7.48
CA PHE B 49 32.47 -2.27 7.88
C PHE B 49 33.60 -3.27 8.08
N MET B 50 33.29 -4.55 8.28
CA MET B 50 34.32 -5.58 8.34
C MET B 50 34.68 -6.13 6.97
N ALA B 51 33.80 -6.00 5.98
CA ALA B 51 34.06 -6.49 4.64
C ALA B 51 35.06 -5.63 3.89
N MET B 52 35.39 -4.44 4.41
CA MET B 52 36.42 -3.61 3.81
C MET B 52 37.82 -4.12 4.06
N HIS B 53 37.99 -5.03 5.03
CA HIS B 53 39.31 -5.49 5.44
C HIS B 53 39.49 -7.00 5.29
N TYR B 54 38.56 -7.69 4.65
CA TYR B 54 38.53 -9.15 4.63
C TYR B 54 38.95 -9.69 3.27
N SER B 55 39.67 -10.80 3.27
CA SER B 55 40.07 -11.51 2.06
C SER B 55 39.52 -12.93 2.12
N SER B 56 38.91 -13.39 1.03
CA SER B 56 38.21 -14.67 1.01
C SER B 56 39.03 -15.80 0.42
N ASN B 57 40.30 -15.58 0.09
CA ASN B 57 41.15 -16.67 -0.37
C ASN B 57 41.51 -17.58 0.79
N ILE B 58 41.64 -18.88 0.48
CA ILE B 58 41.78 -19.88 1.53
C ILE B 58 43.14 -19.80 2.22
N GLU B 59 44.11 -19.13 1.64
CA GLU B 59 45.41 -18.92 2.27
C GLU B 59 45.55 -17.54 2.88
N LEU B 60 44.51 -16.71 2.79
CA LEU B 60 44.53 -15.38 3.38
C LEU B 60 43.37 -15.13 4.32
N ALA B 61 42.43 -16.08 4.46
CA ALA B 61 41.17 -15.82 5.16
C ALA B 61 41.34 -15.80 6.67
N PHE B 62 42.10 -16.74 7.23
CA PHE B 62 42.28 -16.79 8.67
C PHE B 62 43.12 -15.62 9.16
N SER B 63 44.16 -15.24 8.40
CA SER B 63 45.05 -14.17 8.83
C SER B 63 44.43 -12.79 8.67
N SER B 64 43.43 -12.63 7.81
CA SER B 64 42.79 -11.34 7.66
C SER B 64 41.79 -11.05 8.77
N VAL B 65 41.24 -12.08 9.40
CA VAL B 65 40.43 -11.88 10.60
C VAL B 65 41.34 -11.48 11.77
N GLU B 66 42.57 -12.00 11.80
CA GLU B 66 43.55 -11.56 12.79
C GLU B 66 44.00 -10.13 12.54
N HIS B 67 44.02 -9.69 11.29
CA HIS B 67 44.39 -8.32 10.96
C HIS B 67 43.34 -7.33 11.46
N ILE B 68 42.06 -7.71 11.39
CA ILE B 68 41.00 -6.88 11.93
C ILE B 68 41.09 -6.78 13.45
N MET B 69 41.49 -7.87 14.11
CA MET B 69 41.58 -7.88 15.56
C MET B 69 42.75 -7.06 16.09
N ARG B 70 43.87 -7.03 15.38
CA ARG B 70 45.10 -6.42 15.88
C ARG B 70 45.39 -5.06 15.29
N ASP B 71 45.10 -4.82 14.02
CA ASP B 71 45.56 -3.64 13.31
C ASP B 71 44.51 -2.57 13.08
N VAL B 72 43.28 -2.98 12.77
CA VAL B 72 42.21 -2.03 12.47
C VAL B 72 41.83 -1.27 13.74
N HIS B 73 41.73 0.05 13.62
CA HIS B 73 41.33 0.91 14.73
C HIS B 73 39.91 0.58 15.18
N ASN B 74 39.77 0.18 16.45
CA ASN B 74 38.53 -0.37 17.03
C ASN B 74 38.01 -1.57 16.24
N GLY B 75 38.93 -2.40 15.75
CA GLY B 75 38.53 -3.54 14.97
C GLY B 75 38.04 -4.70 15.81
N TYR B 76 38.48 -4.77 17.06
CA TYR B 76 38.02 -5.82 17.95
C TYR B 76 36.58 -5.61 18.39
N ILE B 77 36.13 -4.35 18.43
CA ILE B 77 34.74 -4.05 18.77
C ILE B 77 33.81 -4.52 17.65
N LEU B 78 34.24 -4.36 16.40
CA LEU B 78 33.41 -4.77 15.26
C LEU B 78 33.20 -6.27 15.20
N ARG B 79 34.25 -7.05 15.44
CA ARG B 79 34.12 -8.50 15.35
C ARG B 79 33.34 -9.06 16.52
N TYR B 80 33.66 -8.62 17.74
CA TYR B 80 32.99 -9.13 18.93
C TYR B 80 31.51 -8.79 18.95
N LEU B 81 31.14 -7.60 18.49
CA LEU B 81 29.73 -7.25 18.35
C LEU B 81 29.07 -8.04 17.24
N HIS B 82 29.82 -8.54 16.27
CA HIS B 82 29.25 -9.32 15.19
C HIS B 82 29.06 -10.77 15.56
N ALA B 83 30.06 -11.37 16.21
CA ALA B 83 29.98 -12.79 16.58
C ALA B 83 29.05 -13.02 17.74
N ASN B 84 28.98 -12.07 18.69
CA ASN B 84 28.05 -12.21 19.79
C ASN B 84 26.65 -11.73 19.42
N GLY B 85 26.52 -10.88 18.41
CA GLY B 85 25.21 -10.44 17.98
C GLY B 85 24.40 -11.52 17.30
N ALA B 86 25.08 -12.50 16.70
CA ALA B 86 24.39 -13.59 16.03
C ALA B 86 23.76 -14.54 17.04
N SER B 87 24.35 -14.68 18.22
CA SER B 87 23.74 -15.50 19.26
C SER B 87 22.54 -14.78 19.90
N PHE B 88 22.63 -13.46 20.04
CA PHE B 88 21.50 -12.68 20.53
C PHE B 88 20.38 -12.61 19.51
N PHE B 89 20.71 -12.70 18.22
CA PHE B 89 19.70 -12.72 17.16
C PHE B 89 18.93 -14.05 17.19
N PHE B 90 19.59 -15.14 17.52
CA PHE B 90 18.91 -16.43 17.58
C PHE B 90 18.17 -16.64 18.89
N MET B 91 18.56 -15.94 19.96
CA MET B 91 17.87 -16.12 21.23
C MET B 91 16.51 -15.44 21.22
N VAL B 92 16.41 -14.26 20.62
CA VAL B 92 15.14 -13.55 20.56
C VAL B 92 14.19 -14.23 19.57
N MET B 93 14.73 -14.85 18.52
CA MET B 93 13.87 -15.53 17.56
C MET B 93 13.29 -16.82 18.11
N PHE B 94 13.99 -17.48 19.04
CA PHE B 94 13.43 -18.64 19.73
C PHE B 94 12.34 -18.22 20.71
N MET B 95 12.47 -17.04 21.30
CA MET B 95 11.42 -16.50 22.15
C MET B 95 10.28 -15.90 21.36
N HIS B 96 10.53 -15.47 20.12
CA HIS B 96 9.47 -14.92 19.29
C HIS B 96 8.54 -16.03 18.79
N MET B 97 9.12 -17.16 18.36
CA MET B 97 8.30 -18.26 17.86
C MET B 97 7.56 -18.95 18.97
N ALA B 98 8.12 -18.97 20.18
CA ALA B 98 7.48 -19.68 21.29
C ALA B 98 6.28 -18.91 21.83
N LYS B 99 6.27 -17.59 21.68
CA LYS B 99 5.11 -16.80 22.05
C LYS B 99 3.91 -17.10 21.16
N GLY B 100 4.12 -17.14 19.84
CA GLY B 100 3.04 -17.44 18.92
C GLY B 100 2.60 -18.88 18.96
N LEU B 101 3.47 -19.78 19.42
CA LEU B 101 3.05 -21.14 19.69
C LEU B 101 2.23 -21.22 20.97
N TYR B 102 2.42 -20.27 21.88
CA TYR B 102 1.68 -20.28 23.13
C TYR B 102 0.30 -19.64 22.95
N TYR B 103 0.26 -18.40 22.50
CA TYR B 103 -0.97 -17.64 22.43
C TYR B 103 -1.81 -17.95 21.19
N GLY B 104 -1.43 -18.95 20.40
CA GLY B 104 -2.25 -19.38 19.30
C GLY B 104 -2.22 -18.48 18.08
N SER B 105 -1.09 -17.84 17.81
CA SER B 105 -1.01 -16.83 16.76
C SER B 105 -0.95 -17.43 15.36
N TYR B 106 -0.91 -18.71 15.21
CA TYR B 106 -0.71 -19.43 13.93
C TYR B 106 -2.03 -19.88 13.31
N ARG B 107 -3.18 -19.42 13.79
CA ARG B 107 -4.50 -19.94 13.42
C ARG B 107 -5.17 -18.89 12.57
N SER B 108 -6.33 -19.14 12.07
CA SER B 108 -6.98 -18.21 11.17
C SER B 108 -7.38 -16.94 11.93
N PRO B 109 -7.21 -15.75 11.32
CA PRO B 109 -6.79 -15.49 9.95
C PRO B 109 -5.30 -15.19 9.75
N ARG B 110 -4.42 -15.69 10.61
CA ARG B 110 -3.01 -15.37 10.56
C ARG B 110 -2.16 -16.56 10.13
N VAL B 111 -2.68 -17.36 9.20
CA VAL B 111 -1.93 -18.52 8.72
C VAL B 111 -0.82 -18.09 7.77
N THR B 112 -1.08 -17.10 6.91
CA THR B 112 -0.07 -16.61 5.98
C THR B 112 1.06 -15.89 6.74
N LEU B 113 0.74 -15.24 7.85
CA LEU B 113 1.75 -14.61 8.69
C LEU B 113 2.66 -15.64 9.34
N TRP B 114 2.15 -16.83 9.61
CA TRP B 114 2.96 -17.89 10.20
C TRP B 114 3.79 -18.62 9.16
N ASN B 115 3.34 -18.64 7.90
CA ASN B 115 4.07 -19.36 6.86
C ASN B 115 5.26 -18.56 6.34
N VAL B 116 5.16 -17.23 6.32
CA VAL B 116 6.30 -16.40 5.94
C VAL B 116 7.35 -16.41 7.05
N GLY B 117 6.93 -16.62 8.30
CA GLY B 117 7.88 -16.72 9.38
C GLY B 117 8.74 -17.97 9.35
N VAL B 118 8.20 -19.08 8.84
CA VAL B 118 8.99 -20.30 8.73
C VAL B 118 10.06 -20.15 7.65
N ILE B 119 9.78 -19.38 6.60
CA ILE B 119 10.76 -19.16 5.54
C ILE B 119 11.92 -18.29 6.04
N ILE B 120 11.64 -17.32 6.90
CA ILE B 120 12.68 -16.49 7.50
C ILE B 120 13.60 -17.32 8.39
N PHE B 121 13.05 -18.31 9.09
CA PHE B 121 13.84 -19.12 10.00
C PHE B 121 14.82 -20.03 9.27
N ILE B 122 14.46 -20.48 8.07
CA ILE B 122 15.36 -21.32 7.29
C ILE B 122 16.49 -20.48 6.68
N LEU B 123 16.17 -19.26 6.26
CA LEU B 123 17.18 -18.39 5.68
C LEU B 123 18.15 -17.83 6.72
N THR B 124 17.74 -17.78 7.99
CA THR B 124 18.64 -17.33 9.05
C THR B 124 19.60 -18.43 9.47
N ILE B 125 19.18 -19.69 9.36
CA ILE B 125 20.10 -20.81 9.64
C ILE B 125 21.13 -20.93 8.54
N ALA B 126 20.71 -20.78 7.28
CA ALA B 126 21.63 -20.84 6.15
C ALA B 126 22.63 -19.70 6.18
N THR B 127 22.23 -18.53 6.68
CA THR B 127 23.14 -17.39 6.74
C THR B 127 24.24 -17.61 7.77
N ALA B 128 23.90 -18.10 8.95
CA ALA B 128 24.88 -18.30 10.00
C ALA B 128 25.86 -19.42 9.69
N PHE B 129 25.45 -20.40 8.91
CA PHE B 129 26.35 -21.48 8.51
C PHE B 129 27.39 -20.99 7.50
N LEU B 130 26.97 -20.15 6.55
CA LEU B 130 27.87 -19.69 5.50
C LEU B 130 28.93 -18.75 6.05
N GLY B 131 28.57 -17.92 7.03
CA GLY B 131 29.52 -17.00 7.60
C GLY B 131 30.48 -17.62 8.59
N TYR B 132 30.09 -18.75 9.19
CA TYR B 132 30.98 -19.46 10.09
C TYR B 132 32.08 -20.19 9.35
N CYS B 133 31.87 -20.51 8.07
CA CYS B 133 32.89 -21.13 7.25
C CYS B 133 33.86 -20.14 6.64
N CYS B 134 33.63 -18.84 6.83
CA CYS B 134 34.47 -17.80 6.25
C CYS B 134 35.65 -17.43 7.12
N VAL B 135 35.59 -17.75 8.42
CA VAL B 135 36.75 -17.58 9.28
C VAL B 135 37.85 -18.56 8.91
N TYR B 136 37.47 -19.74 8.43
CA TYR B 136 38.34 -20.88 8.11
C TYR B 136 39.22 -21.28 9.28
N GLY B 137 38.58 -21.55 10.40
CA GLY B 137 39.24 -22.20 11.51
C GLY B 137 39.21 -23.70 11.34
N GLN B 138 39.58 -24.39 12.41
CA GLN B 138 39.55 -25.85 12.38
C GLN B 138 38.15 -26.39 12.57
N MET B 139 37.26 -25.64 13.23
CA MET B 139 35.86 -26.01 13.28
C MET B 139 35.12 -25.66 12.01
N SER B 140 35.62 -24.68 11.25
CA SER B 140 34.96 -24.26 10.02
C SER B 140 35.15 -25.27 8.90
N HIS B 141 36.30 -25.94 8.86
CA HIS B 141 36.57 -26.89 7.79
C HIS B 141 35.80 -28.19 7.97
N TRP B 142 35.74 -28.71 9.19
CA TRP B 142 35.11 -30.00 9.43
C TRP B 142 33.62 -29.90 9.66
N GLY B 143 33.11 -28.71 9.96
CA GLY B 143 31.68 -28.50 9.94
C GLY B 143 31.12 -28.40 8.53
N ALA B 144 31.91 -27.85 7.61
CA ALA B 144 31.51 -27.79 6.21
C ALA B 144 31.74 -29.09 5.48
N THR B 145 32.63 -29.95 5.98
CA THR B 145 32.82 -31.26 5.38
C THR B 145 31.64 -32.18 5.70
N VAL B 146 31.18 -32.16 6.95
CA VAL B 146 30.13 -33.06 7.41
C VAL B 146 28.80 -32.71 6.76
N ILE B 147 28.50 -31.41 6.62
CA ILE B 147 27.21 -30.99 6.11
C ILE B 147 27.12 -31.25 4.61
N THR B 148 28.18 -30.92 3.86
CA THR B 148 28.14 -31.07 2.42
C THR B 148 28.21 -32.52 1.98
N ASN B 149 28.72 -33.41 2.81
CA ASN B 149 28.71 -34.84 2.52
C ASN B 149 27.34 -35.48 2.69
N LEU B 150 26.38 -34.77 3.30
CA LEU B 150 25.05 -35.33 3.50
C LEU B 150 24.27 -35.37 2.20
N PHE B 151 24.59 -34.51 1.24
CA PHE B 151 23.87 -34.44 -0.02
C PHE B 151 24.37 -35.42 -1.05
N SER B 152 25.31 -36.29 -0.68
CA SER B 152 25.75 -37.36 -1.57
C SER B 152 24.89 -38.61 -1.45
N ALA B 153 23.86 -38.58 -0.62
CA ALA B 153 22.98 -39.71 -0.40
C ALA B 153 21.65 -39.59 -1.11
N ILE B 154 21.44 -38.51 -1.85
CA ILE B 154 20.18 -38.32 -2.58
C ILE B 154 20.11 -39.30 -3.74
N PRO B 155 19.02 -40.06 -3.91
CA PRO B 155 19.00 -41.14 -4.90
C PRO B 155 18.97 -40.61 -6.33
N PHE B 156 19.88 -41.16 -7.16
CA PHE B 156 20.06 -40.99 -8.60
C PHE B 156 20.62 -39.63 -8.98
N VAL B 157 20.61 -38.66 -8.06
CA VAL B 157 21.36 -37.41 -8.22
C VAL B 157 22.05 -37.15 -6.88
N GLY B 158 23.26 -37.69 -6.73
CA GLY B 158 23.95 -37.51 -5.49
C GLY B 158 25.31 -36.88 -5.65
N ASN B 159 26.01 -37.26 -6.72
CA ASN B 159 27.36 -36.78 -6.98
C ASN B 159 27.33 -35.60 -7.95
N ASP B 160 26.27 -34.80 -7.89
CA ASP B 160 26.14 -33.61 -8.72
C ASP B 160 25.76 -32.38 -7.95
N ILE B 161 25.10 -32.49 -6.80
CA ILE B 161 24.92 -31.34 -5.92
C ILE B 161 26.19 -31.09 -5.12
N VAL B 162 26.87 -32.17 -4.71
CA VAL B 162 28.03 -32.03 -3.86
C VAL B 162 29.25 -31.56 -4.65
N SER B 163 29.35 -31.92 -5.94
CA SER B 163 30.44 -31.42 -6.76
C SER B 163 30.16 -30.02 -7.28
N TRP B 164 28.92 -29.57 -7.20
CA TRP B 164 28.52 -28.22 -7.53
C TRP B 164 28.56 -27.30 -6.32
N LEU B 165 28.46 -27.86 -5.12
CA LEU B 165 28.65 -27.09 -3.89
C LEU B 165 30.12 -26.91 -3.56
N TRP B 166 30.97 -27.84 -3.97
CA TRP B 166 32.40 -27.76 -3.69
C TRP B 166 33.16 -26.95 -4.71
N GLY B 167 32.75 -27.01 -5.99
CA GLY B 167 33.57 -26.48 -7.04
C GLY B 167 34.83 -27.26 -7.30
N GLY B 168 34.85 -28.54 -6.92
CA GLY B 168 36.04 -29.35 -7.00
C GLY B 168 35.81 -30.72 -6.39
N PHE B 169 36.78 -31.20 -5.61
CA PHE B 169 36.71 -32.56 -5.06
C PHE B 169 36.66 -32.61 -3.55
N SER B 170 36.84 -31.48 -2.86
CA SER B 170 36.71 -31.41 -1.41
C SER B 170 36.41 -29.96 -1.05
N VAL B 171 36.36 -29.69 0.25
CA VAL B 171 36.22 -28.32 0.73
C VAL B 171 37.55 -27.63 0.53
N SER B 172 37.63 -26.73 -0.45
CA SER B 172 38.88 -26.16 -0.89
C SER B 172 38.66 -24.68 -1.18
N ASN B 173 39.60 -24.08 -1.91
CA ASN B 173 39.52 -22.65 -2.22
C ASN B 173 38.29 -22.20 -3.02
N PRO B 174 37.75 -22.95 -3.99
CA PRO B 174 36.48 -22.51 -4.59
C PRO B 174 35.29 -22.54 -3.63
N THR B 175 35.36 -23.30 -2.55
CA THR B 175 34.25 -23.37 -1.61
C THR B 175 34.20 -22.13 -0.72
N ILE B 176 35.35 -21.63 -0.29
CA ILE B 176 35.39 -20.49 0.63
C ILE B 176 35.09 -19.19 -0.11
N GLN B 177 35.48 -19.09 -1.38
CA GLN B 177 35.24 -17.86 -2.13
C GLN B 177 33.78 -17.69 -2.50
N ARG B 178 33.08 -18.79 -2.78
CA ARG B 178 31.66 -18.71 -3.11
C ARG B 178 30.78 -18.65 -1.87
N PHE B 179 31.30 -19.05 -0.70
CA PHE B 179 30.51 -18.96 0.52
C PHE B 179 30.45 -17.54 1.04
N PHE B 180 31.47 -16.72 0.78
CA PHE B 180 31.42 -15.34 1.21
C PHE B 180 30.52 -14.51 0.33
N ALA B 181 30.45 -14.83 -0.96
CA ALA B 181 29.59 -14.07 -1.87
C ALA B 181 28.13 -14.36 -1.64
N LEU B 182 27.80 -15.58 -1.22
CA LEU B 182 26.45 -15.89 -0.84
C LEU B 182 26.10 -15.35 0.54
N HIS B 183 27.09 -15.16 1.39
CA HIS B 183 26.87 -14.59 2.69
C HIS B 183 26.56 -13.11 2.66
N TYR B 184 26.99 -12.40 1.61
CA TYR B 184 26.66 -10.99 1.44
C TYR B 184 25.21 -10.84 1.01
N LEU B 185 24.65 -11.86 0.38
CA LEU B 185 23.41 -11.71 -0.35
C LEU B 185 22.16 -12.08 0.43
N VAL B 186 22.16 -13.20 1.15
CA VAL B 186 20.99 -13.69 1.88
C VAL B 186 20.51 -12.75 2.99
N PRO B 187 21.34 -11.96 3.68
CA PRO B 187 20.77 -10.91 4.54
C PRO B 187 19.92 -9.86 3.85
N PHE B 188 20.04 -9.69 2.54
CA PHE B 188 19.15 -8.78 1.81
C PHE B 188 17.89 -9.46 1.33
N ILE B 189 17.90 -10.79 1.21
CA ILE B 189 16.67 -11.53 0.95
C ILE B 189 15.83 -11.61 2.22
N ILE B 190 16.48 -11.69 3.38
CA ILE B 190 15.77 -11.74 4.66
C ILE B 190 15.06 -10.41 4.92
N ALA B 191 15.69 -9.30 4.57
CA ALA B 191 15.08 -7.99 4.76
C ALA B 191 13.89 -7.75 3.84
N ALA B 192 13.83 -8.41 2.70
CA ALA B 192 12.65 -8.31 1.85
C ALA B 192 11.52 -9.21 2.33
N MET B 193 11.86 -10.33 2.98
CA MET B 193 10.85 -11.16 3.60
C MET B 193 10.29 -10.54 4.87
N VAL B 194 11.05 -9.63 5.49
CA VAL B 194 10.57 -8.93 6.68
C VAL B 194 9.55 -7.87 6.29
N ILE B 195 9.71 -7.27 5.11
CA ILE B 195 8.72 -6.31 4.60
C ILE B 195 7.42 -7.01 4.26
N MET B 196 7.49 -8.17 3.61
CA MET B 196 6.29 -8.96 3.34
C MET B 196 5.68 -9.54 4.60
N HIS B 197 6.47 -9.70 5.65
CA HIS B 197 5.95 -10.16 6.93
C HIS B 197 5.07 -9.11 7.58
N LEU B 198 5.48 -7.84 7.55
CA LEU B 198 4.72 -6.77 8.17
C LEU B 198 3.51 -6.35 7.35
N MET B 199 3.45 -6.72 6.07
CA MET B 199 2.26 -6.45 5.28
C MET B 199 1.11 -7.36 5.68
N ALA B 200 1.40 -8.63 5.94
CA ALA B 200 0.37 -9.56 6.38
C ALA B 200 -0.08 -9.29 7.80
N LEU B 201 0.72 -8.56 8.57
CA LEU B 201 0.32 -8.19 9.93
C LEU B 201 -0.60 -7.00 9.95
N HIS B 202 -0.44 -6.08 8.99
CA HIS B 202 -1.20 -4.84 9.00
C HIS B 202 -2.67 -5.04 8.64
N ILE B 203 -3.01 -6.12 7.92
CA ILE B 203 -4.39 -6.31 7.51
C ILE B 203 -5.24 -6.94 8.61
N HIS B 204 -4.62 -7.54 9.62
CA HIS B 204 -5.37 -8.15 10.72
C HIS B 204 -4.94 -7.69 12.10
N GLY B 205 -3.73 -7.19 12.29
CA GLY B 205 -3.29 -6.76 13.59
C GLY B 205 -2.83 -7.90 14.46
N SER B 206 -2.56 -7.56 15.72
CA SER B 206 -2.04 -8.51 16.68
C SER B 206 -3.16 -9.16 17.48
N SER B 207 -2.82 -10.27 18.12
CA SER B 207 -3.68 -10.91 19.10
C SER B 207 -3.37 -10.34 20.47
N ASN B 208 -3.88 -10.98 21.51
CA ASN B 208 -3.75 -10.53 22.88
C ASN B 208 -3.69 -11.77 23.76
N PRO B 209 -3.19 -11.64 25.00
CA PRO B 209 -3.14 -12.82 25.89
C PRO B 209 -4.50 -13.38 26.28
N LEU B 210 -5.58 -12.63 26.14
CA LEU B 210 -6.90 -13.18 26.40
C LEU B 210 -7.38 -14.07 25.26
N GLY B 211 -6.99 -13.78 24.04
CA GLY B 211 -7.32 -14.61 22.90
C GLY B 211 -8.67 -14.35 22.29
N ILE B 212 -9.27 -13.20 22.55
CA ILE B 212 -10.59 -12.86 22.03
C ILE B 212 -10.45 -11.60 21.19
N THR B 213 -11.56 -11.05 20.72
CA THR B 213 -11.50 -9.88 19.85
C THR B 213 -11.03 -8.65 20.61
N GLY B 214 -10.26 -7.80 19.95
CA GLY B 214 -9.68 -6.65 20.59
C GLY B 214 -10.10 -5.34 19.98
N ASN B 215 -11.19 -5.36 19.20
CA ASN B 215 -11.70 -4.19 18.51
C ASN B 215 -12.59 -3.31 19.38
N LEU B 216 -12.66 -3.59 20.68
CA LEU B 216 -13.47 -2.82 21.60
C LEU B 216 -12.65 -1.88 22.47
N ASP B 217 -11.32 -1.98 22.44
CA ASP B 217 -10.47 -1.15 23.29
C ASP B 217 -9.08 -1.07 22.63
N ARG B 218 -8.80 0.06 21.98
CA ARG B 218 -7.55 0.25 21.24
C ARG B 218 -6.91 1.57 21.60
N ILE B 219 -5.58 1.59 21.69
CA ILE B 219 -4.82 2.82 21.89
C ILE B 219 -3.80 2.94 20.76
N PRO B 220 -3.36 4.14 20.39
CA PRO B 220 -2.41 4.27 19.28
C PRO B 220 -1.01 3.79 19.65
N MET B 221 -0.18 3.69 18.63
CA MET B 221 1.19 3.21 18.82
C MET B 221 2.08 4.28 19.43
N HIS B 222 1.91 5.52 19.01
CA HIS B 222 2.82 6.59 19.42
C HIS B 222 2.56 7.04 20.85
N SER B 223 3.63 7.29 21.60
CA SER B 223 3.50 7.87 22.97
C SER B 223 2.96 6.87 24.00
N TYR B 224 2.77 5.60 23.63
CA TYR B 224 2.37 4.62 24.63
C TYR B 224 3.13 3.32 24.49
N PHE B 225 3.39 2.87 23.26
CA PHE B 225 4.14 1.65 23.03
C PHE B 225 5.54 1.92 22.50
N ILE B 226 5.82 3.15 22.06
CA ILE B 226 7.19 3.52 21.73
C ILE B 226 8.02 3.67 22.99
N PHE B 227 7.41 4.14 24.07
CA PHE B 227 8.10 4.19 25.35
C PHE B 227 8.08 2.85 26.09
N LYS B 228 7.25 1.91 25.67
CA LYS B 228 7.37 0.54 26.15
C LYS B 228 8.32 -0.29 25.29
N ASP B 229 8.43 0.02 24.00
CA ASP B 229 9.47 -0.58 23.17
C ASP B 229 10.85 -0.12 23.59
N LEU B 230 10.96 1.10 24.14
CA LEU B 230 12.23 1.67 24.55
C LEU B 230 12.81 0.99 25.77
N VAL B 231 11.98 0.34 26.59
CA VAL B 231 12.45 -0.29 27.82
C VAL B 231 13.30 -1.52 27.51
N THR B 232 12.80 -2.38 26.62
CA THR B 232 13.52 -3.60 26.27
C THR B 232 14.67 -3.37 25.30
N VAL B 233 14.74 -2.22 24.64
CA VAL B 233 15.89 -1.90 23.80
C VAL B 233 17.09 -1.58 24.66
N PHE B 234 16.90 -0.78 25.71
CA PHE B 234 18.01 -0.45 26.60
C PHE B 234 18.43 -1.62 27.49
N LEU B 235 17.52 -2.57 27.74
CA LEU B 235 17.94 -3.79 28.41
C LEU B 235 18.70 -4.70 27.47
N PHE B 236 18.36 -4.66 26.18
CA PHE B 236 19.04 -5.51 25.21
C PHE B 236 20.48 -5.07 25.00
N MET B 237 20.69 -3.76 24.83
CA MET B 237 22.02 -3.23 24.55
C MET B 237 22.95 -3.30 25.74
N LEU B 238 22.41 -3.44 26.95
CA LEU B 238 23.24 -3.50 28.15
C LEU B 238 23.74 -4.92 28.41
N ILE B 239 22.91 -5.93 28.18
CA ILE B 239 23.36 -7.31 28.32
C ILE B 239 24.26 -7.70 27.15
N LEU B 240 24.01 -7.11 25.97
CA LEU B 240 24.90 -7.35 24.84
C LEU B 240 26.26 -6.71 25.08
N ALA B 241 26.29 -5.55 25.71
CA ALA B 241 27.56 -4.89 26.02
C ALA B 241 28.34 -5.60 27.11
N LEU B 242 27.66 -6.37 27.97
CA LEU B 242 28.39 -7.10 29.00
C LEU B 242 29.13 -8.29 28.41
N PHE B 243 28.66 -8.82 27.29
CA PHE B 243 29.37 -9.92 26.64
C PHE B 243 30.50 -9.43 25.76
N VAL B 244 30.30 -8.33 25.03
CA VAL B 244 31.32 -7.84 24.11
C VAL B 244 32.54 -7.28 24.86
N PHE B 245 32.34 -6.72 26.04
CA PHE B 245 33.42 -6.05 26.74
C PHE B 245 33.97 -6.81 27.94
N TYR B 246 33.29 -7.85 28.42
CA TYR B 246 33.74 -8.53 29.62
C TYR B 246 33.86 -10.04 29.51
N SER B 247 33.22 -10.68 28.53
CA SER B 247 33.35 -12.12 28.31
C SER B 247 33.11 -12.44 26.84
N PRO B 248 34.03 -12.06 25.95
CA PRO B 248 33.71 -12.09 24.52
C PRO B 248 33.90 -13.43 23.84
N ASN B 249 34.44 -14.45 24.52
CA ASN B 249 34.65 -15.74 23.89
C ASN B 249 33.91 -16.86 24.61
N THR B 250 32.87 -16.55 25.34
CA THR B 250 32.16 -17.54 26.17
C THR B 250 31.20 -18.31 25.29
N LEU B 251 30.57 -17.67 24.30
CA LEU B 251 29.71 -18.35 23.34
C LEU B 251 30.48 -18.72 22.08
N GLY B 252 31.58 -19.43 22.28
CA GLY B 252 32.42 -19.85 21.17
C GLY B 252 33.15 -21.14 21.44
N HIS B 253 34.09 -21.50 20.57
CA HIS B 253 34.84 -22.74 20.70
C HIS B 253 36.31 -22.45 20.41
N PRO B 254 37.24 -22.90 21.26
CA PRO B 254 38.65 -22.53 21.08
C PRO B 254 39.32 -23.18 19.89
N ASP B 255 38.74 -24.20 19.29
CA ASP B 255 39.30 -24.82 18.11
C ASP B 255 39.15 -23.98 16.85
N ASN B 256 38.41 -22.88 16.91
CA ASN B 256 38.34 -21.99 15.77
C ASN B 256 39.47 -21.00 15.73
N TYR B 257 40.37 -21.01 16.72
CA TYR B 257 41.59 -20.22 16.71
C TYR B 257 42.79 -21.03 16.24
N ILE B 258 42.55 -22.17 15.61
CA ILE B 258 43.56 -22.94 14.90
C ILE B 258 43.23 -22.84 13.41
N PRO B 259 44.19 -22.57 12.54
CA PRO B 259 43.90 -22.54 11.10
C PRO B 259 43.57 -23.94 10.59
N GLY B 260 42.63 -24.00 9.65
CA GLY B 260 42.05 -25.27 9.24
C GLY B 260 43.04 -26.14 8.50
N ASN B 261 42.91 -27.45 8.71
CA ASN B 261 43.86 -28.41 8.20
C ASN B 261 43.15 -29.66 7.71
N PRO B 262 43.22 -29.99 6.41
CA PRO B 262 42.53 -31.17 5.90
C PRO B 262 43.17 -32.49 6.29
N LEU B 263 44.33 -32.49 6.94
CA LEU B 263 45.05 -33.71 7.25
C LEU B 263 45.09 -34.03 8.74
N VAL B 264 44.42 -33.23 9.57
CA VAL B 264 44.36 -33.48 11.01
C VAL B 264 42.92 -33.25 11.44
N THR B 265 42.34 -34.24 12.02
CA THR B 265 40.96 -34.07 12.47
C THR B 265 40.92 -33.73 13.96
N PRO B 266 39.95 -32.92 14.39
CA PRO B 266 39.85 -32.61 15.81
C PRO B 266 39.21 -33.76 16.59
N ALA B 267 39.51 -33.78 17.88
CA ALA B 267 39.03 -34.84 18.75
C ALA B 267 37.55 -34.73 19.08
N SER B 268 36.94 -33.57 18.86
CA SER B 268 35.54 -33.36 19.19
C SER B 268 34.99 -32.28 18.27
N ILE B 269 33.99 -32.63 17.47
CA ILE B 269 33.38 -31.71 16.52
C ILE B 269 31.99 -31.38 17.04
N VAL B 270 31.77 -30.12 17.39
CA VAL B 270 30.53 -29.69 18.03
C VAL B 270 30.12 -28.35 17.46
N PRO B 271 28.86 -28.19 17.02
CA PRO B 271 28.44 -26.90 16.45
C PRO B 271 28.20 -25.81 17.47
N GLU B 272 27.70 -24.66 17.02
CA GLU B 272 27.26 -23.61 17.93
C GLU B 272 26.02 -24.06 18.69
N TRP B 273 25.67 -23.31 19.74
CA TRP B 273 24.65 -23.79 20.67
C TRP B 273 23.24 -23.79 20.08
N TYR B 274 22.99 -23.00 19.05
CA TYR B 274 21.66 -22.94 18.46
C TYR B 274 21.43 -23.96 17.36
N LEU B 275 22.44 -24.73 16.95
CA LEU B 275 22.25 -25.83 16.03
C LEU B 275 22.37 -27.18 16.70
N LEU B 276 22.68 -27.20 18.00
CA LEU B 276 22.76 -28.47 18.74
C LEU B 276 21.46 -29.27 18.83
N PRO B 277 20.24 -28.68 18.99
CA PRO B 277 19.05 -29.54 18.97
C PRO B 277 18.78 -30.19 17.64
N PHE B 278 19.15 -29.57 16.53
CA PHE B 278 18.93 -30.15 15.21
C PHE B 278 20.06 -31.08 14.78
N TYR B 279 21.25 -30.91 15.37
CA TYR B 279 22.34 -31.85 15.14
C TYR B 279 22.06 -33.20 15.76
N ALA B 280 21.35 -33.22 16.90
CA ALA B 280 21.04 -34.47 17.58
C ALA B 280 19.92 -35.26 16.91
N ILE B 281 19.06 -34.59 16.14
CA ILE B 281 18.05 -35.30 15.36
C ILE B 281 18.71 -36.08 14.22
N LEU B 282 19.79 -35.54 13.67
CA LEU B 282 20.47 -36.17 12.54
C LEU B 282 21.19 -37.46 12.96
N ARG B 283 21.90 -37.44 14.08
CA ARG B 283 22.69 -38.58 14.52
C ARG B 283 21.84 -39.72 15.07
N SER B 284 20.54 -39.51 15.26
CA SER B 284 19.67 -40.54 15.83
C SER B 284 19.24 -41.55 14.78
N ILE B 285 19.15 -41.14 13.52
CA ILE B 285 18.73 -42.03 12.44
C ILE B 285 19.96 -42.75 11.92
N PRO B 286 19.97 -44.09 11.88
CA PRO B 286 21.17 -44.81 11.45
C PRO B 286 21.39 -44.79 9.95
N ASP B 287 20.34 -44.60 9.15
CA ASP B 287 20.49 -44.45 7.71
C ASP B 287 21.10 -43.09 7.40
N LYS B 288 21.64 -42.97 6.18
CA LYS B 288 22.23 -41.70 5.77
C LYS B 288 21.25 -40.84 4.99
N LEU B 289 20.43 -41.43 4.13
CA LEU B 289 19.41 -40.66 3.42
C LEU B 289 18.25 -40.31 4.32
N LEU B 290 17.84 -41.24 5.18
CA LEU B 290 16.75 -40.96 6.11
C LEU B 290 17.14 -39.98 7.19
N GLY B 291 18.43 -39.82 7.45
CA GLY B 291 18.86 -38.87 8.46
C GLY B 291 18.76 -37.43 7.99
N VAL B 292 19.06 -37.19 6.71
CA VAL B 292 18.99 -35.84 6.19
C VAL B 292 17.56 -35.42 5.89
N ILE B 293 16.64 -36.37 5.74
CA ILE B 293 15.23 -36.03 5.57
C ILE B 293 14.64 -35.59 6.91
N THR B 294 14.98 -36.29 7.98
CA THR B 294 14.40 -36.02 9.30
C THR B 294 14.87 -34.69 9.86
N MET B 295 16.10 -34.28 9.56
CA MET B 295 16.61 -33.02 10.07
C MET B 295 15.95 -31.82 9.39
N PHE B 296 15.57 -31.96 8.12
CA PHE B 296 14.82 -30.91 7.45
C PHE B 296 13.33 -30.99 7.73
N ALA B 297 12.82 -32.17 8.09
CA ALA B 297 11.42 -32.31 8.48
C ALA B 297 11.13 -31.73 9.85
N ALA B 298 12.15 -31.46 10.65
CA ALA B 298 11.97 -30.87 11.97
C ALA B 298 11.64 -29.39 11.92
N ILE B 299 11.82 -28.75 10.76
CA ILE B 299 11.41 -27.38 10.57
C ILE B 299 10.14 -27.27 9.74
N LEU B 300 9.89 -28.20 8.82
CA LEU B 300 8.69 -28.17 8.00
C LEU B 300 7.48 -28.78 8.68
N VAL B 301 7.64 -29.34 9.88
CA VAL B 301 6.49 -29.83 10.65
C VAL B 301 5.80 -28.71 11.40
N LEU B 302 6.35 -27.50 11.35
CA LEU B 302 5.67 -26.34 11.90
C LEU B 302 4.53 -25.85 11.03
N LEU B 303 4.48 -26.29 9.77
CA LEU B 303 3.41 -25.91 8.84
C LEU B 303 2.16 -26.77 8.96
N VAL B 304 2.22 -27.89 9.70
CA VAL B 304 1.03 -28.71 9.91
C VAL B 304 0.24 -28.28 11.13
N LEU B 305 0.74 -27.31 11.86
CA LEU B 305 0.15 -26.81 13.10
C LEU B 305 -1.21 -26.11 12.97
N PRO B 306 -1.56 -25.37 11.90
CA PRO B 306 -2.95 -24.91 11.78
C PRO B 306 -3.97 -26.01 11.59
N PHE B 307 -3.57 -27.20 11.18
CA PHE B 307 -4.52 -28.26 10.86
C PHE B 307 -4.71 -29.25 11.99
N THR B 308 -3.75 -29.41 12.89
CA THR B 308 -3.88 -30.40 13.95
C THR B 308 -4.44 -29.83 15.24
N ASP B 309 -4.43 -28.51 15.42
CA ASP B 309 -5.09 -27.91 16.57
C ASP B 309 -6.60 -27.95 16.35
N ARG B 310 -7.30 -28.76 17.13
CA ARG B 310 -8.74 -28.92 17.00
C ARG B 310 -9.51 -28.17 18.06
N SER B 311 -8.84 -27.19 18.68
CA SER B 311 -9.48 -26.41 19.77
C SER B 311 -10.43 -25.36 19.20
N VAL B 312 -11.38 -24.91 20.00
CA VAL B 312 -12.31 -23.86 19.62
C VAL B 312 -12.01 -22.54 20.34
N VAL B 313 -11.08 -22.55 21.29
CA VAL B 313 -10.56 -21.35 21.93
C VAL B 313 -9.14 -21.15 21.45
N ARG B 314 -8.73 -19.90 21.27
CA ARG B 314 -7.40 -19.57 20.77
C ARG B 314 -6.48 -19.21 21.93
N GLY B 315 -5.35 -19.92 22.03
CA GLY B 315 -4.33 -19.61 23.01
C GLY B 315 -4.22 -20.69 24.07
N ASN B 316 -3.43 -20.39 25.11
CA ASN B 316 -3.20 -21.34 26.21
C ASN B 316 -3.42 -20.69 27.57
N THR B 317 -4.30 -19.70 27.67
CA THR B 317 -4.48 -19.05 28.96
C THR B 317 -5.41 -19.84 29.88
N PHE B 318 -6.42 -20.50 29.33
CA PHE B 318 -7.43 -21.20 30.13
C PHE B 318 -7.45 -22.71 29.87
N LYS B 319 -6.34 -23.27 29.42
CA LYS B 319 -6.28 -24.68 29.03
C LYS B 319 -5.26 -25.39 29.92
N VAL B 320 -5.75 -26.27 30.79
CA VAL B 320 -4.90 -26.85 31.84
C VAL B 320 -3.99 -27.93 31.27
N LEU B 321 -4.54 -28.86 30.48
CA LEU B 321 -3.73 -29.92 29.89
C LEU B 321 -2.81 -29.40 28.79
N SER B 322 -3.23 -28.37 28.06
CA SER B 322 -2.38 -27.80 27.02
C SER B 322 -1.28 -26.93 27.58
N LYS B 323 -1.41 -26.44 28.81
CA LYS B 323 -0.31 -25.75 29.45
C LYS B 323 0.72 -26.71 30.03
N PHE B 324 0.32 -27.94 30.32
CA PHE B 324 1.26 -28.92 30.83
C PHE B 324 2.16 -29.42 29.71
N PHE B 325 1.57 -29.76 28.57
CA PHE B 325 2.33 -30.33 27.48
C PHE B 325 3.08 -29.29 26.66
N PHE B 326 2.88 -28.00 26.93
CA PHE B 326 3.71 -26.98 26.30
C PHE B 326 5.11 -26.94 26.90
N PHE B 327 5.24 -27.24 28.18
CA PHE B 327 6.53 -27.26 28.85
C PHE B 327 7.18 -28.63 28.86
N ILE B 328 6.46 -29.68 28.48
CA ILE B 328 7.13 -30.92 28.09
C ILE B 328 7.93 -30.69 26.81
N PHE B 329 7.33 -29.99 25.85
CA PHE B 329 7.99 -29.74 24.57
C PHE B 329 9.17 -28.77 24.71
N VAL B 330 9.11 -27.85 25.66
CA VAL B 330 10.19 -26.87 25.81
C VAL B 330 11.44 -27.52 26.38
N PHE B 331 11.30 -28.27 27.48
CA PHE B 331 12.46 -28.90 28.10
C PHE B 331 12.94 -30.12 27.33
N ASN B 332 12.13 -30.67 26.43
CA ASN B 332 12.63 -31.69 25.52
C ASN B 332 13.53 -31.07 24.45
N PHE B 333 13.34 -29.79 24.15
CA PHE B 333 14.18 -29.08 23.22
C PHE B 333 15.49 -28.62 23.84
N VAL B 334 15.55 -28.51 25.17
CA VAL B 334 16.81 -28.25 25.86
C VAL B 334 17.55 -29.53 26.18
N LEU B 335 16.84 -30.67 26.30
CA LEU B 335 17.53 -31.94 26.39
C LEU B 335 18.14 -32.34 25.04
N LEU B 336 17.51 -31.94 23.94
CA LEU B 336 18.04 -32.29 22.63
C LEU B 336 19.32 -31.53 22.31
N GLY B 337 19.48 -30.33 22.86
CA GLY B 337 20.72 -29.59 22.65
C GLY B 337 21.87 -30.13 23.45
N GLN B 338 21.59 -30.71 24.62
CA GLN B 338 22.62 -31.29 25.46
C GLN B 338 23.10 -32.64 24.95
N ILE B 339 22.22 -33.43 24.33
CA ILE B 339 22.63 -34.67 23.69
C ILE B 339 23.55 -34.39 22.50
N GLY B 340 23.23 -33.36 21.72
CA GLY B 340 24.02 -32.99 20.56
C GLY B 340 25.37 -32.39 20.85
N ALA B 341 25.69 -32.14 22.12
CA ALA B 341 27.02 -31.67 22.52
C ALA B 341 27.82 -32.75 23.23
N CYS B 342 27.30 -33.96 23.32
CA CYS B 342 27.96 -35.05 24.03
C CYS B 342 28.60 -36.00 23.03
N HIS B 343 29.33 -36.99 23.55
CA HIS B 343 29.87 -38.04 22.71
C HIS B 343 28.79 -39.05 22.35
N VAL B 344 29.08 -39.89 21.36
CA VAL B 344 28.18 -40.96 20.94
C VAL B 344 28.56 -42.19 21.76
N GLU B 345 27.87 -42.36 22.89
CA GLU B 345 28.14 -43.43 23.82
C GLU B 345 26.82 -44.10 24.17
N VAL B 346 26.87 -45.08 25.07
CA VAL B 346 25.72 -45.96 25.23
C VAL B 346 25.12 -45.85 26.63
N PRO B 347 24.88 -44.63 27.17
CA PRO B 347 23.53 -44.33 27.64
C PRO B 347 22.80 -43.35 26.73
N TYR B 348 23.53 -42.73 25.80
CA TYR B 348 23.06 -41.51 25.15
C TYR B 348 22.49 -41.74 23.76
N VAL B 349 22.65 -42.92 23.17
CA VAL B 349 22.07 -43.16 21.86
C VAL B 349 20.58 -43.47 21.95
N LEU B 350 20.11 -43.94 23.10
CA LEU B 350 18.69 -44.17 23.32
C LEU B 350 17.99 -42.95 23.90
N MET B 351 18.69 -42.11 24.67
CA MET B 351 18.08 -40.87 25.14
C MET B 351 17.82 -39.91 23.99
N GLY B 352 18.72 -39.85 23.03
CA GLY B 352 18.54 -38.98 21.89
C GLY B 352 17.58 -39.48 20.84
N GLN B 353 17.17 -40.75 20.93
CA GLN B 353 16.22 -41.34 19.99
C GLN B 353 14.79 -41.18 20.46
N ILE B 354 14.54 -41.41 21.74
CA ILE B 354 13.23 -41.20 22.33
C ILE B 354 12.88 -39.72 22.34
N ALA B 355 13.87 -38.86 22.59
CA ALA B 355 13.62 -37.42 22.58
C ALA B 355 13.38 -36.85 21.19
N THR B 356 13.83 -37.52 20.14
CA THR B 356 13.43 -37.16 18.78
C THR B 356 12.02 -37.65 18.48
N PHE B 357 11.57 -38.72 19.15
CA PHE B 357 10.19 -39.15 18.98
C PHE B 357 9.21 -38.18 19.64
N ILE B 358 9.57 -37.60 20.79
CA ILE B 358 8.70 -36.63 21.46
C ILE B 358 8.60 -35.34 20.66
N TYR B 359 9.58 -35.06 19.79
CA TYR B 359 9.53 -33.85 18.98
C TYR B 359 8.43 -33.94 17.93
N PHE B 360 8.33 -35.08 17.24
CA PHE B 360 7.35 -35.22 16.18
C PHE B 360 5.98 -35.65 16.67
N ALA B 361 5.90 -36.32 17.81
CA ALA B 361 4.63 -36.75 18.36
C ALA B 361 3.86 -35.63 19.04
N TYR B 362 4.52 -34.53 19.38
CA TYR B 362 3.81 -33.38 19.92
C TYR B 362 2.94 -32.72 18.86
N PHE B 363 3.46 -32.58 17.65
CA PHE B 363 2.73 -31.87 16.60
C PHE B 363 1.63 -32.72 16.00
N LEU B 364 1.86 -34.02 15.85
CA LEU B 364 0.95 -34.87 15.08
C LEU B 364 0.07 -35.78 15.92
N ILE B 365 0.35 -35.94 17.21
CA ILE B 365 -0.43 -36.86 18.05
C ILE B 365 -0.95 -36.15 19.29
N ILE B 366 -0.06 -35.47 20.02
CA ILE B 366 -0.42 -34.96 21.34
C ILE B 366 -1.36 -33.77 21.23
N VAL B 367 -1.12 -32.88 20.28
CA VAL B 367 -1.99 -31.71 20.07
C VAL B 367 -3.39 -32.09 19.59
N PRO B 368 -3.62 -32.91 18.55
CA PRO B 368 -5.03 -33.18 18.17
C PRO B 368 -5.81 -34.04 19.12
N VAL B 369 -5.18 -34.75 20.04
CA VAL B 369 -5.90 -35.57 21.01
C VAL B 369 -6.27 -34.76 22.25
N ILE B 370 -5.34 -33.92 22.74
CA ILE B 370 -5.61 -33.10 23.91
C ILE B 370 -6.55 -31.94 23.56
N SER B 371 -6.58 -31.52 22.29
CA SER B 371 -7.46 -30.44 21.88
C SER B 371 -8.92 -30.85 21.95
N THR B 372 -9.26 -32.03 21.43
CA THR B 372 -10.64 -32.47 21.43
C THR B 372 -11.10 -32.97 22.78
N ILE B 373 -10.17 -33.28 23.69
CA ILE B 373 -10.58 -33.70 25.03
C ILE B 373 -11.09 -32.50 25.82
N GLU B 374 -10.44 -31.35 25.66
CA GLU B 374 -10.90 -30.15 26.35
C GLU B 374 -12.13 -29.53 25.71
N ASN B 375 -12.46 -29.89 24.48
CA ASN B 375 -13.74 -29.44 23.91
C ASN B 375 -14.90 -30.17 24.58
N VAL B 376 -14.74 -31.45 24.86
CA VAL B 376 -15.79 -32.21 25.51
C VAL B 376 -15.85 -31.89 27.00
N LEU B 377 -14.72 -31.57 27.63
CA LEU B 377 -14.72 -31.26 29.05
C LEU B 377 -15.32 -29.90 29.35
N PHE B 378 -15.19 -28.94 28.43
CA PHE B 378 -15.85 -27.66 28.60
C PHE B 378 -17.36 -27.76 28.42
N TYR B 379 -17.82 -28.77 27.68
CA TYR B 379 -19.23 -28.90 27.35
C TYR B 379 -20.01 -29.56 28.47
N ILE B 380 -19.55 -30.71 28.95
CA ILE B 380 -20.28 -31.44 29.98
C ILE B 380 -20.13 -30.81 31.36
N GLY B 381 -19.15 -29.94 31.56
CA GLY B 381 -19.05 -29.20 32.79
C GLY B 381 -19.90 -27.96 32.86
N ARG B 382 -20.65 -27.67 31.80
CA ARG B 382 -21.55 -26.53 31.75
C ARG B 382 -22.99 -26.95 31.49
N VAL B 383 -23.22 -27.84 30.54
CA VAL B 383 -24.57 -28.20 30.13
C VAL B 383 -25.23 -29.03 31.22
N ASN B 384 -26.30 -28.51 31.80
CA ASN B 384 -27.00 -29.20 32.88
C ASN B 384 -27.95 -30.23 32.27
N LYS B 385 -27.75 -31.49 32.66
CA LYS B 385 -28.49 -32.60 32.08
C LYS B 385 -28.50 -33.80 33.01
N LEU C 1 -41.93 56.04 0.08
CA LEU C 1 -40.66 55.93 0.79
C LEU C 1 -40.73 56.61 2.14
N THR C 2 -41.35 55.94 3.11
CA THR C 2 -41.43 56.49 4.46
C THR C 2 -40.15 56.17 5.22
N VAL C 3 -39.61 57.17 5.91
CA VAL C 3 -38.44 57.03 6.76
C VAL C 3 -38.84 57.41 8.17
N SER C 4 -38.51 56.56 9.14
CA SER C 4 -38.88 56.78 10.53
C SER C 4 -37.74 56.37 11.44
N ALA C 5 -37.69 56.96 12.62
CA ALA C 5 -36.66 56.65 13.60
C ALA C 5 -37.11 57.11 14.99
N ARG C 6 -36.28 56.77 15.97
CA ARG C 6 -36.44 57.26 17.33
C ARG C 6 -35.07 57.20 18.00
N ASP C 7 -34.81 58.15 18.90
CA ASP C 7 -33.49 58.28 19.50
C ASP C 7 -33.51 57.86 20.96
N ALA C 8 -32.35 57.44 21.44
CA ALA C 8 -32.11 57.09 22.84
C ALA C 8 -30.60 57.10 23.08
N PRO C 9 -30.15 57.41 24.30
CA PRO C 9 -28.70 57.41 24.57
C PRO C 9 -28.13 56.04 24.92
N THR C 10 -27.90 55.22 23.88
CA THR C 10 -27.29 53.91 24.06
C THR C 10 -26.16 53.71 23.06
N LYS C 11 -25.64 52.49 22.96
CA LYS C 11 -24.48 52.22 22.13
C LYS C 11 -24.81 51.57 20.80
N ILE C 12 -25.83 50.72 20.74
CA ILE C 12 -26.13 49.90 19.58
C ILE C 12 -27.35 50.48 18.86
N SER C 13 -27.25 50.63 17.55
CA SER C 13 -28.38 51.01 16.71
C SER C 13 -28.79 49.83 15.83
N THR C 14 -29.94 49.98 15.18
CA THR C 14 -30.51 48.96 14.32
C THR C 14 -31.18 49.66 13.15
N LEU C 15 -31.07 49.07 11.95
CA LEU C 15 -31.63 49.67 10.74
C LEU C 15 -32.29 48.57 9.93
N ALA C 16 -33.58 48.73 9.63
CA ALA C 16 -34.35 47.71 8.93
C ALA C 16 -35.01 48.30 7.69
N VAL C 17 -35.09 47.48 6.63
CA VAL C 17 -35.82 47.83 5.41
C VAL C 17 -36.87 46.76 5.19
N LYS C 18 -38.14 47.16 5.17
CA LYS C 18 -39.25 46.23 5.08
C LYS C 18 -39.91 46.34 3.71
N VAL C 19 -39.91 45.24 2.97
CA VAL C 19 -40.47 45.17 1.63
C VAL C 19 -41.75 44.37 1.69
N HIS C 20 -42.76 44.76 0.91
CA HIS C 20 -43.97 43.94 0.77
C HIS C 20 -43.73 42.89 -0.31
N GLY C 21 -42.90 41.92 0.05
CA GLY C 21 -42.50 40.89 -0.89
C GLY C 21 -42.46 39.51 -0.29
N GLY C 22 -43.36 39.20 0.64
CA GLY C 22 -43.41 37.89 1.26
C GLY C 22 -43.99 36.84 0.33
N SER C 23 -44.27 35.67 0.92
CA SER C 23 -44.66 34.53 0.11
C SER C 23 -46.08 34.60 -0.41
N ARG C 24 -46.88 35.56 0.05
CA ARG C 24 -48.23 35.74 -0.47
C ARG C 24 -48.26 36.51 -1.78
N TYR C 25 -47.11 36.98 -2.26
CA TYR C 25 -47.00 37.66 -3.54
C TYR C 25 -46.17 36.87 -4.55
N ALA C 26 -45.85 35.62 -4.25
CA ALA C 26 -44.93 34.86 -5.08
C ALA C 26 -45.58 34.41 -6.37
N THR C 27 -44.85 34.57 -7.47
CA THR C 27 -45.36 34.21 -8.79
C THR C 27 -45.28 32.70 -9.01
N LYS C 28 -44.19 32.07 -8.60
CA LYS C 28 -44.05 30.63 -8.61
C LYS C 28 -43.88 30.12 -7.18
N ASP C 29 -43.92 28.80 -7.02
CA ASP C 29 -43.88 28.19 -5.70
C ASP C 29 -42.46 28.30 -5.13
N GLY C 30 -42.29 29.16 -4.14
CA GLY C 30 -41.01 29.29 -3.46
C GLY C 30 -40.05 30.27 -4.06
N VAL C 31 -40.52 31.22 -4.86
CA VAL C 31 -39.61 32.19 -5.45
C VAL C 31 -39.22 33.28 -4.45
N ALA C 32 -40.02 33.51 -3.42
CA ALA C 32 -39.65 34.48 -2.40
C ALA C 32 -38.62 33.93 -1.44
N HIS C 33 -38.50 32.60 -1.36
CA HIS C 33 -37.47 32.00 -0.53
C HIS C 33 -36.10 32.05 -1.19
N LEU C 34 -36.04 31.98 -2.52
CA LEU C 34 -34.77 32.05 -3.22
C LEU C 34 -34.27 33.48 -3.35
N LEU C 35 -35.17 34.46 -3.36
CA LEU C 35 -34.73 35.86 -3.30
C LEU C 35 -34.22 36.21 -1.91
N ASN C 36 -34.77 35.57 -0.88
CA ASN C 36 -34.30 35.80 0.49
C ASN C 36 -32.88 35.29 0.68
N ARG C 37 -32.50 34.23 -0.01
CA ARG C 37 -31.15 33.69 0.11
C ARG C 37 -30.16 34.32 -0.85
N PHE C 38 -30.60 35.19 -1.76
CA PHE C 38 -29.70 35.95 -2.61
C PHE C 38 -29.30 37.28 -1.99
N ASN C 39 -29.90 37.70 -0.89
CA ASN C 39 -29.53 38.96 -0.28
C ASN C 39 -28.18 38.84 0.40
N PHE C 40 -27.39 39.93 0.31
CA PHE C 40 -26.01 40.01 0.80
C PHE C 40 -25.10 38.99 0.13
N GLN C 41 -25.33 38.74 -1.15
CA GLN C 41 -24.38 38.04 -2.00
C GLN C 41 -23.50 39.08 -2.69
N ASN C 42 -22.79 38.69 -3.74
CA ASN C 42 -21.96 39.62 -4.51
C ASN C 42 -22.79 40.72 -5.15
N THR C 43 -22.34 41.96 -5.00
CA THR C 43 -22.91 43.07 -5.75
C THR C 43 -21.98 43.40 -6.92
N ASN C 44 -22.35 44.41 -7.69
CA ASN C 44 -21.55 44.79 -8.84
C ASN C 44 -20.25 45.49 -8.46
N THR C 45 -20.19 46.06 -7.26
CA THR C 45 -19.02 46.81 -6.82
C THR C 45 -18.23 46.10 -5.73
N ARG C 46 -18.92 45.55 -4.73
CA ARG C 46 -18.26 44.94 -3.58
C ARG C 46 -18.62 43.47 -3.51
N SER C 47 -17.62 42.64 -3.23
CA SER C 47 -17.84 41.22 -3.13
C SER C 47 -18.52 40.88 -1.80
N ALA C 48 -19.02 39.66 -1.71
CA ALA C 48 -19.65 39.21 -0.46
C ALA C 48 -18.61 38.90 0.61
N LEU C 49 -17.41 38.50 0.21
CA LEU C 49 -16.34 38.30 1.17
C LEU C 49 -15.85 39.62 1.73
N LYS C 50 -15.81 40.66 0.90
CA LYS C 50 -15.30 41.94 1.36
C LYS C 50 -16.29 42.65 2.27
N LEU C 51 -17.59 42.46 2.05
CA LEU C 51 -18.59 43.08 2.92
C LEU C 51 -18.56 42.49 4.33
N VAL C 52 -18.23 41.21 4.46
CA VAL C 52 -18.16 40.59 5.78
C VAL C 52 -16.91 41.05 6.53
N ARG C 53 -15.76 41.13 5.83
CA ARG C 53 -14.53 41.52 6.49
C ARG C 53 -14.52 42.99 6.87
N GLU C 54 -15.07 43.84 6.01
CA GLU C 54 -14.99 45.29 6.21
C GLU C 54 -15.90 45.75 7.33
N SER C 55 -17.00 45.06 7.56
CA SER C 55 -17.93 45.45 8.60
C SER C 55 -17.66 44.78 9.93
N GLU C 56 -16.82 43.75 9.97
CA GLU C 56 -16.39 43.18 11.24
C GLU C 56 -15.40 44.09 11.94
N LEU C 57 -14.64 44.87 11.19
CA LEU C 57 -13.72 45.83 11.78
C LEU C 57 -14.42 47.08 12.29
N LEU C 58 -15.71 47.22 12.03
CA LEU C 58 -16.52 48.32 12.56
C LEU C 58 -17.50 47.87 13.63
N GLY C 59 -17.68 46.58 13.82
CA GLY C 59 -18.75 46.09 14.68
C GLY C 59 -20.12 46.13 14.06
N GLY C 60 -20.37 45.29 13.06
CA GLY C 60 -21.69 45.21 12.47
C GLY C 60 -21.97 43.85 11.87
N THR C 61 -23.26 43.52 11.77
CA THR C 61 -23.71 42.29 11.12
C THR C 61 -24.93 42.59 10.25
N PHE C 62 -25.28 41.62 9.40
CA PHE C 62 -26.39 41.74 8.45
C PHE C 62 -27.22 40.48 8.47
N LYS C 63 -28.51 40.61 8.13
CA LYS C 63 -29.44 39.49 8.20
C LYS C 63 -30.65 39.77 7.33
N SER C 64 -31.22 38.71 6.76
CA SER C 64 -32.44 38.78 5.96
C SER C 64 -33.42 37.73 6.47
N THR C 65 -34.72 38.09 6.48
CA THR C 65 -35.75 37.26 7.09
C THR C 65 -36.99 37.27 6.20
N LEU C 66 -37.67 36.12 6.12
CA LEU C 66 -38.82 35.93 5.23
C LEU C 66 -40.07 35.60 6.03
N ASP C 67 -41.17 36.30 5.72
CA ASP C 67 -42.50 36.09 6.29
C ASP C 67 -43.47 35.66 5.20
N ARG C 68 -44.74 35.56 5.58
CA ARG C 68 -45.81 35.49 4.59
C ARG C 68 -46.20 36.86 4.07
N GLU C 69 -45.67 37.94 4.64
CA GLU C 69 -45.96 39.29 4.21
C GLU C 69 -44.73 40.08 3.81
N TYR C 70 -43.62 39.94 4.54
CA TYR C 70 -42.47 40.83 4.38
C TYR C 70 -41.20 40.09 4.02
N ILE C 71 -40.32 40.80 3.33
CA ILE C 71 -38.88 40.54 3.33
C ILE C 71 -38.22 41.68 4.08
N THR C 72 -37.43 41.35 5.10
CA THR C 72 -36.83 42.33 5.99
C THR C 72 -35.32 42.21 5.94
N LEU C 73 -34.64 43.31 5.64
CA LEU C 73 -33.19 43.38 5.61
C LEU C 73 -32.74 44.20 6.81
N LYS C 74 -31.90 43.62 7.65
CA LYS C 74 -31.59 44.18 8.95
C LYS C 74 -30.09 44.33 9.13
N ALA C 75 -29.67 45.43 9.76
CA ALA C 75 -28.28 45.64 10.13
C ALA C 75 -28.21 46.10 11.59
N THR C 76 -27.26 45.54 12.33
CA THR C 76 -27.06 45.85 13.73
C THR C 76 -25.62 46.31 13.94
N PHE C 77 -25.44 47.48 14.52
CA PHE C 77 -24.14 48.13 14.46
C PHE C 77 -23.95 49.08 15.64
N LEU C 78 -22.73 49.59 15.79
CA LEU C 78 -22.42 50.63 16.76
C LEU C 78 -22.82 52.00 16.22
N LYS C 79 -23.11 52.92 17.13
CA LYS C 79 -23.99 54.06 16.83
C LYS C 79 -23.36 55.07 15.88
N ASP C 80 -22.05 55.30 15.95
CA ASP C 80 -21.43 56.39 15.20
C ASP C 80 -20.98 56.00 13.80
N ASP C 81 -21.58 54.97 13.20
CA ASP C 81 -21.19 54.50 11.88
C ASP C 81 -22.38 54.46 10.94
N LEU C 82 -23.31 55.41 11.07
CA LEU C 82 -24.57 55.35 10.34
C LEU C 82 -24.47 55.46 8.82
N PRO C 83 -23.65 56.34 8.19
CA PRO C 83 -23.65 56.38 6.72
C PRO C 83 -23.06 55.16 6.03
N TYR C 84 -22.29 54.32 6.73
CA TYR C 84 -21.76 53.13 6.07
C TYR C 84 -22.86 52.10 5.82
N TYR C 85 -23.84 52.02 6.71
CA TYR C 85 -24.84 50.96 6.64
C TYR C 85 -26.08 51.37 5.86
N VAL C 86 -26.30 52.67 5.65
CA VAL C 86 -27.34 53.09 4.72
C VAL C 86 -26.92 52.76 3.30
N ASN C 87 -25.65 53.01 2.96
CA ASN C 87 -25.16 52.71 1.63
C ASN C 87 -25.05 51.21 1.37
N ALA C 88 -24.80 50.43 2.41
CA ALA C 88 -24.63 48.99 2.23
C ALA C 88 -25.95 48.29 1.97
N LEU C 89 -27.02 48.73 2.63
CA LEU C 89 -28.34 48.15 2.39
C LEU C 89 -28.98 48.68 1.12
N ALA C 90 -28.58 49.86 0.66
CA ALA C 90 -29.09 50.37 -0.60
C ALA C 90 -28.52 49.60 -1.79
N ASP C 91 -27.27 49.15 -1.68
CA ASP C 91 -26.65 48.42 -2.78
C ASP C 91 -27.20 47.02 -2.96
N VAL C 92 -27.85 46.48 -1.94
CA VAL C 92 -28.45 45.15 -2.07
C VAL C 92 -29.71 45.23 -2.92
N LEU C 93 -30.57 46.22 -2.66
CA LEU C 93 -31.80 46.36 -3.43
C LEU C 93 -31.55 46.87 -4.84
N TYR C 94 -30.37 47.42 -5.12
CA TYR C 94 -30.10 48.08 -6.39
C TYR C 94 -29.14 47.33 -7.30
N LYS C 95 -28.15 46.62 -6.75
CA LYS C 95 -27.01 46.20 -7.56
C LYS C 95 -26.56 44.76 -7.30
N THR C 96 -27.48 43.86 -6.96
CA THR C 96 -27.10 42.47 -6.76
C THR C 96 -26.82 41.81 -8.11
N ALA C 97 -25.80 40.96 -8.14
CA ALA C 97 -25.23 40.52 -9.42
C ALA C 97 -26.04 39.40 -10.07
N PHE C 98 -26.56 38.47 -9.27
CA PHE C 98 -27.34 37.30 -9.71
C PHE C 98 -26.57 36.44 -10.71
N LYS C 99 -25.47 35.93 -10.27
CA LYS C 99 -24.60 35.13 -11.11
C LYS C 99 -25.03 33.66 -11.07
N PRO C 100 -24.82 32.92 -12.17
CA PRO C 100 -25.34 31.55 -12.22
C PRO C 100 -24.61 30.57 -11.33
N HIS C 101 -23.35 30.79 -11.02
CA HIS C 101 -22.65 29.87 -10.12
C HIS C 101 -22.95 30.15 -8.66
N GLU C 102 -23.47 31.34 -8.35
CA GLU C 102 -23.86 31.63 -6.97
C GLU C 102 -25.14 30.90 -6.59
N LEU C 103 -26.02 30.66 -7.56
CA LEU C 103 -27.23 29.90 -7.29
C LEU C 103 -26.90 28.43 -7.03
N THR C 104 -25.96 27.86 -7.80
CA THR C 104 -25.63 26.45 -7.66
C THR C 104 -24.81 26.18 -6.41
N GLU C 105 -23.83 27.04 -6.12
CA GLU C 105 -22.88 26.77 -5.06
C GLU C 105 -23.33 27.26 -3.69
N SER C 106 -24.10 28.34 -3.61
CA SER C 106 -24.49 28.91 -2.32
C SER C 106 -25.98 28.89 -2.08
N VAL C 107 -26.79 29.34 -3.05
CA VAL C 107 -28.18 29.66 -2.78
C VAL C 107 -29.03 28.39 -2.69
N LEU C 108 -28.92 27.51 -3.68
CA LEU C 108 -29.69 26.26 -3.67
C LEU C 108 -29.32 25.27 -2.56
N PRO C 109 -28.06 25.07 -2.13
CA PRO C 109 -27.85 24.22 -0.96
C PRO C 109 -28.35 24.80 0.34
N ALA C 110 -28.41 26.13 0.46
CA ALA C 110 -28.92 26.73 1.68
C ALA C 110 -30.44 26.62 1.78
N ALA C 111 -31.14 26.71 0.65
CA ALA C 111 -32.58 26.52 0.66
C ALA C 111 -32.96 25.05 0.85
N ARG C 112 -32.11 24.13 0.41
CA ARG C 112 -32.35 22.71 0.65
C ARG C 112 -32.19 22.35 2.12
N TYR C 113 -31.28 23.03 2.81
CA TYR C 113 -31.11 22.79 4.24
C TYR C 113 -32.27 23.38 5.03
N ASP C 114 -32.81 24.52 4.58
CA ASP C 114 -33.96 25.12 5.25
C ASP C 114 -35.21 24.26 5.13
N TYR C 115 -35.35 23.53 4.03
CA TYR C 115 -36.54 22.72 3.84
C TYR C 115 -36.48 21.42 4.62
N ALA C 116 -35.30 20.80 4.70
CA ALA C 116 -35.16 19.53 5.40
C ALA C 116 -35.26 19.69 6.92
N VAL C 117 -34.97 20.88 7.44
CA VAL C 117 -35.12 21.13 8.87
C VAL C 117 -36.58 21.27 9.23
N ALA C 118 -37.34 22.03 8.45
CA ALA C 118 -38.74 22.28 8.75
C ALA C 118 -39.63 21.08 8.46
N GLU C 119 -39.17 20.14 7.65
CA GLU C 119 -39.99 18.98 7.31
C GLU C 119 -39.94 17.89 8.37
N GLN C 120 -39.12 18.02 9.40
CA GLN C 120 -39.11 17.07 10.49
C GLN C 120 -40.09 17.42 11.59
N CYS C 121 -40.46 18.68 11.71
CA CYS C 121 -41.41 19.10 12.74
C CYS C 121 -42.83 18.88 12.26
N PRO C 122 -43.63 18.06 12.93
CA PRO C 122 -45.02 17.85 12.48
C PRO C 122 -45.95 19.00 12.79
N VAL C 123 -45.59 19.92 13.69
CA VAL C 123 -46.43 21.07 13.96
C VAL C 123 -46.31 22.09 12.85
N LYS C 124 -45.11 22.25 12.30
CA LYS C 124 -44.94 23.15 11.15
C LYS C 124 -45.57 22.57 9.89
N SER C 125 -45.63 21.24 9.80
CA SER C 125 -46.31 20.59 8.68
C SER C 125 -47.81 20.78 8.74
N ALA C 126 -48.39 20.82 9.93
CA ALA C 126 -49.83 21.00 10.07
C ALA C 126 -50.25 22.46 9.90
N GLU C 127 -49.37 23.40 10.21
CA GLU C 127 -49.70 24.81 10.06
C GLU C 127 -49.69 25.25 8.60
N ASP C 128 -48.85 24.64 7.78
CA ASP C 128 -48.86 24.97 6.36
C ASP C 128 -50.11 24.42 5.68
N GLN C 129 -50.61 23.28 6.13
CA GLN C 129 -51.84 22.73 5.58
C GLN C 129 -53.05 23.54 6.01
N LEU C 130 -52.99 24.13 7.20
CA LEU C 130 -54.11 24.92 7.70
C LEU C 130 -54.24 26.24 6.97
N TYR C 131 -53.14 26.75 6.43
CA TYR C 131 -53.20 27.93 5.58
C TYR C 131 -53.66 27.60 4.18
N ALA C 132 -53.41 26.38 3.71
CA ALA C 132 -53.71 26.03 2.34
C ALA C 132 -55.17 25.68 2.11
N ILE C 133 -55.85 25.15 3.12
CA ILE C 133 -57.27 24.83 2.96
C ILE C 133 -58.18 25.96 3.39
N THR C 134 -57.66 26.96 4.09
CA THR C 134 -58.44 28.13 4.50
C THR C 134 -58.43 29.20 3.42
N PHE C 135 -57.25 29.65 3.04
CA PHE C 135 -57.04 30.49 1.87
C PHE C 135 -56.43 29.63 0.79
N ARG C 136 -56.79 29.87 -0.45
CA ARG C 136 -56.34 28.95 -1.48
C ARG C 136 -55.21 29.46 -2.33
N LYS C 137 -55.15 30.75 -2.62
CA LYS C 137 -54.14 31.24 -3.54
C LYS C 137 -53.26 32.33 -2.96
N GLY C 138 -53.80 33.28 -2.22
CA GLY C 138 -52.96 34.35 -1.73
C GLY C 138 -52.14 33.99 -0.51
N LEU C 139 -52.79 33.80 0.62
CA LEU C 139 -52.10 33.49 1.86
C LEU C 139 -51.83 32.00 2.02
N GLY C 140 -52.38 31.16 1.17
CA GLY C 140 -52.17 29.74 1.25
C GLY C 140 -51.06 29.25 0.34
N ASN C 141 -50.19 30.17 -0.07
CA ASN C 141 -49.02 29.80 -0.84
C ASN C 141 -48.02 29.10 0.07
N PRO C 142 -47.20 28.20 -0.46
CA PRO C 142 -46.13 27.60 0.34
C PRO C 142 -45.07 28.63 0.69
N LEU C 143 -44.46 28.43 1.86
CA LEU C 143 -43.46 29.35 2.35
C LEU C 143 -42.08 29.05 1.79
N LEU C 144 -41.68 27.78 1.77
CA LEU C 144 -40.34 27.37 1.37
C LEU C 144 -40.35 26.76 -0.02
N TYR C 145 -39.16 26.49 -0.54
CA TYR C 145 -38.97 25.90 -1.86
C TYR C 145 -38.67 24.41 -1.71
N ASP C 146 -39.42 23.58 -2.43
CA ASP C 146 -39.21 22.14 -2.40
C ASP C 146 -39.01 21.52 -3.76
N GLY C 147 -39.00 22.29 -4.83
CA GLY C 147 -38.71 21.76 -6.15
C GLY C 147 -39.87 21.15 -6.89
N VAL C 148 -41.10 21.38 -6.45
CA VAL C 148 -42.26 20.87 -7.17
C VAL C 148 -42.50 21.70 -8.43
N GLU C 149 -42.44 23.01 -8.30
CA GLU C 149 -42.32 23.89 -9.46
C GLU C 149 -40.86 24.27 -9.65
N ARG C 150 -40.46 24.41 -10.91
CA ARG C 150 -39.07 24.69 -11.26
C ARG C 150 -38.86 26.19 -11.40
N VAL C 151 -37.96 26.74 -10.57
CA VAL C 151 -37.69 28.18 -10.52
C VAL C 151 -36.28 28.39 -11.07
N SER C 152 -36.18 29.14 -12.17
CA SER C 152 -34.91 29.38 -12.84
C SER C 152 -34.31 30.70 -12.37
N LEU C 153 -33.17 31.06 -12.96
CA LEU C 153 -32.47 32.28 -12.54
C LEU C 153 -33.18 33.53 -13.03
N GLN C 154 -33.80 33.48 -14.20
CA GLN C 154 -34.56 34.62 -14.68
C GLN C 154 -35.84 34.84 -13.88
N ASP C 155 -36.36 33.80 -13.23
CA ASP C 155 -37.52 33.97 -12.37
C ASP C 155 -37.16 34.75 -11.11
N ILE C 156 -35.95 34.58 -10.58
CA ILE C 156 -35.57 35.31 -9.38
C ILE C 156 -35.25 36.78 -9.71
N LYS C 157 -34.72 37.05 -10.90
CA LYS C 157 -34.51 38.44 -11.30
C LYS C 157 -35.81 39.13 -11.64
N ASP C 158 -36.81 38.38 -12.11
CA ASP C 158 -38.10 38.98 -12.42
C ASP C 158 -38.90 39.29 -11.17
N PHE C 159 -38.73 38.48 -10.12
CA PHE C 159 -39.44 38.75 -8.87
C PHE C 159 -38.85 39.95 -8.16
N ALA C 160 -37.54 40.12 -8.22
CA ALA C 160 -36.89 41.25 -7.54
C ALA C 160 -37.18 42.57 -8.23
N ASP C 161 -37.44 42.54 -9.54
CA ASP C 161 -37.83 43.74 -10.26
C ASP C 161 -39.22 44.22 -9.87
N LYS C 162 -40.06 43.33 -9.37
CA LYS C 162 -41.44 43.66 -9.03
C LYS C 162 -41.55 44.25 -7.64
N VAL C 163 -40.74 43.77 -6.69
CA VAL C 163 -40.95 44.12 -5.30
C VAL C 163 -39.99 45.19 -4.78
N TYR C 164 -38.81 45.34 -5.38
CA TYR C 164 -37.83 46.31 -4.89
C TYR C 164 -38.01 47.67 -5.55
N THR C 165 -39.19 48.24 -5.37
CA THR C 165 -39.54 49.55 -5.93
C THR C 165 -39.72 50.56 -4.80
N LYS C 166 -39.76 51.83 -5.17
CA LYS C 166 -39.70 52.89 -4.16
C LYS C 166 -41.02 53.08 -3.42
N GLU C 167 -42.15 52.76 -4.04
CA GLU C 167 -43.44 52.87 -3.37
C GLU C 167 -43.74 51.70 -2.46
N ASN C 168 -42.86 50.72 -2.39
CA ASN C 168 -43.14 49.45 -1.76
C ASN C 168 -42.29 49.22 -0.51
N LEU C 169 -41.55 50.24 -0.07
CA LEU C 169 -40.58 50.11 1.00
C LEU C 169 -41.00 50.88 2.25
N GLU C 170 -40.45 50.47 3.38
CA GLU C 170 -40.43 51.27 4.61
C GLU C 170 -39.05 51.15 5.22
N VAL C 171 -38.46 52.28 5.58
CA VAL C 171 -37.16 52.32 6.25
C VAL C 171 -37.38 52.79 7.67
N SER C 172 -36.89 52.02 8.64
CA SER C 172 -37.03 52.37 10.05
C SER C 172 -35.70 52.22 10.76
N GLY C 173 -35.53 52.99 11.81
CA GLY C 173 -34.30 52.94 12.59
C GLY C 173 -34.60 52.97 14.07
N GLU C 174 -33.86 52.14 14.81
CA GLU C 174 -33.98 52.08 16.26
C GLU C 174 -32.71 52.64 16.88
N ASN C 175 -32.86 53.54 17.86
CA ASN C 175 -31.77 54.27 18.50
C ASN C 175 -30.96 55.06 17.46
N VAL C 176 -31.68 55.70 16.56
CA VAL C 176 -31.10 56.44 15.43
C VAL C 176 -31.67 57.85 15.46
N VAL C 177 -30.81 58.85 15.20
CA VAL C 177 -31.28 60.22 15.05
C VAL C 177 -32.15 60.33 13.81
N GLU C 178 -33.34 60.91 13.97
CA GLU C 178 -34.33 60.92 12.91
C GLU C 178 -33.93 61.87 11.77
N ALA C 179 -33.43 63.06 12.12
CA ALA C 179 -33.15 64.07 11.11
C ALA C 179 -31.93 63.73 10.26
N ASP C 180 -30.93 63.07 10.86
CA ASP C 180 -29.77 62.66 10.07
C ASP C 180 -30.06 61.42 9.23
N LEU C 181 -31.02 60.60 9.65
CA LEU C 181 -31.37 59.42 8.86
C LEU C 181 -32.05 59.81 7.56
N LYS C 182 -32.88 60.85 7.58
CA LYS C 182 -33.58 61.28 6.37
C LYS C 182 -32.62 61.89 5.36
N ARG C 183 -31.54 62.52 5.83
CA ARG C 183 -30.60 63.15 4.91
C ARG C 183 -29.72 62.12 4.22
N PHE C 184 -29.31 61.08 4.95
CA PHE C 184 -28.47 60.04 4.34
C PHE C 184 -29.24 59.20 3.33
N VAL C 185 -30.54 59.05 3.52
CA VAL C 185 -31.34 58.23 2.60
C VAL C 185 -31.53 58.96 1.28
N ASP C 186 -31.68 60.29 1.33
CA ASP C 186 -31.90 61.06 0.11
C ASP C 186 -30.65 61.14 -0.76
N GLU C 187 -29.46 61.11 -0.15
CA GLU C 187 -28.21 61.10 -0.91
C GLU C 187 -27.73 59.69 -1.23
N SER C 188 -28.62 58.72 -1.25
CA SER C 188 -28.28 57.33 -1.42
C SER C 188 -28.87 56.79 -2.72
N LEU C 189 -28.41 55.59 -3.08
CA LEU C 189 -28.94 54.89 -4.25
C LEU C 189 -30.37 54.40 -4.04
N LEU C 190 -30.86 54.42 -2.80
CA LEU C 190 -32.21 54.01 -2.46
C LEU C 190 -33.25 55.02 -2.92
N SER C 191 -32.84 56.22 -3.32
CA SER C 191 -33.75 57.25 -3.80
C SER C 191 -33.88 57.27 -5.31
N THR C 192 -33.01 56.58 -6.04
CA THR C 192 -33.11 56.45 -7.48
C THR C 192 -33.65 55.08 -7.89
N LEU C 193 -34.43 54.45 -7.02
CA LEU C 193 -35.05 53.18 -7.34
C LEU C 193 -36.18 53.39 -8.34
N PRO C 194 -36.51 52.37 -9.14
CA PRO C 194 -37.62 52.52 -10.09
C PRO C 194 -38.98 52.48 -9.42
N ALA C 195 -39.47 53.64 -8.98
CA ALA C 195 -40.73 53.77 -8.24
C ALA C 195 -41.92 53.18 -8.98
N GLY C 196 -42.45 52.08 -8.46
CA GLY C 196 -43.56 51.41 -9.09
C GLY C 196 -44.86 51.65 -8.35
N LYS C 197 -45.51 50.59 -7.90
CA LYS C 197 -46.74 50.68 -7.15
C LYS C 197 -46.66 49.78 -5.94
N SER C 198 -47.47 50.10 -4.94
CA SER C 198 -47.57 49.26 -3.76
C SER C 198 -48.37 48.01 -4.07
N LEU C 199 -47.99 46.89 -3.46
CA LEU C 199 -48.64 45.62 -3.75
C LEU C 199 -49.74 45.26 -2.77
N VAL C 200 -49.85 45.95 -1.65
CA VAL C 200 -50.83 45.59 -0.62
C VAL C 200 -52.20 46.09 -1.05
N SER C 201 -53.20 45.22 -0.92
CA SER C 201 -54.57 45.49 -1.36
C SER C 201 -55.44 45.85 -0.17
N LYS C 202 -56.51 46.60 -0.44
CA LYS C 202 -57.37 47.11 0.62
C LYS C 202 -58.66 46.32 0.76
N SER C 203 -58.74 45.14 0.15
CA SER C 203 -59.90 44.27 0.28
C SER C 203 -59.69 43.35 1.48
N GLU C 204 -60.51 42.30 1.59
CA GLU C 204 -60.31 41.25 2.57
C GLU C 204 -60.27 39.92 1.82
N PRO C 205 -59.35 39.02 2.15
CA PRO C 205 -59.24 37.77 1.39
C PRO C 205 -60.41 36.85 1.64
N LYS C 206 -60.75 36.06 0.63
CA LYS C 206 -61.83 35.12 0.77
C LYS C 206 -61.33 33.85 1.45
N PHE C 207 -62.23 33.22 2.20
CA PHE C 207 -61.87 32.09 3.04
C PHE C 207 -62.92 30.99 2.88
N PHE C 208 -62.60 29.82 3.43
CA PHE C 208 -63.42 28.64 3.27
C PHE C 208 -63.53 27.93 4.61
N LEU C 209 -64.71 27.41 4.90
CA LEU C 209 -65.00 26.82 6.21
C LEU C 209 -65.49 25.40 6.04
N GLY C 210 -65.08 24.54 6.97
CA GLY C 210 -65.52 23.16 6.97
C GLY C 210 -64.65 22.19 6.19
N GLU C 211 -63.37 22.52 5.98
CA GLU C 211 -62.49 21.68 5.18
C GLU C 211 -61.68 20.75 6.08
N GLU C 212 -60.97 19.82 5.45
CA GLU C 212 -60.32 18.74 6.16
C GLU C 212 -59.18 18.18 5.32
N ASN C 213 -58.11 17.74 5.98
CA ASN C 213 -56.98 17.11 5.31
C ASN C 213 -56.26 16.20 6.28
N ARG C 214 -55.71 15.10 5.75
CA ARG C 214 -55.01 14.09 6.54
C ARG C 214 -53.69 13.73 5.87
N VAL C 215 -52.62 13.62 6.67
CA VAL C 215 -51.26 13.42 6.17
C VAL C 215 -50.58 12.33 7.00
N ARG C 216 -50.02 11.33 6.32
CA ARG C 216 -49.27 10.27 6.98
C ARG C 216 -47.88 10.74 7.40
N PHE C 217 -47.42 10.29 8.56
CA PHE C 217 -46.15 10.76 9.11
C PHE C 217 -45.64 9.74 10.12
N ILE C 218 -44.31 9.65 10.23
CA ILE C 218 -43.65 8.76 11.18
C ILE C 218 -43.10 9.61 12.32
N GLY C 219 -43.67 9.44 13.51
CA GLY C 219 -43.24 10.23 14.66
C GLY C 219 -44.37 10.56 15.61
N ASP C 220 -44.48 11.82 15.98
CA ASP C 220 -45.56 12.28 16.86
C ASP C 220 -46.82 12.56 16.05
N SER C 221 -47.94 12.63 16.76
CA SER C 221 -49.24 12.93 16.16
C SER C 221 -49.64 14.35 16.52
N VAL C 222 -50.25 15.05 15.56
CA VAL C 222 -50.69 16.43 15.76
C VAL C 222 -52.11 16.56 15.21
N ALA C 223 -53.02 17.10 16.02
CA ALA C 223 -54.33 17.52 15.58
C ALA C 223 -54.46 19.03 15.74
N ALA C 224 -55.11 19.68 14.79
CA ALA C 224 -55.10 21.14 14.75
C ALA C 224 -56.38 21.67 14.15
N ILE C 225 -56.88 22.79 14.70
CA ILE C 225 -58.05 23.47 14.15
C ILE C 225 -57.67 24.91 13.81
N GLY C 226 -58.39 25.50 12.87
CA GLY C 226 -58.10 26.84 12.39
C GLY C 226 -59.32 27.65 12.01
N ILE C 227 -59.37 28.90 12.44
CA ILE C 227 -60.54 29.77 12.22
C ILE C 227 -60.09 31.07 11.55
N PRO C 228 -60.72 31.50 10.47
CA PRO C 228 -60.39 32.80 9.89
C PRO C 228 -61.07 33.94 10.64
N VAL C 229 -60.33 35.02 10.85
CA VAL C 229 -60.77 36.16 11.63
C VAL C 229 -60.78 37.39 10.74
N ASN C 230 -61.85 38.20 10.83
CA ASN C 230 -61.91 39.45 10.11
C ASN C 230 -61.33 40.58 10.97
N LYS C 231 -61.33 41.79 10.42
CA LYS C 231 -60.63 42.90 11.06
C LYS C 231 -61.38 43.44 12.28
N ALA C 232 -62.69 43.22 12.38
CA ALA C 232 -63.46 43.74 13.48
C ALA C 232 -63.52 42.81 14.68
N SER C 233 -63.29 41.51 14.49
CA SER C 233 -63.28 40.56 15.60
C SER C 233 -61.86 40.25 16.06
N LEU C 234 -60.91 41.11 15.72
CA LEU C 234 -59.51 40.79 15.86
C LEU C 234 -59.03 40.92 17.30
N ALA C 235 -59.75 41.65 18.14
CA ALA C 235 -59.40 41.76 19.55
C ALA C 235 -60.05 40.68 20.41
N GLN C 236 -61.21 40.17 20.00
CA GLN C 236 -61.85 39.08 20.73
C GLN C 236 -61.04 37.80 20.62
N TYR C 237 -60.44 37.54 19.46
CA TYR C 237 -59.64 36.34 19.30
C TYR C 237 -58.24 36.49 19.87
N GLU C 238 -57.80 37.70 20.19
CA GLU C 238 -56.53 37.86 20.88
C GLU C 238 -56.66 37.50 22.35
N VAL C 239 -57.81 37.76 22.96
CA VAL C 239 -58.04 37.41 24.36
C VAL C 239 -58.15 35.90 24.52
N LEU C 240 -58.78 35.22 23.56
CA LEU C 240 -58.93 33.78 23.61
C LEU C 240 -57.59 33.05 23.47
N ALA C 241 -56.67 33.62 22.69
CA ALA C 241 -55.37 32.98 22.51
C ALA C 241 -54.49 33.11 23.76
N ASN C 242 -54.70 34.16 24.56
CA ASN C 242 -54.00 34.27 25.83
C ASN C 242 -54.72 33.59 26.97
N TYR C 243 -56.04 33.45 26.89
CA TYR C 243 -56.79 32.78 27.94
C TYR C 243 -56.53 31.28 27.92
N LEU C 244 -56.40 30.69 26.74
CA LEU C 244 -56.26 29.25 26.63
C LEU C 244 -54.87 28.76 27.00
N THR C 245 -53.87 29.63 27.00
CA THR C 245 -52.51 29.27 27.37
C THR C 245 -52.14 29.73 28.76
N SER C 246 -53.01 30.48 29.43
CA SER C 246 -52.75 30.93 30.78
C SER C 246 -53.21 29.88 31.78
N ALA C 247 -53.03 30.18 33.07
CA ALA C 247 -53.47 29.30 34.12
C ALA C 247 -54.93 29.49 34.50
N LEU C 248 -55.63 30.39 33.81
CA LEU C 248 -57.02 30.68 34.14
C LEU C 248 -57.99 29.64 33.60
N SER C 249 -57.53 28.72 32.74
CA SER C 249 -58.42 27.77 32.09
C SER C 249 -58.02 26.35 32.45
N GLU C 250 -59.02 25.48 32.51
CA GLU C 250 -58.79 24.05 32.74
C GLU C 250 -58.50 23.29 31.45
N LEU C 251 -58.56 23.96 30.30
CA LEU C 251 -58.11 23.39 29.04
C LEU C 251 -56.69 23.77 28.71
N SER C 252 -55.90 24.16 29.71
CA SER C 252 -54.57 24.69 29.50
C SER C 252 -53.51 23.61 29.38
N GLY C 253 -53.62 22.56 30.18
CA GLY C 253 -52.66 21.48 30.13
C GLY C 253 -52.87 20.49 29.03
N LEU C 254 -53.93 20.64 28.24
CA LEU C 254 -54.19 19.76 27.10
C LEU C 254 -53.67 20.32 25.79
N ILE C 255 -53.62 21.63 25.64
CA ILE C 255 -53.16 22.20 24.39
C ILE C 255 -51.64 22.36 24.46
N SER C 256 -51.01 22.42 23.29
CA SER C 256 -49.58 22.67 23.20
C SER C 256 -49.24 24.07 22.73
N SER C 257 -50.11 24.69 21.93
CA SER C 257 -49.84 25.99 21.34
C SER C 257 -51.16 26.58 20.85
N ALA C 258 -51.32 27.88 21.04
CA ALA C 258 -52.47 28.61 20.53
C ALA C 258 -52.05 30.04 20.29
N LYS C 259 -52.33 30.56 19.09
CA LYS C 259 -51.91 31.91 18.74
C LYS C 259 -52.81 32.47 17.67
N LEU C 260 -52.70 33.79 17.46
CA LEU C 260 -53.39 34.50 16.39
C LEU C 260 -52.35 35.25 15.58
N ASP C 261 -52.30 34.97 14.28
CA ASP C 261 -51.37 35.63 13.38
C ASP C 261 -52.06 36.83 12.76
N LYS C 262 -51.59 38.03 13.09
CA LYS C 262 -52.27 39.26 12.71
C LYS C 262 -51.73 39.83 11.41
N PHE C 263 -52.65 40.25 10.54
CA PHE C 263 -52.32 40.96 9.32
C PHE C 263 -53.12 42.25 9.30
N THR C 264 -52.94 43.04 8.24
CA THR C 264 -53.64 44.31 8.14
C THR C 264 -55.03 44.18 7.54
N ASP C 265 -55.48 42.98 7.21
CA ASP C 265 -56.83 42.78 6.72
C ASP C 265 -57.47 41.54 7.32
N GLY C 266 -57.04 41.14 8.51
CA GLY C 266 -57.63 40.00 9.19
C GLY C 266 -56.56 39.16 9.84
N GLY C 267 -56.89 37.90 10.09
CA GLY C 267 -55.95 37.01 10.73
C GLY C 267 -56.44 35.58 10.73
N LEU C 268 -55.61 34.70 11.28
CA LEU C 268 -55.90 33.28 11.38
C LEU C 268 -55.61 32.80 12.79
N PHE C 269 -56.63 32.30 13.48
CA PHE C 269 -56.47 31.68 14.78
C PHE C 269 -56.14 30.21 14.59
N THR C 270 -55.15 29.71 15.34
CA THR C 270 -54.74 28.32 15.27
C THR C 270 -54.58 27.74 16.66
N LEU C 271 -54.75 26.43 16.76
CA LEU C 271 -54.65 25.69 18.01
C LEU C 271 -54.09 24.32 17.69
N PHE C 272 -53.19 23.81 18.54
CA PHE C 272 -52.48 22.57 18.26
C PHE C 272 -52.50 21.65 19.47
N VAL C 273 -52.59 20.34 19.20
CA VAL C 273 -52.51 19.30 20.22
C VAL C 273 -51.51 18.27 19.73
N ARG C 274 -50.46 18.01 20.51
CA ARG C 274 -49.37 17.17 20.08
C ARG C 274 -48.97 16.19 21.18
N ASP C 275 -48.83 14.93 20.84
CA ASP C 275 -48.46 13.89 21.80
C ASP C 275 -47.91 12.70 21.04
N GLN C 276 -47.13 11.88 21.74
CA GLN C 276 -46.54 10.68 21.16
C GLN C 276 -47.56 9.56 20.97
N ASP C 277 -48.53 9.46 21.87
CA ASP C 277 -49.57 8.44 21.81
C ASP C 277 -50.78 8.98 21.06
N SER C 278 -51.25 8.24 20.06
CA SER C 278 -52.36 8.70 19.24
C SER C 278 -53.71 8.53 19.91
N ALA C 279 -53.79 7.81 21.03
CA ALA C 279 -55.02 7.75 21.81
C ALA C 279 -55.14 8.92 22.79
N VAL C 280 -54.02 9.56 23.13
CA VAL C 280 -54.07 10.76 23.95
C VAL C 280 -54.40 11.99 23.09
N VAL C 281 -53.95 12.00 21.84
CA VAL C 281 -54.26 13.11 20.93
C VAL C 281 -55.76 13.15 20.64
N SER C 282 -56.38 12.00 20.43
CA SER C 282 -57.77 11.95 20.01
C SER C 282 -58.72 12.27 21.16
N SER C 283 -58.37 11.90 22.38
CA SER C 283 -59.24 12.21 23.51
C SER C 283 -59.08 13.64 24.00
N ASN C 284 -57.99 14.31 23.63
CA ASN C 284 -57.80 15.70 24.02
C ASN C 284 -58.46 16.66 23.05
N ILE C 285 -58.35 16.40 21.74
CA ILE C 285 -58.99 17.27 20.75
C ILE C 285 -60.51 17.13 20.79
N LYS C 286 -61.03 16.02 21.32
CA LYS C 286 -62.48 15.90 21.48
C LYS C 286 -62.97 16.74 22.65
N LYS C 287 -62.18 16.86 23.70
CA LYS C 287 -62.61 17.59 24.89
C LYS C 287 -62.58 19.09 24.66
N ILE C 288 -61.64 19.58 23.85
CA ILE C 288 -61.48 21.01 23.66
C ILE C 288 -62.59 21.56 22.78
N VAL C 289 -62.97 20.84 21.73
CA VAL C 289 -64.03 21.31 20.83
C VAL C 289 -65.39 21.22 21.52
N ALA C 290 -65.61 20.18 22.33
CA ALA C 290 -66.89 20.05 23.02
C ALA C 290 -67.06 21.09 24.14
N ASP C 291 -65.97 21.65 24.66
CA ASP C 291 -66.07 22.69 25.67
C ASP C 291 -66.08 24.08 25.06
N LEU C 292 -65.48 24.27 23.90
CA LEU C 292 -65.52 25.57 23.24
C LEU C 292 -66.85 25.84 22.57
N LYS C 293 -67.63 24.81 22.26
CA LYS C 293 -68.92 25.00 21.63
C LYS C 293 -70.02 25.31 22.62
N LYS C 294 -69.77 25.17 23.92
CA LYS C 294 -70.74 25.54 24.93
C LYS C 294 -70.58 26.98 25.42
N GLY C 295 -69.41 27.57 25.25
CA GLY C 295 -69.22 28.96 25.60
C GLY C 295 -68.24 29.17 26.74
N LYS C 296 -67.52 30.30 26.70
CA LYS C 296 -66.58 30.68 27.74
C LYS C 296 -66.74 32.16 28.01
N ASP C 297 -66.15 32.60 29.12
CA ASP C 297 -66.16 34.01 29.52
C ASP C 297 -64.73 34.53 29.47
N LEU C 298 -64.48 35.51 28.61
CA LEU C 298 -63.14 36.02 28.37
C LEU C 298 -62.81 37.27 29.18
N SER C 299 -63.76 37.81 29.92
CA SER C 299 -63.56 39.05 30.66
C SER C 299 -62.57 39.01 31.85
N PRO C 300 -62.33 37.90 32.56
CA PRO C 300 -61.22 37.91 33.53
C PRO C 300 -59.83 38.02 32.92
N ALA C 301 -59.66 37.80 31.61
CA ALA C 301 -58.34 37.77 31.00
C ALA C 301 -58.08 38.99 30.12
N ILE C 302 -58.53 40.15 30.55
CA ILE C 302 -58.32 41.37 29.77
C ILE C 302 -57.05 42.09 30.18
N ASN C 303 -56.80 42.23 31.49
CA ASN C 303 -55.56 42.84 31.94
C ASN C 303 -54.35 41.94 31.75
N TYR C 304 -54.57 40.64 31.61
CA TYR C 304 -53.48 39.75 31.24
C TYR C 304 -53.17 39.82 29.76
N THR C 305 -54.14 40.20 28.94
CA THR C 305 -53.91 40.34 27.51
C THR C 305 -53.25 41.67 27.20
N LYS C 306 -53.52 42.71 27.98
CA LYS C 306 -52.87 44.00 27.79
C LYS C 306 -51.38 43.94 28.10
N LEU C 307 -50.98 43.12 29.07
CA LEU C 307 -49.58 43.01 29.42
C LEU C 307 -48.80 42.26 28.35
N LYS C 308 -49.31 41.11 27.92
CA LYS C 308 -48.65 40.32 26.89
C LYS C 308 -48.68 40.98 25.52
N ASN C 309 -49.62 41.90 25.29
CA ASN C 309 -49.61 42.66 24.06
C ASN C 309 -48.46 43.64 24.02
N ALA C 310 -48.20 44.32 25.14
CA ALA C 310 -47.12 45.31 25.18
C ALA C 310 -45.74 44.68 25.17
N VAL C 311 -45.62 43.41 25.55
CA VAL C 311 -44.33 42.73 25.50
C VAL C 311 -43.96 42.40 24.07
N GLN C 312 -44.91 41.90 23.29
CA GLN C 312 -44.64 41.58 21.90
C GLN C 312 -44.51 42.82 21.03
N ASN C 313 -45.00 43.97 21.50
CA ASN C 313 -45.10 45.16 20.67
C ASN C 313 -43.94 46.11 20.89
N GLU C 314 -42.73 45.60 21.14
CA GLU C 314 -41.56 46.45 21.35
C GLU C 314 -40.68 46.58 20.11
N SER C 315 -40.79 45.68 19.13
CA SER C 315 -40.13 45.85 17.84
C SER C 315 -41.16 45.50 16.76
N VAL C 316 -42.07 46.54 16.47
CA VAL C 316 -43.13 46.29 15.50
C VAL C 316 -43.40 47.54 14.67
N SER C 317 -44.42 47.51 13.85
CA SER C 317 -45.11 48.71 13.41
C SER C 317 -46.39 48.97 14.20
N SER C 318 -46.75 48.06 15.11
CA SER C 318 -47.79 48.17 16.14
C SER C 318 -49.20 48.42 15.61
N PRO C 319 -49.87 47.43 15.04
CA PRO C 319 -51.32 47.55 14.82
C PRO C 319 -52.07 47.62 16.15
N ILE C 320 -52.80 48.70 16.34
CA ILE C 320 -53.32 49.06 17.65
C ILE C 320 -54.62 48.31 17.92
N GLU C 321 -54.72 47.69 19.09
CA GLU C 321 -55.84 46.85 19.48
C GLU C 321 -56.68 47.49 20.58
N LEU C 322 -56.71 48.81 20.66
CA LEU C 322 -57.04 49.51 21.91
C LEU C 322 -58.56 49.57 22.14
N ASN C 323 -59.19 48.40 22.08
CA ASN C 323 -60.50 48.21 22.66
C ASN C 323 -60.66 46.78 23.17
N PHE C 324 -59.73 46.33 24.01
CA PHE C 324 -59.86 45.04 24.68
C PHE C 324 -61.05 45.00 25.63
N ASP C 325 -61.53 46.16 26.09
CA ASP C 325 -62.50 46.24 27.18
C ASP C 325 -63.92 45.89 26.77
N ALA C 326 -64.19 45.66 25.48
CA ALA C 326 -65.53 45.28 25.03
C ALA C 326 -65.59 43.82 24.61
N VAL C 327 -64.81 42.97 25.28
CA VAL C 327 -64.77 41.54 24.97
C VAL C 327 -65.46 40.80 26.11
N LYS C 328 -66.47 40.01 25.77
CA LYS C 328 -67.24 39.37 26.83
C LYS C 328 -67.41 37.87 26.66
N ASP C 329 -67.65 37.38 25.45
CA ASP C 329 -68.08 36.00 25.27
C ASP C 329 -67.50 35.41 24.00
N PHE C 330 -67.53 34.08 23.93
CA PHE C 330 -67.09 33.37 22.73
C PHE C 330 -67.80 32.02 22.66
N LYS C 331 -68.27 31.67 21.47
CA LYS C 331 -68.82 30.35 21.20
C LYS C 331 -68.33 29.88 19.84
N LEU C 332 -67.84 28.65 19.78
CA LEU C 332 -67.18 28.14 18.59
C LEU C 332 -68.19 27.81 17.50
N GLY C 333 -67.95 28.31 16.29
CA GLY C 333 -68.83 28.08 15.17
C GLY C 333 -68.32 27.01 14.22
N LYS C 334 -67.85 27.42 13.05
CA LYS C 334 -67.29 26.51 12.07
C LYS C 334 -65.78 26.66 12.00
N PHE C 335 -65.10 25.59 11.60
CA PHE C 335 -63.65 25.58 11.61
C PHE C 335 -63.13 24.57 10.60
N ASN C 336 -61.86 24.69 10.27
CA ASN C 336 -61.14 23.71 9.46
C ASN C 336 -60.26 22.86 10.35
N TYR C 337 -59.90 21.68 9.87
CA TYR C 337 -59.28 20.66 10.70
C TYR C 337 -58.23 19.90 9.90
N VAL C 338 -57.09 19.60 10.55
CA VAL C 338 -55.97 18.92 9.92
C VAL C 338 -55.39 17.91 10.90
N ALA C 339 -55.23 16.66 10.46
CA ALA C 339 -54.59 15.60 11.23
C ALA C 339 -53.29 15.18 10.57
N VAL C 340 -52.22 15.07 11.35
CA VAL C 340 -50.89 14.70 10.86
C VAL C 340 -50.33 13.62 11.77
N GLY C 341 -49.98 12.48 11.21
CA GLY C 341 -49.34 11.43 11.99
C GLY C 341 -49.90 10.04 11.74
N ASP C 342 -50.32 9.37 12.80
CA ASP C 342 -50.96 8.06 12.69
C ASP C 342 -52.45 8.30 12.46
N VAL C 343 -52.80 8.56 11.20
CA VAL C 343 -54.12 9.07 10.87
C VAL C 343 -55.22 8.01 10.93
N SER C 344 -54.88 6.73 11.05
CA SER C 344 -55.90 5.70 11.17
C SER C 344 -56.51 5.64 12.55
N ASN C 345 -55.92 6.29 13.55
CA ASN C 345 -56.43 6.28 14.92
C ASN C 345 -56.76 7.68 15.41
N LEU C 346 -57.00 8.62 14.50
CA LEU C 346 -57.31 10.00 14.79
C LEU C 346 -58.73 10.32 14.34
N PRO C 347 -59.41 11.30 14.95
CA PRO C 347 -60.81 11.53 14.61
C PRO C 347 -60.99 12.19 13.25
N TYR C 348 -62.22 12.14 12.76
CA TYR C 348 -62.63 12.81 11.54
C TYR C 348 -63.38 14.09 11.92
N LEU C 349 -63.78 14.85 10.91
CA LEU C 349 -64.38 16.16 11.16
C LEU C 349 -65.80 16.04 11.70
N ASP C 350 -66.55 15.05 11.23
CA ASP C 350 -67.92 14.88 11.70
C ASP C 350 -68.02 14.09 13.00
N GLU C 351 -66.91 13.76 13.63
CA GLU C 351 -66.91 13.17 14.97
C GLU C 351 -66.52 14.17 16.04
N LEU C 352 -66.01 15.34 15.67
CA LEU C 352 -65.64 16.37 16.63
C LEU C 352 -66.85 17.23 16.97
N MET D 1 34.36 -40.64 26.97
CA MET D 1 35.64 -41.31 27.07
C MET D 1 36.18 -41.28 28.50
N THR D 2 37.23 -42.06 28.74
CA THR D 2 37.89 -42.14 30.03
C THR D 2 38.58 -40.82 30.38
N ALA D 3 38.85 -40.64 31.67
CA ALA D 3 39.55 -39.45 32.13
C ALA D 3 41.01 -39.44 31.72
N ALA D 4 41.59 -40.58 31.38
CA ALA D 4 42.94 -40.59 30.85
C ALA D 4 42.99 -40.05 29.43
N GLU D 5 41.91 -40.21 28.67
CA GLU D 5 41.89 -39.72 27.29
C GLU D 5 41.41 -38.28 27.19
N HIS D 6 40.80 -37.74 28.23
CA HIS D 6 40.39 -36.34 28.22
C HIS D 6 41.45 -35.41 28.76
N GLY D 7 42.29 -35.89 29.67
CA GLY D 7 43.24 -35.04 30.34
C GLY D 7 42.75 -34.58 31.70
N LEU D 8 43.69 -34.21 32.56
CA LEU D 8 43.33 -33.70 33.87
C LEU D 8 42.74 -32.31 33.73
N HIS D 9 41.97 -31.91 34.73
CA HIS D 9 41.34 -30.61 34.75
C HIS D 9 42.23 -29.60 35.47
N ALA D 10 42.53 -28.51 34.79
CA ALA D 10 43.38 -27.48 35.39
C ALA D 10 42.62 -26.72 36.47
N PRO D 11 43.25 -26.41 37.60
CA PRO D 11 42.54 -25.70 38.67
C PRO D 11 42.43 -24.22 38.39
N ALA D 12 41.91 -23.46 39.35
CA ALA D 12 41.68 -22.03 39.18
C ALA D 12 42.63 -21.26 40.09
N TYR D 13 43.77 -20.85 39.54
CA TYR D 13 44.66 -19.95 40.24
C TYR D 13 44.10 -18.54 40.22
N ALA D 14 44.75 -17.64 40.94
CA ALA D 14 44.25 -16.27 41.10
C ALA D 14 45.16 -15.32 40.33
N TRP D 15 44.88 -15.15 39.05
CA TRP D 15 45.67 -14.25 38.22
C TRP D 15 45.28 -12.80 38.48
N SER D 16 46.28 -11.93 38.42
CA SER D 16 46.07 -10.51 38.72
C SER D 16 45.29 -9.76 37.66
N HIS D 17 45.04 -10.36 36.49
CA HIS D 17 44.24 -9.74 35.45
C HIS D 17 42.83 -10.32 35.37
N ASN D 18 42.43 -11.16 36.32
CA ASN D 18 41.05 -11.60 36.40
C ASN D 18 40.21 -10.56 37.11
N GLY D 19 39.00 -10.35 36.61
CA GLY D 19 38.12 -9.34 37.14
C GLY D 19 37.77 -8.33 36.08
N PRO D 20 36.69 -7.58 36.29
CA PRO D 20 36.29 -6.59 35.28
C PRO D 20 37.04 -5.27 35.35
N PHE D 21 37.86 -5.04 36.38
CA PHE D 21 38.54 -3.76 36.52
C PHE D 21 40.06 -3.90 36.59
N GLU D 22 40.61 -4.97 36.04
CA GLU D 22 42.02 -5.27 36.22
C GLU D 22 42.82 -5.11 34.93
N THR D 23 44.10 -4.86 35.13
CA THR D 23 45.08 -4.55 34.10
C THR D 23 46.12 -5.66 34.11
N PHE D 24 46.78 -5.88 32.98
CA PHE D 24 47.98 -6.71 32.96
C PHE D 24 49.05 -6.12 33.86
N ASP D 25 49.91 -7.00 34.39
CA ASP D 25 51.06 -6.58 35.17
C ASP D 25 52.25 -6.43 34.21
N HIS D 26 52.62 -5.19 33.90
CA HIS D 26 53.63 -4.94 32.89
C HIS D 26 55.04 -5.24 33.34
N ALA D 27 55.25 -5.51 34.63
CA ALA D 27 56.53 -6.04 35.09
C ALA D 27 56.62 -7.55 34.95
N SER D 28 55.48 -8.23 34.79
CA SER D 28 55.47 -9.65 34.50
C SER D 28 55.36 -9.94 33.01
N ILE D 29 55.05 -8.94 32.18
CA ILE D 29 55.21 -9.08 30.74
C ILE D 29 56.66 -8.88 30.35
N ARG D 30 57.36 -7.96 31.02
CA ARG D 30 58.76 -7.69 30.72
C ARG D 30 59.64 -8.87 31.06
N ARG D 31 59.41 -9.50 32.21
CA ARG D 31 60.16 -10.68 32.58
C ARG D 31 59.75 -11.90 31.77
N GLY D 32 58.57 -11.88 31.15
CA GLY D 32 58.14 -13.01 30.35
C GLY D 32 58.81 -13.10 29.00
N TYR D 33 59.18 -11.96 28.41
CA TYR D 33 59.97 -11.98 27.19
C TYR D 33 61.39 -12.47 27.44
N GLN D 34 61.89 -12.32 28.66
CA GLN D 34 63.23 -12.83 28.96
C GLN D 34 63.25 -14.36 29.04
N VAL D 35 62.14 -14.98 29.41
CA VAL D 35 62.07 -16.43 29.41
C VAL D 35 61.75 -16.96 28.01
N TYR D 36 61.13 -16.15 27.15
CA TYR D 36 60.90 -16.58 25.77
C TYR D 36 62.20 -16.58 24.98
N ARG D 37 63.03 -15.55 25.17
CA ARG D 37 64.24 -15.39 24.36
C ARG D 37 65.30 -16.41 24.74
N GLU D 38 65.31 -16.89 25.98
CA GLU D 38 66.37 -17.74 26.46
C GLU D 38 66.02 -19.21 26.54
N VAL D 39 64.74 -19.57 26.68
CA VAL D 39 64.38 -20.98 26.86
C VAL D 39 63.47 -21.44 25.72
N CYS D 40 62.65 -20.53 25.19
CA CYS D 40 61.51 -20.94 24.38
C CYS D 40 61.71 -20.77 22.89
N ALA D 41 62.48 -19.77 22.47
CA ALA D 41 62.63 -19.44 21.06
C ALA D 41 63.48 -20.45 20.30
N ALA D 42 64.03 -21.46 20.97
CA ALA D 42 64.80 -22.48 20.29
C ALA D 42 63.95 -23.40 19.44
N CYS D 43 62.65 -23.52 19.73
CA CYS D 43 61.78 -24.42 18.98
C CYS D 43 60.43 -23.85 18.60
N HIS D 44 60.01 -22.72 19.16
CA HIS D 44 58.69 -22.17 18.89
C HIS D 44 58.79 -20.79 18.26
N SER D 45 57.81 -20.48 17.40
CA SER D 45 57.75 -19.18 16.76
C SER D 45 56.72 -18.27 17.41
N LEU D 46 56.76 -16.99 17.03
CA LEU D 46 55.87 -15.95 17.53
C LEU D 46 55.43 -15.06 16.37
N ASP D 47 54.93 -15.68 15.30
CA ASP D 47 54.82 -15.09 13.97
C ASP D 47 53.79 -13.96 13.86
N ARG D 48 52.92 -13.77 14.84
CA ARG D 48 51.87 -12.76 14.75
C ARG D 48 52.23 -11.46 15.47
N VAL D 49 53.40 -11.37 16.07
CA VAL D 49 53.78 -10.23 16.90
C VAL D 49 54.86 -9.44 16.18
N ALA D 50 54.59 -8.16 15.94
CA ALA D 50 55.56 -7.25 15.35
C ALA D 50 56.44 -6.62 16.41
N TRP D 51 57.56 -6.04 15.98
CA TRP D 51 58.51 -5.46 16.93
C TRP D 51 57.96 -4.19 17.56
N ARG D 52 57.23 -3.39 16.77
CA ARG D 52 56.79 -2.08 17.22
C ARG D 52 55.74 -2.13 18.31
N THR D 53 55.07 -3.27 18.49
CA THR D 53 54.00 -3.36 19.47
C THR D 53 54.50 -3.49 20.89
N LEU D 54 55.80 -3.68 21.11
CA LEU D 54 56.35 -3.78 22.46
C LEU D 54 56.71 -2.43 23.06
N VAL D 55 56.74 -1.36 22.27
CA VAL D 55 57.19 -0.05 22.74
C VAL D 55 56.06 0.60 23.53
N GLY D 56 56.33 0.89 24.80
CA GLY D 56 55.31 1.41 25.68
C GLY D 56 54.53 0.38 26.46
N VAL D 57 54.80 -0.91 26.26
CA VAL D 57 54.12 -1.99 26.97
C VAL D 57 55.09 -2.73 27.88
N SER D 58 56.26 -3.09 27.37
CA SER D 58 57.26 -3.77 28.18
C SER D 58 58.68 -3.27 27.98
N HIS D 59 58.98 -2.47 26.95
CA HIS D 59 60.31 -1.94 26.73
C HIS D 59 60.18 -0.51 26.21
N THR D 60 61.31 0.19 26.12
CA THR D 60 61.34 1.54 25.58
C THR D 60 61.72 1.50 24.10
N ASN D 61 61.79 2.68 23.48
CA ASN D 61 62.05 2.75 22.04
C ASN D 61 63.49 2.40 21.70
N GLU D 62 64.47 2.80 22.51
CA GLU D 62 65.86 2.50 22.16
C GLU D 62 66.19 1.04 22.41
N GLU D 63 65.42 0.35 23.26
CA GLU D 63 65.70 -1.05 23.53
C GLU D 63 65.15 -1.96 22.43
N VAL D 64 63.96 -1.65 21.90
CA VAL D 64 63.40 -2.50 20.86
C VAL D 64 64.14 -2.29 19.54
N ARG D 65 64.66 -1.08 19.31
CA ARG D 65 65.52 -0.87 18.15
C ARG D 65 66.83 -1.63 18.27
N ASN D 66 67.35 -1.78 19.49
CA ASN D 66 68.54 -2.59 19.67
C ASN D 66 68.25 -4.08 19.59
N MET D 67 67.05 -4.50 20.01
CA MET D 67 66.72 -5.93 19.99
C MET D 67 66.49 -6.43 18.57
N ALA D 68 65.85 -5.62 17.73
CA ALA D 68 65.49 -6.05 16.39
C ALA D 68 66.68 -6.06 15.43
N GLU D 69 67.79 -5.43 15.81
CA GLU D 69 68.92 -5.29 14.90
C GLU D 69 69.82 -6.52 14.84
N GLU D 70 69.68 -7.48 15.75
CA GLU D 70 70.49 -8.70 15.69
C GLU D 70 69.82 -9.81 14.90
N PHE D 71 68.96 -9.47 13.95
CA PHE D 71 68.37 -10.48 13.08
C PHE D 71 68.50 -10.02 11.63
N GLU D 72 68.51 -10.99 10.73
CA GLU D 72 68.76 -10.72 9.32
C GLU D 72 67.49 -10.97 8.52
N TYR D 73 67.09 -9.98 7.75
CA TYR D 73 65.90 -10.06 6.92
C TYR D 73 66.31 -9.89 5.46
N ASP D 74 65.48 -10.40 4.57
CA ASP D 74 65.78 -10.34 3.15
C ASP D 74 65.29 -9.04 2.55
N ASP D 75 66.13 -8.41 1.76
CA ASP D 75 65.88 -7.10 1.18
C ASP D 75 65.51 -7.24 -0.28
N GLU D 76 65.06 -6.14 -0.88
CA GLU D 76 64.80 -6.14 -2.30
C GLU D 76 66.13 -6.17 -3.05
N PRO D 77 66.17 -6.79 -4.24
CA PRO D 77 67.45 -7.06 -4.89
C PRO D 77 68.16 -5.80 -5.37
N ASP D 78 69.46 -5.95 -5.64
CA ASP D 78 70.29 -4.85 -6.09
C ASP D 78 70.10 -4.64 -7.59
N GLU D 79 70.99 -3.86 -8.21
CA GLU D 79 70.83 -3.46 -9.60
C GLU D 79 71.11 -4.58 -10.59
N GLN D 80 71.64 -5.71 -10.15
CA GLN D 80 71.88 -6.86 -11.01
C GLN D 80 70.87 -7.97 -10.80
N GLY D 81 69.97 -7.83 -9.84
CA GLY D 81 69.01 -8.88 -9.55
C GLY D 81 69.53 -9.97 -8.63
N ASN D 82 70.41 -9.63 -7.70
CA ASN D 82 70.96 -10.57 -6.75
C ASN D 82 70.35 -10.34 -5.37
N PRO D 83 70.23 -11.38 -4.53
CA PRO D 83 69.66 -11.19 -3.20
C PRO D 83 70.53 -10.35 -2.29
N LYS D 84 69.92 -9.86 -1.22
CA LYS D 84 70.57 -8.93 -0.31
C LYS D 84 69.88 -9.00 1.04
N LYS D 85 70.64 -8.81 2.11
CA LYS D 85 70.11 -8.85 3.47
C LYS D 85 70.22 -7.49 4.13
N ARG D 86 69.56 -7.35 5.28
CA ARG D 86 69.54 -6.10 6.02
C ARG D 86 69.18 -6.41 7.47
N PRO D 87 69.56 -5.56 8.41
CA PRO D 87 69.12 -5.75 9.80
C PRO D 87 67.66 -5.34 9.98
N GLY D 88 67.14 -5.69 11.15
CA GLY D 88 65.71 -5.52 11.40
C GLY D 88 65.33 -4.12 11.84
N LYS D 89 64.06 -3.82 11.63
CA LYS D 89 63.47 -2.53 11.99
C LYS D 89 62.20 -2.77 12.79
N LEU D 90 61.50 -1.69 13.13
CA LEU D 90 60.36 -1.81 14.04
C LEU D 90 59.14 -2.41 13.35
N SER D 91 59.03 -2.28 12.04
CA SER D 91 57.84 -2.76 11.36
C SER D 91 57.89 -4.25 11.05
N ASP D 92 58.99 -4.93 11.37
CA ASP D 92 59.15 -6.33 11.07
C ASP D 92 58.48 -7.19 12.13
N TYR D 93 58.34 -8.48 11.82
CA TYR D 93 57.78 -9.45 12.75
C TYR D 93 58.88 -10.30 13.37
N ILE D 94 58.62 -10.81 14.56
CA ILE D 94 59.62 -11.56 15.32
C ILE D 94 59.88 -12.89 14.64
N PRO D 95 61.14 -13.23 14.35
CA PRO D 95 61.41 -14.42 13.53
C PRO D 95 61.34 -15.72 14.32
N GLY D 96 61.21 -16.81 13.56
CA GLY D 96 61.16 -18.14 14.13
C GLY D 96 62.38 -18.97 13.76
N PRO D 97 62.59 -20.10 14.45
CA PRO D 97 63.86 -20.83 14.28
C PRO D 97 63.94 -21.68 13.04
N TYR D 98 62.83 -22.10 12.45
CA TYR D 98 62.93 -23.05 11.34
C TYR D 98 62.46 -22.43 10.04
N PRO D 99 63.08 -22.80 8.91
CA PRO D 99 62.63 -22.26 7.62
C PRO D 99 61.34 -22.89 7.11
N ASN D 100 61.12 -24.17 7.35
CA ASN D 100 59.92 -24.83 6.85
C ASN D 100 59.47 -25.90 7.85
N GLU D 101 58.39 -26.58 7.50
CA GLU D 101 57.76 -27.54 8.41
C GLU D 101 58.51 -28.88 8.44
N GLN D 102 59.12 -29.27 7.33
CA GLN D 102 59.88 -30.51 7.31
C GLN D 102 61.14 -30.42 8.16
N ALA D 103 61.75 -29.24 8.25
CA ALA D 103 62.91 -29.04 9.10
C ALA D 103 62.55 -28.96 10.56
N ALA D 104 61.29 -28.64 10.89
CA ALA D 104 60.86 -28.60 12.27
C ALA D 104 60.61 -30.00 12.82
N ARG D 105 59.96 -30.85 12.02
CA ARG D 105 59.77 -32.25 12.42
C ARG D 105 61.06 -33.05 12.38
N ALA D 106 62.05 -32.60 11.60
CA ALA D 106 63.31 -33.32 11.54
C ALA D 106 64.15 -33.14 12.79
N ALA D 107 63.92 -32.08 13.56
CA ALA D 107 64.66 -31.83 14.78
C ALA D 107 63.88 -32.17 16.03
N ASN D 108 62.66 -32.68 15.89
CA ASN D 108 61.81 -32.99 17.04
C ASN D 108 61.20 -34.37 16.91
N GLN D 109 61.88 -35.26 16.16
CA GLN D 109 61.55 -36.68 16.02
C GLN D 109 60.16 -36.90 15.43
N GLY D 110 59.82 -36.09 14.43
CA GLY D 110 58.56 -36.20 13.73
C GLY D 110 57.49 -35.25 14.22
N ALA D 111 57.55 -34.83 15.48
CA ALA D 111 56.53 -33.97 16.05
C ALA D 111 56.74 -32.53 15.59
N LEU D 112 55.65 -31.77 15.56
CA LEU D 112 55.70 -30.38 15.14
C LEU D 112 55.34 -29.48 16.31
N PRO D 113 56.26 -28.70 16.85
CA PRO D 113 55.90 -27.73 17.89
C PRO D 113 55.10 -26.58 17.30
N PRO D 114 53.95 -26.25 17.88
CA PRO D 114 53.05 -25.26 17.29
C PRO D 114 53.54 -23.82 17.47
N ASP D 115 52.81 -22.90 16.85
CA ASP D 115 53.04 -21.48 17.01
C ASP D 115 52.35 -20.99 18.28
N LEU D 116 53.03 -20.11 19.02
CA LEU D 116 52.57 -19.70 20.34
C LEU D 116 51.96 -18.30 20.35
N SER D 117 51.45 -17.85 19.21
CA SER D 117 50.84 -16.52 19.16
C SER D 117 49.42 -16.53 19.70
N LEU D 118 48.69 -17.63 19.48
CA LEU D 118 47.29 -17.72 19.89
C LEU D 118 47.02 -18.93 20.76
N ILE D 119 48.03 -19.44 21.48
CA ILE D 119 47.87 -20.69 22.20
C ILE D 119 47.04 -20.53 23.47
N VAL D 120 46.88 -19.31 23.98
CA VAL D 120 46.06 -19.11 25.18
C VAL D 120 44.59 -19.23 24.84
N LYS D 121 44.17 -18.60 23.74
CA LYS D 121 42.77 -18.62 23.35
C LYS D 121 42.36 -19.86 22.59
N ALA D 122 43.30 -20.76 22.26
CA ALA D 122 43.00 -21.95 21.48
C ALA D 122 43.08 -23.22 22.29
N ARG D 123 42.93 -23.12 23.61
CA ARG D 123 43.01 -24.28 24.49
C ARG D 123 41.92 -24.16 25.54
N HIS D 124 41.33 -25.29 25.90
CA HIS D 124 40.34 -25.33 26.97
C HIS D 124 41.03 -25.12 28.30
N GLY D 125 40.85 -23.94 28.90
CA GLY D 125 41.48 -23.63 30.15
C GLY D 125 42.17 -22.28 30.18
N GLY D 126 42.81 -21.91 29.09
CA GLY D 126 43.36 -20.58 28.98
C GLY D 126 44.68 -20.45 29.69
N CYS D 127 44.77 -19.47 30.60
CA CYS D 127 46.00 -19.25 31.34
C CYS D 127 46.27 -20.38 32.32
N ASP D 128 45.22 -21.04 32.81
CA ASP D 128 45.41 -22.10 33.79
C ASP D 128 45.96 -23.36 33.16
N TYR D 129 45.77 -23.54 31.85
CA TYR D 129 46.23 -24.77 31.21
C TYR D 129 47.70 -24.71 30.85
N ILE D 130 48.17 -23.55 30.35
CA ILE D 130 49.57 -23.41 29.97
C ILE D 130 50.48 -23.38 31.19
N PHE D 131 50.01 -22.82 32.31
CA PHE D 131 50.80 -22.85 33.53
C PHE D 131 50.88 -24.26 34.11
N SER D 132 49.74 -24.96 34.17
CA SER D 132 49.74 -26.29 34.75
C SER D 132 50.38 -27.33 33.85
N LEU D 133 50.53 -27.03 32.56
CA LEU D 133 51.22 -27.97 31.67
C LEU D 133 52.70 -28.01 31.95
N LEU D 134 53.30 -26.85 32.22
CA LEU D 134 54.75 -26.78 32.40
C LEU D 134 55.17 -27.27 33.77
N THR D 135 54.47 -26.85 34.82
CA THR D 135 54.77 -27.31 36.18
C THR D 135 53.94 -28.52 36.57
N GLY D 136 53.94 -29.54 35.72
CA GLY D 136 53.12 -30.70 35.97
C GLY D 136 53.72 -32.02 35.54
N TYR D 137 54.99 -31.99 35.12
CA TYR D 137 55.67 -33.21 34.75
C TYR D 137 56.04 -33.99 36.01
N PRO D 138 55.62 -35.25 36.13
CA PRO D 138 56.00 -36.04 37.30
C PRO D 138 57.46 -36.48 37.20
N ASP D 139 58.01 -36.84 38.36
CA ASP D 139 59.37 -37.38 38.38
C ASP D 139 59.38 -38.82 37.87
N GLU D 140 58.28 -39.54 38.03
CA GLU D 140 58.14 -40.88 37.48
C GLU D 140 56.70 -41.07 37.00
N PRO D 141 56.48 -41.84 35.96
CA PRO D 141 55.11 -42.13 35.50
C PRO D 141 54.39 -43.04 36.48
N PRO D 142 53.06 -43.10 36.43
CA PRO D 142 52.33 -44.02 37.30
C PRO D 142 52.60 -45.47 36.93
N ALA D 143 52.39 -46.35 37.90
CA ALA D 143 52.70 -47.76 37.71
C ALA D 143 51.68 -48.40 36.77
N GLY D 144 52.19 -49.09 35.75
CA GLY D 144 51.36 -49.81 34.81
C GLY D 144 51.33 -49.23 33.42
N VAL D 145 51.62 -47.94 33.26
CA VAL D 145 51.59 -47.31 31.96
C VAL D 145 52.83 -47.74 31.17
N ALA D 146 52.73 -47.72 29.85
CA ALA D 146 53.84 -48.05 28.97
C ALA D 146 53.99 -46.91 27.97
N LEU D 147 55.08 -46.19 28.06
CA LEU D 147 55.28 -45.05 27.17
C LEU D 147 55.97 -45.48 25.88
N PRO D 148 55.70 -44.80 24.77
CA PRO D 148 56.46 -45.04 23.54
C PRO D 148 57.89 -44.56 23.68
N PRO D 149 58.79 -45.01 22.80
CA PRO D 149 60.18 -44.49 22.84
C PRO D 149 60.24 -43.04 22.42
N GLY D 150 60.82 -42.20 23.29
CA GLY D 150 60.87 -40.78 23.02
C GLY D 150 59.62 -40.03 23.41
N SER D 151 59.07 -40.32 24.59
CA SER D 151 57.85 -39.67 25.05
C SER D 151 58.03 -39.25 26.51
N ASN D 152 57.12 -38.39 26.95
CA ASN D 152 57.09 -37.92 28.32
C ASN D 152 55.66 -37.98 28.82
N TYR D 153 55.50 -38.26 30.11
CA TYR D 153 54.19 -38.28 30.73
C TYR D 153 53.86 -36.91 31.30
N ASN D 154 52.67 -36.41 31.00
CA ASN D 154 52.09 -35.21 31.57
C ASN D 154 50.59 -35.41 31.62
N PRO D 155 49.96 -35.36 32.80
CA PRO D 155 48.54 -35.73 32.89
C PRO D 155 47.58 -34.67 32.37
N TYR D 156 48.06 -33.46 32.10
CA TYR D 156 47.22 -32.41 31.52
C TYR D 156 47.11 -32.54 30.01
N PHE D 157 47.89 -33.37 29.40
CA PHE D 157 47.76 -33.61 27.97
C PHE D 157 46.79 -34.76 27.74
N PRO D 158 45.83 -34.60 26.81
CA PRO D 158 44.86 -35.67 26.56
C PRO D 158 45.52 -36.90 25.94
N GLY D 159 45.50 -38.00 26.68
CA GLY D 159 46.17 -39.23 26.30
C GLY D 159 47.29 -39.62 27.23
N GLY D 160 47.90 -38.64 27.89
CA GLY D 160 48.91 -38.87 28.89
C GLY D 160 50.34 -38.72 28.41
N SER D 161 50.60 -38.92 27.12
CA SER D 161 51.95 -38.94 26.58
C SER D 161 52.14 -37.77 25.65
N ILE D 162 53.23 -37.01 25.86
CA ILE D 162 53.50 -35.78 25.15
C ILE D 162 54.92 -35.85 24.59
N ALA D 163 55.15 -35.10 23.52
CA ALA D 163 56.44 -35.08 22.84
C ALA D 163 57.35 -33.94 23.30
N MET D 164 56.94 -33.15 24.28
CA MET D 164 57.75 -32.08 24.84
C MET D 164 58.22 -32.49 26.24
N ALA D 165 59.52 -32.40 26.48
CA ALA D 165 60.08 -32.74 27.78
C ALA D 165 60.06 -31.52 28.70
N ARG D 166 60.49 -31.69 29.94
CA ARG D 166 60.49 -30.58 30.88
C ARG D 166 61.65 -29.65 30.58
N VAL D 167 61.34 -28.37 30.40
CA VAL D 167 62.33 -27.39 29.96
C VAL D 167 62.61 -26.31 30.99
N LEU D 168 61.86 -26.24 32.09
CA LEU D 168 62.07 -25.24 33.12
C LEU D 168 62.70 -25.87 34.34
N PHE D 169 63.81 -25.31 34.80
CA PHE D 169 64.46 -25.74 36.03
C PHE D 169 64.86 -24.51 36.82
N ASP D 170 65.40 -24.73 38.00
CA ASP D 170 65.66 -23.62 38.91
C ASP D 170 66.93 -22.88 38.55
N ASP D 171 66.83 -21.54 38.60
CA ASP D 171 67.94 -20.60 38.38
C ASP D 171 68.57 -20.74 37.00
N MET D 172 67.75 -20.94 35.99
CA MET D 172 68.26 -21.04 34.63
C MET D 172 68.29 -19.70 33.91
N VAL D 173 67.53 -18.72 34.37
CA VAL D 173 67.66 -17.34 33.92
C VAL D 173 68.06 -16.49 35.12
N GLU D 174 68.44 -15.25 34.85
CA GLU D 174 68.81 -14.30 35.90
C GLU D 174 68.10 -13.00 35.59
N TYR D 175 67.11 -12.64 36.41
CA TYR D 175 66.29 -11.48 36.13
C TYR D 175 67.04 -10.18 36.43
N GLU D 176 66.64 -9.12 35.73
CA GLU D 176 67.30 -7.83 35.89
C GLU D 176 66.82 -7.08 37.12
N ASP D 177 65.56 -7.23 37.50
CA ASP D 177 65.07 -6.58 38.71
C ASP D 177 65.49 -7.28 39.99
N GLY D 178 65.98 -8.52 39.89
CA GLY D 178 66.42 -9.25 41.06
C GLY D 178 65.43 -10.24 41.61
N THR D 179 64.41 -10.61 40.84
CA THR D 179 63.43 -11.57 41.31
C THR D 179 64.03 -12.98 41.28
N PRO D 180 63.85 -13.77 42.34
CA PRO D 180 64.35 -15.16 42.33
C PRO D 180 63.65 -16.01 41.27
N ALA D 181 64.44 -16.55 40.35
CA ALA D 181 63.91 -17.28 39.20
C ALA D 181 63.79 -18.76 39.55
N THR D 182 62.67 -19.10 40.19
CA THR D 182 62.34 -20.48 40.51
C THR D 182 61.54 -21.08 39.37
N THR D 183 61.09 -22.32 39.54
CA THR D 183 60.35 -22.99 38.48
C THR D 183 58.95 -22.38 38.32
N SER D 184 58.25 -22.19 39.42
CA SER D 184 56.92 -21.60 39.36
C SER D 184 56.94 -20.11 39.07
N GLN D 185 58.04 -19.43 39.38
CA GLN D 185 58.11 -18.00 39.11
C GLN D 185 58.28 -17.72 37.62
N MET D 186 59.18 -18.45 36.95
CA MET D 186 59.37 -18.28 35.52
C MET D 186 58.17 -18.77 34.73
N ALA D 187 57.49 -19.81 35.21
CA ALA D 187 56.31 -20.32 34.53
C ALA D 187 55.13 -19.37 34.65
N LYS D 188 55.12 -18.50 35.67
CA LYS D 188 54.07 -17.50 35.79
C LYS D 188 54.24 -16.40 34.77
N ASP D 189 55.48 -16.05 34.44
CA ASP D 189 55.75 -14.89 33.61
C ASP D 189 55.61 -15.16 32.12
N VAL D 190 55.84 -16.39 31.66
CA VAL D 190 55.57 -16.72 30.26
C VAL D 190 54.08 -16.68 29.98
N THR D 191 53.26 -17.11 30.94
CA THR D 191 51.82 -17.16 30.72
C THR D 191 51.20 -15.76 30.78
N THR D 192 51.82 -14.84 31.52
CA THR D 192 51.36 -13.46 31.47
C THR D 192 51.79 -12.78 30.19
N PHE D 193 52.98 -13.11 29.69
CA PHE D 193 53.44 -12.55 28.43
C PHE D 193 52.67 -13.14 27.25
N LEU D 194 52.43 -14.45 27.28
CA LEU D 194 51.76 -15.10 26.16
C LEU D 194 50.28 -14.77 26.09
N ASN D 195 49.66 -14.40 27.20
CA ASN D 195 48.28 -13.93 27.15
C ASN D 195 48.19 -12.56 26.52
N TRP D 196 49.24 -11.74 26.68
CA TRP D 196 49.28 -10.44 26.00
C TRP D 196 49.46 -10.61 24.49
N CYS D 197 50.22 -11.62 24.07
CA CYS D 197 50.42 -11.88 22.65
C CYS D 197 49.14 -12.30 21.96
N ALA D 198 48.20 -12.92 22.69
CA ALA D 198 46.92 -13.26 22.11
C ALA D 198 45.95 -12.08 22.18
N GLU D 199 45.98 -11.31 23.26
CA GLU D 199 45.03 -10.22 23.49
C GLU D 199 45.75 -8.93 23.86
N PRO D 200 46.25 -8.20 22.86
CA PRO D 200 46.90 -6.91 23.15
C PRO D 200 45.94 -5.76 23.40
N GLU D 201 44.63 -5.96 23.24
CA GLU D 201 43.64 -4.92 23.44
C GLU D 201 43.01 -4.97 24.83
N HIS D 202 43.55 -5.84 25.71
CA HIS D 202 42.88 -6.25 26.94
C HIS D 202 42.69 -5.10 27.92
N ASP D 203 43.70 -4.25 28.09
CA ASP D 203 43.55 -3.12 29.01
C ASP D 203 42.73 -1.99 28.41
N GLU D 204 42.78 -1.82 27.09
CA GLU D 204 41.96 -0.81 26.44
C GLU D 204 40.50 -1.22 26.41
N ARG D 205 40.23 -2.53 26.32
CA ARG D 205 38.85 -3.02 26.19
C ARG D 205 38.05 -2.79 27.47
N LYS D 206 38.63 -3.10 28.62
CA LYS D 206 37.92 -2.98 29.89
C LYS D 206 37.74 -1.54 30.35
N ARG D 207 38.39 -0.57 29.72
CA ARG D 207 38.16 0.83 30.04
C ARG D 207 37.02 1.44 29.23
N LEU D 208 36.83 0.99 27.99
CA LEU D 208 35.66 1.39 27.23
C LEU D 208 34.43 0.57 27.61
N GLY D 209 34.62 -0.59 28.23
CA GLY D 209 33.50 -1.30 28.80
C GLY D 209 32.95 -0.65 30.05
N LEU D 210 33.76 0.17 30.72
CA LEU D 210 33.28 0.89 31.88
C LEU D 210 32.37 2.04 31.49
N LYS D 211 32.75 2.76 30.43
CA LYS D 211 31.96 3.92 30.02
C LYS D 211 30.64 3.52 29.39
N THR D 212 30.58 2.38 28.72
CA THR D 212 29.36 1.95 28.05
C THR D 212 28.34 1.40 29.03
N VAL D 213 28.79 0.71 30.07
CA VAL D 213 27.86 0.09 31.01
C VAL D 213 27.27 1.13 31.97
N ILE D 214 28.05 2.13 32.36
CA ILE D 214 27.53 3.21 33.20
C ILE D 214 26.50 4.04 32.45
N ILE D 215 26.76 4.33 31.17
CA ILE D 215 25.84 5.11 30.36
C ILE D 215 24.55 4.34 30.10
N LEU D 216 24.65 3.07 29.75
CA LEU D 216 23.48 2.29 29.37
C LEU D 216 22.65 1.86 30.56
N SER D 217 23.21 1.85 31.77
CA SER D 217 22.41 1.54 32.95
C SER D 217 21.62 2.74 33.43
N SER D 218 22.16 3.95 33.28
CA SER D 218 21.40 5.15 33.59
C SER D 218 20.39 5.49 32.51
N LEU D 219 20.53 4.94 31.31
CA LEU D 219 19.48 5.07 30.31
C LEU D 219 18.39 4.03 30.51
N TYR D 220 18.73 2.88 31.07
CA TYR D 220 17.72 1.86 31.32
C TYR D 220 16.87 2.18 32.54
N LEU D 221 17.45 2.86 33.53
CA LEU D 221 16.66 3.23 34.70
C LEU D 221 15.72 4.38 34.41
N LEU D 222 16.12 5.32 33.56
CA LEU D 222 15.26 6.45 33.23
C LEU D 222 14.09 6.06 32.34
N SER D 223 14.23 5.01 31.53
CA SER D 223 13.14 4.60 30.67
C SER D 223 12.04 3.89 31.44
N ILE D 224 12.34 3.29 32.58
CA ILE D 224 11.32 2.69 33.43
C ILE D 224 10.50 3.75 34.12
N TRP D 225 11.14 4.84 34.56
CA TRP D 225 10.43 5.95 35.17
C TRP D 225 9.56 6.68 34.15
N VAL D 226 10.08 6.89 32.94
CA VAL D 226 9.36 7.66 31.94
C VAL D 226 8.14 6.88 31.45
N LYS D 227 8.26 5.55 31.36
CA LYS D 227 7.15 4.72 30.89
C LYS D 227 6.00 4.72 31.88
N LYS D 228 6.29 4.66 33.18
CA LYS D 228 5.24 4.60 34.18
C LYS D 228 4.53 5.94 34.35
N PHE D 229 5.16 7.05 33.99
CA PHE D 229 4.46 8.33 34.03
C PHE D 229 3.47 8.46 32.88
N LYS D 230 3.86 8.05 31.67
CA LYS D 230 2.97 8.15 30.52
C LYS D 230 1.91 7.06 30.49
N TRP D 231 2.04 6.02 31.32
CA TRP D 231 1.05 4.95 31.37
C TRP D 231 0.16 5.06 32.60
N ALA D 232 0.15 6.21 33.27
CA ALA D 232 -0.61 6.32 34.50
C ALA D 232 -2.11 6.47 34.24
N GLY D 233 -2.48 7.13 33.15
CA GLY D 233 -3.90 7.35 32.86
C GLY D 233 -4.64 6.12 32.40
N ILE D 234 -3.93 5.14 31.85
CA ILE D 234 -4.58 3.92 31.38
C ILE D 234 -4.78 2.94 32.52
N LYS D 235 -3.86 2.88 33.47
CA LYS D 235 -3.98 1.93 34.58
C LYS D 235 -5.03 2.34 35.60
N THR D 236 -5.44 3.61 35.62
CA THR D 236 -6.38 4.14 36.60
C THR D 236 -7.72 4.49 35.95
N ARG D 237 -7.93 4.05 34.71
CA ARG D 237 -9.18 4.28 34.01
C ARG D 237 -10.29 3.37 34.54
N LYS D 238 -11.50 3.92 34.66
CA LYS D 238 -12.62 3.24 35.30
C LYS D 238 -13.73 2.97 34.30
N PHE D 239 -14.70 2.13 34.69
CA PHE D 239 -15.73 1.65 33.75
C PHE D 239 -17.00 1.29 34.50
N VAL D 240 -18.11 1.95 34.17
CA VAL D 240 -19.41 1.70 34.78
C VAL D 240 -20.39 1.27 33.69
N PHE D 241 -21.30 0.34 34.02
CA PHE D 241 -22.28 -0.17 33.06
C PHE D 241 -23.69 0.01 33.61
N ASN D 242 -24.52 0.73 32.88
CA ASN D 242 -25.94 0.84 33.16
C ASN D 242 -26.70 0.30 31.96
N PRO D 243 -27.53 -0.73 32.11
CA PRO D 243 -28.20 -1.34 30.96
C PRO D 243 -29.21 -0.40 30.33
N PRO D 244 -29.24 -0.33 29.00
CA PRO D 244 -30.15 0.61 28.33
C PRO D 244 -31.60 0.19 28.43
N LYS D 245 -32.49 1.14 28.19
CA LYS D 245 -33.91 0.86 28.21
C LYS D 245 -34.32 0.19 26.90
N PRO D 246 -35.00 -0.94 26.96
CA PRO D 246 -35.04 -1.88 25.82
C PRO D 246 -36.17 -1.77 24.78
N ARG D 247 -36.21 -0.64 24.06
CA ARG D 247 -36.90 -0.69 22.77
C ARG D 247 -36.19 0.15 21.72
N LYS D 248 -34.88 -0.02 21.58
CA LYS D 248 -34.19 0.63 20.47
C LYS D 248 -34.37 -0.18 19.18
N LYS E 1 -25.95 3.83 39.39
CA LYS E 1 -26.06 5.18 39.92
C LYS E 1 -26.06 6.23 38.82
N SER E 2 -25.85 7.47 39.21
CA SER E 2 -25.82 8.57 38.26
C SER E 2 -24.50 8.60 37.51
N THR E 3 -24.52 9.20 36.33
CA THR E 3 -23.28 9.43 35.59
C THR E 3 -22.59 10.70 36.04
N TYR E 4 -23.21 11.49 36.90
CA TYR E 4 -22.60 12.70 37.44
C TYR E 4 -21.86 12.43 38.74
N ARG E 5 -21.84 11.20 39.21
CA ARG E 5 -21.16 10.81 40.44
C ARG E 5 -19.92 10.01 40.07
N THR E 6 -18.79 10.70 39.98
CA THR E 6 -17.53 10.08 39.59
C THR E 6 -16.94 9.30 40.78
N PRO E 7 -16.29 8.16 40.52
CA PRO E 7 -15.72 7.39 41.62
C PRO E 7 -14.47 8.05 42.19
N ASN E 8 -13.96 7.46 43.27
CA ASN E 8 -12.91 8.10 44.05
C ASN E 8 -11.54 7.86 43.45
N PHE E 9 -10.74 8.93 43.40
CA PHE E 9 -9.36 8.88 42.93
C PHE E 9 -8.37 9.30 44.01
N ASP E 10 -8.83 9.53 45.24
CA ASP E 10 -7.97 9.97 46.34
C ASP E 10 -6.99 8.90 46.80
N ASP E 11 -7.17 7.65 46.36
CA ASP E 11 -6.16 6.63 46.60
C ASP E 11 -4.89 6.86 45.78
N VAL E 12 -5.02 7.50 44.61
CA VAL E 12 -3.87 7.77 43.76
C VAL E 12 -3.60 9.26 43.57
N LEU E 13 -4.49 10.13 44.03
CA LEU E 13 -4.29 11.56 43.81
C LEU E 13 -3.34 12.14 44.86
N LYS E 14 -2.84 13.33 44.56
CA LYS E 14 -2.07 14.10 45.52
C LYS E 14 -3.00 14.92 46.41
N GLU E 15 -2.46 15.38 47.55
CA GLU E 15 -3.18 16.30 48.41
C GLU E 15 -2.91 17.76 48.07
N ASN E 16 -2.16 18.01 47.00
CA ASN E 16 -1.85 19.35 46.53
C ASN E 16 -1.52 19.27 45.06
N ASN E 17 -2.15 20.11 44.24
CA ASN E 17 -1.91 20.09 42.81
C ASN E 17 -0.51 20.64 42.54
N ASP E 18 -0.31 21.94 42.81
CA ASP E 18 0.97 22.64 42.81
C ASP E 18 1.66 22.53 41.44
N ALA E 19 1.00 23.18 40.40
CA ALA E 19 1.19 22.90 38.97
C ALA E 19 2.63 23.05 38.46
N ASP E 20 3.55 23.58 39.27
CA ASP E 20 4.97 23.53 38.94
C ASP E 20 5.66 22.26 39.44
N LYS E 21 5.03 21.51 40.36
CA LYS E 21 5.60 20.23 40.80
C LYS E 21 5.50 19.18 39.71
N GLY E 22 4.41 19.19 38.92
CA GLY E 22 4.24 18.18 37.89
C GLY E 22 5.00 18.48 36.62
N ARG E 23 5.20 19.76 36.31
CA ARG E 23 5.86 20.15 35.07
C ARG E 23 7.30 20.58 35.28
N SER E 24 7.92 20.22 36.40
CA SER E 24 9.35 20.34 36.57
C SER E 24 10.03 18.99 36.69
N TYR E 25 9.42 18.06 37.43
CA TYR E 25 10.00 16.74 37.57
C TYR E 25 9.76 15.86 36.35
N ALA E 26 8.79 16.20 35.51
CA ALA E 26 8.52 15.43 34.30
C ALA E 26 9.21 15.99 33.08
N TYR E 27 9.94 17.09 33.21
CA TYR E 27 10.77 17.60 32.14
C TYR E 27 12.25 17.50 32.45
N PHE E 28 12.60 17.24 33.70
CA PHE E 28 13.98 16.92 34.04
C PHE E 28 14.34 15.50 33.60
N MET E 29 13.42 14.55 33.75
CA MET E 29 13.71 13.15 33.44
C MET E 29 13.63 12.87 31.95
N VAL E 30 12.70 13.51 31.24
CA VAL E 30 12.65 13.31 29.78
C VAL E 30 13.77 14.10 29.12
N GLY E 31 14.19 15.21 29.71
CA GLY E 31 15.30 15.97 29.16
C GLY E 31 16.65 15.30 29.38
N ALA E 32 16.82 14.65 30.54
CA ALA E 32 18.08 13.97 30.81
C ALA E 32 18.20 12.68 30.03
N MET E 33 17.08 12.04 29.69
CA MET E 33 17.13 10.86 28.84
C MET E 33 17.45 11.21 27.39
N GLY E 34 17.22 12.45 26.98
CA GLY E 34 17.57 12.87 25.65
C GLY E 34 18.95 13.49 25.59
N LEU E 35 19.48 13.89 26.76
CA LEU E 35 20.85 14.37 26.80
C LEU E 35 21.85 13.23 26.74
N LEU E 36 21.56 12.13 27.44
CA LEU E 36 22.46 10.97 27.40
C LEU E 36 22.40 10.27 26.07
N SER E 37 21.25 10.29 25.39
CA SER E 37 21.15 9.66 24.08
C SER E 37 21.83 10.47 22.99
N SER E 38 22.00 11.77 23.20
CA SER E 38 22.72 12.58 22.22
C SER E 38 24.21 12.33 22.29
N ALA E 39 24.74 12.15 23.50
CA ALA E 39 26.13 11.75 23.71
C ALA E 39 26.33 10.25 23.55
N GLY E 40 25.27 9.47 23.60
CA GLY E 40 25.39 8.04 23.40
C GLY E 40 25.41 7.69 21.93
N ALA E 41 24.54 8.31 21.14
CA ALA E 41 24.50 8.04 19.71
C ALA E 41 25.62 8.73 18.96
N LYS E 42 26.27 9.70 19.60
CA LYS E 42 27.39 10.43 18.94
C LYS E 42 28.66 9.57 19.01
N SER E 43 28.87 8.88 20.13
CA SER E 43 30.06 8.06 20.31
C SER E 43 30.03 6.81 19.45
N THR E 44 28.84 6.27 19.15
CA THR E 44 28.79 5.07 18.32
C THR E 44 29.09 5.40 16.87
N VAL E 45 28.67 6.58 16.39
CA VAL E 45 28.92 6.94 15.00
C VAL E 45 30.41 7.20 14.78
N GLU E 46 31.09 7.77 15.77
CA GLU E 46 32.50 8.08 15.62
C GLU E 46 33.38 6.83 15.64
N THR E 47 32.96 5.75 16.31
CA THR E 47 33.77 4.55 16.30
C THR E 47 33.65 3.81 14.98
N PHE E 48 32.50 3.86 14.32
CA PHE E 48 32.38 3.25 13.00
C PHE E 48 33.13 4.06 11.96
N ILE E 49 33.18 5.38 12.12
CA ILE E 49 33.88 6.25 11.19
C ILE E 49 35.39 6.12 11.36
N SER E 50 35.86 5.89 12.59
CA SER E 50 37.29 5.82 12.85
C SER E 50 37.94 4.53 12.37
N SER E 51 37.17 3.52 11.97
CA SER E 51 37.76 2.30 11.45
C SER E 51 38.18 2.42 9.99
N MET E 52 37.80 3.51 9.33
CA MET E 52 38.15 3.73 7.93
C MET E 52 39.37 4.61 7.77
N THR E 53 40.04 4.97 8.86
CA THR E 53 41.29 5.70 8.78
C THR E 53 42.44 4.71 8.56
N ALA E 54 43.67 5.19 8.65
CA ALA E 54 44.82 4.33 8.36
C ALA E 54 45.06 3.35 9.50
N THR E 55 45.37 2.11 9.14
CA THR E 55 45.59 1.07 10.14
C THR E 55 46.98 1.21 10.73
N ALA E 56 47.30 0.33 11.68
CA ALA E 56 48.54 0.44 12.45
C ALA E 56 49.76 0.10 11.61
N ASP E 57 49.62 -0.81 10.66
CA ASP E 57 50.73 -1.19 9.81
C ASP E 57 50.85 -0.33 8.55
N VAL E 58 49.92 0.58 8.32
CA VAL E 58 50.07 1.55 7.24
C VAL E 58 50.87 2.75 7.72
N LEU E 59 50.58 3.24 8.92
CA LEU E 59 51.33 4.36 9.50
C LEU E 59 52.75 3.97 9.91
N ALA E 60 53.06 2.68 10.00
CA ALA E 60 54.40 2.25 10.33
C ALA E 60 55.34 2.34 9.13
N MET E 61 54.81 2.26 7.92
CA MET E 61 55.58 2.37 6.69
C MET E 61 55.50 3.76 6.08
N ALA E 62 55.31 4.80 6.90
CA ALA E 62 55.12 6.15 6.39
C ALA E 62 56.41 6.93 6.27
N LYS E 63 57.47 6.54 6.97
CA LYS E 63 58.72 7.28 6.99
C LYS E 63 59.88 6.33 6.71
N VAL E 64 60.87 6.84 5.99
CA VAL E 64 62.06 6.07 5.63
C VAL E 64 63.27 6.76 6.24
N GLU E 65 64.14 6.00 6.91
CA GLU E 65 65.34 6.52 7.54
C GLU E 65 66.53 6.30 6.62
N VAL E 66 67.32 7.36 6.42
CA VAL E 66 68.54 7.31 5.64
C VAL E 66 69.71 7.59 6.57
N ASN E 67 70.75 6.77 6.49
CA ASN E 67 71.93 6.99 7.32
C ASN E 67 72.99 7.73 6.53
N LEU E 68 74.06 8.13 7.22
CA LEU E 68 75.20 8.79 6.57
C LEU E 68 76.25 7.78 6.09
N ALA E 69 75.82 6.72 5.41
CA ALA E 69 76.78 5.75 4.89
C ALA E 69 76.45 5.14 3.53
N ALA E 70 75.22 5.25 3.01
CA ALA E 70 74.74 4.27 2.03
C ALA E 70 74.11 4.91 0.79
N ILE E 71 74.42 6.16 0.47
CA ILE E 71 74.04 6.78 -0.78
C ILE E 71 75.27 7.41 -1.41
N PRO E 72 75.78 6.82 -2.50
CA PRO E 72 76.90 7.45 -3.22
C PRO E 72 76.42 8.51 -4.19
N LEU E 73 77.28 9.15 -4.92
CA LEU E 73 77.08 10.47 -5.55
C LEU E 73 76.02 10.48 -6.65
N GLY E 74 76.38 9.76 -7.86
CA GLY E 74 75.41 9.89 -8.94
C GLY E 74 74.58 8.65 -9.22
N LYS E 75 73.45 8.54 -8.54
CA LYS E 75 72.48 7.45 -8.66
C LYS E 75 71.11 8.04 -8.31
N ASN E 76 70.37 8.47 -9.34
CA ASN E 76 69.00 8.94 -9.15
C ASN E 76 68.05 7.75 -9.21
N VAL E 77 67.87 7.10 -8.06
CA VAL E 77 66.88 6.04 -7.97
C VAL E 77 65.52 6.62 -7.60
N VAL E 78 64.48 6.20 -8.31
CA VAL E 78 63.12 6.67 -8.03
C VAL E 78 62.49 5.73 -7.00
N VAL E 79 62.62 6.09 -5.73
CA VAL E 79 62.16 5.27 -4.62
C VAL E 79 60.66 5.47 -4.45
N LYS E 80 59.93 4.36 -4.28
CA LYS E 80 58.50 4.43 -4.02
C LYS E 80 58.30 4.55 -2.52
N TRP E 81 58.49 5.78 -2.03
CA TRP E 81 58.26 6.11 -0.63
C TRP E 81 56.84 6.62 -0.46
N GLN E 82 56.12 6.03 0.50
CA GLN E 82 54.76 6.45 0.90
C GLN E 82 53.78 6.38 -0.27
N GLY E 83 54.01 5.42 -1.17
CA GLY E 83 53.20 5.30 -2.37
C GLY E 83 53.44 6.34 -3.42
N LYS E 84 54.48 7.17 -3.27
CA LYS E 84 54.74 8.30 -4.14
C LYS E 84 56.16 8.26 -4.67
N PRO E 85 56.39 8.69 -5.90
CA PRO E 85 57.76 8.75 -6.41
C PRO E 85 58.55 9.89 -5.79
N VAL E 86 59.88 9.73 -5.78
CA VAL E 86 60.78 10.69 -5.15
C VAL E 86 62.12 10.59 -5.88
N PHE E 87 62.95 11.61 -5.74
CA PHE E 87 64.24 11.68 -6.41
C PHE E 87 65.34 11.87 -5.37
N ILE E 88 66.24 10.90 -5.27
CA ILE E 88 67.20 10.81 -4.17
C ILE E 88 68.60 10.65 -4.74
N ARG E 89 69.49 11.60 -4.46
CA ARG E 89 70.92 11.46 -4.69
C ARG E 89 71.66 12.52 -3.88
N HIS E 90 72.96 12.31 -3.73
CA HIS E 90 73.88 13.28 -3.13
C HIS E 90 74.64 13.96 -4.26
N ARG E 91 74.87 15.26 -4.12
CA ARG E 91 75.63 15.99 -5.12
C ARG E 91 76.54 17.02 -4.44
N THR E 92 77.47 17.56 -5.22
CA THR E 92 78.42 18.55 -4.73
C THR E 92 77.68 19.84 -4.36
N PRO E 93 78.16 20.60 -3.36
CA PRO E 93 77.47 21.83 -2.96
C PRO E 93 77.86 23.06 -3.77
N HIS E 94 78.49 22.85 -4.93
CA HIS E 94 79.08 23.93 -5.69
C HIS E 94 78.41 24.17 -7.04
N GLU E 95 77.80 23.14 -7.63
CA GLU E 95 77.57 23.21 -9.06
C GLU E 95 76.20 23.81 -9.39
N ILE E 96 75.36 24.09 -8.39
CA ILE E 96 74.09 24.78 -8.62
C ILE E 96 74.33 26.29 -8.72
N GLN E 97 75.58 26.72 -8.51
CA GLN E 97 75.99 28.05 -8.93
C GLN E 97 76.02 28.21 -10.45
N GLU E 98 76.01 27.11 -11.20
CA GLU E 98 76.04 27.15 -12.66
C GLU E 98 74.65 27.27 -13.29
N ALA E 99 73.61 26.68 -12.69
CA ALA E 99 72.34 26.56 -13.40
C ALA E 99 71.45 27.78 -13.18
N ASN E 100 71.31 28.21 -11.93
CA ASN E 100 70.37 29.29 -11.60
C ASN E 100 71.07 30.58 -11.26
N SER E 101 72.11 30.92 -12.03
CA SER E 101 72.76 32.21 -11.95
C SER E 101 72.12 33.25 -12.85
N VAL E 102 70.76 33.17 -13.04
CA VAL E 102 70.16 34.09 -13.99
C VAL E 102 69.91 35.42 -13.29
N ASP E 103 68.96 35.56 -12.39
CA ASP E 103 68.65 36.49 -11.30
C ASP E 103 67.56 35.86 -10.46
N MET E 104 67.00 36.69 -9.58
CA MET E 104 65.98 36.26 -8.63
C MET E 104 64.70 35.83 -9.33
N SER E 105 64.08 36.73 -10.09
CA SER E 105 62.68 36.55 -10.48
C SER E 105 62.50 36.69 -11.99
N ALA E 106 63.37 36.02 -12.76
CA ALA E 106 63.11 35.84 -14.18
C ALA E 106 62.08 34.76 -14.47
N LEU E 107 61.61 34.07 -13.45
CA LEU E 107 60.73 32.92 -13.59
C LEU E 107 59.35 33.34 -13.09
N LYS E 108 58.43 32.38 -13.00
CA LYS E 108 57.09 32.68 -12.49
C LYS E 108 57.12 33.03 -11.01
N ASP E 109 57.46 32.07 -10.15
CA ASP E 109 57.35 32.44 -8.74
C ASP E 109 58.74 32.73 -8.17
N PRO E 110 58.83 33.69 -7.22
CA PRO E 110 60.14 34.07 -6.69
C PRO E 110 60.75 33.03 -5.75
N GLN E 111 61.45 32.05 -6.31
CA GLN E 111 62.04 30.98 -5.51
C GLN E 111 63.29 30.47 -6.21
N THR E 112 64.46 30.70 -5.60
CA THR E 112 65.70 30.17 -6.18
C THR E 112 66.42 29.20 -5.27
N ASP E 113 66.80 29.61 -4.04
CA ASP E 113 67.70 28.78 -3.25
C ASP E 113 67.39 28.69 -1.76
N ALA E 114 66.48 29.49 -1.21
CA ALA E 114 66.43 29.68 0.25
C ALA E 114 65.87 28.45 0.96
N ASP E 115 64.62 28.10 0.68
CA ASP E 115 64.06 26.85 1.15
C ASP E 115 64.14 25.74 0.10
N ARG E 116 65.13 25.82 -0.79
CA ARG E 116 65.39 24.76 -1.77
C ARG E 116 65.85 23.49 -1.09
N VAL E 117 66.93 23.57 -0.33
CA VAL E 117 67.44 22.46 0.46
C VAL E 117 67.89 23.02 1.81
N LYS E 118 67.21 22.61 2.88
CA LYS E 118 67.69 22.97 4.21
C LYS E 118 68.94 22.17 4.57
N ASP E 119 69.11 21.00 3.96
CA ASP E 119 70.37 20.29 3.95
C ASP E 119 71.12 20.67 2.68
N PRO E 120 72.10 21.57 2.77
CA PRO E 120 72.61 22.24 1.56
C PRO E 120 73.44 21.35 0.64
N GLN E 121 73.80 20.14 1.05
CA GLN E 121 74.65 19.27 0.24
C GLN E 121 73.97 17.98 -0.18
N TRP E 122 72.64 17.97 -0.32
CA TRP E 122 71.89 16.82 -0.78
C TRP E 122 70.83 17.24 -1.80
N LEU E 123 70.16 16.24 -2.39
CA LEU E 123 69.06 16.46 -3.33
C LEU E 123 67.89 15.52 -3.02
N ILE E 124 66.73 16.12 -2.76
CA ILE E 124 65.49 15.41 -2.48
C ILE E 124 64.38 16.18 -3.18
N MET E 125 63.52 15.47 -3.93
CA MET E 125 62.43 16.14 -4.64
C MET E 125 61.29 15.15 -4.88
N LEU E 126 60.05 15.61 -4.71
CA LEU E 126 58.89 14.80 -5.06
C LEU E 126 58.65 14.82 -6.57
N GLY E 127 57.73 13.96 -7.01
CA GLY E 127 57.47 13.79 -8.43
C GLY E 127 56.02 13.95 -8.79
N ILE E 128 55.22 14.44 -7.85
CA ILE E 128 53.80 14.71 -8.09
C ILE E 128 53.69 16.11 -8.70
N CYS E 129 53.13 16.18 -9.90
CA CYS E 129 52.94 17.43 -10.61
C CYS E 129 51.61 18.07 -10.21
N THR E 130 51.40 19.29 -10.68
CA THR E 130 50.20 20.04 -10.31
C THR E 130 48.97 19.48 -11.02
N HIS E 131 49.11 19.10 -12.29
CA HIS E 131 47.97 18.55 -13.03
C HIS E 131 47.77 17.07 -12.74
N LEU E 132 48.80 16.25 -12.97
CA LEU E 132 48.60 14.81 -13.02
C LEU E 132 49.51 14.01 -12.10
N GLY E 133 50.78 14.36 -11.99
CA GLY E 133 51.75 13.52 -11.32
C GLY E 133 52.63 12.77 -12.30
N CYS E 134 53.06 13.46 -13.35
CA CYS E 134 53.82 12.83 -14.42
C CYS E 134 55.23 12.47 -13.95
N VAL E 135 55.88 11.63 -14.75
CA VAL E 135 57.14 10.99 -14.35
C VAL E 135 58.23 11.28 -15.39
N PRO E 136 59.41 11.74 -14.96
CA PRO E 136 60.48 12.01 -15.93
C PRO E 136 61.43 10.85 -16.13
N ILE E 137 62.43 11.05 -16.98
CA ILE E 137 63.59 10.17 -17.11
C ILE E 137 64.78 10.85 -16.43
N GLY E 138 65.64 10.04 -15.80
CA GLY E 138 66.79 10.58 -15.11
C GLY E 138 68.06 10.53 -15.94
N GLU E 139 69.04 11.33 -15.51
CA GLU E 139 70.37 11.42 -16.12
C GLU E 139 70.30 11.80 -17.60
N ALA E 140 69.45 12.77 -17.91
CA ALA E 140 69.28 13.27 -19.26
C ALA E 140 68.82 14.72 -19.21
N GLY E 141 69.52 15.58 -19.93
CA GLY E 141 69.23 17.00 -19.92
C GLY E 141 70.49 17.79 -20.20
N ASP E 142 70.56 18.98 -19.62
CA ASP E 142 71.77 19.79 -19.73
C ASP E 142 72.85 19.27 -18.79
N PHE E 143 72.46 18.88 -17.58
CA PHE E 143 73.35 18.28 -16.60
C PHE E 143 73.07 16.81 -16.37
N GLY E 144 71.90 16.32 -16.79
CA GLY E 144 71.46 15.01 -16.41
C GLY E 144 70.27 15.12 -15.47
N GLY E 145 69.42 16.10 -15.73
CA GLY E 145 68.30 16.37 -14.86
C GLY E 145 66.99 15.76 -15.30
N TRP E 146 66.04 16.60 -15.70
CA TRP E 146 64.65 16.21 -15.90
C TRP E 146 64.28 16.29 -17.38
N PHE E 147 63.88 15.16 -17.94
CA PHE E 147 63.12 15.11 -19.18
C PHE E 147 61.78 14.45 -18.83
N CYS E 148 60.74 15.28 -18.64
CA CYS E 148 59.40 14.83 -18.30
C CYS E 148 58.47 15.12 -19.47
N PRO E 149 58.43 14.22 -20.48
CA PRO E 149 57.64 14.44 -21.70
C PRO E 149 56.20 13.91 -21.57
N CYS E 150 55.40 14.62 -20.78
CA CYS E 150 54.05 14.17 -20.47
C CYS E 150 53.00 15.06 -21.09
N HIS E 151 52.88 16.32 -20.64
CA HIS E 151 52.06 17.31 -21.33
C HIS E 151 52.76 18.66 -21.37
N GLY E 152 54.07 18.70 -21.15
CA GLY E 152 54.69 19.95 -20.79
C GLY E 152 56.13 19.89 -20.32
N SER E 153 56.34 20.46 -19.14
CA SER E 153 57.63 20.98 -18.70
C SER E 153 58.71 19.93 -18.53
N HIS E 154 59.93 20.32 -18.92
CA HIS E 154 61.17 19.78 -18.40
C HIS E 154 61.68 20.71 -17.30
N TYR E 155 62.72 20.28 -16.60
CA TYR E 155 63.20 21.01 -15.43
C TYR E 155 64.73 21.00 -15.46
N ASP E 156 65.34 21.30 -14.32
CA ASP E 156 66.79 21.46 -14.19
C ASP E 156 67.24 20.67 -12.96
N ILE E 157 68.46 20.97 -12.49
CA ILE E 157 68.96 20.38 -11.24
C ILE E 157 68.06 20.79 -10.08
N SER E 158 67.64 22.05 -10.05
CA SER E 158 66.82 22.56 -8.95
C SER E 158 65.43 21.95 -8.98
N GLY E 159 64.70 22.17 -10.07
CA GLY E 159 63.33 21.69 -10.15
C GLY E 159 62.42 22.75 -10.70
N ARG E 160 63.00 23.82 -11.24
CA ARG E 160 62.19 24.79 -11.94
C ARG E 160 62.45 24.71 -13.45
N ILE E 161 61.64 25.43 -14.21
CA ILE E 161 61.33 25.01 -15.56
C ILE E 161 62.37 25.48 -16.56
N ARG E 162 62.46 24.73 -17.65
CA ARG E 162 63.13 25.12 -18.89
C ARG E 162 62.16 25.13 -20.07
N LYS E 163 60.93 24.64 -19.86
CA LYS E 163 59.99 24.35 -20.92
C LYS E 163 58.60 24.38 -20.30
N GLY E 164 57.58 24.68 -21.10
CA GLY E 164 56.19 24.55 -20.67
C GLY E 164 55.70 25.66 -19.76
N PRO E 165 54.35 25.76 -19.60
CA PRO E 165 53.79 26.79 -18.70
C PRO E 165 54.09 26.58 -17.22
N ALA E 166 53.61 25.39 -16.64
CA ALA E 166 53.91 24.92 -15.29
C ALA E 166 53.69 25.93 -14.18
N PRO E 167 52.45 26.30 -13.74
CA PRO E 167 52.19 27.35 -12.75
C PRO E 167 52.85 27.19 -11.38
N LEU E 168 52.63 26.06 -10.70
CA LEU E 168 52.99 25.92 -9.30
C LEU E 168 54.18 24.97 -9.15
N ASN E 169 54.96 25.17 -8.10
CA ASN E 169 56.23 24.49 -7.88
C ASN E 169 56.00 23.10 -7.27
N LEU E 170 56.89 22.17 -7.61
CA LEU E 170 56.81 20.82 -7.04
C LEU E 170 57.24 20.87 -5.59
N GLU E 171 56.73 19.93 -4.79
CA GLU E 171 56.85 20.06 -3.34
C GLU E 171 58.15 19.47 -2.83
N ILE E 172 58.77 20.18 -1.87
CA ILE E 172 59.88 19.66 -1.08
C ILE E 172 59.28 18.96 0.13
N PRO E 173 59.60 17.70 0.37
CA PRO E 173 59.09 17.02 1.56
C PRO E 173 59.92 17.39 2.79
N ALA E 174 59.41 16.99 3.96
CA ALA E 174 60.03 17.35 5.23
C ALA E 174 60.96 16.22 5.65
N TYR E 175 62.24 16.37 5.36
CA TYR E 175 63.27 15.43 5.77
C TYR E 175 64.09 16.04 6.89
N GLU E 176 64.31 15.27 7.96
CA GLU E 176 64.87 15.81 9.19
C GLU E 176 66.15 15.08 9.55
N PHE E 177 66.73 15.46 10.70
CA PHE E 177 68.02 14.96 11.14
C PHE E 177 67.93 14.62 12.62
N ASP E 178 68.12 13.34 12.96
CA ASP E 178 67.79 12.87 14.29
C ASP E 178 69.00 12.52 15.14
N GLY E 179 69.80 11.54 14.71
CA GLY E 179 70.91 11.07 15.53
C GLY E 179 72.14 10.68 14.75
N ASP E 180 72.37 11.36 13.62
CA ASP E 180 73.13 11.06 12.36
C ASP E 180 72.29 10.16 11.45
N LYS E 181 71.00 10.10 11.67
CA LYS E 181 70.05 9.42 10.81
C LYS E 181 69.15 10.46 10.18
N VAL E 182 68.70 10.21 8.96
CA VAL E 182 67.85 11.15 8.22
C VAL E 182 66.55 10.46 7.90
N ILE E 183 65.47 10.86 8.58
CA ILE E 183 64.13 10.36 8.30
C ILE E 183 63.51 11.24 7.23
N VAL E 184 62.97 10.61 6.20
CA VAL E 184 62.37 11.35 5.09
C VAL E 184 60.86 11.31 5.32
N GLY E 185 60.23 12.47 5.22
CA GLY E 185 58.80 12.59 5.48
C GLY E 185 58.45 12.96 6.91
N MET F 1 -15.11 -11.55 -5.44
CA MET F 1 -14.13 -11.11 -6.41
C MET F 1 -13.10 -12.19 -6.70
N ALA F 2 -12.24 -11.94 -7.68
CA ALA F 2 -11.23 -12.91 -8.09
C ALA F 2 -10.15 -13.06 -7.02
N PHE F 3 -9.40 -14.16 -7.11
CA PHE F 3 -8.36 -14.42 -6.12
C PHE F 3 -7.19 -13.47 -6.26
N ARG F 4 -6.93 -12.99 -7.47
CA ARG F 4 -5.86 -12.03 -7.71
C ARG F 4 -6.16 -10.64 -7.18
N LYS F 5 -7.37 -10.39 -6.67
CA LYS F 5 -7.72 -9.10 -6.10
C LYS F 5 -7.99 -9.16 -4.61
N SER F 6 -8.07 -10.36 -4.02
CA SER F 6 -8.33 -10.51 -2.60
C SER F 6 -7.12 -10.97 -1.80
N ASN F 7 -6.11 -11.55 -2.44
CA ASN F 7 -4.89 -11.92 -1.76
C ASN F 7 -4.08 -10.66 -1.40
N VAL F 8 -3.28 -10.76 -0.35
CA VAL F 8 -2.50 -9.61 0.08
C VAL F 8 -1.31 -9.37 -0.86
N TYR F 9 -0.76 -10.42 -1.46
CA TYR F 9 0.42 -10.31 -2.32
C TYR F 9 0.08 -10.27 -3.79
N LEU F 10 -0.94 -11.03 -4.22
CA LEU F 10 -1.31 -11.03 -5.63
C LEU F 10 -2.02 -9.75 -6.05
N SER F 11 -2.58 -9.00 -5.11
CA SER F 11 -3.26 -7.77 -5.46
C SER F 11 -2.29 -6.67 -5.84
N LEU F 12 -1.07 -6.69 -5.29
CA LEU F 12 -0.06 -5.72 -5.70
C LEU F 12 0.41 -5.97 -7.12
N VAL F 13 0.51 -7.24 -7.53
CA VAL F 13 0.86 -7.54 -8.90
C VAL F 13 -0.30 -7.18 -9.83
N ASN F 14 -1.53 -7.41 -9.38
CA ASN F 14 -2.70 -7.10 -10.20
C ASN F 14 -2.91 -5.60 -10.35
N SER F 15 -2.60 -4.82 -9.31
CA SER F 15 -2.78 -3.37 -9.35
C SER F 15 -1.63 -2.63 -10.00
N TYR F 16 -0.62 -3.33 -10.50
CA TYR F 16 0.54 -2.68 -11.09
C TYR F 16 0.84 -3.13 -12.51
N ILE F 17 0.65 -4.41 -12.84
CA ILE F 17 1.01 -4.89 -14.17
C ILE F 17 -0.11 -5.64 -14.85
N ILE F 18 -1.31 -5.71 -14.26
CA ILE F 18 -2.42 -6.45 -14.84
C ILE F 18 -3.61 -5.54 -15.15
N ASP F 19 -4.13 -4.84 -14.14
CA ASP F 19 -5.30 -4.00 -14.31
C ASP F 19 -4.99 -2.51 -14.16
N SER F 20 -3.78 -2.12 -14.48
CA SER F 20 -3.40 -0.72 -14.31
C SER F 20 -3.95 0.11 -15.47
N PRO F 21 -4.64 1.22 -15.20
CA PRO F 21 -5.19 2.04 -16.29
C PRO F 21 -4.11 2.88 -16.95
N GLN F 22 -4.02 2.78 -18.28
CA GLN F 22 -3.01 3.43 -19.09
C GLN F 22 -3.66 4.35 -20.11
N PRO F 23 -3.03 5.46 -20.45
CA PRO F 23 -3.51 6.28 -21.58
C PRO F 23 -3.25 5.55 -22.89
N SER F 24 -4.27 5.47 -23.72
CA SER F 24 -4.22 4.65 -24.92
C SER F 24 -3.40 5.25 -26.07
N SER F 25 -2.83 6.44 -25.89
CA SER F 25 -2.09 7.11 -26.95
C SER F 25 -0.59 7.23 -26.67
N ILE F 26 -0.07 6.50 -25.68
CA ILE F 26 1.36 6.55 -25.41
C ILE F 26 2.12 5.76 -26.47
N ASN F 27 3.35 6.18 -26.75
CA ASN F 27 4.16 5.61 -27.83
C ASN F 27 5.33 4.82 -27.24
N TYR F 28 6.28 4.44 -28.11
CA TYR F 28 7.39 3.60 -27.72
C TYR F 28 8.44 4.31 -26.86
N TRP F 29 8.31 5.61 -26.62
CA TRP F 29 9.17 6.28 -25.65
C TRP F 29 8.80 5.98 -24.20
N TRP F 30 7.60 5.44 -23.97
CA TRP F 30 7.17 5.05 -22.65
C TRP F 30 7.58 3.63 -22.31
N ASN F 31 8.38 3.00 -23.15
CA ASN F 31 8.87 1.64 -22.92
C ASN F 31 10.25 1.60 -22.29
N MET F 32 10.89 2.76 -22.09
CA MET F 32 12.24 2.79 -21.57
C MET F 32 12.32 2.48 -20.09
N GLY F 33 11.23 2.65 -19.34
CA GLY F 33 11.28 2.41 -17.91
C GLY F 33 11.20 0.96 -17.53
N SER F 34 10.48 0.15 -18.31
CA SER F 34 10.47 -1.29 -18.08
C SER F 34 11.76 -1.93 -18.51
N LEU F 35 12.41 -1.35 -19.51
CA LEU F 35 13.65 -1.90 -20.02
C LEU F 35 14.81 -1.62 -19.08
N LEU F 36 14.69 -0.56 -18.27
CA LEU F 36 15.65 -0.29 -17.20
C LEU F 36 15.50 -1.24 -16.02
N GLY F 37 14.33 -1.85 -15.85
CA GLY F 37 14.18 -2.86 -14.82
C GLY F 37 14.82 -4.16 -15.21
N LEU F 38 14.88 -4.47 -16.50
CA LEU F 38 15.62 -5.62 -17.00
C LEU F 38 17.12 -5.38 -16.95
N CYS F 39 17.56 -4.13 -17.09
CA CYS F 39 18.99 -3.83 -17.04
C CYS F 39 19.55 -4.00 -15.63
N LEU F 40 18.76 -3.67 -14.62
CA LEU F 40 19.23 -3.84 -13.24
C LEU F 40 19.29 -5.30 -12.85
N VAL F 41 18.44 -6.15 -13.44
CA VAL F 41 18.43 -7.56 -13.09
C VAL F 41 19.63 -8.28 -13.69
N ILE F 42 20.00 -7.93 -14.92
CA ILE F 42 21.16 -8.52 -15.59
C ILE F 42 22.46 -8.13 -14.87
N GLN F 43 22.56 -6.88 -14.40
CA GLN F 43 23.77 -6.45 -13.72
C GLN F 43 23.93 -7.08 -12.35
N ILE F 44 22.83 -7.33 -11.64
CA ILE F 44 22.94 -7.95 -10.32
C ILE F 44 23.23 -9.44 -10.45
N VAL F 45 22.62 -10.11 -11.42
CA VAL F 45 22.77 -11.56 -11.53
C VAL F 45 24.16 -11.94 -12.05
N THR F 46 24.63 -11.28 -13.10
CA THR F 46 25.95 -11.57 -13.63
C THR F 46 27.07 -11.12 -12.70
N GLY F 47 26.81 -10.17 -11.80
CA GLY F 47 27.84 -9.74 -10.88
C GLY F 47 27.95 -10.63 -9.66
N ILE F 48 26.87 -11.28 -9.26
CA ILE F 48 26.92 -12.21 -8.15
C ILE F 48 27.63 -13.49 -8.56
N PHE F 49 27.42 -13.96 -9.78
CA PHE F 49 28.10 -15.15 -10.27
C PHE F 49 29.58 -14.89 -10.56
N MET F 50 29.98 -13.64 -10.76
CA MET F 50 31.38 -13.30 -10.91
C MET F 50 32.07 -13.05 -9.59
N ALA F 51 31.33 -12.71 -8.54
CA ALA F 51 31.91 -12.46 -7.22
C ALA F 51 32.35 -13.74 -6.52
N MET F 52 31.97 -14.91 -7.04
CA MET F 52 32.44 -16.16 -6.49
C MET F 52 33.89 -16.46 -6.86
N HIS F 53 34.44 -15.78 -7.86
CA HIS F 53 35.77 -16.06 -8.37
C HIS F 53 36.73 -14.89 -8.25
N TYR F 54 36.35 -13.82 -7.57
CA TYR F 54 37.09 -12.57 -7.59
C TYR F 54 37.82 -12.35 -6.27
N SER F 55 39.03 -11.80 -6.34
CA SER F 55 39.83 -11.42 -5.18
C SER F 55 40.10 -9.92 -5.23
N SER F 56 39.90 -9.24 -4.10
CA SER F 56 39.98 -7.78 -4.06
C SER F 56 41.31 -7.26 -3.55
N ASN F 57 42.29 -8.13 -3.32
CA ASN F 57 43.62 -7.66 -2.93
C ASN F 57 44.33 -7.05 -4.13
N ILE F 58 45.14 -6.02 -3.86
CA ILE F 58 45.73 -5.23 -4.94
C ILE F 58 46.79 -5.99 -5.73
N GLU F 59 47.29 -7.09 -5.19
CA GLU F 59 48.23 -7.94 -5.90
C GLU F 59 47.58 -9.17 -6.50
N LEU F 60 46.28 -9.34 -6.32
CA LEU F 60 45.55 -10.46 -6.89
C LEU F 60 44.36 -10.04 -7.74
N ALA F 61 44.06 -8.74 -7.83
CA ALA F 61 42.81 -8.28 -8.43
C ALA F 61 42.83 -8.35 -9.94
N PHE F 62 43.93 -7.94 -10.57
CA PHE F 62 44.01 -7.97 -12.03
C PHE F 62 44.07 -9.40 -12.55
N SER F 63 44.80 -10.28 -11.87
CA SER F 63 44.96 -11.65 -12.32
C SER F 63 43.72 -12.50 -12.10
N SER F 64 42.85 -12.13 -11.17
CA SER F 64 41.63 -12.89 -10.95
C SER F 64 40.56 -12.58 -11.98
N VAL F 65 40.60 -11.40 -12.59
CA VAL F 65 39.73 -11.13 -13.73
C VAL F 65 40.19 -11.93 -14.94
N GLU F 66 41.51 -12.13 -15.06
CA GLU F 66 42.04 -13.00 -16.11
C GLU F 66 41.69 -14.46 -15.87
N HIS F 67 41.55 -14.87 -14.61
CA HIS F 67 41.16 -16.24 -14.29
C HIS F 67 39.73 -16.51 -14.68
N ILE F 68 38.85 -15.51 -14.55
CA ILE F 68 37.47 -15.65 -14.98
C ILE F 68 37.39 -15.75 -16.50
N MET F 69 38.26 -15.02 -17.21
CA MET F 69 38.23 -15.03 -18.68
C MET F 69 38.76 -16.33 -19.27
N ARG F 70 39.74 -16.96 -18.63
CA ARG F 70 40.43 -18.11 -19.21
C ARG F 70 40.00 -19.45 -18.62
N ASP F 71 39.71 -19.51 -17.31
CA ASP F 71 39.53 -20.79 -16.63
C ASP F 71 38.10 -21.14 -16.30
N VAL F 72 37.29 -20.15 -15.92
CA VAL F 72 35.90 -20.40 -15.52
C VAL F 72 35.10 -20.82 -16.74
N HIS F 73 34.32 -21.89 -16.59
CA HIS F 73 33.45 -22.39 -17.65
C HIS F 73 32.38 -21.34 -18.00
N ASN F 74 32.40 -20.91 -19.27
CA ASN F 74 31.60 -19.78 -19.78
C ASN F 74 31.85 -18.50 -18.97
N GLY F 75 33.09 -18.29 -18.56
CA GLY F 75 33.41 -17.12 -17.78
C GLY F 75 33.55 -15.86 -18.61
N TYR F 76 33.87 -16.01 -19.89
CA TYR F 76 33.97 -14.85 -20.77
C TYR F 76 32.60 -14.26 -21.09
N ILE F 77 31.55 -15.10 -21.09
CA ILE F 77 30.19 -14.61 -21.31
C ILE F 77 29.74 -13.75 -20.15
N LEU F 78 30.10 -14.13 -18.91
CA LEU F 78 29.69 -13.38 -17.73
C LEU F 78 30.31 -11.99 -17.69
N ARG F 79 31.60 -11.87 -18.01
CA ARG F 79 32.26 -10.58 -17.94
C ARG F 79 31.82 -9.66 -19.08
N TYR F 80 31.77 -10.18 -20.31
CA TYR F 80 31.39 -9.38 -21.46
C TYR F 80 29.94 -8.88 -21.37
N LEU F 81 29.04 -9.71 -20.86
CA LEU F 81 27.68 -9.26 -20.60
C LEU F 81 27.60 -8.26 -19.47
N HIS F 82 28.57 -8.26 -18.57
CA HIS F 82 28.57 -7.33 -17.46
C HIS F 82 29.17 -5.98 -17.85
N ALA F 83 30.27 -5.98 -18.58
CA ALA F 83 30.93 -4.74 -18.96
C ALA F 83 30.17 -4.02 -20.07
N ASN F 84 29.55 -4.76 -20.98
CA ASN F 84 28.76 -4.13 -22.02
C ASN F 84 27.35 -3.81 -21.55
N GLY F 85 26.87 -4.48 -20.50
CA GLY F 85 25.55 -4.18 -19.99
C GLY F 85 25.49 -2.85 -19.26
N ALA F 86 26.62 -2.39 -18.73
CA ALA F 86 26.65 -1.10 -18.05
C ALA F 86 26.55 0.06 -19.02
N SER F 87 27.04 -0.11 -20.25
CA SER F 87 26.88 0.92 -21.26
C SER F 87 25.45 0.96 -21.79
N PHE F 88 24.81 -0.21 -21.92
CA PHE F 88 23.41 -0.26 -22.31
C PHE F 88 22.49 0.24 -21.21
N PHE F 89 22.92 0.12 -19.94
CA PHE F 89 22.15 0.65 -18.83
C PHE F 89 22.19 2.17 -18.83
N PHE F 90 23.30 2.77 -19.22
CA PHE F 90 23.40 4.22 -19.26
C PHE F 90 22.79 4.82 -20.52
N MET F 91 22.67 4.04 -21.60
CA MET F 91 22.10 4.57 -22.82
C MET F 91 20.59 4.72 -22.71
N VAL F 92 19.93 3.76 -22.08
CA VAL F 92 18.48 3.82 -21.91
C VAL F 92 18.10 4.88 -20.87
N MET F 93 18.95 5.10 -19.88
CA MET F 93 18.66 6.12 -18.87
C MET F 93 18.81 7.53 -19.41
N PHE F 94 19.70 7.73 -20.40
CA PHE F 94 19.77 9.02 -21.06
C PHE F 94 18.57 9.27 -21.96
N MET F 95 18.00 8.21 -22.53
CA MET F 95 16.77 8.32 -23.29
C MET F 95 15.54 8.39 -22.41
N HIS F 96 15.62 7.87 -21.19
CA HIS F 96 14.49 7.96 -20.26
C HIS F 96 14.33 9.37 -19.73
N MET F 97 15.43 10.02 -19.36
CA MET F 97 15.36 11.37 -18.83
C MET F 97 15.02 12.38 -19.90
N ALA F 98 15.42 12.12 -21.15
CA ALA F 98 15.17 13.08 -22.22
C ALA F 98 13.71 13.07 -22.66
N LYS F 99 13.01 11.95 -22.48
CA LYS F 99 11.59 11.90 -22.76
C LYS F 99 10.80 12.78 -21.79
N GLY F 100 11.09 12.65 -20.50
CA GLY F 100 10.40 13.47 -19.50
C GLY F 100 10.78 14.93 -19.54
N LEU F 101 11.96 15.25 -20.07
CA LEU F 101 12.31 16.63 -20.35
C LEU F 101 11.56 17.16 -21.56
N TYR F 102 11.17 16.26 -22.47
CA TYR F 102 10.44 16.68 -23.66
C TYR F 102 8.96 16.87 -23.37
N TYR F 103 8.30 15.82 -22.89
CA TYR F 103 6.86 15.83 -22.72
C TYR F 103 6.41 16.51 -21.44
N GLY F 104 7.30 17.14 -20.69
CA GLY F 104 6.91 17.92 -19.53
C GLY F 104 6.55 17.12 -18.31
N SER F 105 7.19 15.97 -18.11
CA SER F 105 6.80 15.05 -17.05
C SER F 105 7.27 15.49 -15.67
N TYR F 106 8.00 16.59 -15.56
CA TYR F 106 8.51 17.07 -14.28
C TYR F 106 7.56 18.00 -13.56
N ARG F 107 6.47 18.43 -14.17
CA ARG F 107 5.65 19.51 -13.62
C ARG F 107 4.65 18.92 -12.66
N SER F 108 3.84 19.72 -12.04
CA SER F 108 2.86 19.25 -11.08
C SER F 108 1.80 18.40 -11.78
N PRO F 109 1.36 17.30 -11.17
CA PRO F 109 1.68 16.82 -9.82
C PRO F 109 2.79 15.77 -9.72
N ARG F 110 3.74 15.76 -10.66
CA ARG F 110 4.78 14.73 -10.69
C ARG F 110 6.15 15.29 -10.35
N VAL F 111 6.20 16.23 -9.40
CA VAL F 111 7.48 16.80 -8.99
C VAL F 111 8.26 15.84 -8.12
N THR F 112 7.58 15.12 -7.22
CA THR F 112 8.25 14.14 -6.37
C THR F 112 8.77 12.96 -7.18
N LEU F 113 8.07 12.60 -8.26
CA LEU F 113 8.54 11.54 -9.15
C LEU F 113 9.80 11.96 -9.89
N TRP F 114 9.98 13.24 -10.14
CA TRP F 114 11.18 13.73 -10.81
C TRP F 114 12.34 13.88 -9.84
N ASN F 115 12.06 14.12 -8.56
CA ASN F 115 13.13 14.32 -7.59
C ASN F 115 13.76 13.01 -7.14
N VAL F 116 12.98 11.93 -7.08
CA VAL F 116 13.54 10.61 -6.77
C VAL F 116 14.34 10.09 -7.95
N GLY F 117 14.02 10.52 -9.16
CA GLY F 117 14.80 10.12 -10.32
C GLY F 117 16.18 10.73 -10.37
N VAL F 118 16.35 11.94 -9.85
CA VAL F 118 17.66 12.57 -9.81
C VAL F 118 18.57 11.85 -8.82
N ILE F 119 18.01 11.32 -7.72
CA ILE F 119 18.79 10.60 -6.73
C ILE F 119 19.28 9.26 -7.30
N ILE F 120 18.47 8.60 -8.12
CA ILE F 120 18.87 7.35 -8.77
C ILE F 120 20.02 7.59 -9.74
N PHE F 121 20.03 8.74 -10.42
CA PHE F 121 21.06 9.03 -11.40
C PHE F 121 22.42 9.27 -10.76
N ILE F 122 22.44 9.82 -9.55
CA ILE F 122 23.70 10.04 -8.85
C ILE F 122 24.25 8.72 -8.30
N LEU F 123 23.37 7.84 -7.84
CA LEU F 123 23.80 6.56 -7.31
C LEU F 123 24.27 5.60 -8.41
N THR F 124 23.81 5.79 -9.65
CA THR F 124 24.26 4.96 -10.75
C THR F 124 25.61 5.40 -11.27
N ILE F 125 25.94 6.68 -11.15
CA ILE F 125 27.27 7.16 -11.52
C ILE F 125 28.29 6.69 -10.49
N ALA F 126 27.94 6.77 -9.20
CA ALA F 126 28.83 6.30 -8.14
C ALA F 126 29.08 4.81 -8.22
N THR F 127 28.09 4.04 -8.67
CA THR F 127 28.26 2.59 -8.77
C THR F 127 29.23 2.21 -9.88
N ALA F 128 29.12 2.84 -11.03
CA ALA F 128 29.98 2.51 -12.17
C ALA F 128 31.42 2.94 -11.95
N PHE F 129 31.64 3.98 -11.15
CA PHE F 129 33.01 4.41 -10.84
C PHE F 129 33.70 3.42 -9.90
N LEU F 130 32.96 2.92 -8.90
CA LEU F 130 33.56 2.03 -7.91
C LEU F 130 33.92 0.68 -8.51
N GLY F 131 33.12 0.19 -9.45
CA GLY F 131 33.40 -1.09 -10.07
C GLY F 131 34.46 -1.04 -11.14
N TYR F 132 34.68 0.13 -11.73
CA TYR F 132 35.75 0.28 -12.71
C TYR F 132 37.12 0.31 -12.05
N CYS F 133 37.19 0.66 -10.77
CA CYS F 133 38.45 0.65 -10.04
C CYS F 133 38.78 -0.72 -9.48
N CYS F 134 37.89 -1.71 -9.63
CA CYS F 134 38.10 -3.04 -9.08
C CYS F 134 38.85 -3.96 -10.03
N VAL F 135 38.88 -3.64 -11.33
CA VAL F 135 39.71 -4.37 -12.27
C VAL F 135 41.18 -4.13 -12.00
N TYR F 136 41.51 -2.93 -11.51
CA TYR F 136 42.87 -2.43 -11.27
C TYR F 136 43.75 -2.53 -12.51
N GLY F 137 43.26 -1.94 -13.59
CA GLY F 137 44.08 -1.71 -14.76
C GLY F 137 44.86 -0.42 -14.62
N GLN F 138 45.47 -0.01 -15.72
CA GLN F 138 46.21 1.24 -15.72
C GLN F 138 45.29 2.45 -15.83
N MET F 139 44.10 2.29 -16.41
CA MET F 139 43.10 3.34 -16.36
C MET F 139 42.38 3.41 -15.03
N SER F 140 42.34 2.30 -14.29
CA SER F 140 41.65 2.26 -13.02
C SER F 140 42.42 3.00 -11.93
N HIS F 141 43.75 2.96 -11.98
CA HIS F 141 44.56 3.61 -10.95
C HIS F 141 44.58 5.12 -11.10
N TRP F 142 44.72 5.61 -12.33
CA TRP F 142 44.85 7.04 -12.55
C TRP F 142 43.52 7.76 -12.67
N GLY F 143 42.43 7.02 -12.92
CA GLY F 143 41.11 7.60 -12.77
C GLY F 143 40.70 7.77 -11.34
N ALA F 144 41.13 6.88 -10.46
CA ALA F 144 40.86 7.00 -9.04
C ALA F 144 41.80 7.97 -8.35
N THR F 145 42.97 8.24 -8.93
CA THR F 145 43.86 9.25 -8.37
C THR F 145 43.32 10.66 -8.63
N VAL F 146 42.84 10.91 -9.84
CA VAL F 146 42.39 12.23 -10.24
C VAL F 146 41.11 12.63 -9.49
N ILE F 147 40.20 11.67 -9.31
CA ILE F 147 38.91 11.99 -8.70
C ILE F 147 39.08 12.22 -7.20
N THR F 148 39.85 11.37 -6.53
CA THR F 148 40.00 11.49 -5.09
C THR F 148 40.87 12.68 -4.68
N ASN F 149 41.71 13.19 -5.57
CA ASN F 149 42.47 14.40 -5.31
C ASN F 149 41.63 15.66 -5.39
N LEU F 150 40.41 15.58 -5.92
CA LEU F 150 39.56 16.76 -6.03
C LEU F 150 39.01 17.18 -4.68
N PHE F 151 38.90 16.26 -3.73
CA PHE F 151 38.33 16.55 -2.43
C PHE F 151 39.35 17.10 -1.45
N SER F 152 40.58 17.36 -1.89
CA SER F 152 41.58 18.01 -1.07
C SER F 152 41.50 19.53 -1.16
N ALA F 153 40.55 20.07 -1.91
CA ALA F 153 40.39 21.50 -2.09
C ALA F 153 39.25 22.08 -1.28
N ILE F 154 38.55 21.26 -0.49
CA ILE F 154 37.43 21.74 0.32
C ILE F 154 37.98 22.59 1.46
N PRO F 155 37.47 23.81 1.68
CA PRO F 155 38.09 24.72 2.66
C PRO F 155 37.89 24.25 4.09
N PHE F 156 39.00 24.24 4.84
CA PHE F 156 39.17 23.97 6.27
C PHE F 156 38.95 22.50 6.64
N VAL F 157 38.37 21.70 5.75
CA VAL F 157 38.35 20.24 5.87
C VAL F 157 38.71 19.68 4.49
N GLY F 158 39.93 19.51 4.13
CA GLY F 158 40.22 18.85 2.89
C GLY F 158 41.12 17.65 3.05
N ASN F 159 42.11 17.70 4.04
CA ASN F 159 43.01 16.57 4.22
C ASN F 159 42.44 15.55 5.21
N ASP F 160 41.13 15.49 5.22
CA ASP F 160 40.52 14.43 6.03
C ASP F 160 39.72 13.55 5.09
N ILE F 161 38.83 14.11 4.29
CA ILE F 161 38.01 13.25 3.45
C ILE F 161 38.89 12.38 2.57
N VAL F 162 40.01 12.95 2.10
CA VAL F 162 40.86 12.24 1.16
C VAL F 162 41.70 11.18 1.89
N SER F 163 42.06 11.41 3.15
CA SER F 163 42.78 10.39 3.90
C SER F 163 41.85 9.33 4.47
N TRP F 164 40.55 9.62 4.48
CA TRP F 164 39.52 8.67 4.87
C TRP F 164 38.99 7.89 3.68
N LEU F 165 39.12 8.44 2.47
CA LEU F 165 38.79 7.71 1.25
C LEU F 165 39.91 6.79 0.82
N TRP F 166 41.15 7.12 1.15
CA TRP F 166 42.29 6.31 0.77
C TRP F 166 42.59 5.21 1.76
N GLY F 167 42.36 5.44 3.05
CA GLY F 167 42.85 4.53 4.06
C GLY F 167 44.34 4.54 4.21
N GLY F 168 45.01 5.61 3.80
CA GLY F 168 46.45 5.67 3.78
C GLY F 168 46.93 6.97 3.16
N PHE F 169 47.95 6.90 2.32
CA PHE F 169 48.57 8.08 1.74
C PHE F 169 48.45 8.18 0.23
N SER F 170 47.96 7.16 -0.44
CA SER F 170 47.71 7.18 -1.88
C SER F 170 46.68 6.12 -2.19
N VAL F 171 46.39 5.95 -3.47
CA VAL F 171 45.51 4.86 -3.91
C VAL F 171 46.30 3.56 -3.80
N SER F 172 45.95 2.75 -2.80
CA SER F 172 46.75 1.59 -2.44
C SER F 172 45.81 0.44 -2.12
N ASN F 173 46.33 -0.58 -1.44
CA ASN F 173 45.53 -1.76 -1.09
C ASN F 173 44.31 -1.50 -0.20
N PRO F 174 44.31 -0.60 0.79
CA PRO F 174 43.04 -0.32 1.49
C PRO F 174 41.99 0.35 0.63
N THR F 175 42.38 0.99 -0.48
CA THR F 175 41.40 1.65 -1.34
C THR F 175 40.65 0.64 -2.20
N ILE F 176 41.33 -0.38 -2.71
CA ILE F 176 40.69 -1.35 -3.59
C ILE F 176 39.80 -2.31 -2.81
N GLN F 177 40.17 -2.63 -1.56
CA GLN F 177 39.38 -3.57 -0.78
C GLN F 177 38.07 -2.94 -0.31
N ARG F 178 38.08 -1.65 0.01
CA ARG F 178 36.86 -0.98 0.43
C ARG F 178 35.99 -0.54 -0.75
N PHE F 179 36.56 -0.45 -1.95
CA PHE F 179 35.76 -0.09 -3.11
C PHE F 179 34.92 -1.25 -3.61
N PHE F 180 35.38 -2.49 -3.39
CA PHE F 180 34.58 -3.63 -3.80
C PHE F 180 33.43 -3.87 -2.83
N ALA F 181 33.64 -3.59 -1.54
CA ALA F 181 32.58 -3.81 -0.57
C ALA F 181 31.47 -2.78 -0.71
N LEU F 182 31.81 -1.56 -1.11
CA LEU F 182 30.80 -0.57 -1.42
C LEU F 182 30.12 -0.83 -2.75
N HIS F 183 30.81 -1.49 -3.67
CA HIS F 183 30.23 -1.84 -4.94
C HIS F 183 29.18 -2.93 -4.86
N TYR F 184 29.25 -3.78 -3.82
CA TYR F 184 28.24 -4.80 -3.61
C TYR F 184 26.96 -4.18 -3.07
N LEU F 185 27.06 -3.03 -2.42
CA LEU F 185 25.99 -2.52 -1.59
C LEU F 185 25.07 -1.53 -2.30
N VAL F 186 25.62 -0.57 -3.03
CA VAL F 186 24.83 0.48 -3.69
C VAL F 186 23.84 -0.04 -4.76
N PRO F 187 24.08 -1.14 -5.48
CA PRO F 187 22.99 -1.72 -6.28
C PRO F 187 21.76 -2.16 -5.50
N PHE F 188 21.86 -2.40 -4.20
CA PHE F 188 20.68 -2.72 -3.40
C PHE F 188 20.01 -1.48 -2.83
N ILE F 189 20.72 -0.36 -2.74
CA ILE F 189 20.09 0.91 -2.42
C ILE F 189 19.33 1.44 -3.63
N ILE F 190 19.85 1.20 -4.83
CA ILE F 190 19.18 1.63 -6.06
C ILE F 190 17.87 0.89 -6.24
N ALA F 191 17.83 -0.41 -5.91
CA ALA F 191 16.62 -1.19 -6.04
C ALA F 191 15.54 -0.79 -5.03
N ALA F 192 15.92 -0.21 -3.90
CA ALA F 192 14.92 0.31 -2.97
C ALA F 192 14.41 1.68 -3.39
N MET F 193 15.25 2.47 -4.08
CA MET F 193 14.78 3.72 -4.65
C MET F 193 13.89 3.50 -5.86
N VAL F 194 14.01 2.34 -6.52
CA VAL F 194 13.15 2.03 -7.65
C VAL F 194 11.76 1.66 -7.17
N ILE F 195 11.66 1.04 -5.99
CA ILE F 195 10.36 0.73 -5.40
C ILE F 195 9.64 2.01 -4.98
N MET F 196 10.36 2.94 -4.36
CA MET F 196 9.78 4.25 -4.02
C MET F 196 9.48 5.08 -5.24
N HIS F 197 10.16 4.82 -6.35
CA HIS F 197 9.87 5.52 -7.60
C HIS F 197 8.52 5.10 -8.17
N LEU F 198 8.21 3.81 -8.15
CA LEU F 198 6.95 3.31 -8.69
C LEU F 198 5.77 3.58 -7.77
N MET F 199 6.01 3.89 -6.50
CA MET F 199 4.90 4.28 -5.62
C MET F 199 4.38 5.66 -5.96
N ALA F 200 5.28 6.60 -6.26
CA ALA F 200 4.87 7.94 -6.64
C ALA F 200 4.24 7.97 -8.03
N LEU F 201 4.48 6.95 -8.84
CA LEU F 201 3.86 6.87 -10.16
C LEU F 201 2.44 6.34 -10.08
N HIS F 202 2.16 5.46 -9.12
CA HIS F 202 0.86 4.80 -9.05
C HIS F 202 -0.24 5.75 -8.60
N ILE F 203 0.09 6.82 -7.88
CA ILE F 203 -0.96 7.70 -7.39
C ILE F 203 -1.42 8.71 -8.43
N HIS F 204 -0.66 8.91 -9.50
CA HIS F 204 -1.04 9.85 -10.54
C HIS F 204 -1.02 9.27 -11.94
N GLY F 205 -0.26 8.21 -12.20
CA GLY F 205 -0.22 7.63 -13.52
C GLY F 205 0.71 8.38 -14.45
N SER F 206 0.67 7.97 -15.72
CA SER F 206 1.55 8.52 -16.73
C SER F 206 0.89 9.68 -17.46
N SER F 207 1.72 10.46 -18.15
CA SER F 207 1.25 11.47 -19.08
C SER F 207 1.11 10.85 -20.45
N ASN F 208 0.95 11.69 -21.46
CA ASN F 208 0.73 11.27 -22.83
C ASN F 208 1.38 12.30 -23.74
N PRO F 209 1.64 11.96 -25.01
CA PRO F 209 2.24 12.95 -25.92
C PRO F 209 1.37 14.15 -26.23
N LEU F 210 0.05 14.08 -26.00
CA LEU F 210 -0.79 15.25 -26.17
C LEU F 210 -0.64 16.23 -25.03
N GLY F 211 -0.39 15.75 -23.82
CA GLY F 211 -0.15 16.61 -22.68
C GLY F 211 -1.39 17.09 -21.97
N ILE F 212 -2.52 16.42 -22.16
CA ILE F 212 -3.78 16.82 -21.55
C ILE F 212 -4.27 15.66 -20.70
N THR F 213 -5.46 15.77 -20.13
CA THR F 213 -5.95 14.73 -19.25
C THR F 213 -6.27 13.46 -20.02
N GLY F 214 -6.01 12.32 -19.39
CA GLY F 214 -6.17 11.05 -20.06
C GLY F 214 -7.19 10.15 -19.38
N ASN F 215 -8.03 10.72 -18.54
CA ASN F 215 -9.04 9.98 -17.79
C ASN F 215 -10.31 9.72 -18.58
N LEU F 216 -10.32 10.02 -19.88
CA LEU F 216 -11.49 9.80 -20.72
C LEU F 216 -11.34 8.60 -21.63
N ASP F 217 -10.16 7.97 -21.68
CA ASP F 217 -9.94 6.84 -22.57
C ASP F 217 -8.76 6.04 -22.02
N ARG F 218 -9.07 4.92 -21.36
CA ARG F 218 -8.06 4.08 -20.71
C ARG F 218 -8.24 2.62 -21.09
N ILE F 219 -7.13 1.91 -21.27
CA ILE F 219 -7.15 0.47 -21.51
C ILE F 219 -6.27 -0.20 -20.45
N PRO F 220 -6.51 -1.46 -20.08
CA PRO F 220 -5.68 -2.09 -19.04
C PRO F 220 -4.28 -2.41 -19.52
N MET F 221 -3.44 -2.79 -18.56
CA MET F 221 -2.05 -3.09 -18.86
C MET F 221 -1.90 -4.46 -19.51
N HIS F 222 -2.67 -5.44 -19.05
CA HIS F 222 -2.49 -6.82 -19.50
C HIS F 222 -3.05 -7.03 -20.89
N SER F 223 -2.32 -7.80 -21.72
CA SER F 223 -2.84 -8.18 -23.06
C SER F 223 -2.84 -7.03 -24.08
N TYR F 224 -2.31 -5.87 -23.72
CA TYR F 224 -2.19 -4.79 -24.69
C TYR F 224 -0.85 -4.10 -24.64
N PHE F 225 -0.31 -3.88 -23.45
CA PHE F 225 0.99 -3.25 -23.29
C PHE F 225 2.06 -4.22 -22.86
N ILE F 226 1.68 -5.42 -22.42
CA ILE F 226 2.67 -6.46 -22.16
C ILE F 226 3.21 -7.00 -23.49
N PHE F 227 2.36 -7.06 -24.51
CA PHE F 227 2.84 -7.44 -25.83
C PHE F 227 3.47 -6.29 -26.60
N LYS F 228 3.30 -5.05 -26.13
CA LYS F 228 4.08 -3.93 -26.65
C LYS F 228 5.39 -3.75 -25.88
N ASP F 229 5.40 -4.10 -24.59
CA ASP F 229 6.66 -4.16 -23.85
C ASP F 229 7.55 -5.28 -24.36
N LEU F 230 6.96 -6.35 -24.89
CA LEU F 230 7.71 -7.49 -25.38
C LEU F 230 8.47 -7.19 -26.65
N VAL F 231 8.06 -6.19 -27.42
CA VAL F 231 8.71 -5.89 -28.69
C VAL F 231 10.08 -5.28 -28.47
N THR F 232 10.19 -4.31 -27.56
CA THR F 232 11.46 -3.66 -27.29
C THR F 232 12.38 -4.48 -26.40
N VAL F 233 11.87 -5.51 -25.72
CA VAL F 233 12.75 -6.40 -24.95
C VAL F 233 13.54 -7.31 -25.90
N PHE F 234 12.88 -7.85 -26.92
CA PHE F 234 13.58 -8.69 -27.88
C PHE F 234 14.49 -7.90 -28.80
N LEU F 235 14.21 -6.62 -29.02
CA LEU F 235 15.15 -5.78 -29.74
C LEU F 235 16.34 -5.43 -28.88
N PHE F 236 16.13 -5.31 -27.57
CA PHE F 236 17.21 -4.97 -26.66
C PHE F 236 18.21 -6.11 -26.55
N MET F 237 17.72 -7.33 -26.36
CA MET F 237 18.58 -8.49 -26.16
C MET F 237 19.32 -8.90 -27.42
N LEU F 238 18.86 -8.47 -28.60
CA LEU F 238 19.51 -8.83 -29.85
C LEU F 238 20.67 -7.89 -30.17
N ILE F 239 20.51 -6.59 -29.91
CA ILE F 239 21.60 -5.65 -30.11
C ILE F 239 22.65 -5.82 -29.01
N LEU F 240 22.23 -6.21 -27.80
CA LEU F 240 23.17 -6.51 -26.74
C LEU F 240 23.98 -7.76 -27.06
N ALA F 241 23.35 -8.75 -27.68
CA ALA F 241 24.05 -9.97 -28.05
C ALA F 241 25.00 -9.75 -29.21
N LEU F 242 24.79 -8.73 -30.04
CA LEU F 242 25.70 -8.47 -31.13
C LEU F 242 27.01 -7.86 -30.61
N PHE F 243 26.97 -7.19 -29.47
CA PHE F 243 28.19 -6.63 -28.91
C PHE F 243 28.95 -7.67 -28.09
N VAL F 244 28.26 -8.51 -27.34
CA VAL F 244 28.93 -9.48 -26.47
C VAL F 244 29.60 -10.59 -27.29
N PHE F 245 29.05 -10.94 -28.45
CA PHE F 245 29.58 -12.06 -29.21
C PHE F 245 30.36 -11.68 -30.46
N TYR F 246 30.29 -10.43 -30.91
CA TYR F 246 30.95 -10.06 -32.16
C TYR F 246 31.85 -8.85 -32.07
N SER F 247 31.71 -7.98 -31.07
CA SER F 247 32.60 -6.84 -30.90
C SER F 247 32.67 -6.46 -29.42
N PRO F 248 33.31 -7.29 -28.59
CA PRO F 248 33.17 -7.13 -27.14
C PRO F 248 34.08 -6.10 -26.51
N ASN F 249 35.02 -5.52 -27.24
CA ASN F 249 35.93 -4.53 -26.65
C ASN F 249 35.83 -3.18 -27.34
N THR F 250 34.73 -2.91 -28.04
CA THR F 250 34.60 -1.65 -28.77
C THR F 250 34.30 -0.50 -27.81
N LEU F 251 33.45 -0.74 -26.82
CA LEU F 251 33.15 0.28 -25.81
C LEU F 251 34.09 0.16 -24.61
N GLY F 252 35.38 0.19 -24.90
CA GLY F 252 36.39 0.08 -23.86
C GLY F 252 37.67 0.79 -24.22
N HIS F 253 38.72 0.59 -23.42
CA HIS F 253 40.00 1.25 -23.63
C HIS F 253 41.11 0.22 -23.43
N PRO F 254 42.07 0.13 -24.35
CA PRO F 254 43.09 -0.93 -24.27
C PRO F 254 44.08 -0.76 -23.14
N ASP F 255 44.17 0.41 -22.53
CA ASP F 255 45.07 0.61 -21.39
C ASP F 255 44.57 -0.04 -20.12
N ASN F 256 43.37 -0.59 -20.10
CA ASN F 256 42.91 -1.32 -18.93
C ASN F 256 43.35 -2.77 -18.96
N TYR F 257 44.05 -3.21 -20.00
CA TYR F 257 44.67 -4.53 -20.07
C TYR F 257 46.14 -4.49 -19.70
N ILE F 258 46.58 -3.40 -19.09
CA ILE F 258 47.90 -3.29 -18.45
C ILE F 258 47.67 -3.23 -16.95
N PRO F 259 48.41 -3.99 -16.14
CA PRO F 259 48.24 -3.89 -14.69
C PRO F 259 48.73 -2.54 -14.18
N GLY F 260 48.03 -2.01 -13.18
CA GLY F 260 48.24 -0.64 -12.76
C GLY F 260 49.59 -0.42 -12.09
N ASN F 261 50.16 0.75 -12.33
CA ASN F 261 51.51 1.06 -11.90
C ASN F 261 51.60 2.50 -11.39
N PRO F 262 51.92 2.70 -10.12
CA PRO F 262 52.00 4.06 -9.58
C PRO F 262 53.21 4.86 -10.03
N LEU F 263 54.14 4.25 -10.76
CA LEU F 263 55.39 4.91 -11.15
C LEU F 263 55.47 5.19 -12.64
N VAL F 264 54.43 4.88 -13.41
CA VAL F 264 54.40 5.16 -14.84
C VAL F 264 53.03 5.74 -15.18
N THR F 265 53.02 6.89 -15.73
CA THR F 265 51.74 7.49 -16.08
C THR F 265 51.42 7.25 -17.54
N PRO F 266 50.15 7.08 -17.90
CA PRO F 266 49.78 6.90 -19.30
C PRO F 266 49.80 8.22 -20.05
N ALA F 267 49.98 8.11 -21.36
CA ALA F 267 50.06 9.28 -22.22
C ALA F 267 48.73 9.97 -22.44
N SER F 268 47.61 9.31 -22.14
CA SER F 268 46.29 9.88 -22.38
C SER F 268 45.32 9.23 -21.41
N ILE F 269 44.73 10.03 -20.54
CA ILE F 269 43.78 9.56 -19.53
C ILE F 269 42.40 10.02 -19.94
N VAL F 270 41.53 9.07 -20.26
CA VAL F 270 40.20 9.37 -20.80
C VAL F 270 39.18 8.44 -20.17
N PRO F 271 38.07 8.96 -19.64
CA PRO F 271 37.07 8.07 -19.02
C PRO F 271 36.23 7.29 -20.00
N GLU F 272 35.22 6.57 -19.49
CA GLU F 272 34.23 5.93 -20.35
C GLU F 272 33.36 6.98 -21.03
N TRP F 273 32.59 6.55 -22.03
CA TRP F 273 31.92 7.52 -22.90
C TRP F 273 30.78 8.24 -22.21
N TYR F 274 30.23 7.68 -21.14
CA TYR F 274 29.10 8.31 -20.46
C TYR F 274 29.51 9.29 -19.37
N LEU F 275 30.81 9.40 -19.05
CA LEU F 275 31.30 10.42 -18.13
C LEU F 275 32.06 11.52 -18.85
N LEU F 276 32.25 11.40 -20.16
CA LEU F 276 32.92 12.44 -20.94
C LEU F 276 32.23 13.81 -20.95
N PRO F 277 30.90 13.95 -21.01
CA PRO F 277 30.33 15.31 -20.93
C PRO F 277 30.54 15.99 -19.58
N PHE F 278 30.60 15.24 -18.49
CA PHE F 278 30.82 15.82 -17.18
C PHE F 278 32.29 16.01 -16.85
N TYR F 279 33.17 15.25 -17.51
CA TYR F 279 34.60 15.47 -17.38
C TYR F 279 35.03 16.77 -18.01
N ALA F 280 34.37 17.19 -19.09
CA ALA F 280 34.72 18.43 -19.78
C ALA F 280 34.23 19.67 -19.05
N ILE F 281 33.21 19.55 -18.20
CA ILE F 281 32.79 20.66 -17.37
C ILE F 281 33.82 20.95 -16.30
N LEU F 282 34.49 19.90 -15.80
CA LEU F 282 35.49 20.07 -14.75
C LEU F 282 36.74 20.79 -15.24
N ARG F 283 37.25 20.42 -16.41
CA ARG F 283 38.49 20.99 -16.92
C ARG F 283 38.34 22.41 -17.44
N SER F 284 37.11 22.92 -17.53
CA SER F 284 36.88 24.27 -18.06
C SER F 284 37.12 25.33 -17.00
N ILE F 285 36.92 25.01 -15.73
CA ILE F 285 37.12 25.96 -14.64
C ILE F 285 38.56 25.92 -14.23
N PRO F 286 39.29 27.05 -14.21
CA PRO F 286 40.71 27.02 -13.88
C PRO F 286 40.99 26.86 -12.40
N ASP F 287 40.06 27.23 -11.52
CA ASP F 287 40.21 26.99 -10.10
C ASP F 287 40.03 25.51 -9.79
N LYS F 288 40.51 25.10 -8.62
CA LYS F 288 40.36 23.71 -8.23
C LYS F 288 39.13 23.47 -7.36
N LEU F 289 38.81 24.39 -6.46
CA LEU F 289 37.61 24.25 -5.66
C LEU F 289 36.36 24.60 -6.47
N LEU F 290 36.45 25.62 -7.32
CA LEU F 290 35.31 25.98 -8.16
C LEU F 290 35.05 24.96 -9.26
N GLY F 291 36.04 24.14 -9.60
CA GLY F 291 35.83 23.13 -10.62
C GLY F 291 35.03 21.95 -10.11
N VAL F 292 35.24 21.57 -8.85
CA VAL F 292 34.50 20.44 -8.30
C VAL F 292 33.09 20.83 -7.90
N ILE F 293 32.82 22.12 -7.70
CA ILE F 293 31.46 22.57 -7.42
C ILE F 293 30.63 22.54 -8.70
N THR F 294 31.22 22.98 -9.82
CA THR F 294 30.49 23.08 -11.08
C THR F 294 30.16 21.71 -11.65
N MET F 295 31.01 20.71 -11.42
CA MET F 295 30.73 19.37 -11.94
C MET F 295 29.60 18.69 -11.20
N PHE F 296 29.43 18.98 -9.91
CA PHE F 296 28.28 18.47 -9.16
C PHE F 296 27.04 19.34 -9.34
N ALA F 297 27.21 20.62 -9.68
CA ALA F 297 26.07 21.48 -9.97
C ALA F 297 25.42 21.17 -11.31
N ALA F 298 26.09 20.42 -12.18
CA ALA F 298 25.53 20.04 -13.47
C ALA F 298 24.48 18.95 -13.36
N ILE F 299 24.38 18.30 -12.21
CA ILE F 299 23.31 17.34 -11.97
C ILE F 299 22.24 17.90 -11.05
N LEU F 300 22.58 18.80 -10.13
CA LEU F 300 21.61 19.39 -9.22
C LEU F 300 20.86 20.56 -9.83
N VAL F 301 21.20 20.98 -11.05
CA VAL F 301 20.44 22.02 -11.75
C VAL F 301 19.21 21.43 -12.42
N LEU F 302 19.03 20.11 -12.39
CA LEU F 302 17.82 19.50 -12.87
C LEU F 302 16.64 19.68 -11.91
N LEU F 303 16.92 20.05 -10.66
CA LEU F 303 15.89 20.27 -9.65
C LEU F 303 15.29 21.66 -9.70
N VAL F 304 15.86 22.60 -10.45
CA VAL F 304 15.28 23.93 -10.61
C VAL F 304 14.29 24.00 -11.76
N LEU F 305 14.15 22.93 -12.50
CA LEU F 305 13.30 22.84 -13.68
C LEU F 305 11.79 22.96 -13.45
N PRO F 306 11.19 22.50 -12.33
CA PRO F 306 9.77 22.84 -12.11
C PRO F 306 9.50 24.31 -11.88
N PHE F 307 10.50 25.10 -11.51
CA PHE F 307 10.28 26.48 -11.14
C PHE F 307 10.55 27.46 -12.28
N THR F 308 11.39 27.10 -13.25
CA THR F 308 11.72 28.03 -14.31
C THR F 308 10.85 27.87 -15.56
N ASP F 309 10.15 26.75 -15.71
CA ASP F 309 9.19 26.60 -16.80
C ASP F 309 7.96 27.43 -16.47
N ARG F 310 7.74 28.50 -17.21
CA ARG F 310 6.61 29.39 -16.98
C ARG F 310 5.49 29.19 -17.98
N SER F 311 5.46 28.05 -18.66
CA SER F 311 4.43 27.81 -19.64
C SER F 311 3.15 27.30 -18.99
N VAL F 312 2.05 27.44 -19.72
CA VAL F 312 0.73 27.03 -19.24
C VAL F 312 0.25 25.77 -19.96
N VAL F 313 0.96 25.30 -20.97
CA VAL F 313 0.73 24.03 -21.62
C VAL F 313 1.87 23.09 -21.24
N ARG F 314 1.57 21.81 -21.06
CA ARG F 314 2.55 20.82 -20.65
C ARG F 314 3.06 20.05 -21.86
N GLY F 315 4.38 20.05 -22.06
CA GLY F 315 5.01 19.29 -23.10
C GLY F 315 5.60 20.17 -24.19
N ASN F 316 6.05 19.52 -25.28
CA ASN F 316 6.65 20.21 -26.41
C ASN F 316 6.03 19.82 -27.74
N THR F 317 4.76 19.45 -27.75
CA THR F 317 4.17 19.01 -29.02
C THR F 317 3.73 20.18 -29.88
N PHE F 318 3.26 21.28 -29.28
CA PHE F 318 2.73 22.41 -30.02
C PHE F 318 3.52 23.69 -29.79
N LYS F 319 4.79 23.58 -29.43
CA LYS F 319 5.61 24.74 -29.08
C LYS F 319 6.79 24.82 -30.05
N VAL F 320 6.78 25.84 -30.90
CA VAL F 320 7.72 25.92 -32.02
C VAL F 320 9.11 26.34 -31.53
N LEU F 321 9.18 27.40 -30.73
CA LEU F 321 10.47 27.86 -30.22
C LEU F 321 11.05 26.91 -29.17
N SER F 322 10.21 26.25 -28.40
CA SER F 322 10.70 25.30 -27.40
C SER F 322 11.13 23.98 -28.02
N LYS F 323 10.68 23.66 -29.23
CA LYS F 323 11.21 22.50 -29.93
C LYS F 323 12.53 22.79 -30.60
N PHE F 324 12.82 24.06 -30.89
CA PHE F 324 14.11 24.40 -31.48
C PHE F 324 15.21 24.34 -30.44
N PHE F 325 14.97 24.91 -29.27
CA PHE F 325 15.99 24.96 -28.24
C PHE F 325 16.13 23.67 -27.46
N PHE F 326 15.27 22.69 -27.69
CA PHE F 326 15.48 21.36 -27.10
C PHE F 326 16.61 20.61 -27.80
N PHE F 327 16.78 20.83 -29.09
CA PHE F 327 17.83 20.18 -29.86
C PHE F 327 19.11 21.00 -29.93
N ILE F 328 19.07 22.26 -29.52
CA ILE F 328 20.32 22.94 -29.21
C ILE F 328 20.97 22.31 -27.98
N PHE F 329 20.16 22.01 -26.96
CA PHE F 329 20.67 21.43 -25.73
C PHE F 329 21.15 19.99 -25.94
N VAL F 330 20.55 19.25 -26.86
CA VAL F 330 20.94 17.85 -27.07
C VAL F 330 22.30 17.76 -27.74
N PHE F 331 22.50 18.49 -28.83
CA PHE F 331 23.76 18.43 -29.55
C PHE F 331 24.88 19.19 -28.85
N ASN F 332 24.55 20.07 -27.90
CA ASN F 332 25.58 20.65 -27.05
C ASN F 332 26.07 19.64 -26.03
N PHE F 333 25.26 18.65 -25.69
CA PHE F 333 25.67 17.58 -24.80
C PHE F 333 26.50 16.50 -25.51
N VAL F 334 26.40 16.41 -26.84
CA VAL F 334 27.27 15.54 -27.61
C VAL F 334 28.56 16.25 -28.01
N LEU F 335 28.54 17.57 -28.10
CA LEU F 335 29.79 18.30 -28.26
C LEU F 335 30.61 18.30 -26.97
N LEU F 336 29.95 18.27 -25.82
CA LEU F 336 30.67 18.26 -24.56
C LEU F 336 31.38 16.94 -24.32
N GLY F 337 30.84 15.84 -24.84
CA GLY F 337 31.51 14.55 -24.71
C GLY F 337 32.72 14.43 -25.61
N GLN F 338 32.70 15.09 -26.76
CA GLN F 338 33.82 15.05 -27.68
C GLN F 338 34.97 15.94 -27.23
N ILE F 339 34.68 17.06 -26.57
CA ILE F 339 35.73 17.89 -25.98
C ILE F 339 36.45 17.14 -24.86
N GLY F 340 35.70 16.41 -24.04
CA GLY F 340 36.26 15.67 -22.93
C GLY F 340 37.06 14.44 -23.30
N ALA F 341 37.10 14.07 -24.59
CA ALA F 341 37.95 13.00 -25.07
C ALA F 341 39.15 13.50 -25.86
N CYS F 342 39.34 14.81 -25.94
CA CYS F 342 40.43 15.39 -26.71
C CYS F 342 41.55 15.85 -25.78
N HIS F 343 42.64 16.32 -26.36
CA HIS F 343 43.71 16.90 -25.59
C HIS F 343 43.35 18.33 -25.16
N VAL F 344 44.12 18.87 -24.22
CA VAL F 344 43.94 20.24 -23.76
C VAL F 344 44.85 21.10 -24.63
N GLU F 345 44.28 21.63 -25.71
CA GLU F 345 45.01 22.42 -26.68
C GLU F 345 44.22 23.69 -26.95
N VAL F 346 44.71 24.52 -27.87
CA VAL F 346 44.19 25.88 -27.97
C VAL F 346 43.52 26.13 -29.32
N PRO F 347 42.65 25.23 -29.81
CA PRO F 347 41.31 25.69 -30.19
C PRO F 347 40.25 25.23 -29.21
N TYR F 348 40.61 24.30 -28.32
CA TYR F 348 39.61 23.49 -27.61
C TYR F 348 39.34 23.96 -26.19
N VAL F 349 40.15 24.87 -25.64
CA VAL F 349 39.86 25.35 -24.29
C VAL F 349 38.77 26.40 -24.29
N LEU F 350 38.53 27.07 -25.41
CA LEU F 350 37.43 28.02 -25.53
C LEU F 350 36.16 27.37 -26.03
N MET F 351 36.26 26.30 -26.83
CA MET F 351 35.06 25.57 -27.24
C MET F 351 34.41 24.88 -26.05
N GLY F 352 35.21 24.33 -25.15
CA GLY F 352 34.67 23.67 -23.99
C GLY F 352 34.20 24.57 -22.89
N GLN F 353 34.52 25.87 -22.97
CA GLN F 353 34.08 26.85 -21.98
C GLN F 353 32.75 27.48 -22.34
N ILE F 354 32.59 27.83 -23.61
CA ILE F 354 31.31 28.36 -24.10
C ILE F 354 30.24 27.28 -24.05
N ALA F 355 30.61 26.03 -24.35
CA ALA F 355 29.63 24.94 -24.30
C ALA F 355 29.23 24.57 -22.88
N THR F 356 30.05 24.87 -21.89
CA THR F 356 29.61 24.75 -20.49
C THR F 356 28.69 25.90 -20.10
N PHE F 357 28.83 27.06 -20.76
CA PHE F 357 27.89 28.15 -20.51
C PHE F 357 26.51 27.85 -21.07
N ILE F 358 26.42 27.19 -22.23
CA ILE F 358 25.13 26.85 -22.82
C ILE F 358 24.42 25.78 -21.99
N TYR F 359 25.16 25.01 -21.19
CA TYR F 359 24.54 24.00 -20.35
C TYR F 359 23.73 24.63 -19.22
N PHE F 360 24.29 25.63 -18.56
CA PHE F 360 23.62 26.25 -17.43
C PHE F 360 22.65 27.35 -17.83
N ALA F 361 22.86 27.98 -18.98
CA ALA F 361 21.96 29.04 -19.44
C ALA F 361 20.67 28.49 -20.04
N TYR F 362 20.63 27.22 -20.41
CA TYR F 362 19.38 26.63 -20.88
C TYR F 362 18.37 26.51 -19.74
N PHE F 363 18.82 26.09 -18.57
CA PHE F 363 17.90 25.85 -17.46
C PHE F 363 17.46 27.14 -16.79
N LEU F 364 18.35 28.12 -16.69
CA LEU F 364 18.09 29.31 -15.87
C LEU F 364 17.76 30.56 -16.67
N ILE F 365 17.99 30.58 -17.98
CA ILE F 365 17.76 31.78 -18.78
C ILE F 365 16.86 31.48 -19.97
N ILE F 366 17.20 30.45 -20.74
CA ILE F 366 16.53 30.22 -22.02
C ILE F 366 15.11 29.72 -21.82
N VAL F 367 14.91 28.81 -20.87
CA VAL F 367 13.58 28.27 -20.59
C VAL F 367 12.62 29.31 -20.01
N PRO F 368 12.95 30.12 -18.97
CA PRO F 368 11.92 31.07 -18.49
C PRO F 368 11.64 32.25 -19.41
N VAL F 369 12.49 32.54 -20.39
CA VAL F 369 12.23 33.63 -21.32
C VAL F 369 11.41 33.16 -22.53
N ILE F 370 11.72 31.97 -23.05
CA ILE F 370 10.98 31.43 -24.19
C ILE F 370 9.59 30.94 -23.75
N SER F 371 9.44 30.57 -22.47
CA SER F 371 8.15 30.11 -21.98
C SER F 371 7.12 31.23 -21.95
N THR F 372 7.50 32.40 -21.43
CA THR F 372 6.57 33.50 -21.34
C THR F 372 6.34 34.19 -22.68
N ILE F 373 7.22 33.99 -23.65
CA ILE F 373 7.01 34.58 -24.96
C ILE F 373 5.89 33.86 -25.69
N GLU F 374 5.84 32.54 -25.56
CA GLU F 374 4.77 31.77 -26.18
C GLU F 374 3.45 31.87 -25.45
N ASN F 375 3.44 32.33 -24.20
CA ASN F 375 2.16 32.62 -23.54
C ASN F 375 1.52 33.86 -24.14
N VAL F 376 2.31 34.86 -24.45
CA VAL F 376 1.77 36.08 -25.05
C VAL F 376 1.45 35.87 -26.53
N LEU F 377 2.19 35.00 -27.22
CA LEU F 377 1.94 34.77 -28.63
C LEU F 377 0.68 33.95 -28.86
N PHE F 378 0.35 33.05 -27.93
CA PHE F 378 -0.90 32.30 -28.03
C PHE F 378 -2.10 33.19 -27.76
N TYR F 379 -1.91 34.27 -27.00
CA TYR F 379 -3.02 35.12 -26.56
C TYR F 379 -3.41 36.12 -27.65
N ILE F 380 -2.44 36.85 -28.19
CA ILE F 380 -2.75 37.89 -29.17
C ILE F 380 -3.05 37.30 -30.54
N GLY F 381 -2.69 36.05 -30.80
CA GLY F 381 -3.08 35.38 -32.01
C GLY F 381 -4.46 34.78 -32.00
N ARG F 382 -5.17 34.90 -30.89
CA ARG F 382 -6.54 34.42 -30.74
C ARG F 382 -7.52 35.52 -30.40
N VAL F 383 -7.17 36.39 -29.45
CA VAL F 383 -8.11 37.39 -28.96
C VAL F 383 -8.30 38.47 -30.01
N ASN F 384 -9.52 38.60 -30.51
CA ASN F 384 -9.83 39.58 -31.54
C ASN F 384 -10.04 40.95 -30.89
N LYS F 385 -9.24 41.91 -31.32
CA LYS F 385 -9.24 43.24 -30.70
C LYS F 385 -8.68 44.29 -31.66
N VAL G 2 66.74 -20.68 47.25
CA VAL G 2 65.43 -21.05 47.76
C VAL G 2 64.69 -21.92 46.72
N THR G 3 64.05 -22.98 47.19
CA THR G 3 63.35 -23.88 46.29
C THR G 3 62.05 -23.25 45.80
N ASP G 4 61.48 -23.84 44.76
CA ASP G 4 60.27 -23.30 44.17
C ASP G 4 59.07 -23.58 45.07
N GLN G 5 58.05 -22.72 44.93
CA GLN G 5 56.99 -22.64 45.92
C GLN G 5 55.93 -23.70 45.74
N LEU G 6 55.78 -24.24 44.52
CA LEU G 6 54.69 -25.17 44.27
C LEU G 6 54.98 -26.54 44.88
N GLU G 7 56.22 -27.01 44.82
CA GLU G 7 56.54 -28.30 45.41
C GLU G 7 56.61 -28.22 46.93
N ASP G 8 56.83 -27.03 47.49
CA ASP G 8 56.75 -26.88 48.95
C ASP G 8 55.32 -27.07 49.44
N LEU G 9 54.36 -26.40 48.79
CA LEU G 9 52.95 -26.58 49.17
C LEU G 9 52.41 -27.95 48.77
N ARG G 10 53.01 -28.58 47.75
CA ARG G 10 52.53 -29.90 47.34
C ARG G 10 52.87 -30.98 48.34
N GLU G 11 53.88 -30.77 49.17
CA GLU G 11 54.19 -31.72 50.24
C GLU G 11 53.62 -31.27 51.59
N HIS G 12 53.47 -29.97 51.80
CA HIS G 12 52.87 -29.46 53.03
C HIS G 12 51.41 -29.87 53.16
N PHE G 13 50.70 -30.00 52.04
CA PHE G 13 49.36 -30.58 52.04
C PHE G 13 49.38 -32.07 51.78
N LYS G 14 50.54 -32.64 51.49
CA LYS G 14 50.71 -34.08 51.55
C LYS G 14 51.09 -34.56 52.94
N ASN G 15 51.45 -33.64 53.84
CA ASN G 15 51.58 -33.95 55.27
C ASN G 15 50.28 -33.68 56.01
N THR G 16 49.19 -34.21 55.48
CA THR G 16 47.90 -34.28 56.16
C THR G 16 47.38 -35.69 55.95
N GLU G 17 46.66 -36.21 56.95
CA GLU G 17 46.13 -37.56 56.77
C GLU G 17 44.89 -37.55 55.89
N GLU G 18 44.36 -36.36 55.57
CA GLU G 18 43.47 -36.21 54.43
C GLU G 18 44.15 -36.60 53.13
N GLY G 19 45.44 -36.31 53.01
CA GLY G 19 46.21 -36.72 51.85
C GLY G 19 46.88 -38.07 51.98
N LYS G 20 47.17 -38.50 53.21
CA LYS G 20 47.80 -39.80 53.42
C LYS G 20 46.88 -40.96 53.12
N ALA G 21 45.56 -40.75 53.20
CA ALA G 21 44.63 -41.79 52.77
C ALA G 21 44.61 -41.92 51.26
N LEU G 22 44.89 -40.84 50.54
CA LEU G 22 45.00 -40.87 49.09
C LEU G 22 46.39 -41.27 48.61
N VAL G 23 47.41 -41.04 49.44
CA VAL G 23 48.76 -41.54 49.12
C VAL G 23 48.80 -43.05 49.24
N HIS G 24 48.26 -43.59 50.35
CA HIS G 24 48.30 -45.02 50.58
C HIS G 24 47.39 -45.79 49.63
N HIS G 25 46.32 -45.14 49.14
CA HIS G 25 45.45 -45.80 48.17
C HIS G 25 46.14 -45.99 46.83
N TYR G 26 46.99 -45.03 46.44
CA TYR G 26 47.73 -45.16 45.19
C TYR G 26 48.93 -46.08 45.34
N GLU G 27 49.59 -46.05 46.51
CA GLU G 27 50.73 -46.93 46.75
C GLU G 27 50.33 -48.39 46.75
N GLU G 28 49.13 -48.71 47.24
CA GLU G 28 48.68 -50.09 47.25
C GLU G 28 48.39 -50.61 45.84
N CYS G 29 48.04 -49.72 44.91
CA CYS G 29 47.85 -50.13 43.52
C CYS G 29 49.17 -50.53 42.88
N ALA G 30 50.28 -49.97 43.34
CA ALA G 30 51.57 -50.25 42.71
C ALA G 30 52.08 -51.64 43.05
N GLU G 31 51.63 -52.22 44.16
CA GLU G 31 52.02 -53.58 44.51
C GLU G 31 50.96 -54.61 44.17
N ARG G 32 50.31 -54.46 43.02
CA ARG G 32 49.75 -55.61 42.32
C ARG G 32 50.03 -55.58 40.83
N VAL G 33 50.57 -54.48 40.31
CA VAL G 33 51.15 -54.47 38.97
C VAL G 33 52.63 -54.84 39.02
N LYS G 34 53.32 -54.55 40.12
CA LYS G 34 54.70 -55.00 40.27
C LYS G 34 54.77 -56.51 40.50
N ILE G 35 53.77 -57.06 41.20
CA ILE G 35 53.65 -58.50 41.32
C ILE G 35 53.28 -59.13 39.98
N GLN G 36 52.48 -58.38 39.16
CA GLN G 36 52.32 -58.73 37.76
C GLN G 36 53.51 -58.15 36.96
N GLN G 37 53.32 -58.15 35.61
CA GLN G 37 54.36 -57.85 34.62
C GLN G 37 55.47 -58.90 34.64
N GLN G 38 55.13 -60.11 35.05
CA GLN G 38 56.00 -61.28 34.95
C GLN G 38 55.30 -62.42 34.23
N GLN G 39 54.25 -62.09 33.47
CA GLN G 39 53.40 -63.09 32.86
C GLN G 39 54.11 -63.79 31.71
N PRO G 40 53.92 -65.09 31.54
CA PRO G 40 54.60 -65.81 30.45
C PRO G 40 54.02 -65.48 29.08
N GLY G 41 54.74 -64.68 28.30
CA GLY G 41 54.36 -64.40 26.93
C GLY G 41 53.22 -63.42 26.77
N TYR G 42 53.42 -62.17 27.15
CA TYR G 42 52.42 -61.12 26.94
C TYR G 42 52.73 -60.40 25.62
N ALA G 43 51.92 -60.69 24.60
CA ALA G 43 51.99 -59.94 23.35
C ALA G 43 50.63 -59.60 22.77
N ASP G 44 49.55 -60.26 23.20
CA ASP G 44 48.21 -60.01 22.69
C ASP G 44 47.22 -59.71 23.80
N LEU G 45 47.65 -59.75 25.06
CA LEU G 45 46.78 -59.60 26.21
C LEU G 45 46.30 -58.15 26.33
N GLU G 46 45.10 -57.97 26.92
CA GLU G 46 44.62 -56.64 27.22
C GLU G 46 44.02 -56.56 28.62
N HIS G 47 44.11 -57.61 29.42
CA HIS G 47 43.68 -57.59 30.81
C HIS G 47 44.81 -57.13 31.73
N LYS G 48 45.35 -55.95 31.46
CA LYS G 48 46.34 -55.32 32.32
C LYS G 48 45.63 -54.43 33.32
N GLU G 49 46.41 -53.68 34.09
CA GLU G 49 45.84 -52.75 35.06
C GLU G 49 46.84 -51.64 35.31
N ASP G 50 46.44 -50.40 35.07
CA ASP G 50 47.28 -49.26 35.43
C ASP G 50 46.89 -48.75 36.80
N CYS G 51 47.51 -47.65 37.20
CA CYS G 51 47.12 -46.92 38.39
C CYS G 51 46.87 -45.46 38.03
N VAL G 52 46.34 -45.24 36.83
CA VAL G 52 46.08 -43.89 36.35
C VAL G 52 44.87 -43.30 37.06
N GLU G 53 43.86 -44.14 37.32
CA GLU G 53 42.66 -43.69 38.04
C GLU G 53 42.99 -43.33 39.49
N GLU G 54 43.81 -44.14 40.15
CA GLU G 54 44.26 -43.80 41.49
C GLU G 54 45.25 -42.64 41.49
N PHE G 55 45.90 -42.39 40.35
CA PHE G 55 46.80 -41.24 40.25
C PHE G 55 46.02 -39.93 40.26
N PHE G 56 44.95 -39.86 39.45
CA PHE G 56 44.20 -38.60 39.29
C PHE G 56 43.45 -38.22 40.56
N HIS G 57 43.08 -39.20 41.39
CA HIS G 57 42.40 -38.91 42.66
C HIS G 57 43.31 -38.18 43.61
N LEU G 58 44.59 -38.57 43.68
CA LEU G 58 45.54 -37.87 44.52
C LEU G 58 45.92 -36.52 43.91
N GLN G 59 46.00 -36.44 42.58
CA GLN G 59 46.36 -35.18 41.94
C GLN G 59 45.23 -34.15 42.03
N HIS G 60 43.99 -34.59 42.08
CA HIS G 60 42.87 -33.66 42.17
C HIS G 60 42.81 -32.98 43.53
N TYR G 61 43.10 -33.70 44.61
CA TYR G 61 43.08 -33.10 45.93
C TYR G 61 44.23 -32.11 46.09
N LEU G 62 45.38 -32.41 45.49
CA LEU G 62 46.53 -31.53 45.59
C LEU G 62 46.37 -30.23 44.82
N ASP G 63 45.43 -30.16 43.87
CA ASP G 63 45.18 -28.91 43.16
C ASP G 63 44.03 -28.11 43.73
N THR G 64 43.08 -28.76 44.41
CA THR G 64 42.06 -28.01 45.14
C THR G 64 42.64 -27.29 46.34
N ALA G 65 43.74 -27.80 46.90
CA ALA G 65 44.29 -27.26 48.13
C ALA G 65 45.36 -26.20 47.88
N THR G 66 46.07 -26.27 46.76
CA THR G 66 47.20 -25.38 46.51
C THR G 66 46.91 -24.26 45.52
N ALA G 67 45.82 -24.33 44.76
CA ALA G 67 45.53 -23.28 43.78
C ALA G 67 45.12 -21.92 44.34
N PRO G 68 44.31 -21.78 45.40
CA PRO G 68 44.09 -20.43 45.94
C PRO G 68 45.19 -19.93 46.86
N ARG G 69 46.29 -20.67 47.01
CA ARG G 69 47.28 -20.36 48.03
C ARG G 69 48.65 -20.01 47.46
N LEU G 70 48.80 -19.91 46.14
CA LEU G 70 50.13 -19.91 45.56
C LEU G 70 50.60 -18.56 45.08
N PHE G 71 49.74 -17.76 44.44
CA PHE G 71 50.21 -16.55 43.78
C PHE G 71 50.50 -15.40 44.73
N ASP G 72 50.20 -15.55 46.01
CA ASP G 72 50.68 -14.61 47.02
C ASP G 72 52.11 -14.91 47.45
N LYS G 73 52.65 -16.07 47.06
CA LYS G 73 54.03 -16.43 47.30
C LYS G 73 54.94 -16.05 46.14
N LEU G 74 54.40 -15.92 44.94
CA LEU G 74 55.19 -15.49 43.80
C LEU G 74 55.22 -13.98 43.72
N LYS G 75 56.17 -13.46 42.95
CA LYS G 75 56.28 -12.02 42.73
C LYS G 75 55.74 -11.65 41.36
N PRO H 1 -10.54 -26.54 14.01
CA PRO H 1 -11.58 -26.67 15.04
C PRO H 1 -12.50 -27.83 14.72
N GLN H 2 -13.18 -28.31 15.98
CA GLN H 2 -13.74 -29.62 15.66
C GLN H 2 -15.09 -29.48 14.96
N SER H 3 -16.23 -29.12 15.51
CA SER H 3 -17.49 -28.46 15.14
C SER H 3 -18.32 -28.51 16.42
N PHE H 4 -19.35 -27.68 16.56
CA PHE H 4 -20.17 -27.81 17.75
C PHE H 4 -21.23 -28.90 17.62
N THR H 5 -21.49 -29.38 16.40
CA THR H 5 -22.35 -30.54 16.23
C THR H 5 -21.64 -31.80 16.70
N SER H 6 -20.34 -31.90 16.42
CA SER H 6 -19.58 -33.07 16.82
C SER H 6 -19.30 -33.09 18.32
N ILE H 7 -19.15 -31.91 18.93
CA ILE H 7 -18.90 -31.83 20.36
C ILE H 7 -20.13 -32.29 21.14
N ALA H 8 -21.30 -31.81 20.74
CA ALA H 8 -22.54 -32.18 21.43
C ALA H 8 -22.97 -33.61 21.14
N ARG H 9 -22.54 -34.19 20.02
CA ARG H 9 -22.81 -35.59 19.76
C ARG H 9 -22.05 -36.48 20.73
N ILE H 10 -20.82 -36.10 21.05
CA ILE H 10 -20.02 -36.84 22.02
C ILE H 10 -20.45 -36.51 23.43
N GLY H 11 -20.73 -35.22 23.69
CA GLY H 11 -21.03 -34.77 25.03
C GLY H 11 -22.39 -35.17 25.54
N ASP H 12 -23.34 -35.40 24.64
CA ASP H 12 -24.64 -35.90 25.08
C ASP H 12 -24.59 -37.38 25.43
N TYR H 13 -23.74 -38.16 24.75
CA TYR H 13 -23.64 -39.59 25.03
C TYR H 13 -23.05 -39.86 26.42
N ILE H 14 -22.26 -38.93 26.94
CA ILE H 14 -21.69 -39.09 28.28
C ILE H 14 -22.74 -38.81 29.34
N LEU H 15 -23.66 -37.88 29.08
CA LEU H 15 -24.63 -37.49 30.11
C LEU H 15 -25.84 -38.42 30.21
N LYS H 16 -26.28 -39.04 29.11
CA LYS H 16 -27.25 -40.14 29.21
C LYS H 16 -26.52 -41.47 29.35
N SER H 17 -25.67 -41.56 30.34
CA SER H 17 -24.99 -42.81 30.67
C SER H 17 -24.73 -42.81 32.17
N PRO H 18 -25.17 -43.87 32.88
CA PRO H 18 -25.02 -43.85 34.34
C PRO H 18 -23.60 -44.03 34.81
N VAL H 19 -22.79 -44.81 34.10
CA VAL H 19 -21.42 -45.05 34.54
C VAL H 19 -20.41 -44.09 33.91
N LEU H 20 -20.76 -43.42 32.80
CA LEU H 20 -19.82 -42.47 32.24
C LEU H 20 -19.88 -41.13 32.94
N SER H 21 -21.08 -40.65 33.27
CA SER H 21 -21.23 -39.40 33.99
C SER H 21 -20.79 -39.52 35.44
N LYS H 22 -20.67 -40.74 35.96
CA LYS H 22 -20.03 -40.96 37.23
C LYS H 22 -18.57 -40.52 37.21
N LEU H 23 -17.86 -40.83 36.14
CA LEU H 23 -16.41 -40.62 36.08
C LEU H 23 -16.01 -39.25 35.54
N CYS H 24 -16.67 -38.76 34.50
CA CYS H 24 -16.15 -37.62 33.76
C CYS H 24 -16.59 -36.26 34.30
N VAL H 25 -17.80 -36.16 34.84
CA VAL H 25 -18.33 -34.89 35.34
C VAL H 25 -17.62 -34.39 36.60
N PRO H 26 -17.17 -35.22 37.55
CA PRO H 26 -16.26 -34.69 38.58
C PRO H 26 -14.94 -34.17 38.03
N VAL H 27 -14.44 -34.74 36.94
CA VAL H 27 -13.20 -34.26 36.34
C VAL H 27 -13.45 -32.93 35.62
N ALA H 28 -14.62 -32.79 34.98
CA ALA H 28 -14.90 -31.61 34.19
C ALA H 28 -15.15 -30.37 35.04
N ASN H 29 -15.69 -30.54 36.24
CA ASN H 29 -15.88 -29.38 37.12
C ASN H 29 -14.59 -28.89 37.72
N GLN H 30 -13.57 -29.74 37.78
CA GLN H 30 -12.26 -29.30 38.24
C GLN H 30 -11.48 -28.61 37.12
N PHE H 31 -11.73 -29.00 35.87
CA PHE H 31 -11.14 -28.34 34.72
C PHE H 31 -11.67 -26.93 34.52
N ILE H 32 -12.89 -26.65 35.00
CA ILE H 32 -13.50 -25.33 34.78
C ILE H 32 -12.89 -24.29 35.72
N ASN H 33 -12.83 -24.60 37.00
CA ASN H 33 -12.31 -23.67 38.00
C ASN H 33 -10.80 -23.65 38.06
N LEU H 34 -10.12 -24.55 37.36
CA LEU H 34 -8.69 -24.44 37.14
C LEU H 34 -8.37 -23.68 35.86
N ALA H 35 -9.38 -23.29 35.08
CA ALA H 35 -9.15 -22.40 33.95
C ALA H 35 -9.10 -20.95 34.40
N GLY H 36 -10.03 -20.53 35.25
CA GLY H 36 -9.95 -19.23 35.86
C GLY H 36 -10.59 -18.10 35.09
N TYR H 37 -11.44 -18.38 34.12
CA TYR H 37 -12.07 -17.31 33.35
C TYR H 37 -13.20 -16.63 34.11
N LYS H 38 -13.80 -17.30 35.10
CA LYS H 38 -14.85 -16.69 35.90
C LYS H 38 -14.30 -15.59 36.80
N LYS H 39 -13.03 -15.66 37.16
CA LYS H 39 -12.44 -14.64 38.02
C LYS H 39 -12.15 -13.36 37.27
N LEU H 40 -12.15 -13.40 35.93
CA LEU H 40 -12.07 -12.20 35.12
C LEU H 40 -13.42 -11.68 34.69
N GLY H 41 -14.51 -12.23 35.23
CA GLY H 41 -15.84 -11.82 34.87
C GLY H 41 -16.23 -12.23 33.48
N LEU H 42 -16.10 -13.51 33.16
CA LEU H 42 -16.34 -14.00 31.81
C LEU H 42 -17.10 -15.32 31.87
N LYS H 43 -18.02 -15.49 30.94
CA LYS H 43 -18.66 -16.77 30.72
C LYS H 43 -17.81 -17.56 29.72
N PHE H 44 -18.22 -18.77 29.37
CA PHE H 44 -17.37 -19.51 28.45
C PHE H 44 -17.59 -19.07 27.00
N ASP H 45 -18.82 -18.71 26.65
CA ASP H 45 -19.12 -18.35 25.27
C ASP H 45 -18.51 -17.03 24.85
N ASP H 46 -18.00 -16.24 25.80
CA ASP H 46 -17.23 -15.06 25.44
C ASP H 46 -15.87 -15.43 24.87
N LEU H 47 -15.33 -16.60 25.23
CA LEU H 47 -13.99 -16.98 24.85
C LEU H 47 -13.90 -17.57 23.46
N ILE H 48 -15.02 -17.88 22.81
CA ILE H 48 -15.00 -18.56 21.53
C ILE H 48 -14.49 -17.60 20.46
N ALA H 49 -13.59 -18.11 19.61
CA ALA H 49 -13.05 -17.32 18.52
C ALA H 49 -14.12 -17.08 17.46
N GLU H 50 -14.09 -15.88 16.87
CA GLU H 50 -15.23 -15.40 16.10
C GLU H 50 -14.89 -15.00 14.68
N GLU H 51 -13.72 -15.35 14.17
CA GLU H 51 -13.34 -14.98 12.82
C GLU H 51 -13.60 -16.13 11.84
N ASN H 52 -14.87 -16.46 11.69
CA ASN H 52 -15.36 -17.44 10.72
C ASN H 52 -16.81 -17.13 10.42
N PRO H 53 -17.31 -17.51 9.24
CA PRO H 53 -18.67 -17.09 8.85
C PRO H 53 -19.80 -17.74 9.62
N ILE H 54 -19.61 -18.90 10.26
CA ILE H 54 -20.67 -19.45 11.09
C ILE H 54 -20.79 -18.66 12.38
N MET H 55 -19.66 -18.25 12.96
CA MET H 55 -19.70 -17.48 14.20
C MET H 55 -20.12 -16.05 13.98
N GLN H 56 -19.91 -15.50 12.78
CA GLN H 56 -20.37 -14.15 12.49
C GLN H 56 -21.88 -14.12 12.29
N THR H 57 -22.46 -15.23 11.83
CA THR H 57 -23.90 -15.35 11.68
C THR H 57 -24.60 -15.40 13.02
N ALA H 58 -24.03 -16.12 13.98
CA ALA H 58 -24.67 -16.29 15.28
C ALA H 58 -24.58 -15.04 16.13
N LEU H 59 -23.68 -14.11 15.83
CA LEU H 59 -23.58 -12.88 16.61
C LEU H 59 -24.54 -11.80 16.12
N ARG H 60 -24.93 -11.84 14.85
CA ARG H 60 -25.96 -10.91 14.36
C ARG H 60 -27.33 -11.29 14.90
N ARG H 61 -27.61 -12.58 15.01
CA ARG H 61 -28.94 -13.03 15.42
C ARG H 61 -29.14 -12.98 16.93
N LEU H 62 -28.16 -12.52 17.69
CA LEU H 62 -28.33 -12.38 19.12
C LEU H 62 -29.25 -11.21 19.42
N PRO H 63 -30.06 -11.31 20.47
CA PRO H 63 -30.84 -10.14 20.92
C PRO H 63 -29.91 -9.06 21.45
N GLU H 64 -30.34 -7.81 21.26
CA GLU H 64 -29.43 -6.70 21.51
C GLU H 64 -29.30 -6.34 22.98
N ASP H 65 -30.11 -6.91 23.87
CA ASP H 65 -29.84 -6.74 25.28
C ASP H 65 -28.70 -7.64 25.73
N GLU H 66 -28.64 -8.87 25.20
CA GLU H 66 -27.52 -9.75 25.47
C GLU H 66 -26.27 -9.36 24.69
N SER H 67 -26.43 -8.60 23.61
CA SER H 67 -25.30 -8.13 22.85
C SER H 67 -24.60 -6.94 23.51
N TYR H 68 -25.35 -6.10 24.21
CA TYR H 68 -24.73 -4.99 24.91
C TYR H 68 -24.01 -5.44 26.17
N ALA H 69 -24.53 -6.46 26.85
CA ALA H 69 -23.92 -6.93 28.09
C ALA H 69 -22.62 -7.67 27.83
N ARG H 70 -22.53 -8.36 26.69
CA ARG H 70 -21.33 -9.09 26.33
C ARG H 70 -20.19 -8.15 25.98
N ALA H 71 -20.47 -6.99 25.39
CA ALA H 71 -19.44 -6.02 25.06
C ALA H 71 -18.85 -5.34 26.29
N TYR H 72 -19.58 -5.29 27.41
CA TYR H 72 -19.03 -4.72 28.63
C TYR H 72 -18.18 -5.72 29.39
N ARG H 73 -18.53 -7.01 29.35
CA ARG H 73 -17.73 -8.02 30.03
C ARG H 73 -16.36 -8.19 29.37
N ILE H 74 -16.28 -7.98 28.06
CA ILE H 74 -15.02 -8.12 27.36
C ILE H 74 -14.11 -6.92 27.63
N ILE H 75 -14.71 -5.73 27.73
CA ILE H 75 -13.94 -4.52 28.01
C ILE H 75 -13.44 -4.53 29.44
N ARG H 76 -14.25 -5.02 30.38
CA ARG H 76 -13.84 -5.15 31.76
C ARG H 76 -12.71 -6.17 31.94
N ALA H 77 -12.66 -7.19 31.09
CA ALA H 77 -11.62 -8.21 31.17
C ALA H 77 -10.30 -7.76 30.56
N HIS H 78 -10.31 -6.77 29.66
CA HIS H 78 -9.05 -6.24 29.14
C HIS H 78 -8.40 -5.28 30.12
N GLN H 79 -9.20 -4.47 30.81
CA GLN H 79 -8.66 -3.54 31.80
C GLN H 79 -8.16 -4.27 33.03
N THR H 80 -8.68 -5.47 33.29
CA THR H 80 -8.26 -6.21 34.47
C THR H 80 -6.84 -6.76 34.31
N GLU H 81 -6.47 -7.16 33.09
CA GLU H 81 -5.17 -7.78 32.89
C GLU H 81 -4.03 -6.78 32.85
N LEU H 82 -4.24 -5.60 32.28
CA LEU H 82 -3.16 -4.62 32.21
C LEU H 82 -2.80 -4.04 33.57
N THR H 83 -3.67 -4.19 34.56
CA THR H 83 -3.31 -3.91 35.95
C THR H 83 -2.80 -5.13 36.69
N HIS H 84 -2.84 -6.31 36.06
CA HIS H 84 -2.33 -7.58 36.59
C HIS H 84 -2.99 -7.95 37.92
N HIS H 85 -4.29 -7.68 38.02
CA HIS H 85 -5.07 -7.99 39.21
C HIS H 85 -6.17 -8.96 38.83
N LEU H 86 -6.95 -9.35 39.83
CA LEU H 86 -8.22 -10.01 39.60
C LEU H 86 -9.34 -9.12 40.12
N LEU H 87 -10.56 -9.46 39.74
CA LEU H 87 -11.71 -8.73 40.20
C LEU H 87 -12.00 -9.09 41.66
N PRO H 88 -12.75 -8.25 42.37
CA PRO H 88 -13.25 -8.65 43.68
C PRO H 88 -14.18 -9.86 43.59
N ARG H 89 -14.27 -10.60 44.69
CA ARG H 89 -15.08 -11.81 44.71
C ARG H 89 -16.58 -11.54 44.71
N ASN H 90 -16.99 -10.28 44.91
CA ASN H 90 -18.38 -9.91 44.68
C ASN H 90 -18.75 -9.99 43.20
N GLU H 91 -17.79 -9.76 42.31
CA GLU H 91 -18.06 -9.64 40.89
C GLU H 91 -17.55 -10.82 40.08
N TRP H 92 -17.37 -11.97 40.70
CA TRP H 92 -17.06 -13.16 39.92
C TRP H 92 -18.34 -13.75 39.34
N ILE H 93 -18.18 -14.50 38.26
CA ILE H 93 -19.31 -15.21 37.65
C ILE H 93 -19.59 -16.45 38.48
N LYS H 94 -20.82 -16.57 38.97
CA LYS H 94 -21.22 -17.75 39.72
C LYS H 94 -21.48 -18.91 38.77
N ALA H 95 -21.68 -20.09 39.33
CA ALA H 95 -21.82 -21.28 38.51
C ALA H 95 -23.19 -21.39 37.85
N GLN H 96 -24.19 -20.64 38.32
CA GLN H 96 -25.51 -20.65 37.72
C GLN H 96 -25.65 -19.69 36.56
N GLU H 97 -24.74 -18.72 36.44
CA GLU H 97 -24.80 -17.70 35.40
C GLU H 97 -24.03 -18.08 34.15
N ASP H 98 -23.17 -19.09 34.22
CA ASP H 98 -22.42 -19.56 33.05
C ASP H 98 -23.32 -20.50 32.25
N VAL H 99 -24.22 -19.91 31.48
CA VAL H 99 -25.14 -20.69 30.64
C VAL H 99 -24.65 -20.66 29.20
N PRO H 100 -24.91 -21.71 28.42
CA PRO H 100 -24.67 -21.62 26.98
C PRO H 100 -25.69 -20.75 26.27
N TYR H 101 -25.49 -19.43 26.33
CA TYR H 101 -26.42 -18.49 25.70
C TYR H 101 -26.23 -18.39 24.19
N LEU H 102 -25.13 -18.91 23.64
CA LEU H 102 -24.83 -18.81 22.23
C LEU H 102 -24.86 -20.15 21.52
N LEU H 103 -24.97 -21.24 22.25
CA LEU H 103 -25.07 -22.56 21.63
C LEU H 103 -26.31 -22.77 20.75
N PRO H 104 -27.53 -22.32 21.09
CA PRO H 104 -28.65 -22.53 20.14
C PRO H 104 -28.52 -21.74 18.85
N TYR H 105 -27.91 -20.55 18.86
CA TYR H 105 -27.71 -19.82 17.62
C TYR H 105 -26.62 -20.46 16.77
N ILE H 106 -25.68 -21.16 17.40
CA ILE H 106 -24.58 -21.79 16.67
C ILE H 106 -25.03 -23.09 16.02
N LEU H 107 -25.82 -23.90 16.72
CA LEU H 107 -26.15 -25.24 16.25
C LEU H 107 -27.10 -25.22 15.06
N GLU H 108 -27.92 -24.17 14.93
CA GLU H 108 -28.80 -24.07 13.78
C GLU H 108 -28.16 -23.36 12.60
N ALA H 109 -27.10 -22.58 12.84
CA ALA H 109 -26.33 -22.05 11.72
C ALA H 109 -25.49 -23.13 11.08
N GLU H 110 -25.14 -24.17 11.83
CA GLU H 110 -24.35 -25.27 11.28
C GLU H 110 -25.21 -26.30 10.57
N ALA H 111 -26.44 -26.53 11.04
CA ALA H 111 -27.30 -27.50 10.38
C ALA H 111 -27.82 -26.98 9.05
N ALA H 112 -27.92 -25.66 8.89
CA ALA H 112 -28.30 -25.09 7.62
C ALA H 112 -27.14 -25.05 6.65
N ALA H 113 -25.92 -24.94 7.15
CA ALA H 113 -24.74 -24.94 6.29
C ALA H 113 -24.42 -26.35 5.81
N LYS H 114 -24.73 -27.36 6.61
CA LYS H 114 -24.53 -28.74 6.18
C LYS H 114 -25.55 -29.14 5.13
N GLU H 115 -26.81 -28.73 5.32
CA GLU H 115 -27.86 -29.09 4.38
C GLU H 115 -27.69 -28.40 3.03
N LYS H 116 -27.20 -27.17 3.02
CA LYS H 116 -26.94 -26.48 1.76
C LYS H 116 -25.77 -27.12 1.01
N ASP H 117 -24.79 -27.63 1.73
CA ASP H 117 -23.61 -28.18 1.08
C ASP H 117 -23.83 -29.60 0.57
N GLU H 118 -24.72 -30.36 1.20
CA GLU H 118 -25.02 -31.70 0.70
C GLU H 118 -26.13 -31.69 -0.33
N LEU H 119 -26.69 -30.53 -0.67
CA LEU H 119 -27.57 -30.39 -1.83
C LEU H 119 -26.86 -29.80 -3.04
N ASP H 120 -25.63 -29.33 -2.88
CA ASP H 120 -24.81 -28.92 -4.01
C ASP H 120 -24.00 -30.06 -4.58
N ASN H 121 -23.85 -31.14 -3.82
CA ASN H 121 -23.11 -32.33 -4.24
C ASN H 121 -24.14 -33.47 -4.24
N ILE H 122 -24.75 -33.70 -5.40
CA ILE H 122 -25.90 -34.56 -5.56
C ILE H 122 -25.64 -35.51 -6.73
N GLU H 123 -26.09 -36.75 -6.58
CA GLU H 123 -26.00 -37.78 -7.62
C GLU H 123 -27.37 -38.41 -7.87
N VAL H 124 -28.40 -37.59 -8.06
CA VAL H 124 -29.70 -38.14 -8.47
C VAL H 124 -29.63 -38.46 -9.95
N SER H 125 -29.99 -39.69 -10.29
CA SER H 125 -30.15 -40.14 -11.66
C SER H 125 -31.65 -40.23 -11.97
N LYS H 126 -31.97 -40.80 -13.12
CA LYS H 126 -33.37 -41.09 -13.49
C LYS H 126 -34.01 -42.11 -12.54
N GLY I 1 -5.90 2.63 -5.64
CA GLY I 1 -6.26 1.41 -6.34
C GLY I 1 -7.66 0.93 -6.02
N PRO I 2 -7.94 -0.34 -6.29
CA PRO I 2 -9.26 -0.89 -5.98
C PRO I 2 -9.33 -1.37 -4.54
N PRO I 3 -10.53 -1.50 -3.98
CA PRO I 3 -10.65 -2.13 -2.67
C PRO I 3 -10.45 -3.64 -2.76
N SER I 4 -9.78 -4.19 -1.76
CA SER I 4 -9.40 -5.59 -1.70
C SER I 4 -10.39 -6.37 -0.84
N GLY I 5 -10.05 -7.62 -0.55
CA GLY I 5 -10.92 -8.45 0.27
C GLY I 5 -11.00 -7.96 1.70
N LYS I 6 -12.15 -8.19 2.32
CA LYS I 6 -12.44 -7.61 3.63
C LYS I 6 -11.75 -8.40 4.74
N THR I 7 -11.43 -7.70 5.81
CA THR I 7 -10.70 -8.24 6.94
C THR I 7 -11.57 -8.21 8.19
N TYR I 8 -10.96 -8.48 9.34
CA TYR I 8 -11.64 -8.44 10.63
C TYR I 8 -11.15 -7.28 11.48
N MET I 9 -10.53 -6.27 10.88
CA MET I 9 -10.14 -5.06 11.58
C MET I 9 -10.37 -3.86 10.67
N GLY I 10 -10.70 -2.72 11.27
CA GLY I 10 -10.85 -1.49 10.54
C GLY I 10 -9.88 -0.42 11.00
N TRP I 11 -10.32 0.84 11.01
CA TRP I 11 -9.49 1.93 11.50
C TRP I 11 -10.28 2.73 12.51
N TRP I 12 -9.78 3.89 12.90
CA TRP I 12 -10.44 4.75 13.88
C TRP I 12 -11.77 5.26 13.33
N GLY I 13 -12.87 4.88 13.98
CA GLY I 13 -14.21 5.24 13.57
C GLY I 13 -15.02 4.07 13.06
N HIS I 14 -14.38 3.11 12.39
CA HIS I 14 -15.05 1.92 11.87
C HIS I 14 -14.21 0.67 12.14
N MET I 15 -13.83 0.50 13.41
CA MET I 15 -12.94 -0.61 13.81
C MET I 15 -13.59 -1.97 13.60
N GLY I 16 -14.91 -2.07 13.68
CA GLY I 16 -15.60 -3.27 13.28
C GLY I 16 -15.99 -4.19 14.41
N GLY I 17 -16.40 -3.63 15.54
CA GLY I 17 -16.91 -4.42 16.63
C GLY I 17 -18.41 -4.33 16.73
N PRO I 18 -18.98 -4.79 17.85
CA PRO I 18 -20.40 -4.58 18.10
C PRO I 18 -20.67 -3.15 18.52
N LYS I 19 -21.92 -2.73 18.36
CA LYS I 19 -22.32 -1.40 18.79
C LYS I 19 -22.37 -1.34 20.30
N GLN I 20 -21.90 -0.22 20.85
CA GLN I 20 -21.87 -0.02 22.29
C GLN I 20 -22.89 1.03 22.68
N LYS I 21 -23.45 0.86 23.88
CA LYS I 21 -24.46 1.76 24.42
C LYS I 21 -24.52 1.54 25.91
N GLY I 22 -24.29 2.58 26.69
CA GLY I 22 -24.49 2.52 28.12
C GLY I 22 -23.28 2.23 28.97
N ILE I 23 -22.07 2.48 28.48
CA ILE I 23 -20.84 2.32 29.25
C ILE I 23 -20.19 3.68 29.39
N THR I 24 -19.76 4.02 30.60
CA THR I 24 -19.14 5.30 30.90
C THR I 24 -17.71 5.03 31.35
N SER I 25 -16.80 5.98 31.10
CA SER I 25 -15.42 5.87 31.56
C SER I 25 -14.92 7.21 32.09
N TYR I 26 -14.02 7.14 33.07
CA TYR I 26 -13.43 8.31 33.71
C TYR I 26 -11.93 8.10 33.83
N ALA I 27 -11.18 9.21 33.88
CA ALA I 27 -9.74 9.17 34.06
C ALA I 27 -9.28 10.53 34.57
N VAL I 28 -8.08 10.55 35.15
CA VAL I 28 -7.43 11.75 35.66
C VAL I 28 -6.04 11.82 35.01
N SER I 29 -5.58 13.05 34.76
CA SER I 29 -4.30 13.31 34.11
C SER I 29 -3.13 12.70 34.87
N PRO I 30 -2.03 12.38 34.17
CA PRO I 30 -0.81 11.94 34.87
C PRO I 30 -0.15 13.04 35.66
N TYR I 31 -0.34 14.30 35.30
CA TYR I 31 0.23 15.42 36.02
C TYR I 31 -0.43 15.66 37.37
N ALA I 32 -1.51 14.95 37.69
CA ALA I 32 -2.19 15.10 38.96
C ALA I 32 -2.02 13.91 39.89
N GLN I 33 -1.47 12.80 39.41
CA GLN I 33 -1.25 11.61 40.23
C GLN I 33 0.18 11.58 40.74
N LYS I 34 0.35 10.96 41.91
CA LYS I 34 1.63 11.02 42.60
C LYS I 34 2.69 10.18 41.89
N PRO I 35 3.94 10.63 41.88
CA PRO I 35 4.98 9.95 41.09
C PRO I 35 5.36 8.61 41.71
N LEU I 36 5.25 7.56 40.89
CA LEU I 36 5.60 6.17 41.24
C LEU I 36 4.79 5.68 42.44
N GLN I 37 3.46 5.62 42.26
CA GLN I 37 2.60 5.06 43.29
C GLN I 37 2.64 3.54 43.25
N GLY I 38 2.40 2.96 42.07
CA GLY I 38 2.36 1.52 41.92
C GLY I 38 3.71 0.85 41.79
N ILE I 39 4.64 1.15 42.69
CA ILE I 39 5.90 0.46 42.76
C ILE I 39 5.95 -0.55 43.90
N PHE I 40 5.12 -0.37 44.93
CA PHE I 40 4.86 -1.36 45.96
C PHE I 40 3.40 -1.78 45.85
N HIS I 41 3.01 -2.77 46.67
CA HIS I 41 1.92 -3.73 46.40
C HIS I 41 1.87 -4.06 44.91
N ASN I 42 2.93 -4.33 44.23
CA ASN I 42 2.83 -4.95 42.87
C ASN I 42 3.97 -5.96 42.77
N ALA I 43 5.40 -6.03 42.25
CA ALA I 43 6.35 -7.15 42.21
C ALA I 43 6.71 -7.78 43.57
N VAL I 44 6.72 -7.01 44.61
CA VAL I 44 6.90 -7.59 45.94
C VAL I 44 5.68 -8.41 46.41
N PHE I 45 4.49 -8.13 45.87
CA PHE I 45 3.26 -8.81 46.30
C PHE I 45 2.43 -9.33 45.15
N ASN I 46 2.34 -8.59 44.05
CA ASN I 46 1.50 -8.96 42.91
C ASN I 46 2.19 -9.95 41.99
N SER I 47 3.47 -9.73 41.65
CA SER I 47 4.19 -10.73 40.89
C SER I 47 4.54 -11.93 41.75
N PHE I 48 4.58 -11.76 43.07
CA PHE I 48 4.62 -12.88 43.99
C PHE I 48 3.29 -13.62 44.04
N ARG I 49 2.20 -12.98 43.62
CA ARG I 49 0.92 -13.66 43.49
C ARG I 49 0.79 -14.36 42.14
N ARG I 50 1.29 -13.73 41.07
CA ARG I 50 1.18 -14.31 39.74
C ARG I 50 2.14 -15.47 39.54
N PHE I 51 3.27 -15.49 40.27
CA PHE I 51 4.16 -16.64 40.21
C PHE I 51 3.50 -17.87 40.84
N LYS I 52 2.87 -17.68 41.99
CA LYS I 52 2.29 -18.78 42.75
C LYS I 52 1.13 -19.45 42.02
N SER I 53 0.45 -18.73 41.13
CA SER I 53 -0.55 -19.39 40.29
C SER I 53 0.12 -20.28 39.24
N GLN I 54 0.94 -19.69 38.38
CA GLN I 54 1.53 -20.40 37.25
C GLN I 54 2.99 -20.76 37.55
N PHE I 55 3.18 -21.76 38.42
CA PHE I 55 4.54 -22.28 38.58
C PHE I 55 4.52 -23.79 38.50
N LEU I 56 3.40 -24.40 38.89
CA LEU I 56 3.33 -25.85 38.92
C LEU I 56 3.13 -26.45 37.54
N TYR I 57 2.77 -25.62 36.56
CA TYR I 57 2.79 -26.04 35.16
C TYR I 57 4.17 -25.96 34.54
N VAL I 58 5.15 -25.43 35.26
CA VAL I 58 6.52 -25.32 34.79
C VAL I 58 7.44 -26.30 35.51
N LEU I 59 7.28 -26.44 36.83
CA LEU I 59 8.23 -27.16 37.67
C LEU I 59 8.03 -28.67 37.65
N ILE I 60 6.86 -29.17 37.29
CA ILE I 60 6.69 -30.61 37.15
C ILE I 60 7.24 -31.09 35.80
N PRO I 61 7.06 -30.41 34.65
CA PRO I 61 7.83 -30.84 33.47
C PRO I 61 9.32 -30.62 33.59
N ALA I 62 9.76 -29.66 34.39
CA ALA I 62 11.19 -29.44 34.56
C ALA I 62 11.83 -30.53 35.40
N GLY I 63 11.11 -31.04 36.41
CA GLY I 63 11.69 -32.05 37.28
C GLY I 63 11.83 -33.41 36.65
N ILE I 64 10.98 -33.72 35.66
CA ILE I 64 11.10 -34.98 34.95
C ILE I 64 12.32 -34.97 34.02
N TYR I 65 12.58 -33.84 33.37
CA TYR I 65 13.69 -33.75 32.44
C TYR I 65 15.02 -33.54 33.13
N TRP I 66 15.02 -33.09 34.38
CA TRP I 66 16.28 -33.01 35.10
C TRP I 66 16.58 -34.29 35.87
N TYR I 67 15.57 -35.08 36.19
CA TYR I 67 15.84 -36.40 36.73
C TYR I 67 16.38 -37.32 35.65
N TRP I 68 15.90 -37.16 34.42
CA TRP I 68 16.32 -38.02 33.33
C TRP I 68 17.76 -37.74 32.91
N TRP I 69 18.19 -36.49 33.00
CA TRP I 69 19.54 -36.13 32.59
C TRP I 69 20.56 -36.52 33.65
N LYS I 70 20.26 -36.26 34.92
CA LYS I 70 21.20 -36.57 36.00
C LYS I 70 21.34 -38.08 36.20
N ASN I 71 20.27 -38.84 36.00
CA ASN I 71 20.36 -40.29 36.14
C ASN I 71 21.03 -40.93 34.93
N GLY I 72 20.87 -40.34 33.75
CA GLY I 72 21.55 -40.86 32.57
C GLY I 72 23.01 -40.48 32.49
N ASN I 73 23.40 -39.43 33.22
CA ASN I 73 24.78 -38.95 33.22
C ASN I 73 25.67 -39.82 34.09
N GLU I 74 25.19 -40.16 35.29
CA GLU I 74 25.99 -40.92 36.23
C GLU I 74 26.15 -42.38 35.84
N TYR I 75 25.35 -42.88 34.89
CA TYR I 75 25.59 -44.20 34.34
C TYR I 75 26.67 -44.17 33.26
N ASN I 76 26.94 -43.00 32.68
CA ASN I 76 28.04 -42.89 31.72
C ASN I 76 29.38 -42.80 32.42
N GLU I 77 29.44 -42.12 33.58
CA GLU I 77 30.68 -42.06 34.33
C GLU I 77 31.03 -43.40 34.96
N PHE I 78 30.03 -44.23 35.23
CA PHE I 78 30.29 -45.56 35.77
C PHE I 78 30.84 -46.48 34.69
N LEU I 79 30.38 -46.34 33.45
CA LEU I 79 30.81 -47.24 32.40
C LEU I 79 32.23 -46.97 31.93
N TYR I 80 32.77 -45.79 32.20
CA TYR I 80 34.11 -45.42 31.79
C TYR I 80 35.02 -45.28 33.00
N SER I 81 34.86 -46.18 33.96
CA SER I 81 35.77 -46.29 35.10
C SER I 81 36.30 -47.71 35.14
N LYS I 82 37.16 -47.99 36.13
CA LYS I 82 37.75 -49.32 36.23
C LYS I 82 36.73 -50.34 36.74
N ALA I 83 35.82 -49.92 37.61
CA ALA I 83 34.78 -50.81 38.12
C ALA I 83 33.77 -51.15 37.04
N GLY I 84 33.59 -50.26 36.07
CA GLY I 84 32.66 -50.49 34.99
C GLY I 84 33.34 -50.86 33.68
N ARG I 85 34.40 -51.65 33.77
CA ARG I 85 35.17 -52.03 32.58
C ARG I 85 34.58 -53.23 31.85
N GLU I 86 33.98 -54.18 32.58
CA GLU I 86 33.38 -55.35 31.97
C GLU I 86 31.99 -55.05 31.40
N GLU I 87 31.28 -54.09 31.98
CA GLU I 87 29.95 -53.73 31.49
C GLU I 87 30.01 -52.78 30.30
N LEU I 88 31.18 -52.16 30.03
CA LEU I 88 31.35 -51.47 28.76
C LEU I 88 31.30 -52.47 27.62
N GLU I 89 31.94 -53.62 27.79
CA GLU I 89 31.71 -54.77 26.94
C GLU I 89 30.32 -55.33 27.21
N ARG I 90 29.79 -56.09 26.23
CA ARG I 90 28.47 -56.73 26.13
C ARG I 90 27.31 -55.74 26.08
N VAL I 91 27.59 -54.44 26.05
CA VAL I 91 26.58 -53.40 25.97
C VAL I 91 26.72 -52.57 24.69
N ASN I 92 27.94 -52.13 24.38
CA ASN I 92 28.14 -51.24 23.24
C ASN I 92 27.94 -51.97 21.91
N VAL I 93 28.49 -53.17 21.78
CA VAL I 93 28.21 -54.03 20.63
C VAL I 93 27.60 -55.32 21.15
N SER J 2 15.95 30.91 35.44
CA SER J 2 14.89 30.04 35.95
C SER J 2 14.93 28.65 35.33
N LEU J 3 13.89 28.04 35.12
CA LEU J 3 13.58 26.68 34.70
C LEU J 3 12.40 26.76 33.74
N TYR J 4 11.63 25.62 33.60
CA TYR J 4 11.26 24.95 32.35
C TYR J 4 10.91 25.86 31.17
N LYS J 5 10.21 27.00 31.44
CA LYS J 5 9.86 27.83 30.30
C LYS J 5 11.04 28.71 29.86
N THR J 6 12.03 28.89 30.72
CA THR J 6 13.27 29.56 30.34
C THR J 6 14.42 28.58 30.06
N PHE J 7 14.26 27.30 30.41
CA PHE J 7 15.35 26.34 30.31
C PHE J 7 15.01 25.05 29.56
N PHE J 8 13.74 24.60 29.59
CA PHE J 8 13.37 23.32 28.97
C PHE J 8 12.16 23.42 28.04
N LYS J 9 11.72 24.63 27.68
CA LYS J 9 10.60 24.78 26.76
C LYS J 9 11.05 25.18 25.36
N ARG J 10 11.74 26.32 25.28
CA ARG J 10 12.15 26.87 23.97
C ARG J 10 12.94 25.81 23.21
N ASN J 11 12.81 25.79 21.89
CA ASN J 11 13.43 24.73 21.10
C ASN J 11 14.87 25.00 20.74
N ALA J 12 15.37 26.21 20.95
CA ALA J 12 16.81 26.46 20.89
C ALA J 12 17.44 26.38 22.27
N VAL J 13 16.61 26.12 23.28
CA VAL J 13 17.13 25.92 24.66
C VAL J 13 16.90 24.44 24.97
N PHE J 14 15.65 23.99 24.88
CA PHE J 14 15.34 22.55 25.10
C PHE J 14 16.31 21.70 24.27
N VAL J 15 16.23 21.79 22.94
CA VAL J 15 17.12 21.00 22.10
C VAL J 15 18.52 21.61 22.07
N GLY J 16 18.65 22.91 22.28
CA GLY J 16 19.93 23.58 22.35
C GLY J 16 20.66 23.48 23.67
N THR J 17 20.19 22.65 24.60
CA THR J 17 20.97 22.24 25.76
C THR J 17 21.33 20.78 25.73
N ILE J 18 20.42 19.92 25.24
CA ILE J 18 20.72 18.50 25.16
C ILE J 18 21.67 18.16 24.03
N PHE J 19 21.92 19.10 23.11
CA PHE J 19 22.97 18.95 22.12
C PHE J 19 24.20 19.79 22.44
N ALA J 20 24.05 20.84 23.25
CA ALA J 20 25.20 21.63 23.68
C ALA J 20 25.84 21.04 24.92
N GLY J 21 25.01 20.61 25.87
CA GLY J 21 25.50 19.92 27.05
C GLY J 21 25.98 18.51 26.78
N ALA J 22 25.72 17.98 25.59
CA ALA J 22 26.20 16.65 25.22
C ALA J 22 27.70 16.63 25.00
N PHE J 23 28.34 17.79 24.81
CA PHE J 23 29.79 17.84 24.71
C PHE J 23 30.47 18.09 26.06
N VAL J 24 29.92 18.98 26.89
CA VAL J 24 30.57 19.25 28.18
C VAL J 24 30.42 18.05 29.11
N PHE J 25 29.34 17.28 28.95
CA PHE J 25 29.24 16.01 29.65
C PHE J 25 30.24 15.00 29.11
N GLN J 26 30.54 15.08 27.82
CA GLN J 26 31.33 14.03 27.15
C GLN J 26 32.76 13.95 27.67
N THR J 27 33.38 15.08 27.93
CA THR J 27 34.79 15.11 28.29
C THR J 27 35.05 14.97 29.77
N VAL J 28 34.25 15.61 30.63
CA VAL J 28 34.47 15.49 32.06
C VAL J 28 34.08 14.10 32.56
N PHE J 29 33.16 13.41 31.87
CA PHE J 29 32.91 12.01 32.17
C PHE J 29 34.05 11.15 31.67
N ASP J 30 34.66 11.53 30.55
CA ASP J 30 35.77 10.75 30.00
C ASP J 30 37.04 10.94 30.82
N THR J 31 37.24 12.13 31.37
CA THR J 31 38.44 12.39 32.16
C THR J 31 38.36 11.72 33.54
N ALA J 32 37.18 11.78 34.17
CA ALA J 32 37.04 11.24 35.51
C ALA J 32 37.01 9.72 35.53
N ILE J 33 36.63 9.08 34.43
CA ILE J 33 36.68 7.62 34.36
C ILE J 33 38.12 7.14 34.26
N THR J 34 38.94 7.86 33.49
CA THR J 34 40.34 7.48 33.31
C THR J 34 41.16 7.69 34.58
N SER J 35 40.78 8.67 35.41
CA SER J 35 41.49 8.88 36.67
C SER J 35 41.19 7.77 37.68
N TRP J 36 39.98 7.22 37.65
CA TRP J 36 39.64 6.15 38.58
C TRP J 36 40.30 4.84 38.17
N TYR J 37 40.44 4.60 36.86
CA TYR J 37 40.95 3.33 36.37
C TYR J 37 42.44 3.20 36.62
N GLU J 38 43.18 4.29 36.40
CA GLU J 38 44.63 4.29 36.57
C GLU J 38 45.06 4.54 38.00
N ASN J 39 44.11 4.65 38.93
CA ASN J 39 44.39 4.67 40.35
C ASN J 39 44.00 3.38 41.04
N HIS J 40 42.97 2.71 40.56
CA HIS J 40 42.62 1.38 41.06
C HIS J 40 43.67 0.35 40.67
N ASN J 41 44.34 0.55 39.54
CA ASN J 41 45.36 -0.36 39.04
C ASN J 41 46.75 0.27 39.13
N LYS J 42 47.00 0.98 40.23
CA LYS J 42 48.27 1.67 40.40
C LYS J 42 49.39 0.70 40.75
N GLY J 43 50.53 0.86 40.09
CA GLY J 43 51.69 0.02 40.31
C GLY J 43 51.95 -1.01 39.22
N LYS J 44 50.98 -1.24 38.33
CA LYS J 44 51.11 -2.24 37.29
C LYS J 44 51.23 -1.66 35.89
N LEU J 45 50.99 -0.36 35.71
CA LEU J 45 51.02 0.23 34.38
C LEU J 45 52.47 0.36 33.91
N TRP J 46 52.62 0.75 32.64
CA TRP J 46 53.96 0.95 32.11
C TRP J 46 54.61 2.21 32.67
N LYS J 47 53.80 3.21 33.02
CA LYS J 47 54.32 4.44 33.59
C LYS J 47 54.94 4.20 34.96
N ASP J 48 54.46 3.21 35.71
CA ASP J 48 54.98 2.96 37.04
C ASP J 48 56.28 2.16 37.01
N VAL J 49 56.40 1.18 36.11
CA VAL J 49 57.59 0.35 36.04
C VAL J 49 58.67 0.92 35.13
N LYS J 50 58.38 2.01 34.42
CA LYS J 50 59.43 2.72 33.69
C LYS J 50 60.23 3.63 34.60
N ALA J 51 59.60 4.18 35.63
CA ALA J 51 60.29 4.96 36.64
C ALA J 51 61.01 4.08 37.67
N ARG J 52 60.81 2.76 37.62
CA ARG J 52 61.52 1.83 38.49
C ARG J 52 62.79 1.30 37.85
N ILE J 53 62.90 1.35 36.52
CA ILE J 53 64.14 0.99 35.83
C ILE J 53 64.99 2.22 35.56
N ALA J 54 64.70 3.35 36.22
CA ALA J 54 65.51 4.55 36.11
C ALA J 54 66.77 4.36 36.92
N ALA J 55 67.75 3.71 36.30
CA ALA J 55 69.04 3.43 36.94
C ALA J 55 70.19 3.87 36.03
N ALA K 1 -56.98 -31.12 -28.44
CA ALA K 1 -55.69 -30.44 -28.57
C ALA K 1 -54.89 -31.00 -29.74
N GLU K 2 -55.54 -31.11 -30.90
CA GLU K 2 -54.90 -31.60 -32.11
C GLU K 2 -55.10 -30.56 -33.20
N VAL K 3 -54.11 -30.45 -34.09
CA VAL K 3 -54.05 -29.40 -35.09
C VAL K 3 -54.42 -29.99 -36.45
N THR K 4 -55.08 -29.20 -37.28
CA THR K 4 -55.57 -29.69 -38.56
C THR K 4 -55.28 -28.65 -39.63
N GLN K 5 -54.48 -29.03 -40.63
CA GLN K 5 -54.24 -28.21 -41.81
C GLN K 5 -55.06 -28.75 -42.96
N LEU K 6 -55.54 -27.84 -43.81
CA LEU K 6 -56.33 -28.23 -44.97
C LEU K 6 -56.23 -27.14 -46.02
N SER K 7 -55.49 -27.40 -47.08
CA SER K 7 -55.24 -26.43 -48.14
C SER K 7 -56.18 -26.72 -49.31
N ASN K 8 -57.13 -25.82 -49.56
CA ASN K 8 -57.91 -25.80 -50.79
C ASN K 8 -57.34 -24.81 -51.80
N GLY K 9 -56.05 -24.52 -51.72
CA GLY K 9 -55.43 -23.34 -52.32
C GLY K 9 -55.04 -22.31 -51.29
N ILE K 10 -55.75 -22.27 -50.17
CA ILE K 10 -55.45 -21.43 -49.02
C ILE K 10 -55.20 -22.33 -47.83
N VAL K 11 -54.10 -22.11 -47.12
CA VAL K 11 -53.81 -22.90 -45.93
C VAL K 11 -54.69 -22.41 -44.79
N VAL K 12 -55.39 -23.34 -44.14
CA VAL K 12 -56.24 -23.05 -43.00
C VAL K 12 -55.86 -24.01 -41.88
N ALA K 13 -55.27 -23.48 -40.81
CA ALA K 13 -54.94 -24.27 -39.63
C ALA K 13 -55.86 -23.86 -38.48
N THR K 14 -56.14 -24.82 -37.58
CA THR K 14 -57.12 -24.62 -36.53
C THR K 14 -56.90 -25.67 -35.45
N GLU K 15 -56.84 -25.25 -34.18
CA GLU K 15 -56.89 -26.18 -33.06
C GLU K 15 -58.16 -25.92 -32.26
N HIS K 16 -59.08 -26.87 -32.29
CA HIS K 16 -60.32 -26.77 -31.53
C HIS K 16 -60.06 -27.01 -30.04
N ASN K 17 -60.84 -26.35 -29.21
CA ASN K 17 -60.84 -26.59 -27.77
C ASN K 17 -62.22 -26.22 -27.28
N PRO K 18 -63.10 -27.19 -27.07
CA PRO K 18 -64.49 -26.89 -26.73
C PRO K 18 -64.73 -26.48 -25.28
N SER K 19 -63.69 -26.20 -24.50
CA SER K 19 -63.84 -25.66 -23.16
C SER K 19 -63.49 -24.18 -23.08
N ALA K 20 -63.40 -23.50 -24.23
CA ALA K 20 -63.07 -22.09 -24.26
C ALA K 20 -64.33 -21.26 -24.46
N HIS K 21 -64.25 -19.99 -24.08
CA HIS K 21 -65.40 -19.09 -24.10
C HIS K 21 -65.33 -18.03 -25.18
N THR K 22 -64.21 -17.92 -25.89
CA THR K 22 -64.06 -16.99 -27.00
C THR K 22 -63.44 -17.72 -28.18
N ALA K 23 -63.24 -16.99 -29.27
CA ALA K 23 -62.70 -17.57 -30.49
C ALA K 23 -62.00 -16.47 -31.29
N SER K 24 -60.84 -16.79 -31.82
CA SER K 24 -60.04 -15.85 -32.60
C SER K 24 -59.96 -16.30 -34.04
N VAL K 25 -60.04 -15.34 -34.97
CA VAL K 25 -59.91 -15.57 -36.40
C VAL K 25 -59.04 -14.46 -36.98
N GLY K 26 -57.94 -14.85 -37.63
CA GLY K 26 -57.08 -13.85 -38.24
C GLY K 26 -56.29 -14.37 -39.42
N VAL K 27 -55.34 -13.59 -39.93
CA VAL K 27 -54.46 -14.03 -40.99
C VAL K 27 -53.03 -13.64 -40.62
N VAL K 28 -52.09 -14.55 -40.85
CA VAL K 28 -50.68 -14.36 -40.50
C VAL K 28 -49.86 -14.45 -41.77
N PHE K 29 -49.05 -13.42 -42.03
CA PHE K 29 -48.22 -13.39 -43.21
C PHE K 29 -46.80 -13.82 -42.88
N GLY K 30 -46.09 -14.29 -43.91
CA GLY K 30 -44.75 -14.80 -43.74
C GLY K 30 -43.64 -13.86 -44.15
N SER K 31 -43.85 -12.56 -43.93
CA SER K 31 -42.87 -11.54 -44.24
C SER K 31 -42.83 -10.55 -43.10
N GLY K 32 -41.68 -10.42 -42.46
CA GLY K 32 -41.59 -9.55 -41.31
C GLY K 32 -40.64 -8.40 -41.47
N ALA K 33 -39.99 -7.99 -40.38
CA ALA K 33 -39.05 -6.88 -40.44
C ALA K 33 -37.73 -7.24 -41.08
N ALA K 34 -37.48 -8.54 -41.30
CA ALA K 34 -36.29 -9.00 -42.01
C ALA K 34 -36.56 -9.18 -43.50
N ASN K 35 -37.49 -8.41 -44.05
CA ASN K 35 -37.77 -8.36 -45.49
C ASN K 35 -37.92 -6.91 -45.93
N GLU K 36 -37.09 -6.03 -45.38
CA GLU K 36 -37.14 -4.61 -45.67
C GLU K 36 -35.73 -4.10 -46.00
N ASN K 37 -35.67 -2.92 -46.57
CA ASN K 37 -34.40 -2.23 -46.83
C ASN K 37 -34.25 -1.11 -45.83
N PRO K 38 -33.04 -0.48 -45.71
CA PRO K 38 -32.89 0.58 -44.71
C PRO K 38 -33.57 1.92 -44.98
N TYR K 39 -34.46 2.00 -45.97
CA TYR K 39 -35.16 3.25 -46.24
C TYR K 39 -36.67 3.17 -46.00
N ASN K 40 -37.28 2.00 -46.14
CA ASN K 40 -38.65 1.79 -45.72
C ASN K 40 -38.71 1.01 -44.41
N ASN K 41 -37.78 1.30 -43.49
CA ASN K 41 -37.68 0.54 -42.26
C ASN K 41 -38.81 0.92 -41.31
N GLY K 42 -39.39 -0.09 -40.68
CA GLY K 42 -40.53 0.14 -39.82
C GLY K 42 -41.80 0.48 -40.55
N VAL K 43 -41.95 -0.03 -41.78
CA VAL K 43 -43.19 0.21 -42.53
C VAL K 43 -44.25 -0.80 -42.15
N SER K 44 -43.88 -1.93 -41.56
CA SER K 44 -44.84 -2.85 -41.00
C SER K 44 -45.41 -2.36 -39.68
N ASN K 45 -44.69 -1.49 -39.00
CA ASN K 45 -45.20 -0.85 -37.79
C ASN K 45 -46.28 0.17 -38.10
N LEU K 46 -46.34 0.67 -39.33
CA LEU K 46 -47.44 1.53 -39.77
C LEU K 46 -48.59 0.75 -40.39
N TRP K 47 -48.41 -0.53 -40.67
CA TRP K 47 -49.52 -1.37 -41.08
C TRP K 47 -50.26 -1.98 -39.89
N LYS K 48 -49.56 -2.20 -38.79
CA LYS K 48 -50.24 -2.60 -37.57
C LYS K 48 -51.12 -1.47 -37.05
N ASN K 49 -50.54 -0.26 -36.98
CA ASN K 49 -51.25 0.88 -36.35
C ASN K 49 -52.55 1.23 -37.09
N ILE K 50 -52.49 1.46 -38.41
CA ILE K 50 -53.71 1.92 -39.08
C ILE K 50 -54.77 0.83 -39.14
N PHE K 51 -54.41 -0.42 -38.88
CA PHE K 51 -55.42 -1.45 -38.65
C PHE K 51 -56.07 -1.26 -37.28
N LEU K 52 -55.34 -0.68 -36.32
CA LEU K 52 -55.85 -0.40 -34.98
C LEU K 52 -56.22 1.07 -34.81
N SER K 53 -56.32 1.82 -35.90
CA SER K 53 -56.70 3.23 -35.82
C SER K 53 -58.16 3.37 -35.43
N LYS K 54 -58.54 4.58 -35.04
CA LYS K 54 -59.76 4.78 -34.26
C LYS K 54 -60.99 4.64 -35.12
N GLU K 55 -60.94 5.09 -36.38
CA GLU K 55 -62.07 4.93 -37.28
C GLU K 55 -62.23 3.49 -37.75
N ASN K 56 -61.16 2.70 -37.77
CA ASN K 56 -61.28 1.30 -38.17
C ASN K 56 -61.74 0.42 -37.00
N SER K 57 -61.33 0.77 -35.78
CA SER K 57 -61.71 0.02 -34.59
C SER K 57 -63.06 0.44 -34.02
N ALA K 58 -63.61 1.57 -34.45
CA ALA K 58 -64.97 1.92 -34.05
C ALA K 58 -65.99 1.07 -34.77
N VAL K 59 -65.68 0.64 -35.99
CA VAL K 59 -66.60 -0.20 -36.75
C VAL K 59 -66.65 -1.59 -36.17
N ALA K 60 -65.53 -2.08 -35.66
CA ALA K 60 -65.49 -3.44 -35.10
C ALA K 60 -66.14 -3.51 -33.74
N ALA K 61 -66.08 -2.44 -32.95
CA ALA K 61 -66.68 -2.45 -31.63
C ALA K 61 -68.20 -2.40 -31.65
N LYS K 62 -68.81 -2.08 -32.79
CA LYS K 62 -70.26 -2.08 -32.93
C LYS K 62 -70.84 -3.45 -33.19
N GLU K 63 -70.01 -4.49 -33.32
CA GLU K 63 -70.49 -5.87 -33.37
C GLU K 63 -69.87 -6.76 -32.31
N GLY K 64 -69.10 -6.20 -31.39
CA GLY K 64 -68.50 -6.98 -30.33
C GLY K 64 -67.26 -7.71 -30.78
N LEU K 65 -66.35 -7.01 -31.46
CA LEU K 65 -65.16 -7.58 -32.04
C LEU K 65 -63.95 -6.77 -31.60
N ALA K 66 -62.92 -7.45 -31.11
CA ALA K 66 -61.70 -6.80 -30.68
C ALA K 66 -60.60 -7.06 -31.70
N LEU K 67 -59.73 -6.08 -31.88
CA LEU K 67 -58.64 -6.16 -32.85
C LEU K 67 -57.31 -6.28 -32.12
N SER K 68 -56.38 -7.03 -32.74
CA SER K 68 -55.02 -7.13 -32.20
C SER K 68 -54.06 -7.51 -33.31
N SER K 69 -52.82 -7.02 -33.21
CA SER K 69 -51.81 -7.23 -34.23
C SER K 69 -50.44 -7.32 -33.57
N ASN K 70 -49.42 -7.71 -34.33
CA ASN K 70 -48.09 -7.96 -33.80
C ASN K 70 -47.06 -7.98 -34.93
N ILE K 71 -46.01 -7.18 -34.80
CA ILE K 71 -44.94 -7.09 -35.80
C ILE K 71 -43.66 -7.64 -35.19
N SER K 72 -43.03 -8.60 -35.88
CA SER K 72 -41.77 -9.19 -35.45
C SER K 72 -40.88 -9.37 -36.68
N ARG K 73 -39.83 -10.17 -36.52
CA ARG K 73 -39.09 -10.67 -37.67
C ARG K 73 -39.75 -11.94 -38.19
N ASP K 74 -39.69 -12.12 -39.50
CA ASP K 74 -40.15 -13.28 -40.27
C ASP K 74 -41.67 -13.50 -40.32
N PHE K 75 -42.48 -12.72 -39.59
CA PHE K 75 -43.94 -12.83 -39.67
C PHE K 75 -44.61 -11.63 -39.03
N GLN K 76 -45.84 -11.35 -39.51
CA GLN K 76 -46.77 -10.38 -38.93
C GLN K 76 -48.14 -11.01 -38.81
N SER K 77 -49.02 -10.40 -38.01
CA SER K 77 -50.35 -10.94 -37.81
C SER K 77 -51.38 -9.83 -37.64
N TYR K 78 -52.62 -10.13 -37.98
CA TYR K 78 -53.77 -9.24 -37.79
C TYR K 78 -54.93 -10.10 -37.31
N ILE K 79 -55.28 -10.00 -36.04
CA ILE K 79 -56.22 -10.90 -35.39
C ILE K 79 -57.52 -10.17 -35.08
N VAL K 80 -58.65 -10.86 -35.27
CA VAL K 80 -59.96 -10.38 -34.88
C VAL K 80 -60.56 -11.36 -33.88
N SER K 81 -60.90 -10.87 -32.68
CA SER K 81 -61.41 -11.71 -31.62
C SER K 81 -62.89 -11.43 -31.37
N SER K 82 -63.62 -12.46 -30.97
CA SER K 82 -65.09 -12.39 -30.85
C SER K 82 -65.57 -13.47 -29.90
N LEU K 83 -66.89 -13.73 -29.90
CA LEU K 83 -67.68 -14.72 -29.18
C LEU K 83 -67.96 -15.92 -30.07
N PRO K 84 -68.07 -17.14 -29.53
CA PRO K 84 -68.05 -18.34 -30.37
C PRO K 84 -69.31 -18.60 -31.18
N GLY K 85 -70.34 -17.77 -31.07
CA GLY K 85 -71.48 -17.92 -31.95
C GLY K 85 -71.52 -16.81 -32.98
N SER K 86 -70.37 -16.15 -33.18
CA SER K 86 -70.33 -14.92 -33.95
C SER K 86 -69.11 -14.86 -34.86
N THR K 87 -68.57 -16.01 -35.24
CA THR K 87 -67.33 -16.01 -36.02
C THR K 87 -67.56 -15.70 -37.49
N ASP K 88 -68.79 -15.76 -37.98
CA ASP K 88 -69.04 -15.40 -39.37
C ASP K 88 -68.98 -13.89 -39.57
N LYS K 89 -69.26 -13.12 -38.51
CA LYS K 89 -69.03 -11.68 -38.56
C LYS K 89 -67.56 -11.34 -38.50
N SER K 90 -66.71 -12.24 -38.00
CA SER K 90 -65.28 -11.97 -37.93
C SER K 90 -64.62 -12.09 -39.30
N LEU K 91 -65.09 -12.99 -40.15
CA LEU K 91 -64.55 -13.09 -41.50
C LEU K 91 -64.97 -11.90 -42.36
N ASP K 92 -66.18 -11.39 -42.16
CA ASP K 92 -66.66 -10.26 -42.95
C ASP K 92 -65.95 -8.97 -42.60
N PHE K 93 -65.37 -8.88 -41.40
CA PHE K 93 -64.59 -7.69 -41.10
C PHE K 93 -63.21 -7.77 -41.73
N LEU K 94 -62.64 -8.97 -41.84
CA LEU K 94 -61.34 -9.08 -42.48
C LEU K 94 -61.45 -8.93 -43.99
N ASN K 95 -62.56 -9.38 -44.57
CA ASN K 95 -62.79 -9.31 -46.01
C ASN K 95 -62.94 -7.89 -46.51
N GLN K 96 -63.76 -7.09 -45.83
CA GLN K 96 -63.93 -5.68 -46.19
C GLN K 96 -62.85 -4.84 -45.53
N SER K 97 -62.37 -3.82 -46.24
CA SER K 97 -61.48 -2.76 -45.75
C SER K 97 -60.12 -3.22 -45.26
N PHE K 98 -59.82 -4.52 -45.36
CA PHE K 98 -58.43 -4.96 -45.25
C PHE K 98 -57.99 -5.74 -46.47
N ILE K 99 -58.84 -6.62 -46.99
CA ILE K 99 -58.50 -7.41 -48.16
C ILE K 99 -59.06 -6.75 -49.42
N GLN K 100 -60.37 -6.54 -49.46
CA GLN K 100 -60.98 -6.07 -50.70
C GLN K 100 -60.89 -4.54 -50.86
N GLN K 101 -61.60 -3.79 -50.03
CA GLN K 101 -61.68 -2.34 -50.21
C GLN K 101 -60.76 -1.62 -49.23
N LYS K 102 -59.46 -1.86 -49.37
CA LYS K 102 -58.48 -1.32 -48.44
C LYS K 102 -57.97 0.06 -48.83
N ALA K 103 -58.74 0.82 -49.61
CA ALA K 103 -58.33 2.15 -50.05
C ALA K 103 -58.78 3.27 -49.12
N ASN K 104 -59.94 3.13 -48.47
CA ASN K 104 -60.44 4.20 -47.61
C ASN K 104 -59.69 4.30 -46.29
N LEU K 105 -58.93 3.27 -45.91
CA LEU K 105 -58.10 3.35 -44.71
C LEU K 105 -56.87 4.22 -44.94
N LEU K 106 -56.39 4.30 -46.18
CA LEU K 106 -55.21 5.07 -46.52
C LEU K 106 -55.59 6.45 -47.05
N SER K 107 -56.20 7.25 -46.18
CA SER K 107 -56.59 8.61 -46.51
C SER K 107 -55.38 9.53 -46.38
N SER K 108 -55.62 10.84 -46.40
CA SER K 108 -54.56 11.79 -46.12
C SER K 108 -54.60 12.32 -44.70
N SER K 109 -55.77 12.33 -44.07
CA SER K 109 -55.89 12.75 -42.69
C SER K 109 -55.75 11.58 -41.72
N ASN K 110 -56.17 10.39 -42.12
CA ASN K 110 -55.99 9.22 -41.26
C ASN K 110 -54.53 8.77 -41.24
N PHE K 111 -53.81 8.96 -42.33
CA PHE K 111 -52.40 8.58 -42.37
C PHE K 111 -51.54 9.57 -41.60
N GLU K 112 -51.85 10.87 -41.70
CA GLU K 112 -51.01 11.88 -41.08
C GLU K 112 -51.18 11.94 -39.57
N ALA K 113 -52.37 11.63 -39.06
CA ALA K 113 -52.57 11.55 -37.62
C ALA K 113 -51.94 10.30 -37.05
N THR K 114 -51.84 9.24 -37.85
CA THR K 114 -51.27 7.98 -37.37
C THR K 114 -49.75 8.05 -37.28
N LYS K 115 -49.11 8.67 -38.29
CA LYS K 115 -47.66 8.71 -38.35
C LYS K 115 -47.07 9.52 -37.20
N LYS K 116 -47.74 10.60 -36.81
CA LYS K 116 -47.28 11.39 -35.67
C LYS K 116 -47.58 10.74 -34.33
N SER K 117 -48.35 9.66 -34.30
CA SER K 117 -48.49 8.86 -33.10
C SER K 117 -47.42 7.77 -33.03
N VAL K 118 -47.04 7.20 -34.18
CA VAL K 118 -45.93 6.26 -34.22
C VAL K 118 -44.59 6.99 -34.06
N LEU K 119 -44.52 8.28 -34.41
CA LEU K 119 -43.28 9.01 -34.18
C LEU K 119 -43.01 9.27 -32.70
N LYS K 120 -44.04 9.27 -31.86
CA LYS K 120 -43.83 9.52 -30.44
C LYS K 120 -43.75 8.25 -29.62
N GLN K 121 -44.14 7.10 -30.19
CA GLN K 121 -43.94 5.83 -29.50
C GLN K 121 -42.47 5.41 -29.54
N VAL K 122 -41.85 5.54 -30.70
CA VAL K 122 -40.45 5.19 -30.86
C VAL K 122 -39.54 6.20 -30.18
N GLN K 123 -39.98 7.45 -30.05
CA GLN K 123 -39.19 8.45 -29.33
C GLN K 123 -39.21 8.21 -27.82
N ASP K 124 -40.36 7.83 -27.27
CA ASP K 124 -40.39 7.45 -25.86
C ASP K 124 -39.71 6.12 -25.59
N PHE K 125 -39.68 5.23 -26.59
CA PHE K 125 -38.97 3.97 -26.44
C PHE K 125 -37.47 4.18 -26.35
N GLU K 126 -36.95 5.13 -27.13
CA GLU K 126 -35.51 5.36 -27.19
C GLU K 126 -34.96 6.05 -25.95
N GLU K 127 -35.81 6.61 -25.10
CA GLU K 127 -35.36 7.35 -23.93
C GLU K 127 -35.72 6.68 -22.61
N ASN K 128 -36.57 5.66 -22.61
CA ASN K 128 -37.09 5.16 -21.35
C ASN K 128 -36.87 3.66 -21.16
N ASP K 129 -36.90 2.89 -22.24
CA ASP K 129 -36.95 1.44 -22.16
C ASP K 129 -35.56 0.84 -22.36
N HIS K 130 -34.73 0.93 -21.34
CA HIS K 130 -33.31 0.62 -21.46
C HIS K 130 -32.96 -0.87 -21.59
N PRO K 131 -33.60 -1.83 -20.90
CA PRO K 131 -33.28 -3.24 -21.18
C PRO K 131 -33.76 -3.74 -22.54
N ASN K 132 -34.65 -3.03 -23.22
CA ASN K 132 -35.15 -3.47 -24.51
C ASN K 132 -34.51 -2.76 -25.69
N ARG K 133 -33.98 -1.56 -25.49
CA ARG K 133 -33.23 -0.89 -26.55
C ARG K 133 -31.77 -1.27 -26.56
N VAL K 134 -31.31 -2.06 -25.59
CA VAL K 134 -29.97 -2.63 -25.63
C VAL K 134 -29.98 -3.97 -26.35
N LEU K 135 -31.03 -4.76 -26.15
CA LEU K 135 -31.21 -5.98 -26.90
C LEU K 135 -31.45 -5.71 -28.38
N GLU K 136 -31.96 -4.54 -28.73
CA GLU K 136 -32.10 -4.18 -30.14
C GLU K 136 -30.75 -3.89 -30.77
N HIS K 137 -29.87 -3.21 -30.04
CA HIS K 137 -28.51 -2.96 -30.52
C HIS K 137 -27.68 -4.23 -30.59
N LEU K 138 -28.04 -5.27 -29.84
CA LEU K 138 -27.39 -6.56 -29.99
C LEU K 138 -27.72 -7.21 -31.32
N HIS K 139 -28.94 -7.05 -31.82
CA HIS K 139 -29.24 -7.52 -33.16
C HIS K 139 -28.65 -6.60 -34.21
N SER K 140 -28.47 -5.32 -33.88
CA SER K 140 -27.95 -4.35 -34.84
C SER K 140 -26.45 -4.48 -35.04
N THR K 141 -25.73 -5.01 -34.07
CA THR K 141 -24.28 -5.11 -34.19
C THR K 141 -23.79 -6.51 -34.51
N ALA K 142 -24.62 -7.53 -34.33
CA ALA K 142 -24.23 -8.89 -34.62
C ALA K 142 -24.53 -9.28 -36.05
N PHE K 143 -25.54 -8.67 -36.65
CA PHE K 143 -25.91 -8.95 -38.03
C PHE K 143 -25.86 -7.69 -38.87
N GLN K 144 -24.83 -6.87 -38.70
CA GLN K 144 -24.73 -5.62 -39.44
C GLN K 144 -24.51 -5.86 -40.93
N ASN K 145 -25.16 -5.01 -41.74
CA ASN K 145 -25.17 -5.05 -43.21
C ASN K 145 -25.69 -6.39 -43.74
N THR K 146 -26.90 -6.72 -43.32
CA THR K 146 -27.54 -8.03 -43.39
C THR K 146 -28.98 -7.83 -42.96
N PRO K 147 -29.96 -8.55 -43.55
CA PRO K 147 -31.39 -8.27 -43.26
C PRO K 147 -31.81 -8.40 -41.80
N LEU K 148 -31.16 -9.26 -41.02
CA LEU K 148 -31.62 -9.58 -39.67
C LEU K 148 -31.28 -8.52 -38.64
N SER K 149 -30.89 -7.30 -39.02
CA SER K 149 -30.51 -6.28 -38.07
C SER K 149 -31.39 -5.05 -38.06
N LEU K 150 -32.47 -5.02 -38.86
CA LEU K 150 -33.20 -3.77 -38.79
C LEU K 150 -34.20 -3.82 -37.66
N PRO K 151 -34.37 -2.71 -36.92
CA PRO K 151 -35.28 -2.73 -35.77
C PRO K 151 -36.73 -2.78 -36.19
N THR K 152 -37.53 -3.56 -35.43
CA THR K 152 -38.91 -3.86 -35.81
C THR K 152 -39.82 -2.64 -35.70
N ARG K 153 -39.42 -1.62 -34.96
CA ARG K 153 -40.17 -0.38 -34.88
C ARG K 153 -39.73 0.65 -35.91
N GLY K 154 -38.58 0.47 -36.54
CA GLY K 154 -38.00 1.49 -37.37
C GLY K 154 -37.29 2.56 -36.56
N THR K 155 -36.61 3.46 -37.26
CA THR K 155 -35.87 4.52 -36.62
C THR K 155 -36.54 5.85 -36.90
N LEU K 156 -36.07 6.89 -36.21
CA LEU K 156 -36.78 8.16 -36.21
C LEU K 156 -36.64 8.93 -37.50
N GLU K 157 -35.60 8.70 -38.29
CA GLU K 157 -35.53 9.37 -39.59
C GLU K 157 -35.92 8.46 -40.74
N SER K 158 -35.93 7.15 -40.54
CA SER K 158 -36.55 6.27 -41.52
C SER K 158 -38.05 6.26 -41.41
N LEU K 159 -38.61 6.71 -40.29
CA LEU K 159 -40.05 6.85 -40.15
C LEU K 159 -40.57 8.19 -40.68
N GLU K 160 -39.72 9.21 -40.71
CA GLU K 160 -40.18 10.52 -41.14
C GLU K 160 -40.24 10.64 -42.65
N ASN K 161 -39.36 9.94 -43.36
CA ASN K 161 -39.36 9.94 -44.83
C ASN K 161 -40.19 8.79 -45.38
N LEU K 162 -41.42 8.67 -44.92
CA LEU K 162 -42.31 7.59 -45.31
C LEU K 162 -43.64 8.20 -45.73
N VAL K 163 -44.00 8.01 -47.00
CA VAL K 163 -45.23 8.58 -47.53
C VAL K 163 -46.22 7.46 -47.77
N VAL K 164 -47.43 7.82 -48.20
CA VAL K 164 -48.50 6.83 -48.37
C VAL K 164 -48.23 5.91 -49.56
N ALA K 165 -47.39 6.35 -50.50
CA ALA K 165 -47.02 5.52 -51.65
C ALA K 165 -46.19 4.32 -51.25
N ASP K 166 -45.53 4.38 -50.10
CA ASP K 166 -44.67 3.29 -49.64
C ASP K 166 -45.44 2.12 -49.04
N LEU K 167 -46.66 2.35 -48.56
CA LEU K 167 -47.41 1.29 -47.91
C LEU K 167 -48.01 0.32 -48.92
N GLU K 168 -48.62 0.84 -49.99
CA GLU K 168 -49.14 -0.02 -51.04
C GLU K 168 -48.02 -0.70 -51.80
N SER K 169 -46.86 -0.06 -51.87
CA SER K 169 -45.68 -0.71 -52.44
C SER K 169 -45.24 -1.89 -51.58
N PHE K 170 -45.45 -1.80 -50.27
CA PHE K 170 -45.14 -2.92 -49.39
C PHE K 170 -46.22 -3.99 -49.45
N ALA K 171 -47.49 -3.60 -49.57
CA ALA K 171 -48.58 -4.56 -49.58
C ALA K 171 -48.65 -5.32 -50.89
N ASN K 172 -48.26 -4.70 -51.99
CA ASN K 172 -48.33 -5.35 -53.30
C ASN K 172 -47.31 -6.49 -53.41
N ASN K 173 -46.20 -6.38 -52.69
CA ASN K 173 -45.13 -7.35 -52.78
C ASN K 173 -45.14 -8.38 -51.66
N HIS K 174 -45.93 -8.17 -50.61
CA HIS K 174 -45.80 -9.02 -49.42
C HIS K 174 -47.11 -9.58 -48.88
N PHE K 175 -48.26 -8.99 -49.17
CA PHE K 175 -49.54 -9.56 -48.70
C PHE K 175 -50.19 -10.39 -49.81
N LEU K 176 -49.52 -11.46 -50.19
CA LEU K 176 -49.94 -12.30 -51.29
C LEU K 176 -50.58 -13.58 -50.78
N ASN K 177 -51.06 -14.41 -51.69
CA ASN K 177 -51.85 -15.57 -51.31
C ASN K 177 -51.02 -16.73 -50.81
N SER K 178 -49.85 -16.98 -51.39
CA SER K 178 -49.02 -18.08 -50.92
C SER K 178 -48.19 -17.70 -49.71
N ASN K 179 -47.97 -16.41 -49.49
CA ASN K 179 -47.28 -15.91 -48.30
C ASN K 179 -48.25 -15.64 -47.16
N ALA K 180 -49.14 -16.58 -46.87
CA ALA K 180 -50.24 -16.28 -45.96
C ALA K 180 -50.81 -17.57 -45.39
N VAL K 181 -51.28 -17.49 -44.14
CA VAL K 181 -51.93 -18.60 -43.46
C VAL K 181 -53.10 -18.02 -42.66
N VAL K 182 -54.27 -18.65 -42.77
CA VAL K 182 -55.46 -18.23 -42.04
C VAL K 182 -55.65 -19.16 -40.84
N VAL K 183 -55.64 -18.58 -39.64
CA VAL K 183 -55.60 -19.31 -38.39
C VAL K 183 -56.94 -19.12 -37.67
N GLY K 184 -57.33 -20.13 -36.88
CA GLY K 184 -58.42 -19.96 -35.95
C GLY K 184 -58.28 -20.82 -34.72
N THR K 185 -58.28 -20.21 -33.55
CA THR K 185 -58.10 -20.94 -32.30
C THR K 185 -59.29 -20.68 -31.39
N GLY K 186 -59.33 -21.41 -30.28
CA GLY K 186 -60.45 -21.28 -29.38
C GLY K 186 -61.61 -22.19 -29.77
N ASN K 187 -62.79 -21.79 -29.29
CA ASN K 187 -64.02 -22.57 -29.46
C ASN K 187 -64.53 -22.39 -30.88
N ILE K 188 -63.92 -23.12 -31.82
CA ILE K 188 -64.34 -23.09 -33.21
C ILE K 188 -63.97 -24.42 -33.87
N LYS K 189 -64.92 -25.01 -34.59
CA LYS K 189 -64.66 -26.26 -35.27
C LYS K 189 -63.85 -26.01 -36.53
N HIS K 190 -63.15 -27.07 -36.98
CA HIS K 190 -62.32 -26.94 -38.17
C HIS K 190 -63.16 -26.90 -39.44
N GLU K 191 -64.31 -27.55 -39.44
CA GLU K 191 -65.12 -27.65 -40.64
C GLU K 191 -66.06 -26.47 -40.84
N ASP K 192 -66.47 -25.79 -39.76
CA ASP K 192 -67.26 -24.59 -39.93
C ASP K 192 -66.45 -23.41 -40.44
N LEU K 193 -65.13 -23.43 -40.23
CA LEU K 193 -64.30 -22.38 -40.79
C LEU K 193 -64.05 -22.60 -42.26
N VAL K 194 -63.91 -23.87 -42.68
CA VAL K 194 -63.54 -24.18 -44.05
C VAL K 194 -64.72 -23.92 -44.99
N ASN K 195 -65.93 -24.28 -44.57
CA ASN K 195 -67.10 -24.06 -45.41
C ASN K 195 -67.45 -22.59 -45.51
N SER K 196 -67.29 -21.84 -44.42
CA SER K 196 -67.56 -20.41 -44.42
C SER K 196 -66.54 -19.61 -45.22
N ILE K 197 -65.34 -20.13 -45.41
CA ILE K 197 -64.39 -19.48 -46.30
C ILE K 197 -64.75 -19.76 -47.75
N GLU K 198 -65.02 -21.01 -48.09
CA GLU K 198 -65.40 -21.34 -49.46
C GLU K 198 -66.89 -21.24 -49.72
N SER K 199 -67.67 -20.64 -48.81
CA SER K 199 -69.02 -20.22 -49.17
C SER K 199 -69.01 -19.05 -50.13
N LYS K 200 -67.91 -18.31 -50.16
CA LYS K 200 -67.58 -17.32 -51.17
C LYS K 200 -66.32 -17.78 -51.88
N ASN K 201 -65.74 -16.91 -52.70
CA ASN K 201 -64.50 -17.27 -53.37
C ASN K 201 -63.38 -16.34 -52.93
N LEU K 202 -63.26 -16.20 -51.60
CA LEU K 202 -62.16 -15.53 -50.92
C LEU K 202 -60.81 -16.04 -51.41
N SER K 203 -59.99 -15.14 -51.93
CA SER K 203 -58.69 -15.48 -52.51
C SER K 203 -57.86 -14.21 -52.65
N LEU K 204 -56.63 -14.39 -53.15
CA LEU K 204 -55.77 -13.27 -53.56
C LEU K 204 -55.18 -13.65 -54.93
N GLN K 205 -54.18 -12.89 -55.40
CA GLN K 205 -53.96 -12.83 -56.84
C GLN K 205 -52.66 -13.46 -57.35
N THR K 206 -51.48 -13.12 -56.81
CA THR K 206 -50.23 -13.34 -57.53
C THR K 206 -49.28 -14.32 -56.85
N GLY K 207 -48.88 -14.04 -55.61
CA GLY K 207 -47.85 -14.84 -54.96
C GLY K 207 -46.44 -14.43 -55.35
N THR K 208 -45.27 -15.43 -54.94
CA THR K 208 -43.88 -15.31 -55.38
C THR K 208 -43.32 -13.92 -55.10
N LYS K 209 -43.16 -13.61 -53.70
CA LYS K 209 -42.62 -12.37 -53.14
C LYS K 209 -41.16 -12.27 -53.56
N PRO K 210 -40.48 -11.15 -53.28
CA PRO K 210 -39.04 -11.07 -53.60
C PRO K 210 -38.18 -11.98 -52.72
N VAL K 211 -36.97 -12.28 -53.24
CA VAL K 211 -36.24 -13.48 -52.84
C VAL K 211 -34.94 -13.15 -52.10
N LEU K 212 -34.85 -11.98 -51.38
CA LEU K 212 -34.01 -11.79 -50.18
C LEU K 212 -32.50 -11.91 -50.45
N LYS K 213 -31.94 -10.89 -51.29
CA LYS K 213 -30.60 -10.85 -51.87
C LYS K 213 -29.47 -11.37 -50.98
N LYS K 214 -29.31 -10.85 -49.77
CA LYS K 214 -28.20 -11.23 -48.89
C LYS K 214 -28.70 -12.14 -47.77
N LYS K 215 -27.93 -13.19 -47.50
CA LYS K 215 -28.22 -14.12 -46.41
C LYS K 215 -27.78 -13.53 -45.07
N ALA K 216 -28.05 -14.25 -43.99
CA ALA K 216 -27.66 -13.83 -42.66
C ALA K 216 -26.27 -14.33 -42.31
N ALA K 217 -25.55 -13.54 -41.51
CA ALA K 217 -24.18 -13.87 -41.12
C ALA K 217 -23.85 -13.20 -39.80
N PHE K 218 -23.23 -13.97 -38.91
CA PHE K 218 -22.82 -13.48 -37.59
C PHE K 218 -21.47 -12.79 -37.67
N LEU K 219 -21.30 -11.72 -36.90
CA LEU K 219 -20.01 -11.02 -36.85
C LEU K 219 -19.71 -10.61 -35.42
N GLY K 220 -18.47 -10.87 -34.98
CA GLY K 220 -18.05 -10.48 -33.65
C GLY K 220 -17.74 -9.00 -33.55
N SER K 221 -18.45 -8.29 -32.69
CA SER K 221 -18.41 -6.83 -32.66
C SER K 221 -18.93 -6.35 -31.31
N GLU K 222 -18.90 -5.03 -31.11
CA GLU K 222 -19.39 -4.42 -29.89
C GLU K 222 -19.83 -3.00 -30.17
N VAL K 223 -20.82 -2.51 -29.40
CA VAL K 223 -21.27 -1.13 -29.48
C VAL K 223 -21.51 -0.60 -28.08
N ARG K 224 -21.05 0.63 -27.82
CA ARG K 224 -21.06 1.22 -26.50
C ARG K 224 -21.75 2.58 -26.54
N LEU K 225 -22.79 2.74 -25.73
CA LEU K 225 -23.53 4.00 -25.64
C LEU K 225 -23.48 4.47 -24.19
N ARG K 226 -22.40 5.14 -23.83
CA ARG K 226 -22.23 5.54 -22.43
C ARG K 226 -23.06 6.77 -22.11
N ASP K 227 -23.71 6.75 -20.95
CA ASP K 227 -24.56 7.83 -20.47
C ASP K 227 -24.35 7.92 -18.97
N ASP K 228 -23.61 8.94 -18.53
CA ASP K 228 -23.21 9.06 -17.14
C ASP K 228 -24.29 9.66 -16.24
N THR K 229 -25.40 10.10 -16.80
CA THR K 229 -26.50 10.65 -16.01
C THR K 229 -27.58 9.63 -15.69
N LEU K 230 -27.46 8.37 -16.20
CA LEU K 230 -28.33 7.26 -15.85
C LEU K 230 -27.81 6.53 -14.62
N PRO K 231 -28.68 6.01 -13.76
CA PRO K 231 -28.22 5.44 -12.49
C PRO K 231 -27.81 3.98 -12.52
N LYS K 232 -27.81 3.31 -13.66
CA LYS K 232 -27.52 1.88 -13.71
C LYS K 232 -26.59 1.59 -14.89
N ALA K 233 -26.45 0.31 -15.19
CA ALA K 233 -25.78 -0.19 -16.38
C ALA K 233 -26.50 -1.43 -16.87
N TRP K 234 -26.80 -1.48 -18.17
CA TRP K 234 -27.46 -2.60 -18.81
C TRP K 234 -26.54 -3.19 -19.87
N ILE K 235 -26.44 -4.52 -19.94
CA ILE K 235 -25.46 -5.20 -20.79
C ILE K 235 -26.09 -6.49 -21.31
N SER K 236 -25.97 -6.74 -22.62
CA SER K 236 -26.29 -8.02 -23.25
C SER K 236 -25.05 -8.58 -23.94
N LEU K 237 -25.03 -9.90 -24.15
CA LEU K 237 -23.86 -10.59 -24.68
C LEU K 237 -24.30 -11.96 -25.18
N ALA K 238 -23.90 -12.33 -26.39
CA ALA K 238 -24.37 -13.58 -26.99
C ALA K 238 -23.36 -14.12 -27.99
N VAL K 239 -23.62 -15.35 -28.43
CA VAL K 239 -22.87 -16.03 -29.48
C VAL K 239 -23.87 -16.49 -30.52
N GLU K 240 -23.41 -17.23 -31.52
CA GLU K 240 -24.32 -17.75 -32.53
C GLU K 240 -25.16 -18.87 -31.95
N GLY K 241 -26.37 -19.02 -32.46
CA GLY K 241 -27.28 -20.00 -31.92
C GLY K 241 -27.79 -21.00 -32.93
N GLU K 242 -28.85 -21.69 -32.58
CA GLU K 242 -29.43 -22.75 -33.39
C GLU K 242 -30.71 -22.26 -34.02
N PRO K 243 -30.86 -22.36 -35.34
CA PRO K 243 -32.05 -21.82 -36.01
C PRO K 243 -33.30 -22.66 -35.80
N VAL K 244 -34.40 -22.27 -36.43
CA VAL K 244 -35.60 -23.12 -36.46
C VAL K 244 -35.32 -24.29 -37.38
N ASN K 245 -35.92 -25.45 -37.04
CA ASN K 245 -35.73 -26.78 -37.66
C ASN K 245 -34.25 -27.16 -37.82
N SER K 246 -33.47 -26.84 -36.82
CA SER K 246 -32.12 -27.32 -36.53
C SER K 246 -32.20 -28.56 -35.67
N PRO K 247 -31.29 -29.52 -35.84
CA PRO K 247 -31.34 -30.75 -35.01
C PRO K 247 -30.89 -30.54 -33.57
N ASN K 248 -30.31 -29.41 -33.22
CA ASN K 248 -29.95 -29.08 -31.85
C ASN K 248 -30.84 -27.97 -31.32
N TYR K 249 -32.14 -28.03 -31.65
CA TYR K 249 -33.05 -26.97 -31.23
C TYR K 249 -33.36 -27.04 -29.74
N PHE K 250 -33.77 -28.21 -29.26
CA PHE K 250 -34.06 -28.38 -27.84
C PHE K 250 -32.80 -28.46 -26.99
N VAL K 251 -31.66 -28.73 -27.60
CA VAL K 251 -30.42 -28.84 -26.83
C VAL K 251 -29.91 -27.47 -26.44
N ALA K 252 -30.13 -26.46 -27.28
CA ALA K 252 -29.73 -25.11 -26.93
C ALA K 252 -30.69 -24.48 -25.92
N LYS K 253 -31.96 -24.88 -25.91
CA LYS K 253 -32.89 -24.39 -24.92
C LYS K 253 -32.65 -25.00 -23.56
N LEU K 254 -32.20 -26.26 -23.52
CA LEU K 254 -31.89 -26.89 -22.25
C LEU K 254 -30.66 -26.27 -21.61
N ALA K 255 -29.74 -25.76 -22.42
CA ALA K 255 -28.50 -25.20 -21.89
C ALA K 255 -28.72 -23.83 -21.27
N ALA K 256 -29.71 -23.07 -21.74
CA ALA K 256 -30.01 -21.78 -21.12
C ALA K 256 -30.81 -21.93 -19.85
N GLN K 257 -31.59 -23.01 -19.72
CA GLN K 257 -32.31 -23.31 -18.49
C GLN K 257 -31.36 -23.75 -17.38
N ILE K 258 -30.15 -24.20 -17.72
CA ILE K 258 -29.17 -24.58 -16.71
C ILE K 258 -28.74 -23.36 -15.90
N PHE K 259 -28.65 -22.20 -16.55
CA PHE K 259 -28.26 -20.99 -15.85
C PHE K 259 -29.43 -20.09 -15.49
N GLY K 260 -30.51 -20.11 -16.27
CA GLY K 260 -31.80 -19.55 -15.88
C GLY K 260 -31.83 -18.03 -15.72
N SER K 261 -32.70 -17.58 -14.81
CA SER K 261 -32.91 -16.17 -14.55
C SER K 261 -32.94 -15.91 -13.06
N TYR K 262 -32.78 -14.64 -12.68
CA TYR K 262 -32.52 -14.27 -11.31
C TYR K 262 -33.12 -12.90 -11.01
N ASN K 263 -33.60 -12.73 -9.78
CA ASN K 263 -34.07 -11.45 -9.27
C ASN K 263 -33.59 -11.31 -7.83
N ALA K 264 -32.80 -10.26 -7.57
CA ALA K 264 -32.13 -10.10 -6.28
C ALA K 264 -33.08 -9.72 -5.16
N PHE K 265 -34.25 -9.18 -5.47
CA PHE K 265 -35.20 -8.73 -4.47
C PHE K 265 -36.33 -9.71 -4.23
N GLU K 266 -36.33 -10.83 -4.91
CA GLU K 266 -37.27 -11.89 -4.60
C GLU K 266 -36.60 -12.93 -3.74
N PRO K 267 -37.17 -13.28 -2.58
CA PRO K 267 -36.46 -14.20 -1.67
C PRO K 267 -36.38 -15.63 -2.19
N ALA K 268 -37.39 -16.12 -2.88
CA ALA K 268 -37.35 -17.48 -3.40
C ALA K 268 -36.47 -17.61 -4.64
N SER K 269 -36.17 -16.50 -5.31
CA SER K 269 -35.26 -16.53 -6.45
C SER K 269 -33.82 -16.74 -6.02
N ARG K 270 -33.47 -16.38 -4.79
CA ARG K 270 -32.11 -16.51 -4.30
C ARG K 270 -31.77 -17.91 -3.84
N LEU K 271 -32.70 -18.86 -3.92
CA LEU K 271 -32.49 -20.21 -3.42
C LEU K 271 -32.45 -21.25 -4.54
N GLN K 272 -32.25 -20.82 -5.78
CA GLN K 272 -32.27 -21.73 -6.91
C GLN K 272 -30.98 -22.53 -7.00
N GLY K 273 -31.07 -23.71 -7.61
CA GLY K 273 -29.93 -24.58 -7.77
C GLY K 273 -29.02 -24.23 -8.92
N ILE K 274 -28.49 -23.02 -8.90
CA ILE K 274 -27.60 -22.50 -9.93
C ILE K 274 -26.26 -22.19 -9.28
N LYS K 275 -25.18 -22.76 -9.83
CA LYS K 275 -23.87 -22.61 -9.22
C LYS K 275 -23.28 -21.22 -9.40
N LEU K 276 -23.79 -20.44 -10.35
CA LEU K 276 -23.36 -19.07 -10.54
C LEU K 276 -23.80 -18.16 -9.40
N LEU K 277 -24.87 -18.52 -8.69
CA LEU K 277 -25.42 -17.67 -7.64
C LEU K 277 -24.58 -17.64 -6.38
N ASP K 278 -23.57 -18.50 -6.26
CA ASP K 278 -22.70 -18.44 -5.10
C ASP K 278 -21.72 -17.28 -5.19
N ASN K 279 -21.23 -16.99 -6.40
CA ASN K 279 -20.30 -15.88 -6.58
C ASN K 279 -21.01 -14.54 -6.69
N ILE K 280 -22.27 -14.54 -7.15
CA ILE K 280 -22.98 -13.29 -7.36
C ILE K 280 -23.38 -12.66 -6.02
N GLN K 281 -23.91 -13.47 -5.12
CA GLN K 281 -24.52 -12.95 -3.91
C GLN K 281 -23.52 -12.60 -2.82
N GLU K 282 -22.25 -12.94 -2.99
CA GLU K 282 -21.27 -12.62 -1.96
C GLU K 282 -20.96 -11.13 -1.91
N TYR K 283 -20.88 -10.48 -3.08
CA TYR K 283 -20.63 -9.06 -3.14
C TYR K 283 -21.73 -8.30 -3.86
N GLN K 284 -22.83 -8.96 -4.24
CA GLN K 284 -24.03 -8.38 -4.84
C GLN K 284 -23.71 -7.64 -6.15
N LEU K 285 -23.30 -8.45 -7.13
CA LEU K 285 -22.79 -7.91 -8.38
C LEU K 285 -23.87 -7.38 -9.31
N CYS K 286 -25.12 -7.85 -9.20
CA CYS K 286 -26.16 -7.41 -10.11
C CYS K 286 -27.50 -7.32 -9.41
N ASP K 287 -28.49 -6.81 -10.13
CA ASP K 287 -29.89 -6.78 -9.71
C ASP K 287 -30.72 -7.91 -10.33
N ASN K 288 -30.50 -8.22 -11.60
CA ASN K 288 -31.20 -9.32 -12.27
C ASN K 288 -30.40 -9.76 -13.48
N PHE K 289 -30.62 -11.01 -13.91
CA PHE K 289 -30.19 -11.47 -15.22
C PHE K 289 -31.19 -12.50 -15.73
N ASN K 290 -31.04 -12.83 -17.01
CA ASN K 290 -31.84 -13.87 -17.65
C ASN K 290 -31.10 -14.40 -18.86
N HIS K 291 -31.15 -15.72 -19.05
CA HIS K 291 -30.54 -16.39 -20.19
C HIS K 291 -31.59 -16.72 -21.23
N PHE K 292 -31.26 -16.56 -22.51
CA PHE K 292 -32.20 -16.77 -23.59
C PHE K 292 -31.62 -17.68 -24.66
N SER K 293 -32.49 -18.10 -25.59
CA SER K 293 -32.09 -18.83 -26.79
C SER K 293 -33.07 -18.45 -27.89
N LEU K 294 -32.71 -17.47 -28.69
CA LEU K 294 -33.55 -17.02 -29.79
C LEU K 294 -33.26 -17.84 -31.04
N SER K 295 -34.28 -18.04 -31.86
CA SER K 295 -34.13 -18.87 -33.05
C SER K 295 -35.00 -18.35 -34.18
N TYR K 296 -34.42 -18.26 -35.37
CA TYR K 296 -35.12 -17.83 -36.58
C TYR K 296 -34.91 -18.84 -37.70
N LYS K 297 -35.35 -18.52 -38.91
CA LYS K 297 -35.16 -19.44 -40.02
C LYS K 297 -33.75 -19.39 -40.60
N ASP K 298 -32.95 -18.41 -40.22
CA ASP K 298 -31.59 -18.26 -40.72
C ASP K 298 -30.53 -18.67 -39.71
N SER K 299 -30.62 -18.19 -38.48
CA SER K 299 -29.63 -18.46 -37.44
C SER K 299 -30.29 -18.25 -36.09
N GLY K 300 -29.49 -18.14 -35.04
CA GLY K 300 -30.01 -17.89 -33.71
C GLY K 300 -29.07 -17.09 -32.84
N LEU K 301 -29.43 -16.89 -31.57
CA LEU K 301 -28.58 -16.17 -30.62
C LEU K 301 -28.72 -16.82 -29.25
N TRP K 302 -27.60 -17.18 -28.64
CA TRP K 302 -27.57 -17.80 -27.32
C TRP K 302 -26.75 -16.91 -26.40
N GLY K 303 -27.36 -16.47 -25.29
CA GLY K 303 -26.65 -15.56 -24.41
C GLY K 303 -27.39 -15.17 -23.15
N PHE K 304 -27.13 -13.97 -22.63
CA PHE K 304 -27.75 -13.51 -21.39
C PHE K 304 -27.76 -11.99 -21.38
N SER K 305 -28.53 -11.42 -20.46
CA SER K 305 -28.70 -9.97 -20.38
C SER K 305 -28.88 -9.56 -18.93
N THR K 306 -28.16 -8.53 -18.49
CA THR K 306 -28.10 -8.18 -17.07
C THR K 306 -28.36 -6.69 -16.87
N ALA K 307 -28.58 -6.32 -15.61
CA ALA K 307 -28.72 -4.92 -15.20
C ALA K 307 -28.19 -4.78 -13.78
N THR K 308 -27.21 -3.90 -13.59
CA THR K 308 -26.52 -3.82 -12.31
C THR K 308 -26.40 -2.38 -11.85
N ARG K 309 -26.16 -2.24 -10.56
CA ARG K 309 -26.01 -0.94 -9.92
C ARG K 309 -24.66 -0.82 -9.23
N ASN K 310 -23.88 -1.90 -9.22
CA ASN K 310 -22.50 -1.92 -8.72
C ASN K 310 -21.57 -1.60 -9.89
N VAL K 311 -21.38 -0.30 -10.12
CA VAL K 311 -20.70 0.14 -11.35
C VAL K 311 -19.18 0.10 -11.26
N THR K 312 -18.62 -0.39 -10.16
CA THR K 312 -17.19 -0.55 -10.04
C THR K 312 -16.73 -1.99 -10.08
N MET K 313 -17.64 -2.95 -10.10
CA MET K 313 -17.32 -4.36 -10.14
C MET K 313 -18.02 -5.04 -11.30
N ILE K 314 -18.11 -4.33 -12.44
CA ILE K 314 -18.76 -4.88 -13.62
C ILE K 314 -17.92 -6.01 -14.22
N ASP K 315 -16.59 -5.87 -14.18
CA ASP K 315 -15.72 -6.85 -14.80
C ASP K 315 -15.62 -8.15 -14.01
N ASP K 316 -16.10 -8.19 -12.77
CA ASP K 316 -16.19 -9.45 -12.05
C ASP K 316 -17.46 -10.22 -12.42
N LEU K 317 -18.54 -9.51 -12.72
CA LEU K 317 -19.78 -10.15 -13.14
C LEU K 317 -19.63 -10.80 -14.51
N ILE K 318 -18.87 -10.17 -15.40
CA ILE K 318 -18.63 -10.76 -16.71
C ILE K 318 -17.64 -11.91 -16.60
N HIS K 319 -16.69 -11.83 -15.67
CA HIS K 319 -15.69 -12.88 -15.49
C HIS K 319 -16.31 -14.15 -14.93
N PHE K 320 -17.17 -14.02 -13.92
CA PHE K 320 -17.75 -15.20 -13.27
C PHE K 320 -18.79 -15.90 -14.14
N THR K 321 -19.51 -15.14 -14.97
CA THR K 321 -20.54 -15.74 -15.82
C THR K 321 -19.91 -16.51 -16.96
N LEU K 322 -18.86 -15.96 -17.57
CA LEU K 322 -18.23 -16.61 -18.71
C LEU K 322 -17.38 -17.80 -18.27
N LYS K 323 -17.01 -17.89 -17.00
CA LYS K 323 -16.32 -19.06 -16.49
C LYS K 323 -17.26 -20.24 -16.30
N GLN K 324 -18.52 -19.99 -15.97
CA GLN K 324 -19.49 -21.06 -15.83
C GLN K 324 -19.93 -21.61 -17.18
N TRP K 325 -19.85 -20.81 -18.23
CA TRP K 325 -20.16 -21.30 -19.57
C TRP K 325 -19.14 -22.33 -20.04
N ASN K 326 -17.91 -22.24 -19.53
CA ASN K 326 -16.87 -23.20 -19.88
C ASN K 326 -17.16 -24.60 -19.34
N ARG K 327 -17.94 -24.69 -18.26
CA ARG K 327 -18.20 -25.98 -17.63
C ARG K 327 -19.14 -26.86 -18.44
N LEU K 328 -19.87 -26.30 -19.41
CA LEU K 328 -20.72 -27.10 -20.28
C LEU K 328 -19.92 -27.96 -21.23
N THR K 329 -18.65 -27.62 -21.44
CA THR K 329 -17.78 -28.40 -22.31
C THR K 329 -16.99 -29.44 -21.55
N ILE K 330 -16.57 -29.14 -20.32
CA ILE K 330 -15.59 -29.95 -19.63
C ILE K 330 -16.17 -30.70 -18.43
N SER K 331 -17.02 -30.07 -17.61
CA SER K 331 -17.36 -30.67 -16.32
C SER K 331 -18.81 -30.45 -15.93
N VAL K 332 -19.74 -30.61 -16.85
CA VAL K 332 -21.15 -30.49 -16.49
C VAL K 332 -21.59 -31.79 -15.83
N THR K 333 -22.47 -31.68 -14.83
CA THR K 333 -22.86 -32.81 -14.02
C THR K 333 -24.26 -33.30 -14.41
N ASP K 334 -24.58 -34.51 -13.96
CA ASP K 334 -25.82 -35.15 -14.36
C ASP K 334 -27.02 -34.64 -13.58
N THR K 335 -26.83 -34.09 -12.38
CA THR K 335 -27.96 -33.50 -11.68
C THR K 335 -28.33 -32.13 -12.22
N GLU K 336 -27.46 -31.47 -12.95
CA GLU K 336 -27.81 -30.22 -13.60
C GLU K 336 -28.56 -30.44 -14.90
N VAL K 337 -28.36 -31.59 -15.55
CA VAL K 337 -29.08 -31.89 -16.77
C VAL K 337 -30.51 -32.32 -16.45
N GLU K 338 -30.70 -33.05 -15.34
CA GLU K 338 -32.03 -33.51 -14.97
C GLU K 338 -32.89 -32.41 -14.37
N ARG K 339 -32.28 -31.40 -13.75
CA ARG K 339 -33.04 -30.27 -13.23
C ARG K 339 -33.56 -29.41 -14.36
N ALA K 340 -32.73 -29.18 -15.38
CA ALA K 340 -33.14 -28.35 -16.51
C ALA K 340 -34.12 -29.06 -17.44
N LYS K 341 -34.23 -30.38 -17.36
CA LYS K 341 -35.26 -31.07 -18.14
C LYS K 341 -36.64 -30.81 -17.57
N SER K 342 -36.77 -30.82 -16.24
CA SER K 342 -38.07 -30.63 -15.62
C SER K 342 -38.55 -29.20 -15.75
N LEU K 343 -37.64 -28.25 -15.66
CA LEU K 343 -38.01 -26.85 -15.76
C LEU K 343 -38.25 -26.40 -17.18
N LEU K 344 -37.67 -27.07 -18.17
CA LEU K 344 -37.96 -26.72 -19.56
C LEU K 344 -39.33 -27.21 -19.98
N LYS K 345 -39.78 -28.36 -19.46
CA LYS K 345 -41.11 -28.84 -19.81
C LYS K 345 -42.20 -28.01 -19.14
N LEU K 346 -41.90 -27.37 -18.01
CA LEU K 346 -42.86 -26.48 -17.39
C LEU K 346 -42.91 -25.12 -18.07
N GLN K 347 -41.77 -24.65 -18.59
CA GLN K 347 -41.74 -23.37 -19.29
C GLN K 347 -42.35 -23.49 -20.69
N LEU K 348 -42.17 -24.63 -21.36
CA LEU K 348 -42.80 -24.82 -22.65
C LEU K 348 -44.29 -25.08 -22.51
N GLY K 349 -44.73 -25.59 -21.37
CA GLY K 349 -46.14 -25.86 -21.16
C GLY K 349 -46.96 -24.62 -20.86
N GLN K 350 -46.35 -23.60 -20.28
CA GLN K 350 -47.09 -22.38 -19.96
C GLN K 350 -47.13 -21.40 -21.12
N LEU K 351 -46.31 -21.60 -22.14
CA LEU K 351 -46.36 -20.78 -23.35
C LEU K 351 -47.31 -21.35 -24.39
N TYR K 352 -47.42 -22.67 -24.48
CA TYR K 352 -48.25 -23.33 -25.48
C TYR K 352 -49.59 -23.78 -24.95
N GLU K 353 -49.84 -23.68 -23.65
CA GLU K 353 -51.12 -24.06 -23.07
C GLU K 353 -51.58 -23.00 -22.09
N SER K 354 -51.55 -21.75 -22.52
CA SER K 354 -52.12 -20.66 -21.74
C SER K 354 -53.61 -20.55 -22.06
N GLY K 355 -54.24 -19.47 -21.61
CA GLY K 355 -55.65 -19.28 -21.82
C GLY K 355 -56.05 -18.24 -22.84
N ASN K 356 -55.09 -17.65 -23.55
CA ASN K 356 -55.40 -16.56 -24.47
C ASN K 356 -55.43 -17.09 -25.89
N PRO K 357 -56.58 -17.09 -26.57
CA PRO K 357 -56.60 -17.53 -27.98
C PRO K 357 -55.90 -16.58 -28.93
N VAL K 358 -55.64 -15.34 -28.53
CA VAL K 358 -54.82 -14.44 -29.35
C VAL K 358 -53.37 -14.86 -29.28
N ASN K 359 -52.92 -15.38 -28.13
CA ASN K 359 -51.54 -15.85 -28.01
C ASN K 359 -51.30 -17.11 -28.81
N ASP K 360 -52.28 -18.00 -28.88
CA ASP K 360 -52.12 -19.25 -29.59
C ASP K 360 -52.32 -19.09 -31.10
N ALA K 361 -52.74 -17.93 -31.56
CA ALA K 361 -52.89 -17.70 -32.99
C ALA K 361 -51.59 -17.20 -33.63
N ASN K 362 -50.78 -16.48 -32.89
CA ASN K 362 -49.45 -16.14 -33.38
C ASN K 362 -48.51 -17.33 -33.33
N LEU K 363 -48.70 -18.25 -32.37
CA LEU K 363 -47.86 -19.42 -32.27
C LEU K 363 -48.19 -20.45 -33.34
N LEU K 364 -49.47 -20.62 -33.65
CA LEU K 364 -49.85 -21.57 -34.68
C LEU K 364 -49.50 -21.08 -36.08
N GLY K 365 -49.64 -19.78 -36.33
CA GLY K 365 -49.39 -19.26 -37.66
C GLY K 365 -47.93 -19.30 -38.07
N ALA K 366 -47.02 -19.20 -37.11
CA ALA K 366 -45.60 -19.21 -37.45
C ALA K 366 -45.13 -20.60 -37.81
N GLU K 367 -45.57 -21.62 -37.07
CA GLU K 367 -45.08 -22.98 -37.27
C GLU K 367 -45.67 -23.66 -38.50
N VAL K 368 -46.66 -23.06 -39.15
CA VAL K 368 -47.27 -23.68 -40.33
C VAL K 368 -46.72 -22.97 -41.55
N LEU K 369 -46.33 -21.70 -41.38
CA LEU K 369 -45.66 -21.00 -42.47
C LEU K 369 -44.26 -21.54 -42.72
N ILE K 370 -43.59 -21.99 -41.67
CA ILE K 370 -42.17 -22.32 -41.76
C ILE K 370 -41.91 -23.82 -41.83
N LYS K 371 -42.90 -24.64 -41.49
CA LYS K 371 -42.75 -26.09 -41.49
C LYS K 371 -43.90 -26.82 -42.18
N GLY K 372 -45.04 -26.18 -42.38
CA GLY K 372 -46.19 -26.82 -42.95
C GLY K 372 -47.14 -27.45 -41.96
N SER K 373 -46.64 -27.83 -40.78
CA SER K 373 -47.47 -28.50 -39.78
C SER K 373 -46.95 -28.21 -38.40
N LYS K 374 -47.76 -28.54 -37.40
CA LYS K 374 -47.48 -28.26 -36.01
C LYS K 374 -46.88 -29.47 -35.33
N LEU K 375 -45.99 -29.22 -34.37
CA LEU K 375 -45.44 -30.26 -33.51
C LEU K 375 -46.18 -30.27 -32.19
N SER K 376 -46.59 -31.45 -31.74
CA SER K 376 -47.37 -31.58 -30.52
C SER K 376 -46.52 -31.30 -29.29
N LEU K 377 -47.21 -31.15 -28.15
CA LEU K 377 -46.52 -31.03 -26.89
C LEU K 377 -46.08 -32.38 -26.35
N GLY K 378 -46.71 -33.46 -26.81
CA GLY K 378 -46.27 -34.79 -26.42
C GLY K 378 -45.01 -35.22 -27.15
N GLU K 379 -44.87 -34.82 -28.41
CA GLU K 379 -43.68 -35.15 -29.18
C GLU K 379 -42.50 -34.28 -28.80
N ALA K 380 -42.73 -33.03 -28.39
CA ALA K 380 -41.64 -32.21 -27.89
C ALA K 380 -41.17 -32.69 -26.52
N PHE K 381 -42.09 -33.23 -25.70
CA PHE K 381 -41.70 -33.77 -24.41
C PHE K 381 -40.91 -35.07 -24.55
N LYS K 382 -41.20 -35.84 -25.59
CA LYS K 382 -40.44 -37.07 -25.84
C LYS K 382 -39.03 -36.76 -26.31
N LYS K 383 -38.83 -35.64 -26.99
CA LYS K 383 -37.50 -35.27 -27.45
C LYS K 383 -36.64 -34.71 -26.33
N ILE K 384 -37.26 -34.03 -25.36
CA ILE K 384 -36.50 -33.41 -24.29
C ILE K 384 -36.02 -34.47 -23.30
N ASP K 385 -36.78 -35.55 -23.15
CA ASP K 385 -36.40 -36.61 -22.22
C ASP K 385 -35.23 -37.46 -22.73
N ALA K 386 -34.85 -37.35 -24.00
CA ALA K 386 -33.83 -38.20 -24.59
C ALA K 386 -32.49 -37.49 -24.77
N ILE K 387 -32.31 -36.32 -24.19
CA ILE K 387 -31.03 -35.61 -24.22
C ILE K 387 -30.15 -36.15 -23.10
N THR K 388 -28.87 -36.38 -23.39
CA THR K 388 -27.91 -36.89 -22.44
C THR K 388 -26.86 -35.83 -22.12
N VAL K 389 -25.92 -36.19 -21.24
CA VAL K 389 -24.81 -35.29 -20.92
C VAL K 389 -23.86 -35.19 -22.10
N LYS K 390 -23.75 -36.25 -22.91
CA LYS K 390 -22.85 -36.24 -24.06
C LYS K 390 -23.33 -35.30 -25.15
N ASP K 391 -24.66 -35.18 -25.31
CA ASP K 391 -25.20 -34.27 -26.33
C ASP K 391 -24.97 -32.82 -25.97
N VAL K 392 -24.97 -32.48 -24.68
CA VAL K 392 -24.72 -31.10 -24.28
C VAL K 392 -23.25 -30.74 -24.47
N LYS K 393 -22.35 -31.66 -24.14
CA LYS K 393 -20.93 -31.39 -24.31
C LYS K 393 -20.52 -31.37 -25.78
N ALA K 394 -21.22 -32.13 -26.63
CA ALA K 394 -20.95 -32.06 -28.06
C ALA K 394 -21.47 -30.77 -28.67
N TRP K 395 -22.59 -30.25 -28.18
CA TRP K 395 -23.10 -28.97 -28.65
C TRP K 395 -22.23 -27.82 -28.15
N ALA K 396 -21.75 -27.91 -26.92
CA ALA K 396 -21.07 -26.78 -26.29
C ALA K 396 -19.67 -26.57 -26.84
N GLY K 397 -18.96 -27.66 -27.14
CA GLY K 397 -17.62 -27.54 -27.72
C GLY K 397 -17.62 -27.04 -29.14
N LYS K 398 -18.75 -27.13 -29.82
CA LYS K 398 -18.91 -26.63 -31.18
C LYS K 398 -19.36 -25.18 -31.23
N ARG K 399 -20.19 -24.76 -30.28
CA ARG K 399 -20.91 -23.49 -30.38
C ARG K 399 -20.38 -22.39 -29.50
N LEU K 400 -19.77 -22.70 -28.35
CA LEU K 400 -19.31 -21.63 -27.47
C LEU K 400 -17.85 -21.72 -27.05
N TRP K 401 -17.21 -22.87 -27.13
CA TRP K 401 -15.81 -22.99 -26.71
C TRP K 401 -14.93 -22.28 -27.72
N ASP K 402 -14.32 -21.17 -27.30
CA ASP K 402 -13.39 -20.35 -28.09
C ASP K 402 -14.04 -19.85 -29.38
N GLN K 403 -15.07 -19.03 -29.21
CA GLN K 403 -15.81 -18.44 -30.32
C GLN K 403 -15.96 -16.94 -30.10
N ASP K 404 -16.42 -16.25 -31.15
CA ASP K 404 -16.60 -14.81 -31.12
C ASP K 404 -17.91 -14.43 -30.45
N ILE K 405 -17.91 -13.27 -29.79
CA ILE K 405 -19.06 -12.78 -29.06
C ILE K 405 -19.48 -11.44 -29.62
N ALA K 406 -20.73 -11.07 -29.34
CA ALA K 406 -21.28 -9.75 -29.63
C ALA K 406 -21.75 -9.14 -28.32
N ILE K 407 -21.36 -7.88 -28.07
CA ILE K 407 -21.65 -7.19 -26.82
C ILE K 407 -22.43 -5.91 -27.13
N ALA K 408 -23.27 -5.49 -26.19
CA ALA K 408 -23.93 -4.19 -26.27
C ALA K 408 -24.21 -3.68 -24.86
N GLY K 409 -24.12 -2.37 -24.67
CA GLY K 409 -24.31 -1.81 -23.34
C GLY K 409 -24.63 -0.33 -23.34
N THR K 410 -25.26 0.11 -22.24
CA THR K 410 -25.50 1.53 -22.03
C THR K 410 -25.50 1.85 -20.55
N GLY K 411 -25.36 3.13 -20.24
CA GLY K 411 -25.40 3.60 -18.86
C GLY K 411 -24.02 3.95 -18.32
N GLN K 412 -23.74 3.51 -17.10
CA GLN K 412 -22.43 3.71 -16.48
C GLN K 412 -21.53 2.51 -16.74
N ILE K 413 -21.08 2.41 -17.99
CA ILE K 413 -20.36 1.22 -18.46
C ILE K 413 -18.88 1.52 -18.63
N GLU K 414 -18.36 2.45 -17.83
CA GLU K 414 -16.93 2.75 -17.87
C GLU K 414 -16.07 1.60 -17.37
N GLY K 415 -16.58 0.82 -16.41
CA GLY K 415 -15.87 -0.34 -15.92
C GLY K 415 -15.93 -1.56 -16.81
N LEU K 416 -16.64 -1.50 -17.92
CA LEU K 416 -16.65 -2.58 -18.89
C LEU K 416 -15.34 -2.53 -19.69
N LEU K 417 -14.56 -3.60 -19.62
CA LEU K 417 -13.29 -3.65 -20.32
C LEU K 417 -13.53 -3.89 -21.81
N ASP K 418 -12.45 -3.84 -22.59
CA ASP K 418 -12.58 -3.90 -24.05
C ASP K 418 -12.66 -5.36 -24.51
N TYR K 419 -12.51 -5.56 -25.82
CA TYR K 419 -12.98 -6.78 -26.45
C TYR K 419 -12.12 -7.99 -26.09
N MET K 420 -10.80 -7.85 -26.17
CA MET K 420 -9.93 -9.01 -26.02
C MET K 420 -9.78 -9.48 -24.58
N ARG K 421 -10.08 -8.63 -23.60
CA ARG K 421 -10.11 -9.09 -22.23
C ARG K 421 -11.36 -9.88 -21.92
N ILE K 422 -12.40 -9.72 -22.72
CA ILE K 422 -13.63 -10.50 -22.58
C ILE K 422 -13.63 -11.70 -23.51
N ARG K 423 -13.06 -11.55 -24.71
CA ARG K 423 -13.00 -12.62 -25.70
C ARG K 423 -12.15 -13.79 -25.22
N SER K 424 -11.11 -13.51 -24.41
CA SER K 424 -10.24 -14.56 -23.94
C SER K 424 -10.87 -15.43 -22.87
N ASP K 425 -12.02 -15.03 -22.32
CA ASP K 425 -12.71 -15.81 -21.31
C ASP K 425 -13.56 -16.93 -21.87
N MET K 426 -13.55 -17.16 -23.19
CA MET K 426 -14.35 -18.20 -23.79
C MET K 426 -13.61 -19.53 -23.91
N SER K 427 -12.55 -19.71 -23.13
CA SER K 427 -11.84 -20.97 -22.99
C SER K 427 -11.10 -20.90 -21.67
N MET K 428 -11.33 -21.88 -20.80
CA MET K 428 -10.88 -21.83 -19.41
C MET K 428 -9.37 -21.88 -19.29
N MET K 429 -8.71 -22.59 -20.22
CA MET K 429 -7.29 -22.91 -20.17
C MET K 429 -6.99 -23.64 -18.86
N ARG K 430 -7.85 -24.61 -18.53
CA ARG K 430 -7.60 -25.62 -17.52
C ARG K 430 -7.95 -27.02 -18.02
N TRP K 431 -8.81 -27.14 -19.03
CA TRP K 431 -8.61 -28.17 -20.04
C TRP K 431 -7.78 -27.52 -21.12
N MET L 1 48.54 16.84 -30.20
CA MET L 1 49.98 16.74 -30.40
C MET L 1 50.32 16.46 -31.85
N THR L 2 51.60 16.57 -32.17
CA THR L 2 52.10 16.31 -33.52
C THR L 2 51.97 14.85 -33.89
N ALA L 3 52.02 14.58 -35.19
CA ALA L 3 51.95 13.21 -35.68
C ALA L 3 53.21 12.42 -35.38
N ALA L 4 54.33 13.09 -35.11
CA ALA L 4 55.51 12.37 -34.67
C ALA L 4 55.37 11.85 -33.24
N GLU L 5 54.61 12.54 -32.41
CA GLU L 5 54.42 12.11 -31.03
C GLU L 5 53.27 11.13 -30.86
N HIS L 6 52.39 11.01 -31.85
CA HIS L 6 51.31 10.04 -31.78
C HIS L 6 51.68 8.70 -32.37
N GLY L 7 52.58 8.69 -33.35
CA GLY L 7 52.89 7.47 -34.07
C GLY L 7 52.13 7.38 -35.38
N LEU L 8 52.67 6.58 -36.29
CA LEU L 8 52.01 6.36 -37.57
C LEU L 8 50.78 5.49 -37.36
N HIS L 9 49.85 5.58 -38.30
CA HIS L 9 48.63 4.80 -38.24
C HIS L 9 48.81 3.49 -38.99
N ALA L 10 48.53 2.39 -38.33
CA ALA L 10 48.66 1.08 -38.96
C ALA L 10 47.54 0.86 -39.97
N PRO L 11 47.83 0.28 -41.13
CA PRO L 11 46.79 0.08 -42.14
C PRO L 11 45.92 -1.13 -41.82
N ALA L 12 45.02 -1.48 -42.71
CA ALA L 12 44.08 -2.57 -42.51
C ALA L 12 44.42 -3.72 -43.47
N TYR L 13 45.21 -4.67 -42.99
CA TYR L 13 45.45 -5.89 -43.74
C TYR L 13 44.22 -6.80 -43.65
N ALA L 14 44.24 -7.89 -44.40
CA ALA L 14 43.10 -8.78 -44.49
C ALA L 14 43.43 -10.09 -43.77
N TRP L 15 43.19 -10.12 -42.47
CA TRP L 15 43.45 -11.31 -41.68
C TRP L 15 42.34 -12.33 -41.89
N SER L 16 42.71 -13.60 -41.87
CA SER L 16 41.78 -14.70 -42.14
C SER L 16 40.79 -14.94 -41.00
N HIS L 17 40.98 -14.32 -39.84
CA HIS L 17 40.05 -14.45 -38.72
C HIS L 17 39.17 -13.22 -38.56
N ASN L 18 39.21 -12.28 -39.50
CA ASN L 18 38.26 -11.18 -39.48
C ASN L 18 36.94 -11.60 -40.12
N GLY L 19 35.85 -11.15 -39.52
CA GLY L 19 34.54 -11.54 -39.96
C GLY L 19 33.78 -12.24 -38.86
N PRO L 20 32.46 -12.29 -38.97
CA PRO L 20 31.67 -12.94 -37.93
C PRO L 20 31.61 -14.46 -38.01
N PHE L 21 32.11 -15.08 -39.09
CA PHE L 21 32.00 -16.52 -39.26
C PHE L 21 33.36 -17.19 -39.44
N GLU L 22 34.43 -16.58 -38.95
CA GLU L 22 35.76 -17.07 -39.25
C GLU L 22 36.44 -17.64 -38.01
N THR L 23 37.38 -18.54 -38.30
CA THR L 23 38.12 -19.33 -37.33
C THR L 23 39.59 -18.95 -37.44
N PHE L 24 40.35 -19.12 -36.36
CA PHE L 24 41.81 -19.04 -36.45
C PHE L 24 42.34 -20.09 -37.41
N ASP L 25 43.48 -19.78 -38.02
CA ASP L 25 44.20 -20.74 -38.86
C ASP L 25 45.19 -21.50 -37.99
N HIS L 26 44.87 -22.75 -37.69
CA HIS L 26 45.67 -23.52 -36.74
C HIS L 26 46.99 -24.00 -37.31
N ALA L 27 47.22 -23.86 -38.60
CA ALA L 27 48.55 -24.07 -39.17
C ALA L 27 49.42 -22.84 -39.07
N SER L 28 48.82 -21.66 -38.85
CA SER L 28 49.58 -20.46 -38.58
C SER L 28 49.76 -20.18 -37.09
N ILE L 29 49.03 -20.89 -36.23
CA ILE L 29 49.34 -20.88 -34.80
C ILE L 29 50.49 -21.83 -34.51
N ARG L 30 50.55 -22.96 -35.21
CA ARG L 30 51.61 -23.93 -35.01
C ARG L 30 52.96 -23.38 -35.43
N ARG L 31 53.00 -22.70 -36.58
CA ARG L 31 54.24 -22.09 -37.03
C ARG L 31 54.60 -20.85 -36.22
N GLY L 32 53.63 -20.26 -35.51
CA GLY L 32 53.92 -19.08 -34.71
C GLY L 32 54.62 -19.38 -33.41
N TYR L 33 54.38 -20.56 -32.82
CA TYR L 33 55.15 -20.99 -31.66
C TYR L 33 56.59 -21.31 -32.02
N GLN L 34 56.86 -21.68 -33.28
CA GLN L 34 58.23 -21.95 -33.67
C GLN L 34 59.05 -20.67 -33.79
N VAL L 35 58.40 -19.54 -34.10
CA VAL L 35 59.12 -18.27 -34.11
C VAL L 35 59.22 -17.68 -32.71
N TYR L 36 58.33 -18.06 -31.79
CA TYR L 36 58.46 -17.60 -30.41
C TYR L 36 59.62 -18.31 -29.71
N ARG L 37 59.77 -19.61 -29.93
CA ARG L 37 60.76 -20.39 -29.22
C ARG L 37 62.17 -20.09 -29.69
N GLU L 38 62.34 -19.65 -30.94
CA GLU L 38 63.66 -19.48 -31.51
C GLU L 38 64.13 -18.04 -31.60
N VAL L 39 63.22 -17.06 -31.64
CA VAL L 39 63.64 -15.68 -31.82
C VAL L 39 63.20 -14.82 -30.64
N CYS L 40 62.08 -15.17 -30.03
CA CYS L 40 61.37 -14.23 -29.15
C CYS L 40 61.55 -14.53 -27.68
N ALA L 41 61.71 -15.79 -27.29
CA ALA L 41 61.77 -16.18 -25.89
C ALA L 41 63.07 -15.78 -25.21
N ALA L 42 64.02 -15.20 -25.93
CA ALA L 42 65.27 -14.75 -25.34
C ALA L 42 65.08 -13.54 -24.44
N CYS L 43 64.03 -12.75 -24.65
CA CYS L 43 63.83 -11.54 -23.86
C CYS L 43 62.40 -11.32 -23.37
N HIS L 44 61.41 -12.05 -23.87
CA HIS L 44 60.02 -11.82 -23.50
C HIS L 44 59.43 -13.06 -22.84
N SER L 45 58.49 -12.84 -21.92
CA SER L 45 57.80 -13.92 -21.24
C SER L 45 56.41 -14.14 -21.80
N LEU L 46 55.81 -15.25 -21.41
CA LEU L 46 54.47 -15.66 -21.82
C LEU L 46 53.70 -16.20 -20.61
N ASP L 47 53.68 -15.44 -19.52
CA ASP L 47 53.37 -15.91 -18.17
C ASP L 47 51.91 -16.33 -17.96
N ARG L 48 51.00 -16.01 -18.88
CA ARG L 48 49.59 -16.33 -18.69
C ARG L 48 49.16 -17.61 -19.40
N VAL L 49 50.07 -18.29 -20.09
CA VAL L 49 49.72 -19.43 -20.92
C VAL L 49 50.27 -20.68 -20.26
N ALA L 50 49.39 -21.64 -19.98
CA ALA L 50 49.77 -22.94 -19.44
C ALA L 50 50.12 -23.92 -20.55
N TRP L 51 50.79 -25.00 -20.18
CA TRP L 51 51.22 -25.98 -21.19
C TRP L 51 50.04 -26.76 -21.75
N ARG L 52 49.06 -27.07 -20.90
CA ARG L 52 47.96 -27.95 -21.29
C ARG L 52 47.03 -27.32 -22.30
N THR L 53 47.03 -26.01 -22.46
CA THR L 53 46.10 -25.35 -23.36
C THR L 53 46.50 -25.46 -24.82
N LEU L 54 47.68 -25.99 -25.13
CA LEU L 54 48.11 -26.16 -26.51
C LEU L 54 47.66 -27.48 -27.12
N VAL L 55 47.19 -28.42 -26.31
CA VAL L 55 46.84 -29.76 -26.78
C VAL L 55 45.48 -29.71 -27.48
N GLY L 56 45.46 -30.06 -28.76
CA GLY L 56 44.26 -29.96 -29.55
C GLY L 56 44.08 -28.65 -30.30
N VAL L 57 45.02 -27.71 -30.13
CA VAL L 57 44.96 -26.42 -30.81
C VAL L 57 46.10 -26.28 -31.80
N SER L 58 47.32 -26.59 -31.39
CA SER L 58 48.47 -26.53 -32.28
C SER L 58 49.42 -27.70 -32.18
N HIS L 59 49.33 -28.55 -31.16
CA HIS L 59 50.19 -29.73 -31.02
C HIS L 59 49.37 -30.87 -30.46
N THR L 60 49.96 -32.07 -30.44
CA THR L 60 49.31 -33.24 -29.87
C THR L 60 49.76 -33.44 -28.43
N ASN L 61 49.26 -34.49 -27.80
CA ASN L 61 49.53 -34.72 -26.38
C ASN L 61 50.97 -35.18 -26.14
N GLU L 62 51.51 -36.02 -27.01
CA GLU L 62 52.87 -36.50 -26.77
C GLU L 62 53.92 -35.43 -27.08
N GLU L 63 53.56 -34.42 -27.88
CA GLU L 63 54.51 -33.38 -28.20
C GLU L 63 54.61 -32.34 -27.08
N VAL L 64 53.48 -31.99 -26.46
CA VAL L 64 53.52 -30.99 -25.40
C VAL L 64 54.14 -31.58 -24.14
N ARG L 65 53.96 -32.89 -23.92
CA ARG L 65 54.65 -33.54 -22.82
C ARG L 65 56.16 -33.58 -23.04
N ASN L 66 56.59 -33.70 -24.30
CA ASN L 66 58.02 -33.65 -24.59
C ASN L 66 58.55 -32.22 -24.52
N MET L 67 57.73 -31.22 -24.86
CA MET L 67 58.20 -29.84 -24.84
C MET L 67 58.37 -29.33 -23.42
N ALA L 68 57.46 -29.68 -22.52
CA ALA L 68 57.48 -29.16 -21.17
C ALA L 68 58.56 -29.80 -20.30
N GLU L 69 59.14 -30.91 -20.74
CA GLU L 69 60.10 -31.65 -19.91
C GLU L 69 61.51 -31.08 -19.95
N GLU L 70 61.84 -30.17 -20.86
CA GLU L 70 63.16 -29.56 -20.88
C GLU L 70 63.23 -28.27 -20.06
N PHE L 71 62.40 -28.12 -19.05
CA PHE L 71 62.49 -26.98 -18.16
C PHE L 71 62.46 -27.47 -16.72
N GLU L 72 63.05 -26.67 -15.83
CA GLU L 72 63.22 -27.05 -14.44
C GLU L 72 62.33 -26.19 -13.56
N TYR L 73 61.52 -26.85 -12.74
CA TYR L 73 60.62 -26.17 -11.83
C TYR L 73 60.98 -26.56 -10.41
N ASP L 74 60.60 -25.70 -9.46
CA ASP L 74 60.94 -25.94 -8.07
C ASP L 74 59.87 -26.80 -7.41
N ASP L 75 60.32 -27.80 -6.67
CA ASP L 75 59.46 -28.78 -6.05
C ASP L 75 59.32 -28.50 -4.57
N GLU L 76 58.40 -29.21 -3.92
CA GLU L 76 58.27 -29.11 -2.48
C GLU L 76 59.48 -29.80 -1.83
N PRO L 77 59.93 -29.31 -0.66
CA PRO L 77 61.20 -29.78 -0.11
C PRO L 77 61.17 -31.23 0.35
N ASP L 78 62.37 -31.78 0.52
CA ASP L 78 62.52 -33.17 0.94
C ASP L 78 62.36 -33.28 2.45
N GLU L 79 62.76 -34.42 3.01
CA GLU L 79 62.51 -34.70 4.42
C GLU L 79 63.40 -33.92 5.37
N GLN L 80 64.42 -33.23 4.86
CA GLN L 80 65.28 -32.40 5.69
C GLN L 80 65.00 -30.91 5.53
N GLY L 81 64.09 -30.54 4.63
CA GLY L 81 63.82 -29.14 4.38
C GLY L 81 64.76 -28.47 3.42
N ASN L 82 65.26 -29.20 2.43
CA ASN L 82 66.16 -28.67 1.43
C ASN L 82 65.42 -28.51 0.09
N PRO L 83 65.81 -27.55 -0.74
CA PRO L 83 65.12 -27.38 -2.04
C PRO L 83 65.37 -28.54 -2.99
N LYS L 84 64.50 -28.62 -3.99
CA LYS L 84 64.50 -29.73 -4.93
C LYS L 84 63.85 -29.28 -6.24
N LYS L 85 64.33 -29.82 -7.35
CA LYS L 85 63.80 -29.48 -8.66
C LYS L 85 63.12 -30.69 -9.31
N ARG L 86 62.41 -30.43 -10.40
CA ARG L 86 61.68 -31.46 -11.13
C ARG L 86 61.45 -30.97 -12.54
N PRO L 87 61.24 -31.89 -13.49
CA PRO L 87 60.86 -31.47 -14.84
C PRO L 87 59.42 -31.03 -14.92
N GLY L 88 59.05 -30.43 -16.05
CA GLY L 88 57.75 -29.83 -16.20
C GLY L 88 56.66 -30.81 -16.57
N LYS L 89 55.43 -30.41 -16.28
CA LYS L 89 54.24 -31.18 -16.56
C LYS L 89 53.23 -30.29 -17.27
N LEU L 90 52.04 -30.84 -17.55
CA LEU L 90 51.07 -30.12 -18.36
C LEU L 90 50.41 -28.98 -17.60
N SER L 91 50.33 -29.06 -16.29
CA SER L 91 49.63 -28.04 -15.53
C SER L 91 50.48 -26.80 -15.27
N ASP L 92 51.75 -26.80 -15.67
CA ASP L 92 52.65 -25.69 -15.41
C ASP L 92 52.46 -24.58 -16.44
N TYR L 93 53.03 -23.43 -16.15
CA TYR L 93 52.99 -22.29 -17.05
C TYR L 93 54.33 -22.14 -17.76
N ILE L 94 54.29 -21.54 -18.94
CA ILE L 94 55.48 -21.42 -19.80
C ILE L 94 56.46 -20.43 -19.16
N PRO L 95 57.73 -20.81 -18.96
CA PRO L 95 58.64 -19.96 -18.20
C PRO L 95 59.20 -18.80 -19.00
N GLY L 96 59.72 -17.82 -18.26
CA GLY L 96 60.34 -16.65 -18.85
C GLY L 96 61.83 -16.60 -18.59
N PRO L 97 62.55 -15.73 -19.31
CA PRO L 97 64.02 -15.77 -19.25
C PRO L 97 64.64 -15.12 -18.03
N TYR L 98 63.96 -14.19 -17.37
CA TYR L 98 64.63 -13.47 -16.29
C TYR L 98 63.99 -13.77 -14.94
N PRO L 99 64.79 -13.81 -13.88
CA PRO L 99 64.21 -14.06 -12.55
C PRO L 99 63.49 -12.86 -11.96
N ASN L 100 63.96 -11.64 -12.20
CA ASN L 100 63.33 -10.46 -11.64
C ASN L 100 63.44 -9.30 -12.62
N GLU L 101 62.91 -8.15 -12.21
CA GLU L 101 62.82 -6.99 -13.09
C GLU L 101 64.14 -6.24 -13.20
N GLN L 102 64.96 -6.26 -12.15
CA GLN L 102 66.26 -5.60 -12.21
C GLN L 102 67.20 -6.32 -13.15
N ALA L 103 67.09 -7.65 -13.25
CA ALA L 103 67.91 -8.41 -14.17
C ALA L 103 67.46 -8.26 -15.61
N ALA L 104 66.20 -7.87 -15.83
CA ALA L 104 65.72 -7.64 -17.19
C ALA L 104 66.21 -6.31 -17.74
N ARG L 105 66.17 -5.25 -16.92
CA ARG L 105 66.70 -3.96 -17.32
C ARG L 105 68.21 -3.96 -17.40
N ALA L 106 68.89 -4.87 -16.69
CA ALA L 106 70.33 -4.93 -16.72
C ALA L 106 70.86 -5.49 -18.03
N ALA L 107 70.05 -6.26 -18.76
CA ALA L 107 70.46 -6.85 -20.02
C ALA L 107 69.89 -6.11 -21.23
N ASN L 108 69.13 -5.04 -21.01
CA ASN L 108 68.50 -4.31 -22.10
C ASN L 108 68.71 -2.81 -21.95
N GLN L 109 69.81 -2.43 -21.28
CA GLN L 109 70.29 -1.05 -21.14
C GLN L 109 69.27 -0.15 -20.45
N GLY L 110 68.63 -0.67 -19.42
CA GLY L 110 67.67 0.06 -18.63
C GLY L 110 66.22 -0.18 -19.03
N ALA L 111 65.96 -0.53 -20.28
CA ALA L 111 64.60 -0.72 -20.74
C ALA L 111 64.06 -2.06 -20.28
N LEU L 112 62.74 -2.13 -20.15
CA LEU L 112 62.08 -3.36 -19.70
C LEU L 112 61.21 -3.90 -20.83
N PRO L 113 61.54 -5.04 -21.42
CA PRO L 113 60.66 -5.65 -22.41
C PRO L 113 59.42 -6.23 -21.74
N PRO L 114 58.23 -5.89 -22.24
CA PRO L 114 56.99 -6.27 -21.56
C PRO L 114 56.63 -7.75 -21.75
N ASP L 115 55.58 -8.15 -21.06
CA ASP L 115 55.00 -9.48 -21.21
C ASP L 115 54.08 -9.51 -22.42
N LEU L 116 54.13 -10.59 -23.18
CA LEU L 116 53.43 -10.68 -24.46
C LEU L 116 52.18 -11.54 -24.39
N SER L 117 51.59 -11.68 -23.21
CA SER L 117 50.39 -12.49 -23.10
C SER L 117 49.14 -11.73 -23.52
N LEU L 118 49.11 -10.42 -23.28
CA LEU L 118 47.95 -9.59 -23.58
C LEU L 118 48.30 -8.41 -24.46
N ILE L 119 49.37 -8.49 -25.26
CA ILE L 119 49.85 -7.33 -26.00
C ILE L 119 48.97 -7.00 -27.20
N VAL L 120 48.14 -7.94 -27.67
CA VAL L 120 47.27 -7.66 -28.80
C VAL L 120 46.10 -6.78 -28.36
N LYS L 121 45.50 -7.12 -27.22
CA LYS L 121 44.35 -6.38 -26.73
C LYS L 121 44.71 -5.12 -25.97
N ALA L 122 45.99 -4.87 -25.72
CA ALA L 122 46.43 -3.71 -24.95
C ALA L 122 47.11 -2.65 -25.79
N ARG L 123 46.84 -2.64 -27.09
CA ARG L 123 47.44 -1.67 -28.00
C ARG L 123 46.38 -1.18 -28.97
N HIS L 124 46.45 0.10 -29.31
CA HIS L 124 45.56 0.69 -30.31
C HIS L 124 45.94 0.16 -31.68
N GLY L 125 45.12 -0.73 -32.24
CA GLY L 125 45.40 -1.29 -33.53
C GLY L 125 45.27 -2.80 -33.58
N GLY L 126 45.70 -3.48 -32.52
CA GLY L 126 45.47 -4.91 -32.43
C GLY L 126 46.48 -5.70 -33.23
N CYS L 127 45.97 -6.57 -34.12
CA CYS L 127 46.85 -7.38 -34.95
C CYS L 127 47.60 -6.54 -35.97
N ASP L 128 47.02 -5.42 -36.40
CA ASP L 128 47.66 -4.59 -37.40
C ASP L 128 48.84 -3.83 -36.84
N TYR L 129 48.87 -3.60 -35.52
CA TYR L 129 49.95 -2.80 -34.95
C TYR L 129 51.19 -3.65 -34.69
N ILE L 130 51.01 -4.88 -34.20
CA ILE L 130 52.16 -5.74 -33.91
C ILE L 130 52.82 -6.22 -35.20
N PHE L 131 52.05 -6.43 -36.26
CA PHE L 131 52.65 -6.79 -37.55
C PHE L 131 53.42 -5.63 -38.15
N SER L 132 52.82 -4.43 -38.16
CA SER L 132 53.47 -3.29 -38.76
C SER L 132 54.62 -2.76 -37.93
N LEU L 133 54.69 -3.12 -36.65
CA LEU L 133 55.82 -2.70 -35.82
C LEU L 133 57.09 -3.45 -36.22
N LEU L 134 56.97 -4.74 -36.49
CA LEU L 134 58.14 -5.55 -36.78
C LEU L 134 58.66 -5.33 -38.19
N THR L 135 57.77 -5.30 -39.18
CA THR L 135 58.17 -5.05 -40.57
C THR L 135 58.07 -3.56 -40.92
N GLY L 136 58.67 -2.71 -40.09
CA GLY L 136 58.57 -1.29 -40.31
C GLY L 136 59.80 -0.51 -39.95
N TYR L 137 60.89 -1.20 -39.62
CA TYR L 137 62.14 -0.53 -39.32
C TYR L 137 62.77 -0.03 -40.62
N PRO L 138 63.07 1.27 -40.73
CA PRO L 138 63.72 1.75 -41.95
C PRO L 138 65.20 1.37 -41.96
N ASP L 139 65.78 1.41 -43.17
CA ASP L 139 67.21 1.15 -43.28
C ASP L 139 68.02 2.35 -42.81
N GLU L 140 67.45 3.55 -42.92
CA GLU L 140 68.07 4.75 -42.38
C GLU L 140 66.99 5.66 -41.81
N PRO L 141 67.29 6.42 -40.76
CA PRO L 141 66.31 7.36 -40.21
C PRO L 141 66.10 8.53 -41.16
N PRO L 142 65.01 9.29 -41.01
CA PRO L 142 64.81 10.47 -41.85
C PRO L 142 65.83 11.56 -41.52
N ALA L 143 66.05 12.44 -42.49
CA ALA L 143 67.06 13.47 -42.35
C ALA L 143 66.61 14.53 -41.36
N GLY L 144 67.47 14.82 -40.39
CA GLY L 144 67.22 15.86 -39.41
C GLY L 144 66.99 15.35 -38.01
N VAL L 145 66.57 14.10 -37.85
CA VAL L 145 66.31 13.55 -36.54
C VAL L 145 67.63 13.25 -35.84
N ALA L 146 67.63 13.25 -34.52
CA ALA L 146 68.81 12.93 -33.72
C ALA L 146 68.41 11.87 -32.71
N LEU L 147 68.95 10.68 -32.86
CA LEU L 147 68.58 9.60 -31.97
C LEU L 147 69.49 9.57 -30.74
N PRO L 148 68.98 9.10 -29.61
CA PRO L 148 69.83 8.88 -28.43
C PRO L 148 70.79 7.73 -28.67
N PRO L 149 71.84 7.61 -27.86
CA PRO L 149 72.75 6.45 -28.00
C PRO L 149 72.07 5.17 -27.55
N GLY L 150 72.05 4.18 -28.43
CA GLY L 150 71.37 2.93 -28.15
C GLY L 150 69.89 2.96 -28.44
N SER L 151 69.49 3.51 -29.57
CA SER L 151 68.09 3.62 -29.95
C SER L 151 67.90 3.20 -31.39
N ASN L 152 66.65 2.95 -31.75
CA ASN L 152 66.28 2.60 -33.11
C ASN L 152 65.06 3.41 -33.51
N TYR L 153 64.99 3.76 -34.78
CA TYR L 153 63.84 4.48 -35.32
C TYR L 153 62.80 3.50 -35.83
N ASN L 154 61.54 3.71 -35.42
CA ASN L 154 60.38 2.99 -35.94
C ASN L 154 59.22 3.96 -35.87
N PRO L 155 58.57 4.27 -37.00
CA PRO L 155 57.55 5.32 -37.01
C PRO L 155 56.22 4.92 -36.41
N TYR L 156 56.00 3.64 -36.14
CA TYR L 156 54.79 3.17 -35.48
C TYR L 156 54.87 3.31 -33.96
N PHE L 157 56.01 3.59 -33.43
CA PHE L 157 56.12 3.84 -32.00
C PHE L 157 55.92 5.31 -31.72
N PRO L 158 55.11 5.68 -30.73
CA PRO L 158 54.86 7.09 -30.43
C PRO L 158 56.11 7.77 -29.88
N GLY L 159 56.62 8.74 -30.65
CA GLY L 159 57.86 9.41 -30.34
C GLY L 159 58.95 9.18 -31.36
N GLY L 160 58.90 8.04 -32.04
CA GLY L 160 59.81 7.73 -33.11
C GLY L 160 60.98 6.83 -32.73
N SER L 161 61.39 6.84 -31.46
CA SER L 161 62.58 6.14 -31.02
C SER L 161 62.20 5.01 -30.08
N ILE L 162 62.70 3.81 -30.36
CA ILE L 162 62.34 2.61 -29.64
C ILE L 162 63.61 1.90 -29.19
N ALA L 163 63.50 1.12 -28.12
CA ALA L 163 64.63 0.41 -27.54
C ALA L 163 64.76 -1.03 -28.04
N MET L 164 63.93 -1.46 -28.97
CA MET L 164 64.02 -2.78 -29.57
C MET L 164 64.53 -2.65 -31.00
N ALA L 165 65.57 -3.42 -31.34
CA ALA L 165 66.13 -3.39 -32.68
C ALA L 165 65.40 -4.40 -33.57
N ARG L 166 65.76 -4.45 -34.84
CA ARG L 166 65.12 -5.38 -35.76
C ARG L 166 65.62 -6.79 -35.51
N VAL L 167 64.71 -7.72 -35.30
CA VAL L 167 65.05 -9.07 -34.91
C VAL L 167 64.65 -10.12 -35.93
N LEU L 168 63.90 -9.77 -36.97
CA LEU L 168 63.48 -10.71 -37.98
C LEU L 168 64.26 -10.47 -39.26
N PHE L 169 64.88 -11.53 -39.80
CA PHE L 169 65.57 -11.48 -41.07
C PHE L 169 65.19 -12.71 -41.87
N ASP L 170 65.69 -12.79 -43.09
CA ASP L 170 65.25 -13.84 -44.00
C ASP L 170 65.97 -15.16 -43.71
N ASP L 171 65.18 -16.24 -43.72
CA ASP L 171 65.65 -17.62 -43.57
C ASP L 171 66.36 -17.86 -42.24
N MET L 172 65.82 -17.29 -41.17
CA MET L 172 66.41 -17.50 -39.86
C MET L 172 65.79 -18.66 -39.11
N VAL L 173 64.59 -19.10 -39.50
CA VAL L 173 64.01 -20.35 -39.04
C VAL L 173 63.81 -21.25 -40.24
N GLU L 174 63.50 -22.52 -39.98
CA GLU L 174 63.24 -23.48 -41.03
C GLU L 174 61.98 -24.23 -40.64
N TYR L 175 60.89 -24.00 -41.38
CA TYR L 175 59.60 -24.56 -41.02
C TYR L 175 59.54 -26.05 -41.35
N GLU L 176 58.69 -26.76 -40.60
CA GLU L 176 58.56 -28.20 -40.78
C GLU L 176 57.67 -28.56 -41.96
N ASP L 177 56.65 -27.76 -42.24
CA ASP L 177 55.80 -28.03 -43.39
C ASP L 177 56.45 -27.64 -44.72
N GLY L 178 57.51 -26.84 -44.69
CA GLY L 178 58.18 -26.43 -45.90
C GLY L 178 57.83 -25.05 -46.40
N THR L 179 57.21 -24.22 -45.57
CA THR L 179 56.86 -22.86 -45.98
C THR L 179 58.11 -22.00 -46.02
N PRO L 180 58.30 -21.19 -47.07
CA PRO L 180 59.45 -20.28 -47.14
C PRO L 180 59.38 -19.23 -46.05
N ALA L 181 60.40 -19.19 -45.20
CA ALA L 181 60.42 -18.32 -44.03
C ALA L 181 61.07 -16.98 -44.39
N THR L 182 60.25 -16.10 -44.96
CA THR L 182 60.68 -14.75 -45.29
C THR L 182 60.40 -13.84 -44.10
N THR L 183 60.66 -12.53 -44.26
CA THR L 183 60.45 -11.60 -43.17
C THR L 183 58.97 -11.39 -42.89
N SER L 184 58.18 -11.17 -43.95
CA SER L 184 56.76 -10.95 -43.77
C SER L 184 56.01 -12.24 -43.46
N GLN L 185 56.56 -13.39 -43.82
CA GLN L 185 55.89 -14.66 -43.53
C GLN L 185 55.99 -15.01 -42.05
N MET L 186 57.19 -14.88 -41.47
CA MET L 186 57.36 -15.15 -40.05
C MET L 186 56.67 -14.12 -39.18
N ALA L 187 56.60 -12.86 -39.64
CA ALA L 187 55.90 -11.83 -38.88
C ALA L 187 54.40 -12.02 -38.90
N LYS L 188 53.87 -12.73 -39.90
CA LYS L 188 52.45 -13.01 -39.93
C LYS L 188 52.07 -14.06 -38.90
N ASP L 189 52.97 -15.01 -38.64
CA ASP L 189 52.65 -16.16 -37.82
C ASP L 189 52.77 -15.89 -36.32
N VAL L 190 53.65 -14.98 -35.91
CA VAL L 190 53.69 -14.59 -34.50
C VAL L 190 52.43 -13.85 -34.11
N THR L 191 51.89 -13.02 -35.01
CA THR L 191 50.72 -12.22 -34.70
C THR L 191 49.45 -13.09 -34.69
N THR L 192 49.45 -14.18 -35.44
CA THR L 192 48.33 -15.12 -35.35
C THR L 192 48.42 -15.94 -34.08
N PHE L 193 49.64 -16.31 -33.68
CA PHE L 193 49.83 -17.05 -32.43
C PHE L 193 49.57 -16.16 -31.23
N LEU L 194 50.06 -14.92 -31.25
CA LEU L 194 49.92 -14.04 -30.11
C LEU L 194 48.49 -13.55 -29.92
N ASN L 195 47.69 -13.51 -30.99
CA ASN L 195 46.28 -13.19 -30.82
C ASN L 195 45.53 -14.32 -30.16
N TRP L 196 45.96 -15.57 -30.38
CA TRP L 196 45.37 -16.69 -29.68
C TRP L 196 45.72 -16.68 -28.19
N CYS L 197 46.93 -16.23 -27.84
CA CYS L 197 47.33 -16.15 -26.44
C CYS L 197 46.51 -15.13 -25.67
N ALA L 198 46.01 -14.10 -26.34
CA ALA L 198 45.13 -13.14 -25.68
C ALA L 198 43.68 -13.63 -25.66
N GLU L 199 43.23 -14.28 -26.72
CA GLU L 199 41.83 -14.70 -26.86
C GLU L 199 41.74 -16.17 -27.25
N PRO L 200 41.85 -17.08 -26.28
CA PRO L 200 41.70 -18.50 -26.59
C PRO L 200 40.27 -18.98 -26.75
N GLU L 201 39.27 -18.13 -26.50
CA GLU L 201 37.87 -18.48 -26.61
C GLU L 201 37.27 -18.07 -27.95
N HIS L 202 38.10 -17.60 -28.87
CA HIS L 202 37.67 -16.88 -30.07
C HIS L 202 36.84 -17.74 -31.01
N ASP L 203 37.23 -18.99 -31.24
CA ASP L 203 36.45 -19.86 -32.12
C ASP L 203 35.20 -20.39 -31.44
N GLU L 204 35.25 -20.59 -30.13
CA GLU L 204 34.07 -21.03 -29.39
C GLU L 204 33.05 -19.91 -29.28
N ARG L 205 33.50 -18.65 -29.20
CA ARG L 205 32.62 -17.53 -28.98
C ARG L 205 31.73 -17.27 -30.17
N LYS L 206 32.30 -17.30 -31.38
CA LYS L 206 31.54 -16.99 -32.60
C LYS L 206 30.59 -18.11 -33.01
N ARG L 207 30.67 -19.28 -32.40
CA ARG L 207 29.73 -20.34 -32.68
C ARG L 207 28.50 -20.27 -31.78
N LEU L 208 28.66 -19.83 -30.54
CA LEU L 208 27.51 -19.56 -29.69
C LEU L 208 26.88 -18.22 -29.99
N GLY L 209 27.61 -17.32 -30.65
CA GLY L 209 26.99 -16.11 -31.15
C GLY L 209 26.09 -16.34 -32.34
N LEU L 210 26.29 -17.45 -33.05
CA LEU L 210 25.42 -17.79 -34.17
C LEU L 210 24.09 -18.31 -33.68
N LYS L 211 24.09 -19.14 -32.64
CA LYS L 211 22.85 -19.72 -32.14
C LYS L 211 21.98 -18.69 -31.43
N THR L 212 22.59 -17.70 -30.79
CA THR L 212 21.83 -16.71 -30.04
C THR L 212 21.17 -15.69 -30.95
N VAL L 213 21.85 -15.31 -32.04
CA VAL L 213 21.33 -14.28 -32.93
C VAL L 213 20.20 -14.83 -33.82
N ILE L 214 20.31 -16.09 -34.24
CA ILE L 214 19.23 -16.72 -35.03
C ILE L 214 17.98 -16.89 -34.18
N ILE L 215 18.14 -17.30 -32.92
CA ILE L 215 17.00 -17.50 -32.02
C ILE L 215 16.33 -16.17 -31.68
N LEU L 216 17.12 -15.16 -31.37
CA LEU L 216 16.57 -13.89 -30.93
C LEU L 216 16.00 -13.05 -32.06
N SER L 217 16.40 -13.32 -33.31
CA SER L 217 15.80 -12.60 -34.43
C SER L 217 14.46 -13.20 -34.83
N SER L 218 14.30 -14.52 -34.70
CA SER L 218 13.00 -15.13 -34.93
C SER L 218 12.03 -14.92 -33.77
N LEU L 219 12.53 -14.55 -32.59
CA LEU L 219 11.65 -14.12 -31.51
C LEU L 219 11.25 -12.66 -31.66
N TYR L 220 12.10 -11.84 -32.26
CA TYR L 220 11.78 -10.44 -32.47
C TYR L 220 10.80 -10.25 -33.61
N LEU L 221 10.85 -11.11 -34.63
CA LEU L 221 9.92 -10.99 -35.73
C LEU L 221 8.53 -11.47 -35.36
N LEU L 222 8.43 -12.49 -34.52
CA LEU L 222 7.13 -13.00 -34.11
C LEU L 222 6.42 -12.09 -33.14
N SER L 223 7.15 -11.28 -32.37
CA SER L 223 6.50 -10.37 -31.44
C SER L 223 5.88 -9.17 -32.13
N ILE L 224 6.38 -8.81 -33.32
CA ILE L 224 5.77 -7.74 -34.09
C ILE L 224 4.44 -8.20 -34.71
N TRP L 225 4.40 -9.45 -35.16
CA TRP L 225 3.17 -10.01 -35.70
C TRP L 225 2.12 -10.18 -34.61
N VAL L 226 2.53 -10.66 -33.44
CA VAL L 226 1.59 -10.95 -32.36
C VAL L 226 1.00 -9.67 -31.81
N LYS L 227 1.81 -8.60 -31.75
CA LYS L 227 1.35 -7.32 -31.22
C LYS L 227 0.30 -6.69 -32.13
N LYS L 228 0.49 -6.77 -33.44
CA LYS L 228 -0.45 -6.15 -34.36
C LYS L 228 -1.77 -6.90 -34.47
N PHE L 229 -1.79 -8.19 -34.12
CA PHE L 229 -3.05 -8.92 -34.08
C PHE L 229 -3.88 -8.53 -32.87
N LYS L 230 -3.25 -8.41 -31.70
CA LYS L 230 -3.97 -8.04 -30.49
C LYS L 230 -4.30 -6.57 -30.41
N TRP L 231 -3.70 -5.73 -31.26
CA TRP L 231 -3.98 -4.31 -31.26
C TRP L 231 -4.88 -3.90 -32.42
N ALA L 232 -5.54 -4.85 -33.07
CA ALA L 232 -6.34 -4.52 -34.24
C ALA L 232 -7.66 -3.87 -33.87
N GLY L 233 -8.26 -4.25 -32.73
CA GLY L 233 -9.54 -3.71 -32.35
C GLY L 233 -9.49 -2.28 -31.86
N ILE L 234 -8.33 -1.82 -31.38
CA ILE L 234 -8.21 -0.46 -30.89
C ILE L 234 -7.95 0.51 -32.03
N LYS L 235 -7.21 0.09 -33.04
CA LYS L 235 -6.89 0.98 -34.16
C LYS L 235 -8.07 1.20 -35.09
N THR L 236 -9.08 0.34 -35.06
CA THR L 236 -10.22 0.41 -35.97
C THR L 236 -11.50 0.80 -35.20
N ARG L 237 -11.36 1.26 -33.97
CA ARG L 237 -12.48 1.71 -33.16
C ARG L 237 -12.98 3.08 -33.64
N LYS L 238 -14.30 3.25 -33.66
CA LYS L 238 -14.94 4.43 -34.23
C LYS L 238 -15.67 5.23 -33.16
N PHE L 239 -16.08 6.46 -33.49
CA PHE L 239 -16.63 7.38 -32.50
C PHE L 239 -17.57 8.38 -33.16
N VAL L 240 -18.84 8.39 -32.73
CA VAL L 240 -19.85 9.30 -33.26
C VAL L 240 -20.37 10.17 -32.12
N PHE L 241 -20.68 11.43 -32.39
CA PHE L 241 -21.17 12.36 -31.38
C PHE L 241 -22.50 12.96 -31.82
N ASN L 242 -23.54 12.77 -31.02
CA ASN L 242 -24.82 13.44 -31.19
C ASN L 242 -25.09 14.27 -29.95
N PRO L 243 -25.27 15.59 -30.07
CA PRO L 243 -25.43 16.44 -28.88
C PRO L 243 -26.73 16.16 -28.16
N PRO L 244 -26.70 16.08 -26.83
CA PRO L 244 -27.92 15.74 -26.08
C PRO L 244 -28.92 16.87 -26.08
N LYS L 245 -30.17 16.51 -25.76
CA LYS L 245 -31.22 17.51 -25.69
C LYS L 245 -31.13 18.26 -24.37
N PRO L 246 -31.11 19.59 -24.39
CA PRO L 246 -30.57 20.38 -23.27
C PRO L 246 -31.51 20.86 -22.16
N ARG L 247 -32.09 19.92 -21.41
CA ARG L 247 -32.56 20.30 -20.08
C ARG L 247 -32.32 19.18 -19.06
N LYS L 248 -31.11 18.62 -19.02
CA LYS L 248 -30.78 17.70 -17.95
C LYS L 248 -30.42 18.46 -16.67
N LEU M 1 -65.10 -25.62 3.95
CA LEU M 1 -64.02 -26.16 3.14
C LEU M 1 -64.53 -26.69 1.82
N THR M 2 -64.77 -25.78 0.88
CA THR M 2 -65.22 -26.17 -0.44
C THR M 2 -64.02 -26.56 -1.30
N VAL M 3 -64.15 -27.68 -2.00
CA VAL M 3 -63.13 -28.16 -2.94
C VAL M 3 -63.78 -28.24 -4.31
N SER M 4 -63.12 -27.68 -5.32
CA SER M 4 -63.65 -27.64 -6.67
C SER M 4 -62.53 -27.88 -7.67
N ALA M 5 -62.89 -28.38 -8.84
CA ALA M 5 -61.91 -28.64 -9.90
C ALA M 5 -62.63 -28.76 -11.24
N ARG M 6 -61.84 -28.89 -12.28
CA ARG M 6 -62.31 -29.20 -13.62
C ARG M 6 -61.17 -29.85 -14.39
N ASP M 7 -61.51 -30.78 -15.28
CA ASP M 7 -60.51 -31.57 -15.97
C ASP M 7 -60.41 -31.19 -17.43
N ALA M 8 -59.23 -31.43 -18.00
CA ALA M 8 -58.95 -31.23 -19.42
C ALA M 8 -57.70 -32.03 -19.76
N PRO M 9 -57.57 -32.50 -21.01
CA PRO M 9 -56.35 -33.26 -21.38
C PRO M 9 -55.16 -32.39 -21.79
N THR M 10 -54.48 -31.83 -20.80
CA THR M 10 -53.28 -31.04 -21.05
C THR M 10 -52.15 -31.49 -20.13
N LYS M 11 -51.06 -30.73 -20.09
CA LYS M 11 -49.86 -31.13 -19.36
C LYS M 11 -49.71 -30.42 -18.01
N ILE M 12 -50.12 -29.17 -17.91
CA ILE M 12 -49.86 -28.33 -16.73
C ILE M 12 -51.14 -28.20 -15.94
N SER M 13 -51.06 -28.40 -14.62
CA SER M 13 -52.15 -28.15 -13.70
C SER M 13 -51.81 -26.95 -12.82
N THR M 14 -52.83 -26.48 -12.09
CA THR M 14 -52.70 -25.33 -11.20
C THR M 14 -53.55 -25.59 -9.97
N LEU M 15 -53.07 -25.18 -8.80
CA LEU M 15 -53.77 -25.41 -7.55
C LEU M 15 -53.69 -24.15 -6.70
N ALA M 16 -54.85 -23.61 -6.31
CA ALA M 16 -54.92 -22.35 -5.57
C ALA M 16 -55.70 -22.52 -4.28
N VAL M 17 -55.26 -21.82 -3.24
CA VAL M 17 -55.97 -21.75 -1.96
C VAL M 17 -56.28 -20.30 -1.70
N LYS M 18 -57.57 -19.97 -1.58
CA LYS M 18 -58.01 -18.58 -1.42
C LYS M 18 -58.52 -18.37 -0.01
N VAL M 19 -57.90 -17.45 0.71
CA VAL M 19 -58.24 -17.12 2.08
C VAL M 19 -58.91 -15.75 2.08
N HIS M 20 -59.91 -15.57 2.94
CA HIS M 20 -60.49 -14.25 3.15
C HIS M 20 -59.66 -13.49 4.19
N GLY M 21 -58.47 -13.10 3.76
CA GLY M 21 -57.52 -12.46 4.64
C GLY M 21 -56.79 -11.29 4.01
N GLY M 22 -57.48 -10.54 3.14
CA GLY M 22 -56.87 -9.39 2.51
C GLY M 22 -56.73 -8.21 3.45
N SER M 23 -56.39 -7.07 2.87
CA SER M 23 -56.07 -5.89 3.67
C SER M 23 -57.28 -5.23 4.29
N ARG M 24 -58.50 -5.61 3.91
CA ARG M 24 -59.69 -5.06 4.54
C ARG M 24 -60.03 -5.72 5.86
N TYR M 25 -59.27 -6.73 6.26
CA TYR M 25 -59.45 -7.39 7.55
C TYR M 25 -58.25 -7.19 8.47
N ALA M 26 -57.34 -6.29 8.13
CA ALA M 26 -56.10 -6.14 8.87
C ALA M 26 -56.32 -5.44 10.20
N THR M 27 -55.71 -5.99 11.25
CA THR M 27 -55.86 -5.44 12.59
C THR M 27 -54.99 -4.20 12.77
N LYS M 28 -53.75 -4.23 12.28
CA LYS M 28 -52.87 -3.07 12.25
C LYS M 28 -52.58 -2.71 10.80
N ASP M 29 -51.93 -1.57 10.62
CA ASP M 29 -51.65 -1.05 9.28
C ASP M 29 -50.56 -1.87 8.61
N GLY M 30 -50.93 -2.68 7.63
CA GLY M 30 -49.97 -3.43 6.87
C GLY M 30 -49.63 -4.80 7.41
N VAL M 31 -50.47 -5.38 8.27
CA VAL M 31 -50.17 -6.69 8.81
C VAL M 31 -50.48 -7.80 7.82
N ALA M 32 -51.36 -7.55 6.84
CA ALA M 32 -51.63 -8.55 5.82
C ALA M 32 -50.53 -8.60 4.77
N HIS M 33 -49.73 -7.55 4.67
CA HIS M 33 -48.60 -7.55 3.75
C HIS M 33 -47.42 -8.33 4.32
N LEU M 34 -47.25 -8.32 5.63
CA LEU M 34 -46.16 -9.07 6.24
C LEU M 34 -46.48 -10.55 6.38
N LEU M 35 -47.76 -10.92 6.47
CA LEU M 35 -48.11 -12.33 6.40
C LEU M 35 -47.98 -12.87 4.99
N ASN M 36 -48.18 -12.01 3.98
CA ASN M 36 -47.99 -12.42 2.60
C ASN M 36 -46.54 -12.75 2.29
N ARG M 37 -45.60 -12.07 2.93
CA ARG M 37 -44.19 -12.31 2.71
C ARG M 37 -43.61 -13.39 3.61
N PHE M 38 -44.38 -13.90 4.57
CA PHE M 38 -43.97 -15.05 5.35
C PHE M 38 -44.36 -16.39 4.75
N ASN M 39 -45.17 -16.39 3.69
CA ASN M 39 -45.57 -17.65 3.08
C ASN M 39 -44.41 -18.25 2.31
N PHE M 40 -44.31 -19.58 2.37
CA PHE M 40 -43.22 -20.38 1.78
C PHE M 40 -41.85 -20.01 2.37
N GLN M 41 -41.83 -19.70 3.65
CA GLN M 41 -40.60 -19.62 4.41
C GLN M 41 -40.35 -20.99 5.06
N ASN M 42 -39.48 -21.04 6.05
CA ASN M 42 -39.20 -22.28 6.78
C ASN M 42 -40.44 -22.80 7.50
N THR M 43 -40.73 -24.07 7.35
CA THR M 43 -41.74 -24.73 8.16
C THR M 43 -41.04 -25.52 9.26
N ASN M 44 -41.84 -26.21 10.07
CA ASN M 44 -41.28 -26.98 11.18
C ASN M 44 -40.57 -28.24 10.71
N THR M 45 -40.91 -28.74 9.53
CA THR M 45 -40.35 -29.98 9.03
C THR M 45 -39.38 -29.77 7.87
N ARG M 46 -39.74 -28.93 6.92
CA ARG M 46 -38.95 -28.73 5.71
C ARG M 46 -38.47 -27.30 5.64
N SER M 47 -37.21 -27.12 5.26
CA SER M 47 -36.66 -25.78 5.15
C SER M 47 -37.15 -25.11 3.87
N ALA M 48 -36.93 -23.80 3.77
CA ALA M 48 -37.31 -23.08 2.58
C ALA M 48 -36.35 -23.34 1.43
N LEU M 49 -35.10 -23.64 1.73
CA LEU M 49 -34.15 -24.01 0.69
C LEU M 49 -34.48 -25.38 0.13
N LYS M 50 -34.92 -26.31 0.97
CA LYS M 50 -35.21 -27.65 0.50
C LYS M 50 -36.48 -27.71 -0.31
N LEU M 51 -37.47 -26.87 -0.01
CA LEU M 51 -38.70 -26.85 -0.80
C LEU M 51 -38.47 -26.34 -2.21
N VAL M 52 -37.52 -25.42 -2.40
CA VAL M 52 -37.23 -24.91 -3.73
C VAL M 52 -36.46 -25.94 -4.55
N ARG M 53 -35.49 -26.63 -3.94
CA ARG M 53 -34.69 -27.60 -4.68
C ARG M 53 -35.49 -28.85 -5.03
N GLU M 54 -36.34 -29.30 -4.10
CA GLU M 54 -37.04 -30.56 -4.29
C GLU M 54 -38.14 -30.45 -5.32
N SER M 55 -38.73 -29.28 -5.49
CA SER M 55 -39.80 -29.10 -6.46
C SER M 55 -39.31 -28.65 -7.83
N GLU M 56 -38.05 -28.21 -7.93
CA GLU M 56 -37.48 -27.94 -9.24
C GLU M 56 -37.18 -29.21 -10.00
N LEU M 57 -36.90 -30.30 -9.29
CA LEU M 57 -36.66 -31.59 -9.92
C LEU M 57 -37.95 -32.27 -10.36
N LEU M 58 -39.10 -31.71 -10.00
CA LEU M 58 -40.39 -32.20 -10.45
C LEU M 58 -41.06 -31.28 -11.45
N GLY M 59 -40.55 -30.08 -11.66
CA GLY M 59 -41.26 -29.10 -12.46
C GLY M 59 -42.40 -28.41 -11.73
N GLY M 60 -42.10 -27.58 -10.74
CA GLY M 60 -43.13 -26.83 -10.05
C GLY M 60 -42.60 -25.54 -9.47
N THR M 61 -43.51 -24.59 -9.28
CA THR M 61 -43.20 -23.31 -8.62
C THR M 61 -44.33 -22.94 -7.66
N PHE M 62 -44.06 -21.95 -6.81
CA PHE M 62 -44.99 -21.49 -5.79
C PHE M 62 -45.04 -19.98 -5.78
N LYS M 63 -46.17 -19.42 -5.35
CA LYS M 63 -46.37 -17.98 -5.38
C LYS M 63 -47.48 -17.59 -4.40
N SER M 64 -47.35 -16.40 -3.81
CA SER M 64 -48.37 -15.84 -2.94
C SER M 64 -48.70 -14.42 -3.39
N THR M 65 -49.97 -14.04 -3.32
CA THR M 65 -50.46 -12.78 -3.86
C THR M 65 -51.45 -12.14 -2.89
N LEU M 66 -51.42 -10.82 -2.78
CA LEU M 66 -52.23 -10.07 -1.83
C LEU M 66 -53.18 -9.11 -2.54
N ASP M 67 -54.44 -9.13 -2.14
CA ASP M 67 -55.50 -8.25 -2.62
C ASP M 67 -56.03 -7.39 -1.46
N ARG M 68 -57.08 -6.62 -1.75
CA ARG M 68 -57.87 -6.03 -0.70
C ARG M 68 -58.89 -6.99 -0.11
N GLU M 69 -59.04 -8.17 -0.71
CA GLU M 69 -59.97 -9.17 -0.23
C GLU M 69 -59.31 -10.51 0.10
N TYR M 70 -58.36 -10.95 -0.71
CA TYR M 70 -57.85 -12.32 -0.62
C TYR M 70 -56.35 -12.37 -0.35
N ILE M 71 -55.92 -13.45 0.29
CA ILE M 71 -54.58 -13.98 0.17
C ILE M 71 -54.67 -15.30 -0.60
N THR M 72 -53.90 -15.40 -1.68
CA THR M 72 -53.97 -16.54 -2.58
C THR M 72 -52.62 -17.23 -2.64
N LEU M 73 -52.61 -18.53 -2.37
CA LEU M 73 -51.41 -19.36 -2.44
C LEU M 73 -51.55 -20.26 -3.66
N LYS M 74 -50.59 -20.20 -4.56
CA LYS M 74 -50.71 -20.82 -5.87
C LYS M 74 -49.54 -21.73 -6.15
N ALA M 75 -49.80 -22.87 -6.79
CA ALA M 75 -48.77 -23.78 -7.25
C ALA M 75 -49.05 -24.17 -8.69
N THR M 76 -48.00 -24.18 -9.51
CA THR M 76 -48.10 -24.52 -10.93
C THR M 76 -47.14 -25.66 -11.23
N PHE M 77 -47.65 -26.76 -11.80
CA PHE M 77 -46.88 -27.99 -11.81
C PHE M 77 -47.32 -28.86 -12.98
N LEU M 78 -46.56 -29.93 -13.20
CA LEU M 78 -46.91 -30.96 -14.17
C LEU M 78 -47.93 -31.93 -13.58
N LYS M 79 -48.74 -32.54 -14.46
CA LYS M 79 -50.04 -33.05 -14.07
C LYS M 79 -49.98 -34.27 -13.14
N ASP M 80 -49.00 -35.15 -13.30
CA ASP M 80 -48.99 -36.42 -12.58
C ASP M 80 -48.30 -36.35 -11.21
N ASP M 81 -48.23 -35.18 -10.60
CA ASP M 81 -47.57 -35.00 -9.32
C ASP M 81 -48.49 -34.36 -8.30
N LEU M 82 -49.78 -34.67 -8.35
CA LEU M 82 -50.76 -33.97 -7.52
C LEU M 82 -50.62 -34.15 -6.01
N PRO M 83 -50.35 -35.34 -5.43
CA PRO M 83 -50.27 -35.41 -3.96
C PRO M 83 -49.07 -34.70 -3.34
N TYR M 84 -48.03 -34.37 -4.10
CA TYR M 84 -46.91 -33.66 -3.52
C TYR M 84 -47.27 -32.20 -3.20
N TYR M 85 -48.13 -31.60 -4.02
CA TYR M 85 -48.42 -30.18 -3.90
C TYR M 85 -49.62 -29.89 -3.04
N VAL M 86 -50.48 -30.88 -2.79
CA VAL M 86 -51.52 -30.71 -1.78
C VAL M 86 -50.88 -30.67 -0.39
N ASN M 87 -49.92 -31.56 -0.14
CA ASN M 87 -49.25 -31.60 1.15
C ASN M 87 -48.35 -30.39 1.37
N ALA M 88 -47.80 -29.83 0.30
CA ALA M 88 -46.89 -28.71 0.45
C ALA M 88 -47.62 -27.41 0.78
N LEU M 89 -48.80 -27.21 0.21
CA LEU M 89 -49.60 -26.03 0.52
C LEU M 89 -50.33 -26.17 1.84
N ALA M 90 -50.58 -27.39 2.30
CA ALA M 90 -51.20 -27.57 3.61
C ALA M 90 -50.22 -27.26 4.73
N ASP M 91 -48.93 -27.51 4.53
CA ASP M 91 -47.94 -27.26 5.57
C ASP M 91 -47.66 -25.78 5.76
N VAL M 92 -47.99 -24.95 4.77
CA VAL M 92 -47.79 -23.52 4.92
C VAL M 92 -48.84 -22.93 5.86
N LEU M 93 -50.10 -23.31 5.67
CA LEU M 93 -51.16 -22.81 6.53
C LEU M 93 -51.13 -23.40 7.94
N TYR M 94 -50.40 -24.48 8.15
CA TYR M 94 -50.43 -25.23 9.39
C TYR M 94 -49.15 -25.09 10.23
N LYS M 95 -47.98 -25.01 9.59
CA LYS M 95 -46.74 -25.27 10.31
C LYS M 95 -45.62 -24.28 10.00
N THR M 96 -45.95 -23.03 9.69
CA THR M 96 -44.90 -22.05 9.44
C THR M 96 -44.23 -21.66 10.75
N ALA M 97 -42.91 -21.47 10.71
CA ALA M 97 -42.11 -21.42 11.92
C ALA M 97 -42.15 -20.06 12.61
N PHE M 98 -42.15 -18.97 11.82
CA PHE M 98 -42.17 -17.58 12.29
C PHE M 98 -40.99 -17.28 13.22
N LYS M 99 -39.83 -17.42 12.69
CA LYS M 99 -38.61 -17.20 13.45
C LYS M 99 -38.19 -15.74 13.42
N PRO M 100 -37.55 -15.24 14.48
CA PRO M 100 -37.26 -13.80 14.55
C PRO M 100 -36.20 -13.32 13.59
N HIS M 101 -35.26 -14.19 13.18
CA HIS M 101 -34.26 -13.76 12.23
C HIS M 101 -34.77 -13.81 10.80
N GLU M 102 -35.85 -14.53 10.54
CA GLU M 102 -36.43 -14.55 9.21
C GLU M 102 -37.15 -13.25 8.90
N LEU M 103 -37.70 -12.60 9.93
CA LEU M 103 -38.34 -11.30 9.73
C LEU M 103 -37.31 -10.23 9.41
N THR M 104 -36.17 -10.25 10.10
CA THR M 104 -35.15 -9.22 9.92
C THR M 104 -34.40 -9.41 8.60
N GLU M 105 -34.05 -10.64 8.26
CA GLU M 105 -33.17 -10.89 7.13
C GLU M 105 -33.90 -11.05 5.81
N SER M 106 -35.13 -11.57 5.80
CA SER M 106 -35.85 -11.80 4.56
C SER M 106 -37.13 -10.99 4.43
N VAL M 107 -37.97 -10.98 5.45
CA VAL M 107 -39.34 -10.51 5.29
C VAL M 107 -39.41 -8.98 5.24
N LEU M 108 -38.77 -8.31 6.19
CA LEU M 108 -38.76 -6.84 6.21
C LEU M 108 -38.02 -6.17 5.06
N PRO M 109 -36.87 -6.67 4.55
CA PRO M 109 -36.32 -6.03 3.35
C PRO M 109 -37.15 -6.23 2.09
N ALA M 110 -37.91 -7.32 2.00
CA ALA M 110 -38.75 -7.53 0.83
C ALA M 110 -39.97 -6.65 0.84
N ALA M 111 -40.53 -6.37 2.02
CA ALA M 111 -41.66 -5.44 2.11
C ALA M 111 -41.21 -4.01 1.91
N ARG M 112 -39.97 -3.68 2.28
CA ARG M 112 -39.45 -2.34 2.03
C ARG M 112 -39.23 -2.09 0.55
N TYR M 113 -38.87 -3.12 -0.20
CA TYR M 113 -38.71 -2.99 -1.63
C TYR M 113 -40.05 -2.86 -2.33
N ASP M 114 -41.07 -3.55 -1.82
CA ASP M 114 -42.41 -3.45 -2.40
C ASP M 114 -43.00 -2.07 -2.21
N TYR M 115 -42.66 -1.39 -1.11
CA TYR M 115 -43.24 -0.07 -0.85
C TYR M 115 -42.54 1.01 -1.66
N ALA M 116 -41.23 0.92 -1.84
CA ALA M 116 -40.50 1.94 -2.58
C ALA M 116 -40.77 1.88 -4.08
N VAL M 117 -41.19 0.74 -4.60
CA VAL M 117 -41.53 0.64 -6.02
C VAL M 117 -42.89 1.29 -6.27
N ALA M 118 -43.87 1.02 -5.41
CA ALA M 118 -45.20 1.55 -5.61
C ALA M 118 -45.31 3.03 -5.29
N GLU M 119 -44.36 3.58 -4.53
CA GLU M 119 -44.43 4.99 -4.15
C GLU M 119 -43.88 5.92 -5.23
N GLN M 120 -43.33 5.38 -6.32
CA GLN M 120 -42.89 6.21 -7.43
C GLN M 120 -43.99 6.46 -8.45
N CYS M 121 -44.98 5.58 -8.51
CA CYS M 121 -46.07 5.75 -9.47
C CYS M 121 -47.13 6.67 -8.89
N PRO M 122 -47.42 7.82 -9.53
CA PRO M 122 -48.45 8.70 -8.97
C PRO M 122 -49.87 8.23 -9.20
N VAL M 123 -50.11 7.28 -10.09
CA VAL M 123 -51.45 6.75 -10.29
C VAL M 123 -51.82 5.79 -9.17
N LYS M 124 -50.85 5.01 -8.70
CA LYS M 124 -51.08 4.14 -7.55
C LYS M 124 -51.22 4.94 -6.27
N SER M 125 -50.57 6.10 -6.20
CA SER M 125 -50.72 6.98 -5.04
C SER M 125 -52.11 7.61 -4.99
N ALA M 126 -52.70 7.92 -6.14
CA ALA M 126 -54.02 8.52 -6.17
C ALA M 126 -55.13 7.51 -5.95
N GLU M 127 -54.90 6.24 -6.29
CA GLU M 127 -55.92 5.22 -6.09
C GLU M 127 -56.04 4.81 -4.64
N ASP M 128 -54.95 4.86 -3.88
CA ASP M 128 -55.03 4.56 -2.46
C ASP M 128 -55.75 5.67 -1.70
N GLN M 129 -55.60 6.91 -2.15
CA GLN M 129 -56.32 8.02 -1.52
C GLN M 129 -57.79 7.98 -1.85
N LEU M 130 -58.15 7.47 -3.03
CA LEU M 130 -59.54 7.41 -3.43
C LEU M 130 -60.29 6.34 -2.65
N TYR M 131 -59.60 5.31 -2.19
CA TYR M 131 -60.20 4.31 -1.32
C TYR M 131 -60.33 4.82 0.11
N ALA M 132 -59.44 5.71 0.53
CA ALA M 132 -59.40 6.14 1.92
C ALA M 132 -60.45 7.20 2.23
N ILE M 133 -60.82 8.03 1.26
CA ILE M 133 -61.83 9.05 1.52
C ILE M 133 -63.23 8.58 1.18
N THR M 134 -63.37 7.46 0.46
CA THR M 134 -64.68 6.90 0.14
C THR M 134 -65.15 5.95 1.23
N PHE M 135 -64.37 4.94 1.54
CA PHE M 135 -64.56 4.09 2.71
C PHE M 135 -63.50 4.49 3.72
N ARG M 136 -63.85 4.44 5.00
CA ARG M 136 -62.91 4.98 5.97
C ARG M 136 -62.15 3.92 6.74
N LYS M 137 -62.76 2.79 7.06
CA LYS M 137 -62.11 1.82 7.91
C LYS M 137 -61.97 0.44 7.30
N GLY M 138 -62.98 -0.07 6.62
CA GLY M 138 -62.87 -1.41 6.09
C GLY M 138 -62.07 -1.50 4.81
N LEU M 139 -62.60 -0.97 3.73
CA LEU M 139 -61.94 -1.05 2.43
C LEU M 139 -60.94 0.06 2.22
N GLY M 140 -60.90 1.05 3.10
CA GLY M 140 -59.98 2.16 2.97
C GLY M 140 -58.73 1.96 3.79
N ASN M 141 -58.45 0.72 4.15
CA ASN M 141 -57.20 0.40 4.82
C ASN M 141 -56.05 0.49 3.83
N PRO M 142 -54.85 0.82 4.30
CA PRO M 142 -53.68 0.76 3.41
C PRO M 142 -53.35 -0.66 3.00
N LEU M 143 -52.81 -0.79 1.79
CA LEU M 143 -52.47 -2.09 1.25
C LEU M 143 -51.10 -2.57 1.71
N LEU M 144 -50.11 -1.70 1.67
CA LEU M 144 -48.73 -2.06 1.97
C LEU M 144 -48.32 -1.57 3.34
N TYR M 145 -47.13 -1.97 3.76
CA TYR M 145 -46.57 -1.61 5.06
C TYR M 145 -45.54 -0.50 4.85
N ASP M 146 -45.67 0.58 5.63
CA ASP M 146 -44.76 1.70 5.54
C ASP M 146 -44.14 2.10 6.87
N GLY M 147 -44.48 1.42 7.96
CA GLY M 147 -43.86 1.69 9.24
C GLY M 147 -44.46 2.81 10.05
N VAL M 148 -45.67 3.26 9.69
CA VAL M 148 -46.32 4.29 10.49
C VAL M 148 -46.87 3.69 11.77
N GLU M 149 -47.52 2.54 11.68
CA GLU M 149 -47.80 1.71 12.83
C GLU M 149 -46.76 0.62 12.93
N ARG M 150 -46.40 0.25 14.16
CA ARG M 150 -45.34 -0.71 14.42
C ARG M 150 -45.95 -2.10 14.56
N VAL M 151 -45.54 -3.02 13.69
CA VAL M 151 -46.06 -4.39 13.65
C VAL M 151 -44.95 -5.33 14.11
N SER M 152 -45.18 -6.04 15.21
CA SER M 152 -44.18 -6.92 15.79
C SER M 152 -44.40 -8.36 15.31
N LEU M 153 -43.58 -9.27 15.82
CA LEU M 153 -43.67 -10.66 15.37
C LEU M 153 -44.90 -11.36 15.94
N GLN M 154 -45.32 -11.01 17.16
CA GLN M 154 -46.52 -11.60 17.72
C GLN M 154 -47.77 -11.09 17.02
N ASP M 155 -47.71 -9.92 16.39
CA ASP M 155 -48.84 -9.44 15.59
C ASP M 155 -49.05 -10.26 14.34
N ILE M 156 -47.97 -10.74 13.72
CA ILE M 156 -48.11 -11.54 12.52
C ILE M 156 -48.60 -12.96 12.84
N LYS M 157 -48.20 -13.50 13.99
CA LYS M 157 -48.72 -14.80 14.41
C LYS M 157 -50.17 -14.71 14.85
N ASP M 158 -50.60 -13.56 15.38
CA ASP M 158 -51.98 -13.39 15.80
C ASP M 158 -52.91 -13.20 14.61
N PHE M 159 -52.42 -12.59 13.54
CA PHE M 159 -53.24 -12.41 12.35
C PHE M 159 -53.43 -13.73 11.62
N ALA M 160 -52.39 -14.57 11.59
CA ALA M 160 -52.49 -15.85 10.90
C ALA M 160 -53.39 -16.83 11.63
N ASP M 161 -53.50 -16.70 12.95
CA ASP M 161 -54.41 -17.54 13.71
C ASP M 161 -55.86 -17.20 13.44
N LYS M 162 -56.15 -15.98 12.99
CA LYS M 162 -57.50 -15.53 12.75
C LYS M 162 -58.01 -15.94 11.38
N VAL M 163 -57.14 -15.95 10.37
CA VAL M 163 -57.59 -16.10 9.00
C VAL M 163 -57.39 -17.50 8.44
N TYR M 164 -56.43 -18.27 8.96
CA TYR M 164 -56.14 -19.60 8.42
C TYR M 164 -56.97 -20.68 9.12
N THR M 165 -58.29 -20.54 9.04
CA THR M 165 -59.22 -21.48 9.63
C THR M 165 -59.99 -22.21 8.55
N LYS M 166 -60.67 -23.28 8.93
CA LYS M 166 -61.25 -24.19 7.96
C LYS M 166 -62.52 -23.64 7.31
N GLU M 167 -63.26 -22.79 8.01
CA GLU M 167 -64.47 -22.19 7.44
C GLU M 167 -64.17 -21.02 6.52
N ASN M 168 -62.90 -20.65 6.37
CA ASN M 168 -62.52 -19.40 5.72
C ASN M 168 -61.77 -19.64 4.43
N LEU M 169 -61.71 -20.88 3.94
CA LEU M 169 -60.90 -21.27 2.81
C LEU M 169 -61.75 -21.68 1.62
N GLU M 170 -61.14 -21.60 0.44
CA GLU M 170 -61.64 -22.26 -0.77
C GLU M 170 -60.45 -22.87 -1.48
N VAL M 171 -60.57 -24.13 -1.87
CA VAL M 171 -59.53 -24.84 -2.61
C VAL M 171 -60.07 -25.09 -4.02
N SER M 172 -59.32 -24.68 -5.03
CA SER M 172 -59.73 -24.87 -6.41
C SER M 172 -58.56 -25.43 -7.22
N GLY M 173 -58.90 -26.16 -8.26
CA GLY M 173 -57.89 -26.75 -9.13
C GLY M 173 -58.26 -26.59 -10.59
N GLU M 174 -57.26 -26.26 -11.40
CA GLU M 174 -57.42 -26.11 -12.83
C GLU M 174 -56.68 -27.25 -13.53
N ASN M 175 -57.35 -27.91 -14.47
CA ASN M 175 -56.88 -29.11 -15.18
C ASN M 175 -56.52 -30.22 -14.19
N VAL M 176 -57.41 -30.40 -13.21
CA VAL M 176 -57.22 -31.35 -12.12
C VAL M 176 -58.45 -32.26 -12.08
N VAL M 177 -58.23 -33.55 -11.86
CA VAL M 177 -59.34 -34.48 -11.66
C VAL M 177 -60.05 -34.13 -10.35
N GLU M 178 -61.37 -34.00 -10.41
CA GLU M 178 -62.15 -33.51 -9.28
C GLU M 178 -62.23 -34.55 -8.16
N ALA M 179 -62.45 -35.82 -8.52
CA ALA M 179 -62.68 -36.84 -7.50
C ALA M 179 -61.40 -37.21 -6.77
N ASP M 180 -60.25 -37.17 -7.43
CA ASP M 180 -59.00 -37.44 -6.74
C ASP M 180 -58.53 -36.26 -5.90
N LEU M 181 -58.94 -35.04 -6.27
CA LEU M 181 -58.56 -33.88 -5.49
C LEU M 181 -59.25 -33.87 -4.13
N LYS M 182 -60.50 -34.31 -4.08
CA LYS M 182 -61.23 -34.33 -2.81
C LYS M 182 -60.67 -35.39 -1.85
N ARG M 183 -60.13 -36.48 -2.38
CA ARG M 183 -59.59 -37.53 -1.53
C ARG M 183 -58.26 -37.13 -0.92
N PHE M 184 -57.41 -36.45 -1.69
CA PHE M 184 -56.11 -36.02 -1.17
C PHE M 184 -56.25 -34.92 -0.13
N VAL M 185 -57.28 -34.09 -0.23
CA VAL M 185 -57.47 -33.01 0.72
C VAL M 185 -57.91 -33.55 2.08
N ASP M 186 -58.75 -34.59 2.06
CA ASP M 186 -59.25 -35.17 3.31
C ASP M 186 -58.18 -35.91 4.09
N GLU M 187 -57.19 -36.49 3.41
CA GLU M 187 -56.08 -37.16 4.06
C GLU M 187 -54.91 -36.23 4.32
N SER M 188 -55.16 -34.93 4.39
CA SER M 188 -54.11 -33.93 4.51
C SER M 188 -54.23 -33.19 5.82
N LEU M 189 -53.19 -32.41 6.14
CA LEU M 189 -53.21 -31.57 7.33
C LEU M 189 -54.16 -30.40 7.21
N LEU M 190 -54.66 -30.12 6.01
CA LEU M 190 -55.62 -29.06 5.75
C LEU M 190 -57.00 -29.38 6.30
N SER M 191 -57.26 -30.62 6.70
CA SER M 191 -58.53 -31.02 7.26
C SER M 191 -58.55 -31.00 8.78
N THR M 192 -57.40 -30.89 9.43
CA THR M 192 -57.31 -30.75 10.88
C THR M 192 -57.01 -29.32 11.29
N LEU M 193 -57.41 -28.35 10.46
CA LEU M 193 -57.24 -26.96 10.81
C LEU M 193 -58.24 -26.56 11.89
N PRO M 194 -57.93 -25.54 12.69
CA PRO M 194 -58.87 -25.09 13.72
C PRO M 194 -60.05 -24.33 13.13
N ALA M 195 -61.12 -25.05 12.76
CA ALA M 195 -62.30 -24.48 12.12
C ALA M 195 -62.95 -23.36 12.92
N GLY M 196 -62.85 -22.15 12.42
CA GLY M 196 -63.39 -21.00 13.12
C GLY M 196 -64.67 -20.52 12.47
N LYS M 197 -64.69 -19.25 12.05
CA LYS M 197 -65.84 -18.67 11.39
C LYS M 197 -65.37 -17.91 10.15
N SER M 198 -66.29 -17.74 9.21
CA SER M 198 -66.02 -16.95 8.03
C SER M 198 -66.03 -15.48 8.38
N LEU M 199 -65.16 -14.72 7.73
CA LEU M 199 -65.01 -13.30 8.03
C LEU M 199 -65.82 -12.39 7.12
N VAL M 200 -66.36 -12.90 6.01
CA VAL M 200 -67.08 -12.05 5.06
C VAL M 200 -68.47 -11.76 5.60
N SER M 201 -68.87 -10.50 5.53
CA SER M 201 -70.13 -10.02 6.06
C SER M 201 -71.15 -9.83 4.94
N LYS M 202 -72.43 -9.91 5.30
CA LYS M 202 -73.51 -9.88 4.32
C LYS M 202 -74.20 -8.52 4.26
N SER M 203 -73.59 -7.49 4.84
CA SER M 203 -74.12 -6.14 4.78
C SER M 203 -73.55 -5.43 3.54
N GLU M 204 -73.68 -4.11 3.47
CA GLU M 204 -73.04 -3.31 2.46
C GLU M 204 -72.26 -2.21 3.18
N PRO M 205 -71.02 -1.93 2.76
CA PRO M 205 -70.21 -0.94 3.49
C PRO M 205 -70.73 0.47 3.31
N LYS M 206 -70.54 1.29 4.33
CA LYS M 206 -70.97 2.67 4.24
C LYS M 206 -69.93 3.50 3.49
N PHE M 207 -70.40 4.53 2.80
CA PHE M 207 -69.57 5.31 1.92
C PHE M 207 -69.86 6.78 2.13
N PHE M 208 -69.01 7.63 1.54
CA PHE M 208 -69.07 9.07 1.73
C PHE M 208 -68.89 9.75 0.39
N LEU M 209 -69.63 10.82 0.16
CA LEU M 209 -69.65 11.50 -1.12
C LEU M 209 -69.30 12.96 -0.96
N GLY M 210 -68.57 13.50 -1.93
CA GLY M 210 -68.21 14.90 -1.92
C GLY M 210 -66.91 15.24 -1.23
N GLU M 211 -66.00 14.29 -1.10
CA GLU M 211 -64.75 14.51 -0.39
C GLU M 211 -63.64 14.91 -1.36
N GLU M 212 -62.51 15.32 -0.79
CA GLU M 212 -61.43 15.90 -1.59
C GLU M 212 -60.12 15.74 -0.83
N ASN M 213 -59.03 15.58 -1.58
CA ASN M 213 -57.68 15.50 -1.00
C ASN M 213 -56.66 15.92 -2.04
N ARG M 214 -55.58 16.55 -1.57
CA ARG M 214 -54.51 17.05 -2.43
C ARG M 214 -53.16 16.64 -1.86
N VAL M 215 -52.25 16.20 -2.73
CA VAL M 215 -50.96 15.63 -2.33
C VAL M 215 -49.87 16.22 -3.22
N ARG M 216 -48.81 16.76 -2.62
CA ARG M 216 -47.66 17.27 -3.34
C ARG M 216 -46.77 16.15 -3.85
N PHE M 217 -46.22 16.32 -5.05
CA PHE M 217 -45.44 15.27 -5.69
C PHE M 217 -44.54 15.88 -6.74
N ILE M 218 -43.37 15.26 -6.95
CA ILE M 218 -42.41 15.68 -7.96
C ILE M 218 -42.48 14.69 -9.12
N GLY M 219 -42.94 15.15 -10.27
CA GLY M 219 -43.08 14.28 -11.43
C GLY M 219 -44.28 14.62 -12.30
N ASP M 220 -45.08 13.61 -12.63
CA ASP M 220 -46.28 13.81 -13.42
C ASP M 220 -47.44 14.22 -12.52
N SER M 221 -48.48 14.76 -13.14
CA SER M 221 -49.69 15.19 -12.45
C SER M 221 -50.81 14.20 -12.75
N VAL M 222 -51.62 13.90 -11.74
CA VAL M 222 -52.74 12.97 -11.88
C VAL M 222 -53.96 13.60 -11.23
N ALA M 223 -55.08 13.63 -11.96
CA ALA M 223 -56.39 13.97 -11.42
C ALA M 223 -57.30 12.76 -11.55
N ALA M 224 -58.12 12.51 -10.53
CA ALA M 224 -58.89 11.28 -10.46
C ALA M 224 -60.21 11.50 -9.76
N ILE M 225 -61.26 10.82 -10.25
CA ILE M 225 -62.57 10.83 -9.61
C ILE M 225 -62.98 9.41 -9.28
N GLY M 226 -63.84 9.28 -8.26
CA GLY M 226 -64.25 7.97 -7.79
C GLY M 226 -65.69 7.91 -7.30
N ILE M 227 -66.44 6.88 -7.70
CA ILE M 227 -67.85 6.76 -7.38
C ILE M 227 -68.12 5.41 -6.73
N PRO M 228 -68.80 5.36 -5.58
CA PRO M 228 -69.18 4.06 -5.00
C PRO M 228 -70.40 3.47 -5.68
N VAL M 229 -70.35 2.16 -5.92
CA VAL M 229 -71.39 1.43 -6.66
C VAL M 229 -71.98 0.38 -5.73
N ASN M 230 -73.31 0.27 -5.73
CA ASN M 230 -73.98 -0.78 -4.98
C ASN M 230 -74.13 -2.03 -5.85
N LYS M 231 -74.74 -3.07 -5.29
CA LYS M 231 -74.78 -4.36 -5.95
C LYS M 231 -75.78 -4.40 -7.10
N ALA M 232 -76.77 -3.52 -7.12
CA ALA M 232 -77.80 -3.55 -8.15
C ALA M 232 -77.43 -2.69 -9.36
N SER M 233 -76.54 -1.72 -9.21
CA SER M 233 -76.10 -0.89 -10.33
C SER M 233 -74.78 -1.37 -10.91
N LEU M 234 -74.41 -2.60 -10.61
CA LEU M 234 -73.06 -3.07 -10.86
C LEU M 234 -72.81 -3.40 -12.33
N ALA M 235 -73.88 -3.63 -13.10
CA ALA M 235 -73.74 -3.88 -14.53
C ALA M 235 -73.79 -2.60 -15.35
N GLN M 236 -74.47 -1.57 -14.88
CA GLN M 236 -74.48 -0.28 -15.58
C GLN M 236 -73.12 0.38 -15.56
N TYR M 237 -72.40 0.25 -14.45
CA TYR M 237 -71.07 0.84 -14.37
C TYR M 237 -69.99 0.00 -15.03
N GLU M 238 -70.29 -1.26 -15.36
CA GLU M 238 -69.35 -2.06 -16.14
C GLU M 238 -69.37 -1.64 -17.60
N VAL M 239 -70.53 -1.25 -18.12
CA VAL M 239 -70.63 -0.81 -19.50
C VAL M 239 -69.94 0.54 -19.69
N LEU M 240 -70.05 1.42 -18.70
CA LEU M 240 -69.42 2.73 -18.77
C LEU M 240 -67.89 2.64 -18.74
N ALA M 241 -67.35 1.66 -18.01
CA ALA M 241 -65.90 1.51 -17.95
C ALA M 241 -65.32 0.96 -19.25
N ASN M 242 -66.11 0.20 -20.01
CA ASN M 242 -65.66 -0.24 -21.32
C ASN M 242 -65.99 0.76 -22.42
N TYR M 243 -67.03 1.55 -22.25
CA TYR M 243 -67.38 2.54 -23.26
C TYR M 243 -66.37 3.68 -23.29
N LEU M 244 -65.87 4.08 -22.13
CA LEU M 244 -64.98 5.24 -22.06
C LEU M 244 -63.57 4.93 -22.53
N THR M 245 -63.19 3.66 -22.59
CA THR M 245 -61.88 3.26 -23.07
C THR M 245 -61.90 2.69 -24.48
N SER M 246 -63.08 2.53 -25.07
CA SER M 246 -63.20 2.04 -26.42
C SER M 246 -63.10 3.18 -27.41
N ALA M 247 -63.19 2.87 -28.69
CA ALA M 247 -63.17 3.87 -29.73
C ALA M 247 -64.54 4.48 -30.00
N LEU M 248 -65.56 4.08 -29.25
CA LEU M 248 -66.91 4.57 -29.47
C LEU M 248 -67.14 5.96 -28.88
N SER M 249 -66.22 6.48 -28.08
CA SER M 249 -66.42 7.74 -27.40
C SER M 249 -65.35 8.74 -27.79
N GLU M 250 -65.75 10.02 -27.82
CA GLU M 250 -64.82 11.10 -28.09
C GLU M 250 -64.08 11.57 -26.84
N LEU M 251 -64.39 11.01 -25.67
CA LEU M 251 -63.64 11.24 -24.45
C LEU M 251 -62.60 10.15 -24.22
N SER M 252 -62.22 9.43 -25.26
CA SER M 252 -61.35 8.27 -25.13
C SER M 252 -59.88 8.63 -25.12
N GLY M 253 -59.48 9.60 -25.93
CA GLY M 253 -58.09 10.01 -25.97
C GLY M 253 -57.66 10.93 -24.86
N LEU M 254 -58.59 11.35 -24.01
CA LEU M 254 -58.26 12.21 -22.88
C LEU M 254 -58.03 11.44 -21.59
N ILE M 255 -58.66 10.29 -21.42
CA ILE M 255 -58.48 9.53 -20.20
C ILE M 255 -57.29 8.60 -20.36
N SER M 256 -56.71 8.20 -19.25
CA SER M 256 -55.62 7.24 -19.24
C SER M 256 -56.04 5.86 -18.78
N SER M 257 -57.04 5.78 -17.90
CA SER M 257 -57.46 4.51 -17.31
C SER M 257 -58.85 4.70 -16.72
N ALA M 258 -59.69 3.68 -16.87
CA ALA M 258 -61.01 3.66 -16.27
C ALA M 258 -61.39 2.21 -16.02
N LYS M 259 -61.81 1.90 -14.79
CA LYS M 259 -62.15 0.53 -14.46
C LYS M 259 -63.13 0.50 -13.30
N LEU M 260 -63.70 -0.69 -13.07
CA LEU M 260 -64.60 -0.95 -11.96
C LEU M 260 -64.06 -2.14 -11.19
N ASP M 261 -63.77 -1.96 -9.91
CA ASP M 261 -63.26 -3.03 -9.06
C ASP M 261 -64.44 -3.69 -8.37
N LYS M 262 -64.70 -4.96 -8.71
CA LYS M 262 -65.90 -5.65 -8.26
C LYS M 262 -65.65 -6.44 -6.99
N PHE M 263 -66.59 -6.34 -6.05
CA PHE M 263 -66.60 -7.13 -4.84
C PHE M 263 -67.96 -7.82 -4.74
N THR M 264 -68.14 -8.60 -3.67
CA THR M 264 -69.40 -9.32 -3.50
C THR M 264 -70.47 -8.49 -2.81
N ASP M 265 -70.19 -7.23 -2.48
CA ASP M 265 -71.20 -6.35 -1.89
C ASP M 265 -71.12 -4.95 -2.47
N GLY M 266 -70.63 -4.81 -3.69
CA GLY M 266 -70.58 -3.53 -4.35
C GLY M 266 -69.28 -3.36 -5.10
N GLY M 267 -68.91 -2.11 -5.34
CA GLY M 267 -67.69 -1.83 -6.07
C GLY M 267 -67.35 -0.36 -6.06
N LEU M 268 -66.22 -0.05 -6.70
CA LEU M 268 -65.73 1.32 -6.80
C LEU M 268 -65.33 1.60 -8.24
N PHE M 269 -65.98 2.57 -8.87
CA PHE M 269 -65.60 3.05 -10.18
C PHE M 269 -64.53 4.12 -10.04
N THR M 270 -63.49 4.03 -10.87
CA THR M 270 -62.39 4.99 -10.86
C THR M 270 -62.05 5.42 -12.28
N LEU M 271 -61.52 6.64 -12.39
CA LEU M 271 -61.13 7.23 -13.66
C LEU M 271 -59.90 8.10 -13.41
N PHE M 272 -58.94 8.07 -14.32
CA PHE M 272 -57.67 8.75 -14.13
C PHE M 272 -57.29 9.57 -15.35
N VAL M 273 -56.65 10.71 -15.10
CA VAL M 273 -56.11 11.59 -16.14
C VAL M 273 -54.68 11.93 -15.75
N ARG M 274 -53.72 11.60 -16.60
CA ARG M 274 -52.31 11.74 -16.26
C ARG M 274 -51.55 12.37 -17.41
N ASP M 275 -50.73 13.37 -17.11
CA ASP M 275 -49.94 14.07 -18.11
C ASP M 275 -48.79 14.78 -17.42
N GLN M 276 -47.74 15.08 -18.18
CA GLN M 276 -46.57 15.77 -17.67
C GLN M 276 -46.83 17.25 -17.44
N ASP M 277 -47.67 17.88 -18.26
CA ASP M 277 -48.00 19.28 -18.15
C ASP M 277 -49.26 19.45 -17.31
N SER M 278 -49.19 20.31 -16.30
CA SER M 278 -50.32 20.48 -15.39
C SER M 278 -51.43 21.36 -15.97
N ALA M 279 -51.19 22.03 -17.09
CA ALA M 279 -52.25 22.75 -17.78
C ALA M 279 -53.03 21.84 -18.73
N VAL M 280 -52.46 20.71 -19.13
CA VAL M 280 -53.19 19.73 -19.92
C VAL M 280 -54.05 18.84 -19.02
N VAL M 281 -53.60 18.57 -17.80
CA VAL M 281 -54.38 17.78 -16.84
C VAL M 281 -55.65 18.52 -16.45
N SER M 282 -55.54 19.83 -16.23
CA SER M 282 -56.68 20.59 -15.71
C SER M 282 -57.73 20.84 -16.78
N SER M 283 -57.33 21.00 -18.03
CA SER M 283 -58.30 21.22 -19.09
C SER M 283 -58.96 19.93 -19.56
N ASN M 284 -58.35 18.78 -19.26
CA ASN M 284 -58.95 17.50 -19.63
C ASN M 284 -59.95 17.02 -18.59
N ILE M 285 -59.64 17.15 -17.30
CA ILE M 285 -60.56 16.74 -16.25
C ILE M 285 -61.78 17.65 -16.19
N LYS M 286 -61.68 18.88 -16.70
CA LYS M 286 -62.84 19.74 -16.76
C LYS M 286 -63.79 19.33 -17.88
N LYS M 287 -63.25 18.82 -18.98
CA LYS M 287 -64.10 18.45 -20.11
C LYS M 287 -64.84 17.15 -19.86
N ILE M 288 -64.24 16.24 -19.11
CA ILE M 288 -64.84 14.92 -18.89
C ILE M 288 -66.02 15.02 -17.93
N VAL M 289 -65.88 15.82 -16.87
CA VAL M 289 -66.96 15.96 -15.90
C VAL M 289 -68.12 16.77 -16.48
N ALA M 290 -67.82 17.78 -17.30
CA ALA M 290 -68.88 18.57 -17.91
C ALA M 290 -69.66 17.81 -18.97
N ASP M 291 -69.06 16.78 -19.56
CA ASP M 291 -69.77 15.97 -20.55
C ASP M 291 -70.47 14.78 -19.92
N LEU M 292 -69.97 14.27 -18.78
CA LEU M 292 -70.64 13.18 -18.12
C LEU M 292 -71.86 13.63 -17.33
N LYS M 293 -71.95 14.91 -17.00
CA LYS M 293 -73.11 15.42 -16.26
C LYS M 293 -74.28 15.75 -17.17
N LYS M 294 -74.07 15.77 -18.49
CA LYS M 294 -75.16 15.99 -19.42
C LYS M 294 -75.82 14.70 -19.89
N GLY M 295 -75.14 13.56 -19.79
CA GLY M 295 -75.73 12.30 -20.13
C GLY M 295 -75.10 11.61 -21.33
N LYS M 296 -75.08 10.28 -21.31
CA LYS M 296 -74.56 9.48 -22.40
C LYS M 296 -75.50 8.31 -22.65
N ASP M 297 -75.30 7.65 -23.78
CA ASP M 297 -76.08 6.47 -24.14
C ASP M 297 -75.14 5.27 -24.19
N LEU M 298 -75.39 4.30 -23.33
CA LEU M 298 -74.50 3.14 -23.17
C LEU M 298 -74.93 1.93 -23.98
N SER M 299 -76.08 1.98 -24.64
CA SER M 299 -76.62 0.84 -25.38
C SER M 299 -75.85 0.38 -26.62
N PRO M 300 -75.10 1.20 -27.37
CA PRO M 300 -74.24 0.63 -28.41
C PRO M 300 -73.07 -0.21 -27.90
N ALA M 301 -72.72 -0.14 -26.62
CA ALA M 301 -71.54 -0.82 -26.09
C ALA M 301 -71.90 -2.00 -25.22
N ILE M 302 -72.93 -2.75 -25.59
CA ILE M 302 -73.34 -3.91 -24.80
C ILE M 302 -72.68 -5.19 -25.29
N ASN M 303 -72.63 -5.41 -26.61
CA ASN M 303 -71.94 -6.58 -27.13
C ASN M 303 -70.43 -6.45 -27.04
N TYR M 304 -69.91 -5.23 -26.92
CA TYR M 304 -68.49 -5.06 -26.65
C TYR M 304 -68.16 -5.31 -25.18
N THR M 305 -69.13 -5.13 -24.29
CA THR M 305 -68.90 -5.41 -22.88
C THR M 305 -69.02 -6.90 -22.59
N LYS M 306 -69.86 -7.62 -23.33
CA LYS M 306 -69.97 -9.06 -23.16
C LYS M 306 -68.70 -9.78 -23.57
N LEU M 307 -68.00 -9.28 -24.59
CA LEU M 307 -66.77 -9.92 -25.05
C LEU M 307 -65.65 -9.72 -24.04
N LYS M 308 -65.45 -8.47 -23.59
CA LYS M 308 -64.39 -8.17 -22.63
C LYS M 308 -64.67 -8.75 -21.26
N ASN M 309 -65.94 -9.04 -20.94
CA ASN M 309 -66.24 -9.71 -19.69
C ASN M 309 -65.78 -11.16 -19.72
N ALA M 310 -66.00 -11.85 -20.84
CA ALA M 310 -65.61 -13.26 -20.94
C ALA M 310 -64.11 -13.45 -21.04
N VAL M 311 -63.37 -12.42 -21.45
CA VAL M 311 -61.91 -12.53 -21.51
C VAL M 311 -61.32 -12.48 -20.11
N GLN M 312 -61.81 -11.56 -19.28
CA GLN M 312 -61.31 -11.46 -17.91
C GLN M 312 -61.79 -12.61 -17.03
N ASN M 313 -62.85 -13.31 -17.44
CA ASN M 313 -63.50 -14.28 -16.58
C ASN M 313 -63.04 -15.71 -16.87
N GLU M 314 -61.76 -15.89 -17.21
CA GLU M 314 -61.25 -17.23 -17.48
C GLU M 314 -60.47 -17.84 -16.31
N SER M 315 -60.02 -17.03 -15.35
CA SER M 315 -59.46 -17.55 -14.10
C SER M 315 -60.07 -16.73 -12.96
N VAL M 316 -61.37 -17.17 -12.59
CA VAL M 316 -62.06 -16.41 -11.57
C VAL M 316 -62.90 -17.33 -10.68
N SER M 317 -63.69 -16.78 -9.79
CA SER M 317 -64.88 -17.45 -9.27
C SER M 317 -66.15 -16.97 -9.96
N SER M 318 -66.04 -15.99 -10.86
CA SER M 318 -67.05 -15.51 -11.82
C SER M 318 -68.34 -15.00 -11.18
N PRO M 319 -68.34 -13.80 -10.58
CA PRO M 319 -69.62 -13.15 -10.26
C PRO M 319 -70.38 -12.79 -11.53
N ILE M 320 -71.58 -13.33 -11.65
CA ILE M 320 -72.31 -13.32 -12.91
C ILE M 320 -73.03 -11.99 -13.10
N GLU M 321 -72.87 -11.39 -14.28
CA GLU M 321 -73.40 -10.08 -14.61
C GLU M 321 -74.53 -10.15 -15.63
N LEU M 322 -75.26 -11.27 -15.67
CA LEU M 322 -75.99 -11.66 -16.88
C LEU M 322 -77.33 -10.90 -17.00
N ASN M 323 -77.24 -9.57 -16.94
CA ASN M 323 -78.29 -8.71 -17.42
C ASN M 323 -77.71 -7.40 -17.94
N PHE M 324 -76.74 -7.49 -18.86
CA PHE M 324 -76.22 -6.32 -19.54
C PHE M 324 -77.27 -5.64 -20.41
N ASP M 325 -78.32 -6.35 -20.81
CA ASP M 325 -79.26 -5.90 -21.82
C ASP M 325 -80.26 -4.86 -21.33
N ALA M 326 -80.27 -4.55 -20.03
CA ALA M 326 -81.17 -3.53 -19.48
C ALA M 326 -80.43 -2.26 -19.10
N VAL M 327 -79.36 -1.94 -19.83
CA VAL M 327 -78.55 -0.76 -19.57
C VAL M 327 -78.82 0.26 -20.66
N LYS M 328 -79.24 1.46 -20.26
CA LYS M 328 -79.63 2.42 -21.28
C LYS M 328 -78.97 3.80 -21.13
N ASP M 329 -78.83 4.32 -19.92
CA ASP M 329 -78.46 5.71 -19.74
C ASP M 329 -77.56 5.87 -18.52
N PHE M 330 -76.87 7.01 -18.47
CA PHE M 330 -76.05 7.38 -17.33
C PHE M 330 -75.94 8.89 -17.24
N LYS M 331 -76.05 9.41 -16.02
CA LYS M 331 -75.81 10.82 -15.74
C LYS M 331 -75.06 10.92 -14.42
N LEU M 332 -73.98 11.71 -14.43
CA LEU M 332 -73.07 11.77 -13.29
C LEU M 332 -73.68 12.57 -12.14
N GLY M 333 -73.66 11.98 -10.95
CA GLY M 333 -74.20 12.62 -9.77
C GLY M 333 -73.14 13.24 -8.89
N LYS M 334 -72.87 12.62 -7.75
CA LYS M 334 -71.85 13.08 -6.82
C LYS M 334 -70.64 12.16 -6.86
N PHE M 335 -69.49 12.70 -6.52
CA PHE M 335 -68.24 11.95 -6.65
C PHE M 335 -67.20 12.52 -5.69
N ASN M 336 -66.16 11.73 -5.44
CA ASN M 336 -64.99 12.17 -4.71
C ASN M 336 -63.85 12.45 -5.68
N TYR M 337 -62.89 13.25 -5.24
CA TYR M 337 -61.88 13.81 -6.13
C TYR M 337 -60.53 13.88 -5.44
N VAL M 338 -59.47 13.55 -6.17
CA VAL M 338 -58.10 13.52 -5.62
C VAL M 338 -57.16 14.10 -6.67
N ALA M 339 -56.33 15.06 -6.25
CA ALA M 339 -55.29 15.63 -7.10
C ALA M 339 -53.92 15.30 -6.54
N VAL M 340 -53.01 14.85 -7.40
CA VAL M 340 -51.65 14.44 -7.02
C VAL M 340 -50.67 15.08 -7.99
N GLY M 341 -49.73 15.86 -7.47
CA GLY M 341 -48.70 16.43 -8.31
C GLY M 341 -48.41 17.89 -8.05
N ASP M 342 -48.49 18.71 -9.10
CA ASP M 342 -48.33 20.15 -8.97
C ASP M 342 -49.71 20.73 -8.62
N VAL M 343 -50.05 20.68 -7.34
CA VAL M 343 -51.42 20.94 -6.92
C VAL M 343 -51.80 22.41 -6.91
N SER M 344 -50.84 23.31 -7.09
CA SER M 344 -51.16 24.73 -7.15
C SER M 344 -51.74 25.15 -8.49
N ASN M 345 -51.66 24.29 -9.51
CA ASN M 345 -52.19 24.59 -10.84
C ASN M 345 -53.24 23.60 -11.28
N LEU M 346 -53.87 22.91 -10.34
CA LEU M 346 -54.88 21.90 -10.59
C LEU M 346 -56.22 22.37 -10.02
N PRO M 347 -57.35 21.91 -10.57
CA PRO M 347 -58.64 22.44 -10.11
C PRO M 347 -59.04 21.95 -8.73
N TYR M 348 -60.02 22.64 -8.17
CA TYR M 348 -60.64 22.26 -6.91
C TYR M 348 -61.97 21.57 -7.21
N LEU M 349 -62.65 21.11 -6.14
CA LEU M 349 -63.86 20.32 -6.34
C LEU M 349 -65.03 21.19 -6.77
N ASP M 350 -65.12 22.42 -6.27
CA ASP M 350 -66.22 23.30 -6.64
C ASP M 350 -65.98 24.05 -7.95
N GLU M 351 -64.91 23.74 -8.67
CA GLU M 351 -64.70 24.27 -10.00
C GLU M 351 -64.96 23.24 -11.09
N LEU M 352 -65.14 21.97 -10.73
CA LEU M 352 -65.43 20.93 -11.69
C LEU M 352 -66.92 20.84 -11.92
N GLY N 1 -5.97 0.97 6.09
CA GLY N 1 -5.59 2.18 6.78
C GLY N 1 -6.55 3.33 6.54
N PRO N 2 -6.10 4.55 6.79
CA PRO N 2 -6.94 5.72 6.55
C PRO N 2 -6.85 6.18 5.11
N PRO N 3 -7.83 6.93 4.63
CA PRO N 3 -7.69 7.55 3.31
C PRO N 3 -6.73 8.73 3.35
N SER N 4 -5.94 8.85 2.28
CA SER N 4 -4.88 9.85 2.18
C SER N 4 -5.37 11.03 1.36
N GLY N 5 -4.44 11.93 1.02
CA GLY N 5 -4.80 13.10 0.23
C GLY N 5 -5.23 12.74 -1.17
N LYS N 6 -6.12 13.56 -1.73
CA LYS N 6 -6.76 13.23 -2.99
C LYS N 6 -5.84 13.55 -4.16
N THR N 7 -6.02 12.81 -5.25
CA THR N 7 -5.19 12.90 -6.43
C THR N 7 -6.03 13.34 -7.61
N TYR N 8 -5.44 13.27 -8.81
CA TYR N 8 -6.13 13.61 -10.04
C TYR N 8 -6.40 12.38 -10.91
N MET N 9 -6.37 11.18 -10.32
CA MET N 9 -6.72 9.95 -11.01
C MET N 9 -7.48 9.05 -10.06
N GLY N 10 -8.40 8.27 -10.60
CA GLY N 10 -9.13 7.28 -9.83
C GLY N 10 -8.90 5.87 -10.34
N TRP N 11 -9.93 5.03 -10.28
CA TRP N 11 -9.84 3.67 -10.79
C TRP N 11 -11.01 3.43 -11.73
N TRP N 12 -11.22 2.17 -12.12
CA TRP N 12 -12.31 1.82 -13.03
C TRP N 12 -13.66 2.08 -12.37
N GLY N 13 -14.44 2.99 -12.96
CA GLY N 13 -15.73 3.38 -12.46
C GLY N 13 -15.77 4.80 -11.92
N HIS N 14 -14.67 5.27 -11.34
CA HIS N 14 -14.58 6.62 -10.79
C HIS N 14 -13.23 7.25 -11.16
N MET N 15 -12.90 7.21 -12.45
CA MET N 15 -11.59 7.69 -12.93
C MET N 15 -11.41 9.19 -12.72
N GLY N 16 -12.49 9.96 -12.71
CA GLY N 16 -12.40 11.35 -12.30
C GLY N 16 -12.32 12.35 -13.43
N GLY N 17 -13.05 12.11 -14.51
CA GLY N 17 -13.14 13.06 -15.58
C GLY N 17 -14.47 13.76 -15.58
N PRO N 18 -14.78 14.47 -16.66
CA PRO N 18 -16.12 15.04 -16.82
C PRO N 18 -17.12 13.98 -17.18
N LYS N 19 -18.39 14.28 -16.93
CA LYS N 19 -19.46 13.37 -17.30
C LYS N 19 -19.66 13.37 -18.81
N GLN N 20 -19.87 12.18 -19.36
CA GLN N 20 -20.06 12.01 -20.78
C GLN N 20 -21.51 11.66 -21.09
N LYS N 21 -21.97 12.11 -22.25
CA LYS N 21 -23.34 11.89 -22.69
C LYS N 21 -23.38 12.13 -24.18
N GLY N 22 -23.78 11.12 -24.95
CA GLY N 22 -24.02 11.30 -26.36
C GLY N 22 -22.91 10.93 -27.29
N ILE N 23 -21.98 10.07 -26.89
CA ILE N 23 -20.91 9.57 -27.74
C ILE N 23 -21.08 8.07 -27.88
N THR N 24 -20.99 7.57 -29.11
CA THR N 24 -21.15 6.16 -29.42
C THR N 24 -19.82 5.64 -29.97
N SER N 25 -19.54 4.35 -29.75
CA SER N 25 -18.35 3.73 -30.30
C SER N 25 -18.67 2.33 -30.83
N TYR N 26 -17.94 1.92 -31.87
CA TYR N 26 -18.10 0.63 -32.52
C TYR N 26 -16.73 0.01 -32.75
N ALA N 27 -16.68 -1.32 -32.80
CA ALA N 27 -15.46 -2.05 -33.09
C ALA N 27 -15.82 -3.44 -33.59
N VAL N 28 -14.85 -4.08 -34.25
CA VAL N 28 -14.97 -5.44 -34.77
C VAL N 28 -13.79 -6.24 -34.21
N SER N 29 -14.03 -7.53 -33.97
CA SER N 29 -13.03 -8.43 -33.40
C SER N 29 -11.77 -8.53 -34.25
N PRO N 30 -10.63 -8.83 -33.63
CA PRO N 30 -9.41 -9.10 -34.42
C PRO N 30 -9.48 -10.38 -35.22
N TYR N 31 -10.29 -11.35 -34.82
CA TYR N 31 -10.43 -12.59 -35.56
C TYR N 31 -11.22 -12.42 -36.84
N ALA N 32 -11.78 -11.25 -37.11
CA ALA N 32 -12.53 -11.00 -38.32
C ALA N 32 -11.82 -10.06 -39.29
N GLN N 33 -10.74 -9.42 -38.88
CA GLN N 33 -9.99 -8.52 -39.74
C GLN N 33 -8.79 -9.23 -40.35
N LYS N 34 -8.40 -8.80 -41.54
CA LYS N 34 -7.40 -9.51 -42.33
C LYS N 34 -6.01 -9.36 -41.69
N PRO N 35 -5.18 -10.40 -41.77
CA PRO N 35 -3.89 -10.38 -41.06
C PRO N 35 -2.90 -9.44 -41.74
N LEU N 36 -2.38 -8.50 -40.94
CA LEU N 36 -1.39 -7.49 -41.35
C LEU N 36 -1.90 -6.63 -42.51
N GLN N 37 -2.97 -5.90 -42.24
CA GLN N 37 -3.48 -4.95 -43.22
C GLN N 37 -2.65 -3.66 -43.22
N GLY N 38 -2.45 -3.08 -42.04
CA GLY N 38 -1.72 -1.83 -41.94
C GLY N 38 -0.22 -1.98 -41.91
N ILE N 39 0.34 -2.71 -42.87
CA ILE N 39 1.78 -2.79 -43.02
C ILE N 39 2.26 -1.93 -44.19
N PHE N 40 1.40 -1.64 -45.17
CA PHE N 40 1.63 -0.65 -46.20
C PHE N 40 0.62 0.47 -46.01
N HIS N 41 0.99 1.66 -46.51
CA HIS N 41 0.20 2.86 -46.14
C HIS N 41 0.64 3.17 -44.69
N ASN N 42 1.51 2.33 -44.10
CA ASN N 42 2.02 2.61 -42.73
C ASN N 42 3.39 3.30 -42.89
N ALA N 43 4.74 2.85 -42.73
CA ALA N 43 6.11 3.41 -42.73
C ALA N 43 6.69 3.80 -44.09
N VAL N 44 6.28 3.15 -45.13
CA VAL N 44 6.64 3.56 -46.48
C VAL N 44 6.00 4.91 -46.89
N PHE N 45 4.95 5.31 -46.18
CA PHE N 45 4.28 6.61 -46.47
C PHE N 45 4.04 7.37 -45.16
N ASN N 46 3.25 6.81 -44.24
CA ASN N 46 2.91 7.47 -42.96
C ASN N 46 4.19 8.01 -42.31
N SER N 47 5.16 7.14 -42.03
CA SER N 47 6.36 7.61 -41.34
C SER N 47 7.23 8.45 -42.26
N PHE N 48 7.07 8.30 -43.58
CA PHE N 48 7.64 9.23 -44.52
C PHE N 48 6.90 10.57 -44.50
N ARG N 49 5.67 10.60 -43.99
CA ARG N 49 4.95 11.84 -43.80
C ARG N 49 5.31 12.49 -42.46
N ARG N 50 5.46 11.67 -41.41
CA ARG N 50 5.78 12.21 -40.09
C ARG N 50 7.22 12.69 -39.98
N PHE N 51 8.13 12.13 -40.78
CA PHE N 51 9.50 12.62 -40.82
C PHE N 51 9.54 14.02 -41.42
N LYS N 52 8.82 14.21 -42.53
CA LYS N 52 8.87 15.47 -43.28
C LYS N 52 8.29 16.64 -42.49
N SER N 53 7.39 16.37 -41.54
CA SER N 53 6.95 17.44 -40.66
C SER N 53 8.06 17.84 -39.68
N GLN N 54 8.49 16.89 -38.86
CA GLN N 54 9.46 17.17 -37.79
C GLN N 54 10.86 16.71 -38.20
N PHE N 55 11.49 17.46 -39.10
CA PHE N 55 12.90 17.19 -39.37
C PHE N 55 13.69 18.49 -39.32
N LEU N 56 13.03 19.60 -39.65
CA LEU N 56 13.74 20.87 -39.72
C LEU N 56 13.98 21.46 -38.33
N TYR N 57 13.32 20.94 -37.31
CA TYR N 57 13.65 21.27 -35.93
C TYR N 57 14.82 20.46 -35.40
N VAL N 58 15.32 19.51 -36.18
CA VAL N 58 16.45 18.69 -35.79
C VAL N 58 17.69 19.04 -36.60
N LEU N 59 17.53 19.26 -37.90
CA LEU N 59 18.65 19.38 -38.83
C LEU N 59 19.30 20.76 -38.82
N ILE N 60 18.59 21.80 -38.41
CA ILE N 60 19.21 23.11 -38.28
C ILE N 60 20.04 23.21 -37.00
N PRO N 61 19.60 22.72 -35.82
CA PRO N 61 20.56 22.67 -34.70
C PRO N 61 21.70 21.69 -34.91
N ALA N 62 21.51 20.65 -35.72
CA ALA N 62 22.59 19.71 -35.98
C ALA N 62 23.65 20.31 -36.89
N GLY N 63 23.24 21.14 -37.85
CA GLY N 63 24.19 21.70 -38.79
C GLY N 63 25.08 22.77 -38.20
N ILE N 64 24.60 23.46 -37.17
CA ILE N 64 25.41 24.47 -36.50
C ILE N 64 26.50 23.81 -35.67
N TYR N 65 26.16 22.71 -35.00
CA TYR N 65 27.12 22.03 -34.14
C TYR N 65 28.09 21.15 -34.90
N TRP N 66 27.77 20.79 -36.14
CA TRP N 66 28.75 20.07 -36.95
C TRP N 66 29.61 21.00 -37.77
N TYR N 67 29.16 22.22 -38.05
CA TYR N 67 30.05 23.21 -38.63
C TYR N 67 31.05 23.68 -37.61
N TRP N 68 30.65 23.79 -36.35
CA TRP N 68 31.55 24.27 -35.31
C TRP N 68 32.65 23.27 -34.98
N TRP N 69 32.34 21.98 -35.07
CA TRP N 69 33.33 20.97 -34.74
C TRP N 69 34.32 20.76 -35.88
N LYS N 70 33.85 20.73 -37.13
CA LYS N 70 34.72 20.51 -38.26
C LYS N 70 35.63 21.71 -38.51
N ASN N 71 35.14 22.93 -38.26
CA ASN N 71 35.97 24.11 -38.44
C ASN N 71 36.96 24.29 -37.30
N GLY N 72 36.59 23.84 -36.09
CA GLY N 72 37.53 23.91 -34.98
C GLY N 72 38.56 22.82 -34.98
N ASN N 73 38.29 21.74 -35.70
CA ASN N 73 39.21 20.61 -35.78
C ASN N 73 40.35 20.89 -36.73
N GLU N 74 40.05 21.45 -37.91
CA GLU N 74 41.07 21.68 -38.93
C GLU N 74 41.99 22.83 -38.57
N TYR N 75 41.64 23.67 -37.60
CA TYR N 75 42.59 24.65 -37.09
C TYR N 75 43.56 24.04 -36.08
N ASN N 76 43.21 22.89 -35.49
CA ASN N 76 44.15 22.20 -34.61
C ASN N 76 45.19 21.43 -35.40
N GLU N 77 44.80 20.84 -36.53
CA GLU N 77 45.78 20.14 -37.36
C GLU N 77 46.72 21.11 -38.05
N PHE N 78 46.29 22.35 -38.28
CA PHE N 78 47.17 23.34 -38.86
C PHE N 78 48.21 23.82 -37.86
N LEU N 79 47.82 23.93 -36.59
CA LEU N 79 48.74 24.46 -35.58
C LEU N 79 49.83 23.46 -35.20
N TYR N 80 49.65 22.18 -35.47
CA TYR N 80 50.63 21.16 -35.15
C TYR N 80 51.23 20.57 -36.41
N SER N 81 51.51 21.42 -37.39
CA SER N 81 52.25 21.06 -38.58
C SER N 81 53.45 21.99 -38.70
N LYS N 82 54.25 21.79 -39.75
CA LYS N 82 55.45 22.61 -39.91
C LYS N 82 55.09 24.02 -40.38
N ALA N 83 54.03 24.15 -41.19
CA ALA N 83 53.59 25.46 -41.64
C ALA N 83 52.98 26.27 -40.50
N GLY N 84 52.43 25.59 -39.51
CA GLY N 84 51.85 26.27 -38.37
C GLY N 84 52.70 26.20 -37.12
N ARG N 85 54.02 26.33 -37.30
CA ARG N 85 54.95 26.22 -36.18
C ARG N 85 55.13 27.55 -35.45
N GLU N 86 55.07 28.67 -36.15
CA GLU N 86 55.22 29.98 -35.53
C GLU N 86 53.93 30.45 -34.88
N GLU N 87 52.77 30.02 -35.37
CA GLU N 87 51.50 30.40 -34.78
C GLU N 87 51.13 29.54 -33.58
N LEU N 88 51.80 28.41 -33.37
CA LEU N 88 51.69 27.71 -32.10
C LEU N 88 52.25 28.58 -30.98
N GLU N 89 53.40 29.21 -31.23
CA GLU N 89 53.86 30.31 -30.39
C GLU N 89 52.95 31.51 -30.58
N ARG N 90 52.97 32.42 -29.59
CA ARG N 90 52.21 33.66 -29.42
C ARG N 90 50.70 33.43 -29.27
N VAL N 91 50.26 32.18 -29.22
CA VAL N 91 48.86 31.84 -29.05
C VAL N 91 48.63 31.04 -27.77
N ASN N 92 49.46 30.01 -27.52
CA ASN N 92 49.23 29.13 -26.37
C ASN N 92 49.54 29.84 -25.06
N VAL N 93 50.64 30.57 -25.00
CA VAL N 93 50.94 31.43 -23.85
C VAL N 93 51.07 32.86 -24.35
N LYS O 1 -26.80 10.82 -37.24
CA LYS O 1 -27.64 9.74 -37.74
C LYS O 1 -28.11 8.83 -36.61
N SER O 2 -28.62 7.66 -36.98
CA SER O 2 -29.09 6.70 -36.00
C SER O 2 -27.93 5.97 -35.35
N THR O 3 -28.16 5.46 -34.15
CA THR O 3 -27.17 4.60 -33.51
C THR O 3 -27.29 3.16 -33.96
N TYR O 4 -28.30 2.82 -34.75
CA TYR O 4 -28.46 1.49 -35.30
C TYR O 4 -27.80 1.34 -36.66
N ARG O 5 -27.16 2.39 -37.16
CA ARG O 5 -26.49 2.39 -38.46
C ARG O 5 -24.99 2.40 -38.21
N THR O 6 -24.38 1.22 -38.17
CA THR O 6 -22.96 1.08 -37.90
C THR O 6 -22.15 1.45 -39.15
N PRO O 7 -20.98 2.07 -38.98
CA PRO O 7 -20.18 2.44 -40.14
C PRO O 7 -19.51 1.23 -40.78
N ASN O 8 -18.85 1.49 -41.91
CA ASN O 8 -18.36 0.40 -42.75
C ASN O 8 -17.02 -0.13 -42.27
N PHE O 9 -16.90 -1.45 -42.25
CA PHE O 9 -15.67 -2.14 -41.88
C PHE O 9 -15.14 -3.00 -43.01
N ASP O 10 -15.75 -2.95 -44.20
CA ASP O 10 -15.34 -3.75 -45.35
C ASP O 10 -13.98 -3.34 -45.91
N ASP O 11 -13.44 -2.21 -45.50
CA ASP O 11 -12.07 -1.86 -45.84
C ASP O 11 -11.05 -2.74 -45.11
N VAL O 12 -11.40 -3.23 -43.91
CA VAL O 12 -10.50 -4.08 -43.14
C VAL O 12 -11.04 -5.48 -42.94
N LEU O 13 -12.28 -5.76 -43.30
CA LEU O 13 -12.85 -7.08 -43.05
C LEU O 13 -12.44 -8.06 -44.15
N LYS O 14 -12.61 -9.34 -43.86
CA LYS O 14 -12.45 -10.38 -44.85
C LYS O 14 -13.73 -10.58 -45.65
N GLU O 15 -13.61 -11.24 -46.80
CA GLU O 15 -14.77 -11.62 -47.58
C GLU O 15 -15.26 -13.01 -47.22
N ASN O 16 -14.69 -13.64 -46.21
CA ASN O 16 -15.10 -14.94 -45.72
C ASN O 16 -14.66 -15.06 -44.28
N ASN O 17 -15.57 -15.46 -43.40
CA ASN O 17 -15.25 -15.61 -41.99
C ASN O 17 -14.32 -16.81 -41.81
N ASP O 18 -14.84 -18.00 -42.06
CA ASP O 18 -14.13 -19.28 -42.09
C ASP O 18 -13.45 -19.55 -40.75
N ALA O 19 -14.20 -19.79 -39.72
CA ALA O 19 -13.78 -19.68 -38.31
C ALA O 19 -12.60 -20.57 -37.91
N ASP O 20 -12.16 -21.49 -38.77
CA ASP O 20 -10.91 -22.20 -38.55
C ASP O 20 -9.70 -21.47 -39.14
N LYS O 21 -9.91 -20.49 -40.02
CA LYS O 21 -8.79 -19.70 -40.54
C LYS O 21 -8.24 -18.76 -39.48
N GLY O 22 -9.11 -18.22 -38.62
CA GLY O 22 -8.65 -17.29 -37.61
C GLY O 22 -8.04 -17.96 -36.39
N ARG O 23 -8.53 -19.15 -36.05
CA ARG O 23 -8.08 -19.86 -34.85
C ARG O 23 -7.10 -20.98 -35.16
N SER O 24 -6.48 -20.97 -36.34
CA SER O 24 -5.34 -21.83 -36.61
C SER O 24 -4.07 -21.04 -36.82
N TYR O 25 -4.15 -19.91 -37.53
CA TYR O 25 -2.97 -19.09 -37.75
C TYR O 25 -2.62 -18.22 -36.55
N ALA O 26 -3.56 -18.02 -35.62
CA ALA O 26 -3.28 -17.25 -34.43
C ALA O 26 -2.89 -18.10 -33.24
N TYR O 27 -2.87 -19.42 -33.39
CA TYR O 27 -2.35 -20.31 -32.38
C TYR O 27 -1.06 -20.99 -32.80
N PHE O 28 -0.73 -20.95 -34.08
CA PHE O 28 0.58 -21.38 -34.53
C PHE O 28 1.67 -20.38 -34.15
N MET O 29 1.37 -19.08 -34.27
CA MET O 29 2.39 -18.06 -34.02
C MET O 29 2.57 -17.79 -32.54
N VAL O 30 1.51 -17.86 -31.73
CA VAL O 30 1.69 -17.68 -30.30
C VAL O 30 2.27 -18.95 -29.69
N GLY O 31 1.99 -20.12 -30.29
CA GLY O 31 2.59 -21.34 -29.80
C GLY O 31 4.06 -21.48 -30.13
N ALA O 32 4.46 -21.01 -31.32
CA ALA O 32 5.86 -21.08 -31.70
C ALA O 32 6.71 -20.06 -30.98
N MET O 33 6.12 -18.94 -30.57
CA MET O 33 6.85 -17.97 -29.76
C MET O 33 7.05 -18.46 -28.33
N GLY O 34 6.24 -19.39 -27.87
CA GLY O 34 6.42 -19.96 -26.55
C GLY O 34 7.26 -21.21 -26.59
N LEU O 35 7.41 -21.81 -27.77
CA LEU O 35 8.31 -22.95 -27.91
C LEU O 35 9.76 -22.49 -27.95
N LEU O 36 10.04 -21.40 -28.66
CA LEU O 36 11.41 -20.89 -28.73
C LEU O 36 11.84 -20.28 -27.40
N SER O 37 10.91 -19.70 -26.64
CA SER O 37 11.26 -19.13 -25.35
C SER O 37 11.49 -20.20 -24.29
N SER O 38 10.95 -21.39 -24.48
CA SER O 38 11.20 -22.47 -23.53
C SER O 38 12.59 -23.04 -23.72
N ALA O 39 13.04 -23.14 -24.98
CA ALA O 39 14.40 -23.54 -25.28
C ALA O 39 15.37 -22.38 -25.19
N GLY O 40 14.88 -21.14 -25.19
CA GLY O 40 15.75 -19.99 -25.03
C GLY O 40 16.07 -19.72 -23.59
N ALA O 41 15.07 -19.81 -22.71
CA ALA O 41 15.29 -19.59 -21.29
C ALA O 41 15.94 -20.76 -20.61
N LYS O 42 15.92 -21.94 -21.24
CA LYS O 42 16.57 -23.10 -20.66
C LYS O 42 18.07 -23.02 -20.83
N SER O 43 18.51 -22.58 -22.01
CA SER O 43 19.94 -22.52 -22.30
C SER O 43 20.64 -21.44 -21.48
N THR O 44 19.94 -20.36 -21.12
CA THR O 44 20.60 -19.34 -20.31
C THR O 44 20.79 -19.79 -18.88
N VAL O 45 19.85 -20.58 -18.34
CA VAL O 45 19.98 -21.03 -16.96
C VAL O 45 21.12 -22.05 -16.84
N GLU O 46 21.33 -22.88 -17.87
CA GLU O 46 22.37 -23.88 -17.81
C GLU O 46 23.77 -23.28 -17.93
N THR O 47 23.92 -22.14 -18.61
CA THR O 47 25.25 -21.54 -18.68
C THR O 47 25.64 -20.87 -17.37
N PHE O 48 24.69 -20.31 -16.64
CA PHE O 48 25.01 -19.75 -15.33
C PHE O 48 25.30 -20.84 -14.32
N ILE O 49 24.64 -21.99 -14.46
CA ILE O 49 24.86 -23.11 -13.56
C ILE O 49 26.19 -23.80 -13.84
N SER O 50 26.60 -23.84 -15.10
CA SER O 50 27.84 -24.52 -15.47
C SER O 50 29.10 -23.77 -15.08
N SER O 51 29.01 -22.51 -14.66
CA SER O 51 30.19 -21.80 -14.21
C SER O 51 30.59 -22.14 -12.78
N MET O 52 29.76 -22.88 -12.06
CA MET O 52 30.04 -23.26 -10.70
C MET O 52 30.64 -24.67 -10.59
N THR O 53 30.92 -25.30 -11.73
CA THR O 53 31.61 -26.59 -11.72
C THR O 53 33.12 -26.34 -11.61
N ALA O 54 33.91 -27.40 -11.79
CA ALA O 54 35.35 -27.27 -11.61
C ALA O 54 35.98 -26.56 -12.78
N THR O 55 36.93 -25.67 -12.49
CA THR O 55 37.58 -24.89 -13.53
C THR O 55 38.64 -25.73 -14.23
N ALA O 56 39.30 -25.13 -15.22
CA ALA O 56 40.22 -25.87 -16.07
C ALA O 56 41.50 -26.23 -15.34
N ASP O 57 41.94 -25.40 -14.40
CA ASP O 57 43.15 -25.67 -13.65
C ASP O 57 42.90 -26.48 -12.39
N VAL O 58 41.64 -26.78 -12.06
CA VAL O 58 41.34 -27.69 -10.96
C VAL O 58 41.35 -29.13 -11.46
N LEU O 59 40.75 -29.37 -12.63
CA LEU O 59 40.77 -30.71 -13.22
C LEU O 59 42.13 -31.12 -13.75
N ALA O 60 43.07 -30.18 -13.91
CA ALA O 60 44.41 -30.52 -14.35
C ALA O 60 45.24 -31.11 -13.22
N MET O 61 44.93 -30.78 -11.97
CA MET O 61 45.62 -31.30 -10.80
C MET O 61 44.87 -32.45 -10.15
N ALA O 62 44.10 -33.22 -10.93
CA ALA O 62 43.27 -34.27 -10.37
C ALA O 62 43.96 -35.62 -10.32
N LYS O 63 45.02 -35.83 -11.10
CA LYS O 63 45.69 -37.11 -11.20
C LYS O 63 47.18 -36.92 -11.03
N VAL O 64 47.82 -37.88 -10.37
CA VAL O 64 49.26 -37.87 -10.13
C VAL O 64 49.87 -39.08 -10.80
N GLU O 65 50.96 -38.88 -11.56
CA GLU O 65 51.65 -39.94 -12.26
C GLU O 65 52.84 -40.41 -11.44
N VAL O 66 52.98 -41.71 -11.27
CA VAL O 66 54.10 -42.33 -10.57
C VAL O 66 54.87 -43.16 -11.59
N ASN O 67 56.19 -43.02 -11.61
CA ASN O 67 56.99 -43.81 -12.53
C ASN O 67 57.58 -45.01 -11.79
N LEU O 68 58.22 -45.90 -12.55
CA LEU O 68 58.89 -47.07 -11.97
C LEU O 68 60.35 -46.77 -11.60
N ALA O 69 60.60 -45.65 -10.92
CA ALA O 69 61.96 -45.35 -10.49
C ALA O 69 62.11 -44.66 -9.14
N ALA O 70 61.05 -44.12 -8.53
CA ALA O 70 61.23 -43.06 -7.54
C ALA O 70 60.46 -43.28 -6.24
N ILE O 71 60.08 -44.52 -5.92
CA ILE O 71 59.54 -44.86 -4.61
C ILE O 71 60.31 -46.05 -4.06
N PRO O 72 61.14 -45.85 -3.02
CA PRO O 72 61.81 -46.97 -2.37
C PRO O 72 60.92 -47.64 -1.34
N LEU O 73 61.60 -48.86 -0.60
CA LEU O 73 60.66 -49.77 0.05
C LEU O 73 59.92 -49.15 1.23
N GLY O 74 60.52 -48.74 2.36
CA GLY O 74 59.72 -48.35 3.51
C GLY O 74 59.69 -46.87 3.83
N LYS O 75 58.72 -46.17 3.21
CA LYS O 75 58.49 -44.73 3.38
C LYS O 75 56.99 -44.51 3.15
N ASN O 76 56.23 -44.51 4.24
CA ASN O 76 54.80 -44.17 4.17
C ASN O 76 54.62 -42.65 4.28
N VAL O 77 54.72 -41.99 3.12
CA VAL O 77 54.43 -40.57 3.06
C VAL O 77 52.95 -40.35 2.82
N VAL O 78 52.34 -39.45 3.60
CA VAL O 78 50.92 -39.14 3.43
C VAL O 78 50.80 -37.99 2.42
N VAL O 79 50.63 -38.35 1.17
CA VAL O 79 50.57 -37.39 0.07
C VAL O 79 49.19 -36.77 0.02
N LYS O 80 49.14 -35.44 -0.13
CA LYS O 80 47.87 -34.73 -0.28
C LYS O 80 47.51 -34.72 -1.77
N TRP O 81 46.99 -35.85 -2.23
CA TRP O 81 46.52 -35.99 -3.60
C TRP O 81 45.03 -35.68 -3.65
N GLN O 82 44.65 -34.78 -4.57
CA GLN O 82 43.25 -34.42 -4.85
C GLN O 82 42.56 -33.86 -3.62
N GLY O 83 43.31 -33.18 -2.76
CA GLY O 83 42.79 -32.67 -1.51
C GLY O 83 42.52 -33.70 -0.44
N LYS O 84 42.95 -34.95 -0.66
CA LYS O 84 42.65 -36.06 0.22
C LYS O 84 43.92 -36.78 0.64
N PRO O 85 43.98 -37.29 1.87
CA PRO O 85 45.16 -38.06 2.28
C PRO O 85 45.18 -39.44 1.63
N VAL O 86 46.38 -40.00 1.51
CA VAL O 86 46.60 -41.28 0.85
C VAL O 86 47.84 -41.90 1.48
N PHE O 87 47.99 -43.21 1.31
CA PHE O 87 49.11 -43.95 1.88
C PHE O 87 49.85 -44.68 0.76
N ILE O 88 51.12 -44.33 0.57
CA ILE O 88 51.90 -44.74 -0.60
C ILE O 88 53.22 -45.35 -0.14
N ARG O 89 53.43 -46.62 -0.47
CA ARG O 89 54.74 -47.26 -0.35
C ARG O 89 54.75 -48.54 -1.18
N HIS O 90 55.95 -49.05 -1.44
CA HIS O 90 56.17 -50.34 -2.08
C HIS O 90 56.56 -51.33 -0.98
N ARG O 91 56.06 -52.57 -1.10
CA ARG O 91 56.39 -53.60 -0.13
C ARG O 91 56.57 -54.94 -0.85
N THR O 92 57.15 -55.90 -0.12
CA THR O 92 57.38 -57.24 -0.66
C THR O 92 56.05 -57.94 -0.94
N PRO O 93 55.98 -58.83 -1.96
CA PRO O 93 54.71 -59.50 -2.25
C PRO O 93 54.46 -60.76 -1.44
N HIS O 94 55.19 -60.93 -0.35
CA HIS O 94 55.19 -62.18 0.40
C HIS O 94 54.60 -62.04 1.80
N GLU O 95 54.68 -60.85 2.41
CA GLU O 95 54.55 -60.81 3.86
C GLU O 95 53.10 -60.62 4.30
N ILE O 96 52.17 -60.40 3.37
CA ILE O 96 50.75 -60.32 3.72
C ILE O 96 50.17 -61.73 3.85
N GLN O 97 50.99 -62.74 3.56
CA GLN O 97 50.67 -64.10 3.98
C GLN O 97 50.73 -64.26 5.50
N GLU O 98 51.35 -63.34 6.22
CA GLU O 98 51.47 -63.41 7.67
C GLU O 98 50.29 -62.80 8.40
N ALA O 99 49.67 -61.74 7.87
CA ALA O 99 48.71 -60.98 8.67
C ALA O 99 47.29 -61.54 8.54
N ASN O 100 46.84 -61.82 7.32
CA ASN O 100 45.47 -62.23 7.09
C ASN O 100 45.36 -63.71 6.74
N SER O 101 46.12 -64.54 7.44
CA SER O 101 45.99 -65.99 7.34
C SER O 101 44.96 -66.54 8.33
N VAL O 102 43.85 -65.78 8.61
CA VAL O 102 42.97 -66.27 9.65
C VAL O 102 42.03 -67.31 9.03
N ASP O 103 41.05 -66.79 8.19
CA ASP O 103 40.22 -67.43 7.15
C ASP O 103 39.58 -66.30 6.36
N MET O 104 38.57 -66.73 5.56
CA MET O 104 37.85 -65.82 4.67
C MET O 104 37.04 -64.78 5.44
N SER O 105 36.10 -65.23 6.29
CA SER O 105 35.05 -64.35 6.77
C SER O 105 34.94 -64.39 8.30
N ALA O 106 36.09 -64.30 8.98
CA ALA O 106 36.07 -64.03 10.41
C ALA O 106 35.79 -62.57 10.74
N LEU O 107 35.67 -61.72 9.74
CA LEU O 107 35.54 -60.28 9.91
C LEU O 107 34.11 -59.91 9.53
N LYS O 108 33.84 -58.61 9.48
CA LYS O 108 32.51 -58.15 9.08
C LYS O 108 32.22 -58.44 7.61
N ASP O 109 32.95 -57.79 6.70
CA ASP O 109 32.56 -58.02 5.32
C ASP O 109 33.52 -59.00 4.65
N PRO O 110 33.02 -59.85 3.73
CA PRO O 110 33.90 -60.85 3.11
C PRO O 110 34.88 -60.27 2.10
N GLN O 111 36.04 -59.82 2.58
CA GLN O 111 37.03 -59.21 1.70
C GLN O 111 38.42 -59.43 2.29
N THR O 112 39.24 -60.23 1.61
CA THR O 112 40.61 -60.45 2.07
C THR O 112 41.66 -59.99 1.07
N ASP O 113 41.68 -60.52 -0.15
CA ASP O 113 42.81 -60.28 -1.04
C ASP O 113 42.48 -60.01 -2.50
N ALA O 114 41.23 -60.20 -2.97
CA ALA O 114 40.99 -60.32 -4.41
C ALA O 114 41.09 -58.97 -5.11
N ASP O 115 40.25 -58.01 -4.75
CA ASP O 115 40.39 -56.65 -5.21
C ASP O 115 41.13 -55.78 -4.21
N ARG O 116 42.00 -56.36 -3.38
CA ARG O 116 42.84 -55.62 -2.46
C ARG O 116 43.85 -54.77 -3.21
N VAL O 117 44.67 -55.40 -4.04
CA VAL O 117 45.62 -54.70 -4.90
C VAL O 117 45.60 -55.40 -6.26
N LYS O 118 45.15 -54.67 -7.29
CA LYS O 118 45.27 -55.22 -8.63
C LYS O 118 46.72 -55.19 -9.11
N ASP O 119 47.52 -54.30 -8.55
CA ASP O 119 48.97 -54.34 -8.67
C ASP O 119 49.49 -55.09 -7.44
N PRO O 120 49.85 -56.37 -7.58
CA PRO O 120 50.02 -57.22 -6.38
C PRO O 120 51.27 -56.92 -5.56
N GLN O 121 52.18 -56.07 -6.03
CA GLN O 121 53.41 -55.79 -5.31
C GLN O 121 53.55 -54.33 -4.87
N TRP O 122 52.44 -53.63 -4.64
CA TRP O 122 52.44 -52.26 -4.15
C TRP O 122 51.41 -52.08 -3.04
N LEU O 123 51.41 -50.89 -2.44
CA LEU O 123 50.45 -50.51 -1.42
C LEU O 123 49.92 -49.11 -1.66
N ILE O 124 48.60 -48.99 -1.82
CA ILE O 124 47.89 -47.73 -2.03
C ILE O 124 46.61 -47.81 -1.21
N MET O 125 46.31 -46.76 -0.44
CA MET O 125 45.09 -46.77 0.37
C MET O 125 44.67 -45.34 0.68
N LEU O 126 43.36 -45.07 0.62
CA LEU O 126 42.83 -43.77 1.02
C LEU O 126 42.74 -43.69 2.54
N GLY O 127 42.45 -42.49 3.04
CA GLY O 127 42.43 -42.23 4.46
C GLY O 127 41.13 -41.60 4.94
N ILE O 128 40.13 -41.59 4.07
CA ILE O 128 38.81 -41.08 4.42
C ILE O 128 38.03 -42.21 5.07
N CYS O 129 37.62 -42.00 6.32
CA CYS O 129 36.85 -42.97 7.07
C CYS O 129 35.36 -42.81 6.79
N THR O 130 34.57 -43.75 7.32
CA THR O 130 33.14 -43.75 7.06
C THR O 130 32.43 -42.63 7.84
N HIS O 131 32.86 -42.40 9.08
CA HIS O 131 32.23 -41.35 9.88
C HIS O 131 32.83 -39.98 9.57
N LEU O 132 34.15 -39.83 9.70
CA LEU O 132 34.73 -38.49 9.73
C LEU O 132 35.85 -38.27 8.71
N GLY O 133 36.73 -39.25 8.52
CA GLY O 133 37.95 -39.02 7.76
C GLY O 133 39.16 -38.86 8.64
N CYS O 134 39.24 -39.69 9.68
CA CYS O 134 40.30 -39.58 10.66
C CYS O 134 41.66 -40.01 10.09
N VAL O 135 42.71 -39.65 10.81
CA VAL O 135 44.09 -39.76 10.30
C VAL O 135 44.93 -40.59 11.26
N PRO O 136 45.65 -41.60 10.77
CA PRO O 136 46.50 -42.41 11.66
C PRO O 136 47.93 -41.92 11.75
N ILE O 137 48.74 -42.64 12.53
CA ILE O 137 50.19 -42.49 12.54
C ILE O 137 50.79 -43.69 11.80
N GLY O 138 51.90 -43.45 11.09
CA GLY O 138 52.53 -44.49 10.32
C GLY O 138 53.70 -45.13 11.06
N GLU O 139 54.08 -46.32 10.58
CA GLU O 139 55.20 -47.11 11.08
C GLU O 139 55.07 -47.41 12.58
N ALA O 140 53.86 -47.80 12.98
CA ALA O 140 53.55 -48.15 14.36
C ALA O 140 52.41 -49.14 14.37
N GLY O 141 52.60 -50.24 15.07
CA GLY O 141 51.61 -51.31 15.12
C GLY O 141 52.30 -52.65 15.33
N ASP O 142 51.67 -53.69 14.78
CA ASP O 142 52.28 -55.01 14.82
C ASP O 142 53.39 -55.12 13.78
N PHE O 143 53.18 -54.57 12.60
CA PHE O 143 54.17 -54.52 11.54
C PHE O 143 54.68 -53.11 11.29
N GLY O 144 53.97 -52.10 11.78
CA GLY O 144 54.26 -50.74 11.39
C GLY O 144 53.13 -50.19 10.56
N GLY O 145 51.91 -50.58 10.91
CA GLY O 145 50.74 -50.21 10.13
C GLY O 145 50.00 -49.00 10.65
N TRP O 146 48.78 -49.23 11.14
CA TRP O 146 47.82 -48.16 11.43
C TRP O 146 47.58 -48.06 12.94
N PHE O 147 47.89 -46.90 13.50
CA PHE O 147 47.36 -46.47 14.79
C PHE O 147 46.54 -45.21 14.51
N CYS O 148 45.22 -45.36 14.44
CA CYS O 148 44.29 -44.27 14.18
C CYS O 148 43.45 -44.04 15.43
N PRO O 149 43.96 -43.27 16.41
CA PRO O 149 43.27 -43.07 17.69
C PRO O 149 42.32 -41.87 17.66
N CYS O 150 41.21 -42.03 16.95
CA CYS O 150 40.27 -40.93 16.72
C CYS O 150 38.96 -41.15 17.45
N HIS O 151 38.17 -42.15 17.04
CA HIS O 151 37.01 -42.57 17.82
C HIS O 151 36.90 -44.08 17.85
N GLY O 152 37.97 -44.80 17.54
CA GLY O 152 37.80 -46.19 17.17
C GLY O 152 39.02 -46.88 16.59
N SER O 153 38.81 -47.47 15.41
CA SER O 153 39.59 -48.58 14.89
C SER O 153 41.06 -48.25 14.61
N HIS O 154 41.91 -49.22 14.91
CA HIS O 154 43.20 -49.41 14.29
C HIS O 154 43.05 -50.46 13.19
N TYR O 155 44.10 -50.63 12.40
CA TYR O 155 44.04 -51.49 11.21
C TYR O 155 45.34 -52.27 11.13
N ASP O 156 45.61 -52.84 9.96
CA ASP O 156 46.75 -53.74 9.72
C ASP O 156 47.45 -53.29 8.44
N ILE O 157 48.29 -54.18 7.89
CA ILE O 157 48.92 -53.92 6.60
C ILE O 157 47.85 -53.77 5.51
N SER O 158 46.82 -54.62 5.55
CA SER O 158 45.79 -54.61 4.52
C SER O 158 44.93 -53.36 4.64
N GLY O 159 44.28 -53.17 5.80
CA GLY O 159 43.38 -52.05 5.96
C GLY O 159 42.09 -52.48 6.60
N ARG O 160 42.07 -53.70 7.13
CA ARG O 160 40.92 -54.12 7.93
C ARG O 160 41.30 -54.21 9.40
N ILE O 161 40.30 -54.40 10.23
CA ILE O 161 40.36 -53.90 11.60
C ILE O 161 41.08 -54.87 12.53
N ARG O 162 41.64 -54.29 13.59
CA ARG O 162 42.09 -54.98 14.78
C ARG O 162 41.36 -54.51 16.03
N LYS O 163 40.56 -53.45 15.90
CA LYS O 163 39.99 -52.71 17.02
C LYS O 163 38.75 -52.00 16.51
N GLY O 164 37.79 -51.73 17.40
CA GLY O 164 36.65 -50.88 17.07
C GLY O 164 35.59 -51.56 16.23
N PRO O 165 34.38 -50.94 16.16
CA PRO O 165 33.29 -51.50 15.35
C PRO O 165 33.54 -51.46 13.84
N ALA O 166 33.73 -50.24 13.21
CA ALA O 166 34.16 -49.93 11.83
C ALA O 166 33.41 -50.66 10.73
N PRO O 167 32.02 -50.30 10.49
CA PRO O 167 31.16 -51.04 9.55
C PRO O 167 31.71 -51.23 8.13
N LEU O 168 32.05 -50.15 7.44
CA LEU O 168 32.33 -50.20 6.02
C LEU O 168 33.82 -50.01 5.74
N ASN O 169 34.29 -50.58 4.64
CA ASN O 169 35.71 -50.66 4.31
C ASN O 169 36.20 -49.36 3.68
N LEU O 170 37.46 -49.03 3.93
CA LEU O 170 38.06 -47.84 3.33
C LEU O 170 38.29 -48.08 1.85
N GLU O 171 38.28 -47.01 1.06
CA GLU O 171 38.21 -47.15 -0.39
C GLU O 171 39.58 -47.33 -1.02
N ILE O 172 39.66 -48.24 -2.00
CA ILE O 172 40.79 -48.37 -2.87
C ILE O 172 40.57 -47.45 -4.06
N PRO O 173 41.49 -46.54 -4.37
CA PRO O 173 41.30 -45.68 -5.53
C PRO O 173 41.73 -46.40 -6.81
N ALA O 174 41.41 -45.78 -7.94
CA ALA O 174 41.64 -46.40 -9.24
C ALA O 174 42.99 -45.92 -9.77
N TYR O 175 44.02 -46.73 -9.57
CA TYR O 175 45.36 -46.45 -10.08
C TYR O 175 45.64 -47.39 -11.24
N GLU O 176 46.15 -46.84 -12.34
CA GLU O 176 46.24 -47.58 -13.60
C GLU O 176 47.69 -47.61 -14.09
N PHE O 177 47.89 -48.22 -15.25
CA PHE O 177 49.21 -48.49 -15.81
C PHE O 177 49.19 -48.12 -17.28
N ASP O 178 49.99 -47.12 -17.67
CA ASP O 178 49.85 -46.53 -19.00
C ASP O 178 51.00 -46.86 -19.93
N GLY O 179 52.22 -46.45 -19.60
CA GLY O 179 53.35 -46.62 -20.50
C GLY O 179 54.66 -46.95 -19.83
N ASP O 180 54.58 -47.67 -18.70
CA ASP O 180 55.49 -47.83 -17.52
C ASP O 180 55.32 -46.64 -16.57
N LYS O 181 54.23 -45.89 -16.71
CA LYS O 181 53.86 -44.83 -15.80
C LYS O 181 52.60 -45.27 -15.07
N VAL O 182 52.44 -44.82 -13.82
CA VAL O 182 51.29 -45.19 -13.00
C VAL O 182 50.58 -43.92 -12.60
N ILE O 183 49.40 -43.70 -13.17
CA ILE O 183 48.56 -42.56 -12.83
C ILE O 183 47.65 -43.00 -11.68
N VAL O 184 47.60 -42.20 -10.62
CA VAL O 184 46.79 -42.52 -9.46
C VAL O 184 45.51 -41.69 -9.58
N GLY O 185 44.37 -42.36 -9.40
CA GLY O 185 43.09 -41.70 -9.54
C GLY O 185 42.49 -41.81 -10.93
N GLU P 1 66.40 -17.37 -52.51
CA GLU P 1 65.85 -17.63 -53.83
C GLU P 1 64.59 -16.78 -54.05
N VAL P 2 63.80 -16.64 -53.00
CA VAL P 2 62.61 -15.79 -52.99
C VAL P 2 62.80 -14.75 -51.90
N THR P 3 62.82 -13.47 -52.28
CA THR P 3 62.89 -12.41 -51.28
C THR P 3 61.52 -12.18 -50.69
N ASP P 4 61.47 -11.36 -49.63
CA ASP P 4 60.22 -11.14 -48.91
C ASP P 4 59.28 -10.25 -49.70
N GLN P 5 57.99 -10.51 -49.56
CA GLN P 5 56.99 -9.97 -50.48
C GLN P 5 56.65 -8.52 -50.21
N LEU P 6 56.82 -8.05 -48.97
CA LEU P 6 56.42 -6.69 -48.65
C LEU P 6 57.38 -5.65 -49.23
N GLU P 7 58.67 -5.98 -49.32
CA GLU P 7 59.59 -5.04 -49.96
C GLU P 7 59.57 -5.18 -51.48
N ASP P 8 58.98 -6.24 -52.02
CA ASP P 8 58.75 -6.28 -53.45
C ASP P 8 57.63 -5.35 -53.86
N LEU P 9 56.53 -5.34 -53.11
CA LEU P 9 55.43 -4.42 -53.39
C LEU P 9 55.76 -2.99 -53.01
N ARG P 10 56.66 -2.78 -52.07
CA ARG P 10 57.00 -1.42 -51.65
C ARG P 10 57.83 -0.69 -52.71
N GLU P 11 58.46 -1.41 -53.63
CA GLU P 11 59.15 -0.77 -54.74
C GLU P 11 58.32 -0.75 -56.01
N HIS P 12 57.43 -1.73 -56.21
CA HIS P 12 56.57 -1.74 -57.39
C HIS P 12 55.55 -0.60 -57.37
N PHE P 13 55.09 -0.20 -56.19
CA PHE P 13 54.27 1.00 -56.06
C PHE P 13 55.10 2.25 -55.86
N LYS P 14 56.41 2.11 -55.74
CA LYS P 14 57.32 3.24 -55.96
C LYS P 14 57.63 3.43 -57.43
N ASN P 15 57.20 2.51 -58.30
CA ASN P 15 57.31 2.67 -59.74
C ASN P 15 56.03 3.22 -60.36
N THR P 16 55.31 4.07 -59.64
CA THR P 16 54.27 4.91 -60.19
C THR P 16 54.66 6.35 -59.90
N GLU P 17 54.18 7.27 -60.73
CA GLU P 17 54.53 8.67 -60.57
C GLU P 17 53.73 9.31 -59.44
N GLU P 18 52.67 8.63 -58.98
CA GLU P 18 52.05 8.94 -57.69
C GLU P 18 53.04 8.72 -56.56
N GLY P 19 53.92 7.74 -56.68
CA GLY P 19 55.02 7.55 -55.75
C GLY P 19 56.19 8.50 -55.96
N LYS P 20 56.54 8.77 -57.23
CA LYS P 20 57.65 9.68 -57.51
C LYS P 20 57.34 11.14 -57.17
N ALA P 21 56.06 11.50 -57.06
CA ALA P 21 55.72 12.83 -56.59
C ALA P 21 56.03 12.99 -55.10
N LEU P 22 55.98 11.89 -54.34
CA LEU P 22 56.28 11.91 -52.91
C LEU P 22 57.71 11.49 -52.60
N VAL P 23 58.36 10.77 -53.51
CA VAL P 23 59.78 10.47 -53.35
C VAL P 23 60.61 11.73 -53.53
N HIS P 24 60.32 12.49 -54.58
CA HIS P 24 61.08 13.71 -54.87
C HIS P 24 60.79 14.80 -53.86
N HIS P 25 59.60 14.80 -53.25
CA HIS P 25 59.28 15.81 -52.25
C HIS P 25 60.07 15.60 -50.98
N TYR P 26 60.39 14.35 -50.63
CA TYR P 26 61.19 14.09 -49.44
C TYR P 26 62.68 14.26 -49.71
N GLU P 27 63.13 13.96 -50.93
CA GLU P 27 64.52 14.15 -51.28
C GLU P 27 64.89 15.63 -51.35
N GLU P 28 63.92 16.49 -51.66
CA GLU P 28 64.17 17.92 -51.62
C GLU P 28 64.35 18.42 -50.19
N CYS P 29 63.64 17.80 -49.24
CA CYS P 29 63.79 18.16 -47.84
C CYS P 29 65.15 17.75 -47.31
N ALA P 30 65.66 16.61 -47.75
CA ALA P 30 66.92 16.09 -47.22
C ALA P 30 68.11 16.92 -47.68
N GLU P 31 68.02 17.52 -48.86
CA GLU P 31 69.13 18.31 -49.38
C GLU P 31 69.05 19.77 -48.96
N ARG P 32 68.04 20.16 -48.19
CA ARG P 32 67.98 21.48 -47.59
C ARG P 32 68.52 21.48 -46.18
N VAL P 33 68.28 20.40 -45.43
CA VAL P 33 68.78 20.29 -44.07
C VAL P 33 70.26 19.91 -44.09
N LYS P 34 70.78 19.41 -45.20
CA LYS P 34 72.18 19.00 -45.19
C LYS P 34 73.11 20.06 -45.78
N ILE P 35 72.59 21.07 -46.49
CA ILE P 35 73.32 22.32 -46.49
C ILE P 35 72.79 23.18 -45.34
N GLN P 36 73.08 22.69 -44.14
CA GLN P 36 72.71 23.16 -42.81
C GLN P 36 73.31 22.02 -42.00
N GLN P 37 73.47 22.18 -40.68
CA GLN P 37 74.13 21.24 -39.76
C GLN P 37 75.63 21.09 -40.03
N GLN P 38 76.16 21.86 -40.98
CA GLN P 38 77.58 22.02 -41.19
C GLN P 38 77.96 23.49 -41.38
N GLN P 39 76.98 24.37 -41.48
CA GLN P 39 77.25 25.80 -41.40
C GLN P 39 77.81 26.13 -40.02
N PRO P 40 78.71 27.14 -39.92
CA PRO P 40 79.46 27.35 -38.68
C PRO P 40 78.61 27.80 -37.50
N GLY P 41 78.42 26.88 -36.55
CA GLY P 41 77.68 27.19 -35.35
C GLY P 41 76.25 26.69 -35.35
N TYR P 42 76.01 25.60 -34.65
CA TYR P 42 74.69 25.27 -34.14
C TYR P 42 74.88 24.57 -32.81
N ALA P 43 73.79 24.53 -32.03
CA ALA P 43 73.63 24.76 -30.58
C ALA P 43 73.52 26.26 -30.36
N ASP P 44 73.58 27.07 -31.43
CA ASP P 44 72.97 28.39 -31.43
C ASP P 44 71.46 28.25 -31.32
N LEU P 45 70.91 27.19 -31.90
CA LEU P 45 69.53 27.14 -32.33
C LEU P 45 68.59 26.73 -31.20
N GLU P 46 67.32 27.05 -31.41
CA GLU P 46 66.23 26.54 -30.60
C GLU P 46 65.24 25.71 -31.39
N HIS P 47 65.19 25.88 -32.71
CA HIS P 47 64.33 25.10 -33.58
C HIS P 47 64.96 25.05 -34.97
N LYS P 48 64.89 23.89 -35.60
CA LYS P 48 65.37 23.72 -36.96
C LYS P 48 64.52 22.66 -37.64
N GLU P 49 64.79 22.46 -38.93
CA GLU P 49 63.92 21.67 -39.79
C GLU P 49 64.28 20.18 -39.71
N ASP P 50 63.25 19.36 -39.69
CA ASP P 50 63.35 17.92 -39.84
C ASP P 50 62.74 17.53 -41.18
N CYS P 51 62.66 16.24 -41.43
CA CYS P 51 61.93 15.73 -42.58
C CYS P 51 61.01 14.61 -42.17
N VAL P 52 60.42 14.72 -40.98
CA VAL P 52 59.54 13.67 -40.47
C VAL P 52 58.15 13.79 -41.10
N GLU P 53 57.69 15.02 -41.35
CA GLU P 53 56.39 15.23 -41.99
C GLU P 53 56.41 14.75 -43.43
N GLU P 54 57.48 15.05 -44.18
CA GLU P 54 57.62 14.54 -45.53
C GLU P 54 57.86 13.04 -45.56
N PHE P 55 58.38 12.48 -44.46
CA PHE P 55 58.53 11.03 -44.38
C PHE P 55 57.19 10.33 -44.27
N PHE P 56 56.30 10.84 -43.40
CA PHE P 56 55.02 10.17 -43.14
C PHE P 56 54.09 10.24 -44.34
N HIS P 57 54.20 11.28 -45.17
CA HIS P 57 53.37 11.40 -46.36
C HIS P 57 53.71 10.32 -47.38
N LEU P 58 54.98 9.97 -47.49
CA LEU P 58 55.38 8.89 -48.37
C LEU P 58 55.04 7.53 -47.76
N GLN P 59 55.14 7.39 -46.44
CA GLN P 59 54.80 6.11 -45.81
C GLN P 59 53.31 5.85 -45.83
N HIS P 60 52.49 6.90 -45.79
CA HIS P 60 51.04 6.70 -45.75
C HIS P 60 50.50 6.22 -47.09
N TYR P 61 51.07 6.70 -48.19
CA TYR P 61 50.64 6.24 -49.51
C TYR P 61 51.05 4.80 -49.74
N LEU P 62 52.23 4.41 -49.25
CA LEU P 62 52.72 3.05 -49.46
C LEU P 62 51.91 2.02 -48.68
N ASP P 63 51.25 2.41 -47.59
CA ASP P 63 50.43 1.47 -46.84
C ASP P 63 49.00 1.41 -47.34
N THR P 64 48.49 2.46 -47.98
CA THR P 64 47.19 2.39 -48.62
C THR P 64 47.23 1.49 -49.85
N ALA P 65 48.39 1.35 -50.48
CA ALA P 65 48.51 0.62 -51.72
C ALA P 65 48.89 -0.83 -51.54
N THR P 66 49.54 -1.19 -50.43
CA THR P 66 50.03 -2.54 -50.24
C THR P 66 49.25 -3.35 -49.21
N ALA P 67 48.40 -2.72 -48.40
CA ALA P 67 47.62 -3.45 -47.40
C ALA P 67 46.55 -4.40 -47.95
N PRO P 68 45.73 -4.08 -48.97
CA PRO P 68 44.81 -5.10 -49.47
C PRO P 68 45.43 -6.10 -50.41
N ARG P 69 46.74 -5.99 -50.68
CA ARG P 69 47.38 -6.73 -51.75
C ARG P 69 48.38 -7.76 -51.28
N LEU P 70 48.52 -7.98 -49.98
CA LEU P 70 49.69 -8.71 -49.47
C LEU P 70 49.41 -10.12 -49.01
N PHE P 71 48.30 -10.35 -48.30
CA PHE P 71 48.11 -11.65 -47.64
C PHE P 71 47.70 -12.77 -48.59
N ASP P 72 47.44 -12.47 -49.86
CA ASP P 72 47.30 -13.50 -50.87
C ASP P 72 48.65 -13.99 -51.39
N LYS P 73 49.73 -13.25 -51.10
CA LYS P 73 51.08 -13.68 -51.43
C LYS P 73 51.72 -14.48 -50.32
N LEU P 74 51.23 -14.38 -49.10
CA LEU P 74 51.76 -15.16 -47.99
C LEU P 74 50.98 -16.46 -47.84
N LYS P 75 51.57 -17.39 -47.12
CA LYS P 75 50.91 -18.65 -46.81
C LYS P 75 50.36 -18.62 -45.39
N PRO Q 1 4.05 28.27 -13.80
CA PRO Q 1 3.17 28.95 -14.75
C PRO Q 1 3.03 30.42 -14.40
N GLN Q 2 2.61 31.32 -15.36
CA GLN Q 2 2.85 32.73 -15.06
C GLN Q 2 1.72 33.33 -14.23
N SER Q 3 0.43 33.56 -14.85
CA SER Q 3 -0.97 33.64 -14.42
C SER Q 3 -1.72 34.06 -15.68
N PHE Q 4 -2.98 33.94 -15.73
CA PHE Q 4 -3.69 34.51 -16.87
C PHE Q 4 -4.00 35.99 -16.68
N THR Q 5 -3.89 36.50 -15.46
CA THR Q 5 -3.99 37.94 -15.26
C THR Q 5 -2.76 38.64 -15.79
N SER Q 6 -1.59 38.04 -15.61
CA SER Q 6 -0.35 38.64 -16.08
C SER Q 6 -0.23 38.55 -17.59
N ILE Q 7 -0.75 37.48 -18.20
CA ILE Q 7 -0.69 37.32 -19.64
C ILE Q 7 -1.54 38.36 -20.34
N ALA Q 8 -2.76 38.56 -19.84
CA ALA Q 8 -3.65 39.54 -20.45
C ALA Q 8 -3.24 40.97 -20.16
N ARG Q 9 -2.51 41.22 -19.08
CA ARG Q 9 -1.98 42.56 -18.83
C ARG Q 9 -0.93 42.93 -19.86
N ILE Q 10 -0.10 41.96 -20.27
CA ILE Q 10 0.89 42.19 -21.30
C ILE Q 10 0.24 42.16 -22.68
N GLY Q 11 -0.68 41.22 -22.90
CA GLY Q 11 -1.27 41.03 -24.20
C GLY Q 11 -2.25 42.10 -24.62
N ASP Q 12 -2.87 42.77 -23.66
CA ASP Q 12 -3.73 43.89 -24.02
C ASP Q 12 -2.94 45.13 -24.39
N TYR Q 13 -1.75 45.33 -23.79
CA TYR Q 13 -0.93 46.50 -24.10
C TYR Q 13 -0.40 46.45 -25.53
N ILE Q 14 -0.24 45.25 -26.10
CA ILE Q 14 0.22 45.12 -27.47
C ILE Q 14 -0.89 45.46 -28.45
N LEU Q 15 -2.14 45.16 -28.11
CA LEU Q 15 -3.24 45.35 -29.06
C LEU Q 15 -3.77 46.78 -29.09
N LYS Q 16 -3.76 47.51 -27.97
CA LYS Q 16 -4.00 48.96 -28.03
C LYS Q 16 -2.69 49.71 -28.23
N SER Q 17 -1.99 49.36 -29.30
CA SER Q 17 -0.78 50.06 -29.70
C SER Q 17 -0.67 49.97 -31.21
N PRO Q 18 -0.53 51.10 -31.90
CA PRO Q 18 -0.52 51.05 -33.38
C PRO Q 18 0.75 50.46 -33.95
N VAL Q 19 1.90 50.68 -33.30
CA VAL Q 19 3.15 50.18 -33.85
C VAL Q 19 3.54 48.82 -33.27
N LEU Q 20 2.97 48.41 -32.13
CA LEU Q 20 3.31 47.09 -31.61
C LEU Q 20 2.50 45.99 -32.29
N SER Q 21 1.21 46.23 -32.52
CA SER Q 21 0.37 45.26 -33.21
C SER Q 21 0.70 45.15 -34.69
N LYS Q 22 1.42 46.14 -35.23
CA LYS Q 22 1.99 46.02 -36.56
C LYS Q 22 2.98 44.87 -36.63
N LEU Q 23 3.84 44.75 -35.62
CA LEU Q 23 4.94 43.81 -35.66
C LEU Q 23 4.60 42.42 -35.13
N CYS Q 24 3.86 42.32 -34.02
CA CYS Q 24 3.75 41.07 -33.30
C CYS Q 24 2.62 40.16 -33.79
N VAL Q 25 1.52 40.72 -34.24
CA VAL Q 25 0.36 39.92 -34.67
C VAL Q 25 0.61 39.15 -35.97
N PRO Q 26 1.36 39.65 -36.97
CA PRO Q 26 1.77 38.74 -38.05
C PRO Q 26 2.66 37.59 -37.59
N VAL Q 27 3.45 37.79 -36.54
CA VAL Q 27 4.29 36.71 -36.03
C VAL Q 27 3.44 35.71 -35.26
N ALA Q 28 2.42 36.19 -34.55
CA ALA Q 28 1.62 35.31 -33.70
C ALA Q 28 0.68 34.41 -34.51
N ASN Q 29 0.24 34.86 -35.69
CA ASN Q 29 -0.60 34.00 -36.51
C ASN Q 29 0.20 32.91 -37.21
N GLN Q 30 1.51 33.09 -37.35
CA GLN Q 30 2.36 32.05 -37.89
C GLN Q 30 2.72 31.02 -36.82
N PHE Q 31 2.81 31.45 -35.56
CA PHE Q 31 3.04 30.56 -34.44
C PHE Q 31 1.85 29.64 -34.18
N ILE Q 32 0.64 30.05 -34.56
CA ILE Q 32 -0.55 29.25 -34.29
C ILE Q 32 -0.65 28.07 -35.24
N ASN Q 33 -0.53 28.32 -36.54
CA ASN Q 33 -0.66 27.28 -37.54
C ASN Q 33 0.62 26.47 -37.72
N LEU Q 34 1.72 26.87 -37.08
CA LEU Q 34 2.88 26.01 -36.95
C LEU Q 34 2.85 25.16 -35.69
N ALA Q 35 1.84 25.36 -34.84
CA ALA Q 35 1.65 24.46 -33.71
C ALA Q 35 0.90 23.20 -34.13
N GLY Q 36 -0.17 23.35 -34.91
CA GLY Q 36 -0.84 22.22 -35.50
C GLY Q 36 -1.92 21.57 -34.67
N TYR Q 37 -2.42 22.25 -33.63
CA TYR Q 37 -3.46 21.66 -32.80
C TYR Q 37 -4.83 21.68 -33.47
N LYS Q 38 -5.06 22.60 -34.42
CA LYS Q 38 -6.32 22.64 -35.15
C LYS Q 38 -6.50 21.44 -36.05
N LYS Q 39 -5.41 20.83 -36.51
CA LYS Q 39 -5.52 19.68 -37.38
C LYS Q 39 -5.89 18.42 -36.62
N LEU Q 40 -5.77 18.42 -35.30
CA LEU Q 40 -6.28 17.34 -34.47
C LEU Q 40 -7.67 17.61 -33.94
N GLY Q 41 -8.33 18.67 -34.41
CA GLY Q 41 -9.66 19.01 -33.95
C GLY Q 41 -9.67 19.52 -32.53
N LEU Q 42 -8.87 20.55 -32.25
CA LEU Q 42 -8.71 21.06 -30.91
C LEU Q 42 -8.67 22.57 -30.93
N LYS Q 43 -9.30 23.19 -29.95
CA LYS Q 43 -9.14 24.60 -29.70
C LYS Q 43 -7.94 24.81 -28.78
N PHE Q 44 -7.62 26.05 -28.43
CA PHE Q 44 -6.45 26.20 -27.58
C PHE Q 44 -6.77 25.93 -26.12
N ASP Q 45 -7.97 26.26 -25.66
CA ASP Q 45 -8.32 26.08 -24.26
C ASP Q 45 -8.47 24.62 -23.87
N ASP Q 46 -8.52 23.70 -24.83
CA ASP Q 46 -8.45 22.28 -24.52
C ASP Q 46 -7.07 21.88 -24.04
N LEU Q 47 -6.03 22.59 -24.46
CA LEU Q 47 -4.67 22.20 -24.18
C LEU Q 47 -4.17 22.62 -22.81
N ILE Q 48 -4.93 23.46 -22.10
CA ILE Q 48 -4.46 24.00 -20.83
C ILE Q 48 -4.45 22.90 -19.77
N ALA Q 49 -3.37 22.84 -19.01
CA ALA Q 49 -3.25 21.85 -17.94
C ALA Q 49 -4.20 22.19 -16.80
N GLU Q 50 -4.77 21.16 -16.20
CA GLU Q 50 -5.93 21.32 -15.34
C GLU Q 50 -5.76 20.78 -13.94
N GLU Q 51 -4.55 20.44 -13.53
CA GLU Q 51 -4.32 19.90 -12.19
C GLU Q 51 -3.86 20.99 -11.23
N ASN Q 52 -4.77 21.95 -10.99
CA ASN Q 52 -4.58 23.01 -10.01
C ASN Q 52 -5.96 23.51 -9.59
N PRO Q 53 -6.10 24.07 -8.39
CA PRO Q 53 -7.45 24.42 -7.90
C PRO Q 53 -8.12 25.59 -8.59
N ILE Q 54 -7.38 26.47 -9.27
CA ILE Q 54 -8.05 27.52 -10.04
C ILE Q 54 -8.67 26.94 -11.31
N MET Q 55 -7.97 26.01 -11.94
CA MET Q 55 -8.49 25.41 -13.16
C MET Q 55 -9.59 24.41 -12.88
N GLN Q 56 -9.61 23.80 -11.69
CA GLN Q 56 -10.70 22.89 -11.35
C GLN Q 56 -11.97 23.66 -11.04
N THR Q 57 -11.84 24.90 -10.57
CA THR Q 57 -12.99 25.75 -10.30
C THR Q 57 -13.65 26.18 -11.60
N ALA Q 58 -12.86 26.54 -12.61
CA ALA Q 58 -13.39 27.03 -13.87
C ALA Q 58 -14.05 25.94 -14.71
N LEU Q 59 -13.76 24.67 -14.45
CA LEU Q 59 -14.36 23.59 -15.20
C LEU Q 59 -15.72 23.17 -14.64
N ARG Q 60 -15.94 23.38 -13.33
CA ARG Q 60 -17.25 23.13 -12.76
C ARG Q 60 -18.26 24.17 -13.20
N ARG Q 61 -17.84 25.42 -13.32
CA ARG Q 61 -18.74 26.52 -13.65
C ARG Q 61 -19.05 26.62 -15.13
N LEU Q 62 -18.52 25.73 -15.95
CA LEU Q 62 -18.82 25.72 -17.36
C LEU Q 62 -20.25 25.22 -17.58
N PRO Q 63 -20.96 25.76 -18.58
CA PRO Q 63 -22.26 25.18 -18.93
C PRO Q 63 -22.09 23.78 -19.51
N GLU Q 64 -23.09 22.94 -19.27
CA GLU Q 64 -22.92 21.53 -19.56
C GLU Q 64 -23.10 21.18 -21.03
N ASP Q 65 -23.56 22.11 -21.86
CA ASP Q 65 -23.52 21.86 -23.30
C ASP Q 65 -22.11 22.03 -23.84
N GLU Q 66 -21.38 23.04 -23.34
CA GLU Q 66 -19.98 23.20 -23.71
C GLU Q 66 -19.08 22.19 -23.01
N SER Q 67 -19.53 21.61 -21.91
CA SER Q 67 -18.76 20.59 -21.22
C SER Q 67 -18.85 19.24 -21.90
N TYR Q 68 -19.97 18.92 -22.54
CA TYR Q 68 -20.09 17.67 -23.26
C TYR Q 68 -19.33 17.71 -24.57
N ALA Q 69 -19.28 18.87 -25.24
CA ALA Q 69 -18.60 18.96 -26.51
C ALA Q 69 -17.10 18.90 -26.36
N ARG Q 70 -16.57 19.42 -25.25
CA ARG Q 70 -15.14 19.40 -24.99
C ARG Q 70 -14.64 17.97 -24.71
N ALA Q 71 -15.46 17.14 -24.08
CA ALA Q 71 -15.06 15.76 -23.81
C ALA Q 71 -15.02 14.90 -25.06
N TYR Q 72 -15.74 15.26 -26.11
CA TYR Q 72 -15.67 14.52 -27.36
C TYR Q 72 -14.47 14.93 -28.21
N ARG Q 73 -14.09 16.22 -28.17
CA ARG Q 73 -12.92 16.67 -28.91
C ARG Q 73 -11.63 16.08 -28.36
N ILE Q 74 -11.58 15.83 -27.06
CA ILE Q 74 -10.38 15.27 -26.45
C ILE Q 74 -10.27 13.78 -26.77
N ILE Q 75 -11.41 13.08 -26.79
CA ILE Q 75 -11.42 11.65 -27.11
C ILE Q 75 -11.08 11.42 -28.57
N ARG Q 76 -11.59 12.29 -29.44
CA ARG Q 76 -11.27 12.22 -30.87
C ARG Q 76 -9.78 12.50 -31.13
N ALA Q 77 -9.14 13.32 -30.31
CA ALA Q 77 -7.73 13.63 -30.50
C ALA Q 77 -6.80 12.55 -29.97
N HIS Q 78 -7.27 11.69 -29.05
CA HIS Q 78 -6.44 10.57 -28.61
C HIS Q 78 -6.46 9.43 -29.62
N GLN Q 79 -7.62 9.17 -30.23
CA GLN Q 79 -7.73 8.12 -31.24
C GLN Q 79 -7.00 8.50 -32.52
N THR Q 80 -6.83 9.80 -32.77
CA THR Q 80 -6.16 10.23 -33.99
C THR Q 80 -4.66 9.95 -33.93
N GLU Q 81 -4.05 10.07 -32.76
CA GLU Q 81 -2.61 9.91 -32.66
C GLU Q 81 -2.17 8.45 -32.68
N LEU Q 82 -2.94 7.55 -32.08
CA LEU Q 82 -2.51 6.15 -32.06
C LEU Q 82 -2.63 5.50 -33.43
N THR Q 83 -3.34 6.10 -34.37
CA THR Q 83 -3.29 5.71 -35.76
C THR Q 83 -2.26 6.48 -36.57
N HIS Q 84 -1.64 7.50 -35.95
CA HIS Q 84 -0.58 8.32 -36.55
C HIS Q 84 -1.03 9.02 -37.82
N HIS Q 85 -2.28 9.47 -37.82
CA HIS Q 85 -2.86 10.17 -38.97
C HIS Q 85 -3.26 11.56 -38.54
N LEU Q 86 -3.78 12.33 -39.48
CA LEU Q 86 -4.49 13.56 -39.18
C LEU Q 86 -5.94 13.40 -39.60
N LEU Q 87 -6.77 14.33 -39.13
CA LEU Q 87 -8.17 14.32 -39.51
C LEU Q 87 -8.32 14.81 -40.94
N PRO Q 88 -9.45 14.51 -41.59
CA PRO Q 88 -9.76 15.15 -42.87
C PRO Q 88 -9.91 16.65 -42.72
N ARG Q 89 -9.66 17.36 -43.83
CA ARG Q 89 -9.71 18.81 -43.83
C ARG Q 89 -11.13 19.36 -43.70
N ASN Q 90 -12.15 18.52 -43.84
CA ASN Q 90 -13.52 18.94 -43.51
C ASN Q 90 -13.67 19.17 -42.02
N GLU Q 91 -12.92 18.44 -41.19
CA GLU Q 91 -13.11 18.46 -39.75
C GLU Q 91 -12.00 19.17 -39.00
N TRP Q 92 -11.28 20.07 -39.65
CA TRP Q 92 -10.34 20.90 -38.93
C TRP Q 92 -11.07 22.05 -38.28
N ILE Q 93 -10.47 22.60 -37.22
CA ILE Q 93 -11.02 23.77 -36.54
C ILE Q 93 -10.65 24.99 -37.37
N LYS Q 94 -11.66 25.75 -37.78
CA LYS Q 94 -11.42 26.98 -38.51
C LYS Q 94 -10.97 28.08 -37.56
N ALA Q 95 -10.56 29.20 -38.14
CA ALA Q 95 -10.00 30.27 -37.33
C ALA Q 95 -11.06 31.08 -36.57
N GLN Q 96 -12.32 30.97 -36.97
CA GLN Q 96 -13.39 31.67 -36.27
C GLN Q 96 -13.94 30.89 -35.08
N GLU Q 97 -13.67 29.59 -35.02
CA GLU Q 97 -14.18 28.74 -33.96
C GLU Q 97 -13.24 28.63 -32.76
N ASP Q 98 -11.99 29.04 -32.92
CA ASP Q 98 -11.03 29.01 -31.82
C ASP Q 98 -11.23 30.26 -30.98
N VAL Q 99 -12.25 30.23 -30.12
CA VAL Q 99 -12.56 31.35 -29.24
C VAL Q 99 -12.06 31.04 -27.83
N PRO Q 100 -11.68 32.04 -27.06
CA PRO Q 100 -11.42 31.82 -25.64
C PRO Q 100 -12.69 31.59 -24.84
N TYR Q 101 -13.23 30.37 -24.89
CA TYR Q 101 -14.45 30.05 -24.17
C TYR Q 101 -14.24 29.84 -22.68
N LEU Q 102 -13.00 29.68 -22.23
CA LEU Q 102 -12.70 29.41 -20.84
C LEU Q 102 -11.98 30.54 -20.15
N LEU Q 103 -11.54 31.55 -20.90
CA LEU Q 103 -10.89 32.70 -20.28
C LEU Q 103 -11.76 33.52 -19.33
N PRO Q 104 -13.06 33.79 -19.57
CA PRO Q 104 -13.82 34.53 -18.55
C PRO Q 104 -14.04 33.77 -17.26
N TYR Q 105 -14.15 32.45 -17.30
CA TYR Q 105 -14.28 31.69 -16.06
C TYR Q 105 -12.96 31.65 -15.30
N ILE Q 106 -11.84 31.76 -15.99
CA ILE Q 106 -10.53 31.69 -15.37
C ILE Q 106 -10.19 33.02 -14.70
N LEU Q 107 -10.47 34.14 -15.37
CA LEU Q 107 -10.01 35.44 -14.90
C LEU Q 107 -10.74 35.89 -13.65
N GLU Q 108 -11.98 35.44 -13.43
CA GLU Q 108 -12.69 35.80 -12.22
C GLU Q 108 -12.45 34.82 -11.09
N ALA Q 109 -11.97 33.62 -11.38
CA ALA Q 109 -11.52 32.72 -10.32
C ALA Q 109 -10.19 33.18 -9.74
N GLU Q 110 -9.41 33.91 -10.54
CA GLU Q 110 -8.12 34.42 -10.08
C GLU Q 110 -8.25 35.73 -9.33
N ALA Q 111 -9.21 36.57 -9.70
CA ALA Q 111 -9.38 37.84 -9.01
C ALA Q 111 -10.00 37.65 -7.63
N ALA Q 112 -10.76 36.57 -7.44
CA ALA Q 112 -11.31 36.26 -6.13
C ALA Q 112 -10.28 35.59 -5.24
N ALA Q 113 -9.33 34.86 -5.84
CA ALA Q 113 -8.27 34.24 -5.05
C ALA Q 113 -7.22 35.25 -4.63
N LYS Q 114 -7.01 36.29 -5.43
CA LYS Q 114 -6.09 37.34 -5.04
C LYS Q 114 -6.66 38.20 -3.93
N GLU Q 115 -7.96 38.52 -4.01
CA GLU Q 115 -8.60 39.36 -3.01
C GLU Q 115 -8.71 38.66 -1.67
N LYS Q 116 -8.95 37.35 -1.67
CA LYS Q 116 -9.01 36.59 -0.42
C LYS Q 116 -7.63 36.51 0.23
N ASP Q 117 -6.58 36.44 -0.57
CA ASP Q 117 -5.24 36.27 -0.02
C ASP Q 117 -4.64 37.57 0.48
N GLU Q 118 -5.04 38.71 -0.09
CA GLU Q 118 -4.56 39.99 0.40
C GLU Q 118 -5.43 40.56 1.52
N LEU Q 119 -6.49 39.85 1.92
CA LEU Q 119 -7.22 40.17 3.13
C LEU Q 119 -6.85 39.27 4.30
N ASP Q 120 -6.07 38.22 4.06
CA ASP Q 120 -5.52 37.42 5.15
C ASP Q 120 -4.18 37.96 5.63
N ASN Q 121 -3.54 38.82 4.84
CA ASN Q 121 -2.26 39.43 5.18
C ASN Q 121 -2.54 40.93 5.23
N ILE Q 122 -2.84 41.43 6.43
CA ILE Q 122 -3.35 42.76 6.66
C ILE Q 122 -2.55 43.41 7.78
N GLU Q 123 -2.28 44.70 7.65
CA GLU Q 123 -1.60 45.50 8.65
C GLU Q 123 -2.41 46.75 8.99
N VAL Q 124 -3.70 46.60 9.28
CA VAL Q 124 -4.48 47.75 9.75
C VAL Q 124 -4.14 47.94 11.23
N SER Q 125 -3.78 49.17 11.57
CA SER Q 125 -3.58 49.61 12.94
C SER Q 125 -4.78 50.47 13.35
N LYS Q 126 -4.67 51.10 14.51
CA LYS Q 126 -5.67 52.06 14.97
C LYS Q 126 -5.75 53.29 14.05
N SER R 1 -7.66 -26.75 -38.68
CA SER R 1 -9.12 -26.80 -38.60
C SER R 1 -9.58 -27.80 -37.54
N SER R 2 -9.83 -29.03 -37.97
CA SER R 2 -10.24 -30.14 -37.10
C SER R 2 -9.04 -30.91 -36.57
N LEU R 3 -8.11 -30.16 -36.00
CA LEU R 3 -6.86 -30.70 -35.48
C LEU R 3 -6.47 -30.06 -34.15
N TYR R 4 -7.40 -29.43 -33.46
CA TYR R 4 -7.00 -28.40 -32.49
C TYR R 4 -6.62 -29.01 -31.15
N LYS R 5 -7.29 -30.10 -30.73
CA LYS R 5 -6.82 -30.84 -29.56
C LYS R 5 -5.65 -31.74 -29.91
N THR R 6 -5.40 -31.95 -31.20
CA THR R 6 -4.15 -32.55 -31.63
C THR R 6 -3.04 -31.51 -31.66
N PHE R 7 -3.38 -30.21 -31.69
CA PHE R 7 -2.38 -29.17 -31.84
C PHE R 7 -2.24 -28.29 -30.59
N PHE R 8 -3.21 -27.42 -30.29
CA PHE R 8 -2.97 -26.39 -29.27
C PHE R 8 -4.23 -25.98 -28.49
N LYS R 9 -5.23 -26.86 -28.37
CA LYS R 9 -6.47 -26.58 -27.64
C LYS R 9 -6.28 -26.63 -26.13
N ARG R 10 -5.68 -27.77 -25.74
CA ARG R 10 -5.61 -28.11 -24.30
C ARG R 10 -4.61 -27.22 -23.58
N ASN R 11 -4.96 -26.83 -22.36
CA ASN R 11 -4.02 -26.06 -21.53
C ASN R 11 -2.75 -26.92 -21.37
N ALA R 12 -2.87 -28.21 -21.03
CA ALA R 12 -1.79 -29.15 -20.84
C ALA R 12 -1.24 -29.70 -22.17
N VAL R 13 -1.77 -29.29 -23.32
CA VAL R 13 -1.12 -29.50 -24.59
C VAL R 13 -0.62 -28.20 -25.21
N PHE R 14 -1.09 -27.04 -24.72
CA PHE R 14 -0.47 -25.79 -25.13
C PHE R 14 0.91 -25.64 -24.50
N VAL R 15 1.04 -26.06 -23.23
CA VAL R 15 2.35 -26.07 -22.59
C VAL R 15 2.96 -27.47 -22.58
N GLY R 16 2.17 -28.50 -22.89
CA GLY R 16 2.66 -29.85 -23.01
C GLY R 16 3.11 -30.24 -24.40
N THR R 17 3.19 -29.31 -25.32
CA THR R 17 3.84 -29.51 -26.60
C THR R 17 5.00 -28.55 -26.78
N ILE R 18 4.86 -27.30 -26.33
CA ILE R 18 5.96 -26.35 -26.40
C ILE R 18 7.04 -26.64 -25.37
N PHE R 19 6.76 -27.49 -24.38
CA PHE R 19 7.81 -28.09 -23.56
C PHE R 19 8.32 -29.40 -24.14
N ALA R 20 7.50 -30.10 -24.92
CA ALA R 20 7.93 -31.32 -25.58
C ALA R 20 8.91 -31.02 -26.71
N GLY R 21 8.56 -30.08 -27.58
CA GLY R 21 9.43 -29.67 -28.66
C GLY R 21 10.68 -28.94 -28.21
N ALA R 22 10.70 -28.42 -26.98
CA ALA R 22 11.81 -27.65 -26.46
C ALA R 22 13.08 -28.46 -26.26
N PHE R 23 13.02 -29.79 -26.28
CA PHE R 23 14.22 -30.61 -26.30
C PHE R 23 14.51 -31.23 -27.66
N VAL R 24 13.48 -31.57 -28.43
CA VAL R 24 13.68 -32.08 -29.79
C VAL R 24 14.30 -31.01 -30.67
N PHE R 25 13.82 -29.76 -30.54
CA PHE R 25 14.45 -28.63 -31.23
C PHE R 25 15.82 -28.32 -30.65
N GLN R 26 16.06 -28.67 -29.37
CA GLN R 26 17.31 -28.28 -28.73
C GLN R 26 18.52 -29.03 -29.28
N THR R 27 18.33 -30.27 -29.73
CA THR R 27 19.45 -31.07 -30.20
C THR R 27 19.62 -31.10 -31.71
N VAL R 28 18.55 -30.85 -32.47
CA VAL R 28 18.68 -30.86 -33.92
C VAL R 28 19.08 -29.49 -34.46
N PHE R 29 18.73 -28.42 -33.75
CA PHE R 29 19.25 -27.10 -34.09
C PHE R 29 20.70 -26.96 -33.68
N ASP R 30 21.12 -27.65 -32.63
CA ASP R 30 22.51 -27.60 -32.20
C ASP R 30 23.42 -28.38 -33.16
N THR R 31 22.93 -29.48 -33.73
CA THR R 31 23.73 -30.28 -34.62
C THR R 31 23.90 -29.62 -35.99
N ALA R 32 22.83 -29.03 -36.51
CA ALA R 32 22.88 -28.47 -37.86
C ALA R 32 23.67 -27.16 -37.90
N ILE R 33 23.72 -26.43 -36.78
CA ILE R 33 24.52 -25.21 -36.73
C ILE R 33 26.00 -25.56 -36.68
N THR R 34 26.37 -26.57 -35.90
CA THR R 34 27.75 -27.01 -35.80
C THR R 34 28.25 -27.63 -37.11
N SER R 35 27.35 -28.27 -37.87
CA SER R 35 27.75 -28.84 -39.15
C SER R 35 28.02 -27.77 -40.19
N TRP R 36 27.30 -26.66 -40.15
CA TRP R 36 27.51 -25.58 -41.12
C TRP R 36 28.79 -24.81 -40.83
N TYR R 37 29.14 -24.67 -39.56
CA TYR R 37 30.29 -23.85 -39.17
C TYR R 37 31.61 -24.50 -39.56
N GLU R 38 31.67 -25.83 -39.53
CA GLU R 38 32.89 -26.56 -39.77
C GLU R 38 33.07 -26.97 -41.22
N ASN R 39 32.20 -26.50 -42.10
CA ASN R 39 32.42 -26.57 -43.54
C ASN R 39 32.66 -25.21 -44.18
N HIS R 40 32.17 -24.14 -43.56
CA HIS R 40 32.54 -22.80 -43.99
C HIS R 40 34.00 -22.51 -43.68
N ASN R 41 34.54 -23.14 -42.63
CA ASN R 41 35.94 -22.98 -42.22
C ASN R 41 36.72 -24.26 -42.41
N LYS R 42 36.49 -24.96 -43.52
CA LYS R 42 37.15 -26.23 -43.77
C LYS R 42 38.59 -25.99 -44.21
N GLY R 43 39.51 -26.73 -43.60
CA GLY R 43 40.93 -26.62 -43.90
C GLY R 43 41.75 -25.90 -42.86
N LYS R 44 41.11 -25.24 -41.89
CA LYS R 44 41.81 -24.46 -40.88
C LYS R 44 41.69 -25.05 -39.48
N LEU R 45 40.81 -26.01 -39.27
CA LEU R 45 40.61 -26.57 -37.95
C LEU R 45 41.79 -27.49 -37.58
N TRP R 46 41.84 -27.91 -36.32
CA TRP R 46 42.90 -28.81 -35.90
C TRP R 46 42.73 -30.21 -36.47
N LYS R 47 41.49 -30.60 -36.79
CA LYS R 47 41.22 -31.89 -37.39
C LYS R 47 41.85 -32.00 -38.78
N ASP R 48 41.99 -30.89 -39.49
CA ASP R 48 42.57 -30.90 -40.82
C ASP R 48 44.09 -30.77 -40.80
N VAL R 49 44.65 -30.10 -39.80
CA VAL R 49 46.10 -29.94 -39.71
C VAL R 49 46.75 -31.21 -39.18
N LYS R 50 46.08 -31.91 -38.26
CA LYS R 50 46.62 -33.15 -37.70
C LYS R 50 46.64 -34.27 -38.73
N ALA R 51 45.72 -34.25 -39.70
CA ALA R 51 45.75 -35.21 -40.79
C ALA R 51 46.78 -34.86 -41.85
N ARG R 52 47.36 -33.66 -41.80
CA ARG R 52 48.41 -33.26 -42.72
C ARG R 52 49.81 -33.59 -42.19
N ILE R 53 49.95 -33.78 -40.88
CA ILE R 53 51.23 -34.14 -40.29
C ILE R 53 51.32 -35.66 -40.05
N ALA R 54 50.51 -36.44 -40.75
CA ALA R 54 50.52 -37.89 -40.62
C ALA R 54 51.76 -38.49 -41.29
N LYS S 1 -25.89 -41.56 -0.36
CA LYS S 1 -24.76 -41.58 -1.29
C LYS S 1 -24.93 -40.51 -2.37
N THR S 2 -24.33 -39.33 -2.15
CA THR S 2 -24.52 -38.21 -3.07
C THR S 2 -23.24 -37.54 -3.56
N GLY S 3 -22.05 -38.13 -3.40
CA GLY S 3 -20.89 -37.32 -3.73
C GLY S 3 -20.07 -36.72 -2.61
N LEU S 4 -19.31 -37.61 -1.86
CA LEU S 4 -18.36 -37.33 -0.78
C LEU S 4 -17.47 -36.11 -1.04
N HIS S 5 -17.49 -35.09 -0.16
CA HIS S 5 -16.73 -33.86 -0.32
C HIS S 5 -15.59 -33.70 0.69
N PHE S 6 -15.90 -33.68 1.99
CA PHE S 6 -15.05 -33.13 3.05
C PHE S 6 -14.47 -31.77 2.64
N GLY S 7 -15.38 -30.81 2.43
CA GLY S 7 -15.01 -29.52 1.91
C GLY S 7 -15.84 -29.15 0.69
N ARG S 8 -15.17 -28.90 -0.44
CA ARG S 8 -15.89 -28.63 -1.69
C ARG S 8 -15.45 -29.46 -2.89
N LEU S 9 -14.22 -29.96 -2.92
CA LEU S 9 -13.74 -30.74 -4.06
C LEU S 9 -14.32 -32.15 -3.94
N SER S 10 -15.34 -32.44 -4.73
CA SER S 10 -16.13 -33.66 -4.62
C SER S 10 -15.99 -34.50 -5.90
N LEU S 11 -16.84 -35.52 -6.01
CA LEU S 11 -16.87 -36.37 -7.19
C LEU S 11 -17.36 -35.65 -8.44
N ARG S 12 -18.09 -34.54 -8.27
CA ARG S 12 -18.67 -33.82 -9.40
C ARG S 12 -17.65 -32.97 -10.15
N SER S 13 -16.41 -32.87 -9.66
CA SER S 13 -15.34 -32.21 -10.41
C SER S 13 -14.05 -33.01 -10.47
N LEU S 14 -13.89 -34.05 -9.65
CA LEU S 14 -12.75 -34.94 -9.79
C LEU S 14 -12.99 -35.97 -10.89
N THR S 15 -14.25 -36.12 -11.33
CA THR S 15 -14.54 -36.86 -12.56
C THR S 15 -13.89 -36.21 -13.76
N ALA S 16 -13.81 -34.88 -13.77
CA ALA S 16 -13.07 -34.14 -14.78
C ALA S 16 -11.62 -33.87 -14.40
N TYR S 17 -11.23 -34.14 -13.15
CA TYR S 17 -9.85 -33.97 -12.73
C TYR S 17 -9.04 -35.25 -12.78
N ALA S 18 -9.70 -36.42 -12.84
CA ALA S 18 -8.95 -37.66 -12.97
C ALA S 18 -8.20 -37.83 -14.30
N PRO S 19 -8.69 -37.38 -15.45
CA PRO S 19 -7.77 -37.24 -16.61
C PRO S 19 -7.17 -35.86 -16.81
N ASN S 20 -7.26 -34.97 -15.82
CA ASN S 20 -6.70 -33.63 -15.98
C ASN S 20 -5.18 -33.65 -15.81
N LEU S 21 -4.66 -34.46 -14.87
CA LEU S 21 -3.22 -34.61 -14.69
C LEU S 21 -2.66 -35.78 -15.53
N MET S 22 -3.41 -36.17 -16.58
CA MET S 22 -2.84 -36.97 -17.66
C MET S 22 -1.65 -36.24 -18.30
N LEU S 23 -1.75 -34.93 -18.45
CA LEU S 23 -0.67 -34.12 -18.97
C LEU S 23 -0.36 -32.91 -18.09
N TRP S 24 -0.90 -32.95 -16.85
CA TRP S 24 -0.65 -31.86 -15.86
C TRP S 24 0.62 -32.29 -15.14
N GLY S 25 0.85 -33.59 -15.20
CA GLY S 25 2.11 -34.11 -14.67
C GLY S 25 2.83 -34.52 -15.92
N GLY S 26 2.10 -35.15 -16.85
CA GLY S 26 2.76 -35.37 -18.11
C GLY S 26 3.64 -34.19 -18.46
N ALA S 27 3.35 -32.87 -18.10
CA ALA S 27 3.97 -31.58 -18.41
C ALA S 27 4.73 -30.96 -17.24
N SER S 28 4.63 -31.64 -16.17
CA SER S 28 5.59 -31.29 -15.13
C SER S 28 6.75 -32.28 -15.07
N MET S 29 6.51 -33.53 -15.47
CA MET S 29 7.61 -34.38 -15.93
C MET S 29 8.28 -33.76 -17.15
N LEU S 30 7.49 -33.17 -18.06
CA LEU S 30 8.05 -32.59 -19.26
C LEU S 30 8.59 -31.18 -19.01
N GLY S 31 8.08 -30.50 -17.98
CA GLY S 31 8.62 -29.20 -17.63
C GLY S 31 10.00 -29.25 -17.02
N LEU S 32 10.27 -30.29 -16.22
CA LEU S 32 11.64 -30.55 -15.81
C LEU S 32 12.44 -31.19 -16.93
N PHE S 33 11.78 -31.92 -17.85
CA PHE S 33 12.46 -32.46 -19.02
C PHE S 33 12.96 -31.36 -19.94
N VAL S 34 12.40 -30.14 -19.78
CA VAL S 34 13.04 -29.00 -20.43
C VAL S 34 14.35 -28.78 -19.69
N PHE S 35 14.15 -28.31 -18.36
CA PHE S 35 15.22 -27.64 -17.63
C PHE S 35 16.30 -28.58 -17.07
N THR S 36 16.33 -29.86 -17.52
CA THR S 36 17.29 -30.83 -16.99
C THR S 36 17.99 -31.59 -18.12
N GLU S 37 18.38 -30.89 -19.19
CA GLU S 37 19.05 -31.56 -20.31
C GLU S 37 20.25 -30.72 -20.74
N GLY S 38 21.43 -31.12 -20.27
CA GLY S 38 22.65 -30.38 -20.48
C GLY S 38 23.48 -30.34 -19.22
N TRP S 39 22.81 -30.30 -18.07
CA TRP S 39 23.44 -30.68 -16.82
C TRP S 39 22.83 -32.01 -16.36
N PRO S 40 23.65 -32.93 -15.82
CA PRO S 40 23.34 -34.38 -15.91
C PRO S 40 22.12 -34.80 -15.12
N LYS S 41 21.13 -35.32 -15.83
CA LYS S 41 19.86 -35.79 -15.26
C LYS S 41 19.26 -36.78 -16.25
N PHE S 42 19.21 -38.05 -15.87
CA PHE S 42 18.64 -39.07 -16.73
C PHE S 42 17.45 -39.72 -16.05
N GLN S 43 16.60 -40.34 -16.87
CA GLN S 43 15.29 -40.82 -16.44
C GLN S 43 15.32 -42.33 -16.24
N ASP S 44 14.18 -42.85 -15.78
CA ASP S 44 13.98 -44.30 -15.67
C ASP S 44 12.56 -44.68 -16.05
N THR T 2 -4.75 46.71 3.01
CA THR T 2 -3.42 47.13 3.46
C THR T 2 -2.41 46.09 2.98
N GLY T 3 -1.28 46.56 2.44
CA GLY T 3 -0.32 45.72 1.75
C GLY T 3 0.65 45.05 2.71
N LEU T 4 1.02 43.82 2.36
CA LEU T 4 2.05 43.07 3.07
C LEU T 4 2.59 42.01 2.13
N HIS T 5 3.90 41.93 2.02
CA HIS T 5 4.55 41.02 1.08
C HIS T 5 4.46 39.60 1.61
N PHE T 6 3.70 38.75 0.92
CA PHE T 6 3.53 37.38 1.37
C PHE T 6 4.37 36.41 0.56
N GLY T 7 4.21 35.13 0.85
CA GLY T 7 4.87 34.08 0.11
C GLY T 7 6.06 33.47 0.83
N ARG T 8 5.94 32.19 1.26
CA ARG T 8 7.01 31.43 2.01
C ARG T 8 7.56 32.20 3.22
N LEU T 9 6.99 32.01 4.41
CA LEU T 9 7.37 32.75 5.64
C LEU T 9 7.12 34.24 5.44
N SER T 10 5.89 34.63 5.13
CA SER T 10 5.55 36.03 4.95
C SER T 10 5.99 36.91 6.12
N LEU T 11 5.93 38.24 5.88
CA LEU T 11 6.51 39.28 6.73
C LEU T 11 5.79 39.46 8.07
N ARG T 12 4.84 38.61 8.44
CA ARG T 12 4.12 38.82 9.68
C ARG T 12 4.23 37.60 10.57
N SER T 13 4.36 36.42 9.95
CA SER T 13 4.74 35.21 10.67
C SER T 13 6.26 35.11 10.84
N LEU T 14 7.03 35.85 10.05
CA LEU T 14 8.46 35.99 10.24
C LEU T 14 8.79 37.05 11.29
N THR T 15 7.81 37.85 11.69
CA THR T 15 7.97 38.72 12.86
C THR T 15 8.19 37.91 14.12
N ALA T 16 7.53 36.75 14.21
CA ALA T 16 7.77 35.79 15.28
C ALA T 16 8.65 34.63 14.84
N TYR T 17 9.23 34.70 13.65
CA TYR T 17 10.19 33.69 13.22
C TYR T 17 11.52 34.32 12.83
N ALA T 18 11.78 35.58 13.27
CA ALA T 18 13.07 36.20 12.99
C ALA T 18 14.17 35.76 13.96
N PRO T 19 13.98 35.76 15.35
CA PRO T 19 14.99 35.07 16.16
C PRO T 19 14.64 33.59 16.36
N ASN T 20 14.10 32.98 15.32
CA ASN T 20 13.65 31.60 15.32
C ASN T 20 14.04 30.82 14.07
N LEU T 21 14.35 31.52 12.98
CA LEU T 21 14.66 30.78 11.74
C LEU T 21 16.15 30.49 11.81
N MET T 22 16.87 31.43 12.41
CA MET T 22 18.33 31.27 12.61
C MET T 22 18.52 30.39 13.83
N LEU T 23 17.92 30.76 14.97
CA LEU T 23 18.17 30.04 16.25
C LEU T 23 17.83 28.56 16.05
N TRP T 24 17.01 28.25 15.06
CA TRP T 24 16.69 26.87 14.72
C TRP T 24 17.74 26.25 13.83
N GLY T 25 18.46 27.06 13.05
CA GLY T 25 19.69 26.61 12.45
C GLY T 25 20.78 26.70 13.49
N GLY T 26 20.58 27.60 14.47
CA GLY T 26 21.47 27.66 15.62
C GLY T 26 21.27 26.49 16.55
N ALA T 27 20.03 25.98 16.65
CA ALA T 27 19.81 24.68 17.27
C ALA T 27 20.42 23.56 16.44
N SER T 28 20.54 23.76 15.12
CA SER T 28 21.22 22.84 14.23
C SER T 28 22.72 23.08 14.18
N MET T 29 23.20 24.23 14.67
CA MET T 29 24.64 24.41 14.87
C MET T 29 25.15 23.45 15.94
N LEU T 30 24.57 23.51 17.14
CA LEU T 30 25.01 22.63 18.22
C LEU T 30 24.58 21.18 17.99
N GLY T 31 23.70 20.92 17.02
CA GLY T 31 23.47 19.59 16.51
C GLY T 31 24.49 19.11 15.50
N LEU T 32 25.40 19.99 15.07
CA LEU T 32 26.59 19.59 14.33
C LEU T 32 27.88 19.95 15.05
N PHE T 33 27.81 20.66 16.18
CA PHE T 33 28.97 20.74 17.07
C PHE T 33 29.18 19.49 17.88
N VAL T 34 28.24 18.54 17.86
CA VAL T 34 28.47 17.25 18.48
C VAL T 34 29.48 16.44 17.65
N PHE T 35 29.31 16.37 16.33
CA PHE T 35 30.23 15.62 15.48
C PHE T 35 31.43 16.49 15.06
N THR T 36 31.77 17.48 15.88
CA THR T 36 32.98 18.25 15.69
C THR T 36 34.04 17.71 16.64
N GLU T 37 34.30 16.39 16.51
CA GLU T 37 35.16 15.66 17.44
C GLU T 37 35.55 14.33 16.78
N GLY T 38 36.70 13.79 17.20
CA GLY T 38 37.12 12.42 16.83
C GLY T 38 37.63 12.28 15.42
N TRP T 39 36.82 12.68 14.44
CA TRP T 39 37.32 13.04 13.13
C TRP T 39 38.38 14.13 13.30
N PRO T 40 39.64 13.85 12.98
CA PRO T 40 40.75 14.66 13.51
C PRO T 40 40.93 16.04 12.90
N LYS T 41 40.02 16.48 12.03
CA LYS T 41 40.12 17.80 11.42
C LYS T 41 39.04 18.76 11.86
N PHE T 42 37.85 18.25 12.24
CA PHE T 42 36.66 19.07 12.43
C PHE T 42 36.80 20.10 13.55
N GLN T 43 37.64 19.86 14.58
CA GLN T 43 37.43 20.56 15.84
C GLN T 43 37.99 21.98 15.84
N ASP T 44 39.27 22.17 15.90
CA ASP T 44 39.98 23.45 15.55
C ASP T 44 39.46 24.74 16.20
N THR T 45 38.57 24.51 17.36
CA THR T 45 38.11 25.57 18.25
C THR T 45 37.47 25.05 19.53
N LEU T 46 37.20 23.76 19.65
CA LEU T 46 36.20 23.23 20.57
C LEU T 46 36.74 23.01 21.98
N TYR T 47 37.99 22.58 22.14
CA TYR T 47 38.57 22.34 23.46
C TYR T 47 39.20 23.60 24.04
N LYS T 48 38.77 24.78 23.58
CA LYS T 48 39.21 26.06 24.13
C LYS T 48 38.27 26.48 25.26
N LYS T 49 38.27 25.64 26.30
CA LYS T 49 37.55 25.87 27.55
C LYS T 49 38.45 25.37 28.67
N ILE T 50 38.34 25.98 29.85
CA ILE T 50 39.26 25.64 30.94
C ILE T 50 38.95 24.36 31.73
N PRO T 51 37.72 24.04 32.20
CA PRO T 51 37.64 23.10 33.34
C PRO T 51 37.81 21.63 32.99
N LEU T 52 37.55 21.24 31.74
CA LEU T 52 37.75 19.86 31.30
C LEU T 52 39.24 19.50 31.20
C1 UQ6 U . 8.20 -1.87 14.31
C1M UQ6 U . 9.54 -1.79 15.05
C2 UQ6 U . 7.05 -2.14 15.04
O2 UQ6 U . 7.15 -2.35 16.41
C3 UQ6 U . 5.81 -2.21 14.39
C4 UQ6 U . 5.75 -1.98 13.03
C5 UQ6 U . 6.91 -1.71 12.30
O5 UQ6 U . 6.84 -1.49 10.92
C6 UQ6 U . 8.14 -1.66 12.94
O3 UQ6 U . 4.61 -2.48 15.11
C3M UQ6 U . 4.35 -3.80 15.55
O4 UQ6 U . 4.51 -2.04 12.37
C4M UQ6 U . 4.19 -3.31 11.86
C7 UQ6 U . 9.41 -1.33 12.09
C8 UQ6 U . 10.27 -2.57 11.70
C9 UQ6 U . 11.22 -2.47 10.76
C10 UQ6 U . 11.46 -1.13 10.02
C11 UQ6 U . 12.09 -3.72 10.38
C12 UQ6 U . 12.50 -3.63 8.90
C13 UQ6 U . 14.08 -3.53 8.80
C14 UQ6 U . 14.70 -3.58 7.60
C15 UQ6 U . 13.88 -3.72 6.30
C16 UQ6 U . 16.26 -3.47 7.50
C17 UQ6 U . 16.62 -2.46 6.39
C18 UQ6 U . 18.11 -2.66 5.97
C19 UQ6 U . 19.06 -1.79 6.35
C20 UQ6 U . 18.72 -0.59 7.23
C21 UQ6 U . 20.53 -2.03 5.92
C22 UQ6 U . 21.05 -0.88 5.01
C23 UQ6 U . 22.01 0.02 5.84
C24 UQ6 U . 22.91 0.80 5.25
C25 UQ6 U . 23.02 0.85 3.72
C26 UQ6 U . 23.83 1.70 6.11
C27 UQ6 U . 25.18 1.02 6.43
C28 UQ6 U . 26.24 1.41 5.37
C29 UQ6 U . 27.06 2.47 5.50
C30 UQ6 U . 27.01 3.40 6.71
C31 UQ6 U . 28.08 2.76 4.37
C32 UQ6 U . 29.42 3.18 4.98
C33 UQ6 U . 30.28 3.82 3.88
C34 UQ6 U . 30.63 5.09 3.95
C35 UQ6 U . 31.49 5.68 2.81
C36 UQ6 U . 30.20 5.98 5.12
P 8PE V . 1.93 -15.14 32.20
N 8PE V . -1.00 -17.15 30.35
O11 8PE V . 2.89 -16.18 31.44
O12 8PE V . 2.40 -13.77 31.83
O13 8PE V . 0.49 -15.44 31.56
O14 8PE V . 1.82 -15.48 33.66
C11 8PE V . -0.55 -15.98 32.40
C12 8PE V . -1.01 -17.26 31.79
C1 8PE V . 2.42 -16.95 30.31
C2 8PE V . 3.58 -17.28 29.41
C3 8PE V . 3.40 -16.82 28.00
O31 8PE V . 4.66 -16.68 27.33
O32 8PE V . 4.91 -18.87 27.28
C31 8PE V . 5.23 -17.79 26.91
C32 8PE V . 6.38 -17.57 26.02
C33 8PE V . 7.61 -18.15 26.61
C34 8PE V . 8.52 -18.75 25.57
C35 8PE V . 9.26 -19.96 26.05
C36 8PE V . 10.33 -19.67 27.03
C37 8PE V . 11.70 -19.98 26.52
C38 8PE V . 11.86 -19.77 25.05
C39 8PE V . 12.92 -20.62 24.41
C3A 8PE V . 12.53 -22.06 24.25
C3B 8PE V . 12.40 -22.50 22.84
C3C 8PE V . 11.27 -23.43 22.61
C3D 8PE V . 11.02 -23.70 21.17
C3E 8PE V . 12.06 -23.07 20.31
C3F 8PE V . 11.51 -22.39 19.11
C3G 8PE V . 10.86 -23.31 18.14
C3H 8PE V . 11.84 -24.05 17.29
C3I 8PE V . 11.36 -25.42 16.94
O21 8PE V . 4.72 -16.57 29.93
O22 8PE V . 6.82 -17.24 29.86
C21 8PE V . 5.76 -17.27 30.41
C22 8PE V . 5.49 -18.04 31.65
C23 8PE V . 6.45 -17.70 32.74
C24 8PE V . 7.58 -18.70 32.83
C25 8PE V . 8.87 -18.21 32.27
C26 8PE V . 9.14 -18.70 30.88
C27 8PE V . 10.54 -19.17 30.67
C28 8PE V . 10.94 -20.31 31.55
C29 8PE V . 12.43 -20.47 31.72
C2A 8PE V . 12.96 -21.78 31.23
C2B 8PE V . 12.88 -21.97 29.74
C2C 8PE V . 14.11 -22.58 29.14
C2D 8PE V . 14.99 -21.60 28.44
C2E 8PE V . 16.46 -21.87 28.58
P 9PE W . 4.14 16.59 -1.32
N 9PE W . 2.41 12.57 -3.10
O11 9PE W . 5.60 15.89 -1.62
O12 9PE W . 4.25 17.49 -0.11
O13 9PE W . 3.02 15.43 -1.06
O14 9PE W . 3.73 17.41 -2.52
C11 9PE W . 2.45 14.81 -2.18
C12 9PE W . 2.20 13.33 -1.88
C1 9PE W . 6.74 16.36 -0.94
C2 9PE W . 7.79 15.24 -1.01
C3 9PE W . 9.19 15.80 -1.26
O31 9PE W . 10.08 14.72 -1.35
O32 9PE W . 11.28 15.85 -2.86
C31 9PE W . 11.11 14.83 -2.26
C32 9PE W . 12.02 13.63 -2.49
C33 9PE W . 12.09 12.84 -1.19
C34 9PE W . 13.44 12.11 -1.14
C35 9PE W . 13.31 10.83 -0.30
C36 9PE W . 14.72 10.35 0.06
C37 9PE W . 14.65 9.27 1.13
O21 9PE W . 7.72 14.42 0.14
O22 9PE W . 8.27 15.74 1.89
C21 9PE W . 8.44 14.74 1.29
C22 9PE W . 9.47 13.73 1.80
C23 9PE W . 9.14 13.35 3.23
C24 9PE W . 10.39 12.80 3.89
C25 9PE W . 10.80 11.51 3.21
C26 9PE W . 11.30 10.53 4.27
C27 9PE W . 10.59 9.21 4.09
C28 9PE W . 10.79 8.32 5.31
C29 9PE W . 10.15 6.98 5.04
C2A 9PE W . 10.92 6.28 3.92
C2B 9PE W . 9.93 5.67 2.91
C2C 9PE W . 9.07 4.62 3.60
C2D 9PE W . 9.79 3.28 3.60
C2E 9PE W . 10.21 2.87 2.19
C2F 9PE W . 11.35 1.86 2.27
C2G 9PE W . 11.44 1.07 0.97
C2H 9PE W . 10.92 -0.33 1.24
C2I 9PE W . 11.12 -1.19 -0.02
CHA HEM X . 31.17 -13.89 9.75
CHB HEM X . 26.45 -14.35 10.80
CHC HEM X . 25.42 -10.50 8.06
CHD HEM X . 30.07 -10.29 6.78
C1A HEM X . 29.99 -14.28 10.34
C2A HEM X . 29.84 -15.23 11.43
C3A HEM X . 28.55 -15.35 11.70
C4A HEM X . 27.81 -14.49 10.82
CMA HEM X . 27.96 -16.25 12.80
CAA HEM X . 30.96 -15.98 12.17
CBA HEM X . 31.67 -15.00 13.09
CGA HEM X . 32.54 -15.74 14.05
O1A HEM X . 33.63 -15.22 14.38
O2A HEM X . 32.14 -16.84 14.49
C1B HEM X . 25.76 -13.33 10.18
C2B HEM X . 24.33 -13.10 10.27
C3B HEM X . 24.04 -12.02 9.50
C4B HEM X . 25.29 -11.57 8.92
CMB HEM X . 23.40 -13.98 11.13
CAB HEM X . 22.73 -11.26 9.19
CBB HEM X . 21.48 -11.67 9.42
C1C HEM X . 26.57 -10.18 7.38
C2C HEM X . 26.70 -9.36 6.19
C3C HEM X . 27.99 -9.33 5.84
C4C HEM X . 28.71 -10.09 6.81
CMC HEM X . 25.49 -8.68 5.49
CAC HEM X . 28.74 -8.62 4.69
CBC HEM X . 28.47 -7.39 4.26
C1D HEM X . 30.77 -11.18 7.52
C2D HEM X . 32.21 -11.27 7.53
C3D HEM X . 32.58 -12.25 8.33
C4D HEM X . 31.36 -12.85 8.88
CMD HEM X . 33.14 -10.35 6.72
CAD HEM X . 34.10 -12.53 8.50
CBD HEM X . 34.60 -13.44 9.60
CGD HEM X . 34.43 -12.79 10.94
O1D HEM X . 34.27 -11.56 10.98
O2D HEM X . 34.47 -13.51 11.96
NA HEM X . 28.72 -13.86 9.99
NB HEM X . 26.31 -12.39 9.34
NC HEM X . 27.83 -10.61 7.73
ND HEM X . 30.29 -12.16 8.34
FE HEM X . 28.31 -12.18 8.94
P CN5 Y . 5.53 -1.51 4.02
O11 CN5 Y . 5.90 -2.67 5.06
O12 CN5 Y . 4.54 -0.66 4.75
O13 CN5 Y . 4.77 -2.22 2.80
O14 CN5 Y . 6.80 -0.91 3.48
C1 CN5 Y . 6.20 -2.30 6.44
C2 CN5 Y . 7.35 -1.33 6.46
C3 CN5 Y . 6.94 0.10 6.65
O31 CN5 Y . 7.49 0.57 7.89
O32 CN5 Y . 7.33 2.73 7.45
C31 CN5 Y . 7.94 1.81 7.91
C32 CN5 Y . 9.32 1.89 8.50
C33 CN5 Y . 9.38 1.51 9.95
C34 CN5 Y . 9.91 2.62 10.83
C35 CN5 Y . 11.08 2.23 11.71
C36 CN5 Y . 10.72 1.94 13.14
C37 CN5 Y . 11.15 3.01 14.12
C38 CN5 Y . 10.70 2.78 15.54
C39 CN5 Y . 11.67 1.95 16.36
C3A CN5 Y . 11.12 1.55 17.71
C3B CN5 Y . 12.18 1.38 18.77
C3C CN5 Y . 12.13 2.41 19.88
C3D CN5 Y . 11.41 3.67 19.50
C3E CN5 Y . 12.22 4.72 18.78
C3F CN5 Y . 13.69 4.72 19.17
P' CN5 Y . 4.47 -1.11 -2.51
O1' CN5 Y . 5.05 -1.78 -3.87
O2' CN5 Y . 5.00 0.28 -2.43
O3' CN5 Y . 5.20 -1.98 -1.37
O4' CN5 Y . 3.00 -1.33 -2.41
C1' CN5 Y . 5.18 -0.98 -5.07
C2' CN5 Y . 6.07 -1.71 -6.04
C3' CN5 Y . 5.33 -2.54 -7.05
O41 CN5 Y . 6.10 -3.73 -7.32
O42 CN5 Y . 4.59 -5.32 -7.69
C41 CN5 Y . 5.52 -4.67 -8.07
C42 CN5 Y . 6.20 -4.83 -9.38
CA CN5 Y . 5.24 -1.50 0.00
CB CN5 Y . 3.84 -1.58 0.59
OA CN5 Y . 2.99 -0.59 0.01
CC CN5 Y . 3.77 -1.46 2.10
C10 86T Z . 23.64 -28.60 12.25
C15 86T Z . 28.36 -27.49 12.23
C17 86T Z . 30.20 -26.49 13.42
C20 86T Z . 28.90 -28.75 12.47
C21 86T Z . 28.23 -29.99 11.95
CL08 86T Z . 20.08 -25.77 5.72
C01 86T Z . 22.31 -26.21 7.14
C02 86T Z . 20.95 -26.34 7.12
C03 86T Z . 20.25 -26.90 8.17
C04 86T Z . 20.95 -27.36 9.27
C05 86T Z . 22.33 -27.23 9.29
C06 86T Z . 23.01 -26.66 8.23
N07 86T Z . 23.08 -27.67 10.41
N09 86T Z . 22.60 -28.41 11.45
C11 86T Z . 24.76 -27.98 11.75
C12 86T Z . 24.38 -27.39 10.56
O13 86T Z . 26.00 -27.93 12.28
C14 86T Z . 27.08 -27.40 11.46
C16 86T Z . 29.02 -26.36 12.70
C18 86T Z . 30.73 -27.74 13.65
C19 86T Z . 30.08 -28.85 13.18
N22 86T Z . 28.48 -25.06 12.46
C23 86T Z . 28.21 -24.04 13.31
N24 86T Z . 27.73 -23.02 12.55
N25 86T Z . 27.75 -23.41 11.26
N26 86T Z . 28.21 -24.63 11.20
C27 86T Z . 27.28 -21.70 12.95
O28 86T Z . 28.36 -24.05 14.52
P CN3 AA . 6.38 -2.40 34.47
O11 CN3 AA . 7.88 -1.81 34.73
O12 CN3 AA . 5.88 -1.86 33.15
O13 CN3 AA . 6.41 -4.03 34.44
O14 CN3 AA . 5.44 -1.98 35.56
C1 CN3 AA . 8.84 -1.96 33.74
C2 CN3 AA . 9.87 -2.98 34.20
C3 CN3 AA . 10.80 -3.33 33.05
O31 CN3 AA . 11.13 -4.68 33.14
O32 CN3 AA . 11.47 -4.79 30.94
C31 CN3 AA . 11.13 -5.35 31.91
C32 CN3 AA . 10.69 -6.79 31.84
C33 CN3 AA . 11.51 -7.52 30.78
O21 CN3 AA . 10.61 -2.43 35.25
O22 CN3 AA . 10.34 -4.35 36.37
C21 CN3 AA . 10.88 -3.31 36.30
C22 CN3 AA . 11.91 -2.91 37.36
C23 CN3 AA . 13.03 -3.95 37.40
C24 CN3 AA . 14.22 -3.40 38.18
P' CN3 AA . 4.66 -8.74 32.05
O1' CN3 AA . 6.09 -9.29 31.47
O2' CN3 AA . 4.07 -7.75 31.09
O3' CN3 AA . 4.92 -8.00 33.49
O4' CN3 AA . 3.71 -9.90 32.23
C1' CN3 AA . 6.85 -10.15 32.27
C2' CN3 AA . 7.29 -11.33 31.42
C3' CN3 AA . 7.80 -10.80 30.07
O41 CN3 AA . 9.18 -10.86 30.03
O42 CN3 AA . 9.33 -10.61 27.82
C41 CN3 AA . 9.70 -11.18 28.78
C42 CN3 AA . 10.74 -12.29 28.66
C43 CN3 AA . 12.14 -11.69 28.82
C44 CN3 AA . 12.64 -11.21 27.47
C45 CN3 AA . 13.55 -10.01 27.66
C46 CN3 AA . 14.78 -10.18 26.77
C47 CN3 AA . 15.34 -8.82 26.38
C48 CN3 AA . 16.87 -8.87 26.41
C49 CN3 AA . 17.39 -9.99 25.51
C4A CN3 AA . 18.44 -10.80 26.28
C4B CN3 AA . 18.72 -12.11 25.54
O51 CN3 AA . 8.29 -12.05 32.08
O52 CN3 AA . 6.72 -13.43 32.88
C51 CN3 AA . 7.86 -13.23 32.70
C52 CN3 AA . 8.89 -14.25 33.18
C53 CN3 AA . 10.30 -13.82 32.76
C54 CN3 AA . 11.13 -15.06 32.43
C55 CN3 AA . 12.11 -14.73 31.30
C56 CN3 AA . 12.61 -16.04 30.69
C57 CN3 AA . 13.73 -15.76 29.70
C58 CN3 AA . 14.38 -17.09 29.28
C59 CN3 AA . 15.62 -16.81 28.44
CA CN3 AA . 5.61 -6.78 33.51
CB CN3 AA . 5.52 -6.19 34.90
OA CN3 AA . 4.45 -6.81 35.57
CC CN3 AA . 5.25 -4.70 34.82
CHA HEM BA . 4.67 -10.78 14.89
CHB HEM BA . 8.91 -9.19 13.22
CHC HEM BA . 10.35 -13.73 12.54
CHD HEM BA . 5.84 -15.23 13.35
C1A HEM BA . 5.71 -9.94 14.57
C2A HEM BA . 5.78 -8.52 14.80
C3A HEM BA . 6.94 -8.08 14.33
C4A HEM BA . 7.66 -9.22 13.79
CMA HEM BA . 7.47 -6.64 14.35
CAA HEM BA . 4.68 -7.66 15.47
CBA HEM BA . 5.00 -7.37 16.93
CGA HEM BA . 4.68 -8.60 17.73
O1A HEM BA . 3.58 -9.16 17.52
O2A HEM BA . 5.51 -8.98 18.59
C1B HEM BA . 9.66 -10.28 12.90
C2B HEM BA . 11.02 -10.22 12.41
C3B HEM BA . 11.44 -11.49 12.22
C4B HEM BA . 10.34 -12.36 12.59
CMB HEM BA . 11.73 -8.87 12.20
CAB HEM BA . 12.78 -12.08 11.70
CBB HEM BA . 13.84 -11.42 11.23
C1C HEM BA . 9.27 -14.56 12.77
C2C HEM BA . 9.30 -15.99 12.86
C3C HEM BA . 8.04 -16.42 13.09
C4C HEM BA . 7.20 -15.25 13.14
CMC HEM BA . 10.61 -16.78 12.72
CAC HEM BA . 7.42 -17.83 13.28
CBC HEM BA . 7.94 -18.99 12.86
C1D HEM BA . 5.13 -14.16 13.82
C2D HEM BA . 3.73 -14.15 14.17
C3D HEM BA . 3.42 -12.92 14.59
C4D HEM BA . 4.59 -12.11 14.53
CMD HEM BA . 2.77 -15.36 14.07
CAD HEM BA . 2.04 -12.42 15.07
CBD HEM BA . 1.93 -12.66 16.56
CGD HEM BA . 0.70 -12.00 17.10
O1D HEM BA . 0.18 -12.47 18.15
O2D HEM BA . 0.25 -11.01 16.50
NA HEM BA . 6.88 -10.34 13.95
NB HEM BA . 9.28 -11.59 13.00
NC HEM BA . 7.99 -14.13 12.94
ND HEM BA . 5.62 -12.89 14.06
FE HEM BA . 7.49 -12.22 13.49
CHA HEM CA . 54.30 -28.10 22.67
CHB HEM CA . 54.82 -24.28 25.57
CHC HEM CA . 59.63 -24.78 25.32
CHD HEM CA . 59.09 -28.52 22.31
C1A HEM CA . 54.04 -27.02 23.47
C2A HEM CA . 52.73 -26.53 23.80
C3A HEM CA . 52.86 -25.48 24.59
C4A HEM CA . 54.27 -25.27 24.81
CMA HEM CA . 51.72 -24.63 25.18
CAA HEM CA . 51.43 -27.14 23.24
CBA HEM CA . 50.76 -28.10 24.20
CGA HEM CA . 49.57 -28.65 23.47
O1A HEM CA . 49.69 -28.88 22.25
O2A HEM CA . 48.51 -28.86 24.11
C1B HEM CA . 56.17 -24.10 25.75
C2B HEM CA . 56.75 -23.10 26.60
C3B HEM CA . 58.09 -23.23 26.54
C4B HEM CA . 58.37 -24.33 25.64
CMB HEM CA . 55.85 -22.12 27.37
CAB HEM CA . 59.26 -22.48 27.21
CBB HEM CA . 59.19 -21.57 28.18
C1C HEM CA . 59.90 -25.84 24.49
C2C HEM CA . 61.21 -26.35 24.17
C3C HEM CA . 61.06 -27.41 23.34
C4C HEM CA . 59.64 -27.56 23.12
CMC HEM CA . 62.50 -25.72 24.75
CAC HEM CA . 62.04 -28.38 22.63
CBC HEM CA . 63.36 -28.45 22.79
C1D HEM CA . 57.75 -28.75 22.16
C2D HEM CA . 57.14 -29.83 21.40
C3D HEM CA . 55.82 -29.70 21.51
C4D HEM CA . 55.54 -28.55 22.32
CMD HEM CA . 57.87 -30.93 20.62
CAD HEM CA . 54.77 -30.63 20.87
CBD HEM CA . 54.19 -31.56 21.93
CGD HEM CA . 53.22 -32.50 21.28
O1D HEM CA . 52.53 -32.08 20.32
O2D HEM CA . 53.14 -33.67 21.73
NA HEM CA . 54.97 -26.23 24.12
NB HEM CA . 57.18 -24.84 25.19
NC HEM CA . 58.96 -26.60 23.82
ND HEM CA . 56.75 -27.98 22.71
FE HEM CA . 56.98 -26.43 23.94
C10 86T DA . 34.20 11.97 -14.52
C15 86T DA . 37.61 8.53 -14.81
C17 86T DA . 38.56 6.73 -16.11
C20 86T DA . 38.72 9.32 -15.12
C21 86T DA . 38.83 10.71 -14.59
CL08 86T DA . 30.15 11.30 -7.70
C01 86T DA . 30.72 12.22 -10.18
C02 86T DA . 31.09 11.36 -9.17
C03 86T DA . 32.18 10.52 -9.29
C04 86T DA . 32.92 10.57 -10.44
C05 86T DA . 32.57 11.43 -11.46
C06 86T DA . 31.47 12.26 -11.34
N07 86T DA . 33.36 11.43 -12.64
N09 86T DA . 33.28 12.34 -13.65
C11 86T DA . 34.85 10.83 -14.09
C12 86T DA . 34.30 10.51 -12.88
O13 86T DA . 35.84 10.15 -14.71
C14 86T DA . 36.52 9.12 -13.96
C16 86T DA . 37.54 7.24 -15.31
C18 86T DA . 39.64 7.52 -16.40
C19 86T DA . 39.72 8.80 -15.91
N22 86T DA . 36.41 6.41 -15.01
C23 86T DA . 35.59 5.70 -15.82
N24 86T DA . 34.70 5.07 -15.00
N25 86T DA . 35.01 5.36 -13.73
N26 86T DA . 36.05 6.15 -13.72
C27 86T DA . 33.59 4.19 -15.34
O28 86T DA . 35.63 5.65 -17.03
P CN3 EA . 4.34 -0.74 -34.95
O11 CN3 EA . 5.36 -1.72 -34.11
O12 CN3 EA . 4.49 -0.99 -36.42
O13 CN3 EA . 4.67 0.83 -34.65
O14 CN3 EA . 2.93 -1.04 -34.53
C1 CN3 EA . 6.18 -2.58 -34.84
C2 CN3 EA . 7.58 -2.00 -34.94
C3 CN3 EA . 8.26 -2.14 -33.59
O31 CN3 EA . 9.60 -1.79 -33.64
O32 CN3 EA . 9.29 0.38 -33.26
C31 CN3 EA . 9.90 -0.60 -32.99
C32 CN3 EA . 10.96 -0.53 -31.92
C33 CN3 EA . 11.46 0.91 -31.82
O21 CN3 EA . 8.29 -2.73 -35.89
O22 CN3 EA . 7.92 -1.25 -37.51
C21 CN3 EA . 7.97 -2.39 -37.21
C22 CN3 EA . 7.67 -3.49 -38.22
C23 CN3 EA . 8.42 -3.21 -39.52
C24 CN3 EA . 8.16 -4.35 -40.51
P' CN3 EA . 6.27 5.48 -32.58
O1' CN3 EA . 7.83 5.48 -32.06
O2' CN3 EA . 5.38 4.88 -31.53
O3' CN3 EA . 6.17 4.61 -33.98
O4' CN3 EA . 5.84 6.90 -32.83
C1' CN3 EA . 8.46 6.72 -32.02
C2' CN3 EA . 9.98 6.53 -32.10
C3' CN3 EA . 10.43 5.35 -31.24
O41 CN3 EA . 11.48 5.80 -30.44
O42 CN3 EA . 11.29 4.00 -29.12
C41 CN3 EA . 11.98 4.88 -29.52
C42 CN3 EA . 13.42 4.99 -29.04
C43 CN3 EA . 14.27 3.91 -29.70
C44 CN3 EA . 14.61 2.86 -28.65
C45 CN3 EA . 14.44 1.46 -29.24
C46 CN3 EA . 14.81 0.41 -28.20
C47 CN3 EA . 16.28 0.57 -27.82
C48 CN3 EA . 16.87 -0.80 -27.47
C49 CN3 EA . 18.35 -0.79 -27.82
C4A CN3 EA . 19.09 0.18 -26.91
C4B CN3 EA . 20.43 0.55 -27.52
O51 CN3 EA . 10.38 6.34 -33.42
O52 CN3 EA . 10.63 8.54 -33.80
C51 CN3 EA . 11.05 7.44 -33.96
C52 CN3 EA . 12.35 7.24 -34.75
C53 CN3 EA . 13.45 8.07 -34.12
C54 CN3 EA . 14.74 7.24 -34.06
C55 CN3 EA . 15.08 6.95 -32.60
C56 CN3 EA . 16.59 6.75 -32.49
C57 CN3 EA . 17.04 6.97 -31.04
C58 CN3 EA . 18.45 7.57 -31.05
C59 CN3 EA . 19.36 6.77 -30.12
CA CN3 EA . 5.47 3.40 -33.97
CB CN3 EA . 5.11 3.02 -35.40
OA CN3 EA . 3.76 3.25 -35.61
CC CN3 EA . 5.39 1.54 -35.61
P 9PE FA . -4.96 -16.69 1.34
N 9PE FA . -8.60 -13.89 0.21
O11 9PE FA . -3.32 -16.81 1.42
O12 9PE FA . -5.54 -18.03 0.98
O13 9PE FA . -5.36 -15.58 0.19
O14 9PE FA . -5.51 -16.23 2.66
C11 9PE FA . -6.30 -14.60 0.53
C12 9PE FA . -7.64 -14.91 -0.14
C1 9PE FA . -2.66 -17.72 0.59
C2 9PE FA . -1.19 -17.34 0.57
C3 9PE FA . -0.29 -18.57 0.61
O31 9PE FA . 0.35 -18.65 1.85
O32 9PE FA . 2.36 -19.53 2.24
C31 9PE FA . 1.75 -18.63 1.80
C32 9PE FA . 2.48 -17.45 1.16
C33 9PE FA . 3.87 -17.88 0.70
C34 9PE FA . 4.61 -16.64 0.21
C35 9PE FA . 5.78 -17.08 -0.66
C36 9PE FA . 6.73 -15.90 -0.85
C37 9PE FA . 7.83 -16.29 -1.82
O21 9PE FA . -0.91 -16.48 -0.52
O22 9PE FA . -1.27 -17.72 -2.38
C21 9PE FA . -0.55 -17.01 -1.77
C22 9PE FA . 0.82 -16.66 -2.35
C23 9PE FA . 0.64 -16.11 -3.75
C24 9PE FA . 1.90 -16.44 -4.55
C25 9PE FA . 3.09 -15.69 -3.96
C26 9PE FA . 3.02 -14.25 -4.46
C27 9PE FA . 4.43 -13.72 -4.67
C28 9PE FA . 4.43 -12.86 -5.93
C29 9PE FA . 5.14 -11.54 -5.64
C2A 9PE FA . 4.33 -10.76 -4.60
C2B 9PE FA . 5.26 -9.87 -3.79
C2C 9PE FA . 5.44 -8.54 -4.50
C2D 9PE FA . 5.56 -7.42 -3.48
C2E 9PE FA . 6.77 -7.69 -2.58
C2F 9PE FA . 7.25 -6.39 -1.96
C2G 9PE FA . 8.71 -6.18 -2.35
C2H 9PE FA . 9.52 -5.88 -1.10
C2I 9PE FA . 10.64 -4.90 -1.45
CHA HEM GA . 32.97 -4.48 -12.27
CHB HEM GA . 29.13 -1.62 -13.03
CHC HEM GA . 26.44 -4.35 -10.13
CHD HEM GA . 30.30 -7.10 -9.28
C1A HEM GA . 32.14 -3.52 -12.80
C2A HEM GA . 32.43 -2.63 -13.90
C3A HEM GA . 31.37 -1.85 -14.11
C4A HEM GA . 30.36 -2.20 -13.14
CMA HEM GA . 31.26 -0.76 -15.19
CAA HEM GA . 33.73 -2.57 -14.74
CBA HEM GA . 33.76 -3.78 -15.66
CGA HEM GA . 34.83 -3.61 -16.70
O1A HEM GA . 35.06 -2.47 -17.14
O2A HEM GA . 35.45 -4.63 -17.07
C1B HEM GA . 28.06 -2.10 -12.33
C2B HEM GA . 26.73 -1.55 -12.33
C3B HEM GA . 25.98 -2.33 -11.51
C4B HEM GA . 26.84 -3.36 -11.00
CMB HEM GA . 26.35 -0.30 -13.16
CAB HEM GA . 24.49 -2.28 -11.07
CBB HEM GA . 23.62 -1.28 -11.23
C1C HEM GA . 27.27 -5.27 -9.55
C2C HEM GA . 26.99 -6.06 -8.38
C3C HEM GA . 28.04 -6.82 -8.13
C4C HEM GA . 29.06 -6.55 -9.13
CMC HEM GA . 25.69 -6.06 -7.55
CAC HEM GA . 28.03 -7.79 -6.94
CBC HEM GA . 29.05 -8.59 -6.63
C1D HEM GA . 31.35 -6.67 -10.03
C2D HEM GA . 32.63 -7.30 -10.08
C3D HEM GA . 33.42 -6.62 -10.91
C4D HEM GA . 32.64 -5.49 -11.40
CMD HEM GA . 33.02 -8.58 -9.32
CAD HEM GA . 34.88 -7.11 -11.13
CBD HEM GA . 35.66 -6.67 -12.35
CGD HEM GA . 35.05 -7.22 -13.59
O1D HEM GA . 35.29 -6.64 -14.68
O2D HEM GA . 34.33 -8.22 -13.51
NA HEM GA . 30.86 -3.22 -12.36
NB HEM GA . 28.10 -3.20 -11.51
NC HEM GA . 28.55 -5.59 -9.98
ND HEM GA . 31.38 -5.56 -10.84
FE HEM GA . 29.69 -4.46 -11.26
CHA HEM HA . 8.54 6.98 -15.39
CHB HEM HA . 11.36 3.30 -14.14
CHC HEM HA . 15.06 6.36 -13.59
CHD HEM HA . 12.03 10.06 -14.09
C1A HEM HA . 8.97 5.70 -15.18
C2A HEM HA . 8.25 4.46 -15.44
C3A HEM HA . 9.04 3.46 -15.08
C4A HEM HA . 10.29 4.01 -14.59
CMA HEM HA . 8.69 1.97 -15.19
CAA HEM HA . 6.82 4.24 -16.00
CBA HEM HA . 6.53 4.93 -17.33
CGA HEM HA . 7.47 4.41 -18.37
O1A HEM HA . 8.05 5.22 -19.12
O2A HEM HA . 7.64 3.16 -18.44
C1B HEM HA . 12.61 3.80 -13.87
C2B HEM HA . 13.75 3.03 -13.46
C3B HEM HA . 14.79 3.88 -13.30
C4B HEM HA . 14.31 5.20 -13.62
CMB HEM HA . 13.64 1.50 -13.27
CAB HEM HA . 16.27 3.65 -12.87
CBB HEM HA . 16.86 2.51 -12.48
C1C HEM HA . 14.58 7.63 -13.75
C2C HEM HA . 15.37 8.83 -13.86
C3C HEM HA . 14.53 9.88 -14.02
C4C HEM HA . 13.19 9.34 -13.98
CMC HEM HA . 16.92 8.79 -13.84
CAC HEM HA . 14.76 11.40 -14.18
CBC HEM HA . 15.83 12.10 -13.82
C1D HEM HA . 10.82 9.56 -14.48
C2D HEM HA . 9.61 10.31 -14.74
C3D HEM HA . 8.66 9.46 -15.10
C4D HEM HA . 9.22 8.14 -15.08
CMD HEM HA . 9.45 11.84 -14.62
CAD HEM HA . 7.20 9.76 -15.47
CBD HEM HA . 7.12 9.95 -16.97
CGD HEM HA . 5.68 10.05 -17.41
O1D HEM HA . 5.41 10.73 -18.41
O2D HEM HA . 4.83 9.44 -16.73
NA HEM HA . 10.21 5.38 -14.67
NB HEM HA . 12.98 5.13 -13.96
NC HEM HA . 13.25 7.98 -13.82
ND HEM HA . 10.54 8.23 -14.70
FE HEM HA . 11.78 6.64 -14.30
C1 UQ6 IA . 5.64 -0.97 -15.64
C1M UQ6 IA . 6.38 -1.67 -16.79
C2 UQ6 IA . 5.02 0.23 -15.92
O2 UQ6 IA . 5.13 0.74 -17.22
C3 UQ6 IA . 4.32 0.91 -14.91
C4 UQ6 IA . 4.28 0.34 -13.65
C5 UQ6 IA . 4.90 -0.88 -13.37
O5 UQ6 IA . 4.81 -1.39 -12.07
C6 UQ6 IA . 5.60 -1.55 -14.39
O3 UQ6 IA . 3.70 2.16 -15.16
C3M UQ6 IA . 2.54 2.21 -15.93
O4 UQ6 IA . 3.59 1.00 -12.60
C4M UQ6 IA . 2.20 0.78 -12.56
C7 UQ6 IA . 6.33 -2.92 -14.17
C8 UQ6 IA . 7.37 -2.92 -13.00
C9 UQ6 IA . 8.71 -2.89 -13.16
C10 UQ6 IA . 9.35 -2.82 -14.56
C11 UQ6 IA . 9.61 -2.90 -11.88
C12 UQ6 IA . 10.93 -3.68 -12.06
C13 UQ6 IA . 11.32 -4.38 -10.70
C14 UQ6 IA . 12.55 -4.25 -10.13
C15 UQ6 IA . 13.63 -3.42 -10.81
C16 UQ6 IA . 12.84 -5.00 -8.76
C17 UQ6 IA . 14.34 -4.90 -8.36
C18 UQ6 IA . 15.13 -6.21 -8.75
C19 UQ6 IA . 15.86 -6.89 -7.83
C20 UQ6 IA . 15.93 -6.41 -6.39
C21 UQ6 IA . 16.63 -8.18 -8.24
C22 UQ6 IA . 16.37 -9.28 -7.18
C23 UQ6 IA . 17.67 -10.07 -6.82
C24 UQ6 IA . 17.90 -11.30 -7.31
C25 UQ6 IA . 16.88 -11.95 -8.25
C26 UQ6 IA . 19.19 -12.06 -6.93
C27 UQ6 IA . 19.57 -13.06 -8.04
C28 UQ6 IA . 20.77 -13.93 -7.62
C29 UQ6 IA . 20.73 -15.26 -7.72
C30 UQ6 IA . 19.47 -15.96 -8.26
C31 UQ6 IA . 21.97 -16.11 -7.28
C32 UQ6 IA . 21.52 -17.50 -6.83
C33 UQ6 IA . 22.75 -18.32 -6.35
C34 UQ6 IA . 22.77 -19.64 -6.43
C35 UQ6 IA . 23.98 -20.41 -5.94
C36 UQ6 IA . 21.59 -20.42 -7.03
CHA HEM JA . 59.16 -4.42 -27.08
CHB HEM JA . 57.28 -7.80 -29.94
CHC HEM JA . 61.57 -10.02 -30.11
CHD HEM JA . 63.41 -6.69 -27.10
C1A HEM JA . 58.29 -5.15 -27.83
C2A HEM JA . 56.90 -4.82 -28.03
C3A HEM JA . 56.38 -5.76 -28.82
C4A HEM JA . 57.42 -6.70 -29.15
CMA HEM JA . 54.92 -5.85 -29.31
CAA HEM JA . 56.20 -3.61 -27.39
CBA HEM JA . 56.02 -2.45 -28.33
CGA HEM JA . 55.34 -1.38 -27.54
O1A HEM JA . 54.50 -0.65 -28.11
O2A HEM JA . 55.62 -1.26 -26.33
C1B HEM JA . 58.28 -8.69 -30.22
C2B HEM JA . 58.11 -9.85 -31.04
C3B HEM JA . 59.27 -10.49 -31.13
C4B HEM JA . 60.24 -9.75 -30.33
CMB HEM JA . 56.79 -10.25 -31.70
CAB HEM JA . 59.41 -11.78 -31.95
CBB HEM JA . 60.57 -12.25 -32.41
C1C HEM JA . 62.44 -9.31 -29.32
C2C HEM JA . 63.84 -9.61 -29.13
C3C HEM JA . 64.38 -8.70 -28.32
C4C HEM JA . 63.33 -7.78 -27.94
CMC HEM JA . 64.62 -10.77 -29.76
CAC HEM JA . 65.88 -8.77 -27.92
CBC HEM JA . 66.56 -7.81 -27.29
C1D HEM JA . 62.42 -5.77 -26.86
C2D HEM JA . 62.56 -4.54 -26.09
C3D HEM JA . 61.39 -3.93 -26.09
C4D HEM JA . 60.46 -4.73 -26.84
CMD HEM JA . 63.84 -4.04 -25.39
CAD HEM JA . 61.07 -2.59 -25.39
CBD HEM JA . 60.98 -1.47 -26.41
CGD HEM JA . 60.67 -0.18 -25.71
O1D HEM JA . 59.94 -0.23 -24.70
O2D HEM JA . 61.16 0.87 -26.16
NA HEM JA . 58.59 -6.29 -28.54
NB HEM JA . 59.58 -8.66 -29.80
NC HEM JA . 62.17 -8.19 -28.58
ND HEM JA . 61.12 -5.85 -27.31
FE HEM JA . 60.39 -7.25 -28.54
P 6PH KA . 24.02 -24.24 -25.53
O11 6PH KA . 24.00 -22.71 -26.13
O12 6PH KA . 25.30 -24.93 -25.90
O13 6PH KA . 23.90 -24.17 -24.02
O14 6PH KA . 22.85 -25.00 -26.10
C1 6PH KA . 24.21 -21.65 -25.25
C2 6PH KA . 23.80 -20.32 -25.87
C3 6PH KA . 22.99 -20.55 -27.15
O31 6PH KA . 21.67 -20.82 -26.81
O32 6PH KA . 20.73 -19.40 -28.24
C31 6PH KA . 20.78 -19.79 -27.13
C32 6PH KA . 19.89 -19.16 -26.08
C33 6PH KA . 19.13 -17.99 -26.67
C34 6PH KA . 19.10 -16.85 -25.65
C35 6PH KA . 17.73 -16.16 -25.72
C36 6PH KA . 17.09 -16.14 -24.34
C37 6PH KA . 15.57 -16.21 -24.49
C38 6PH KA . 14.92 -15.20 -23.55
C39 6PH KA . 13.88 -15.91 -22.69
C3A 6PH KA . 14.06 -15.55 -21.22
C3B 6PH KA . 15.49 -15.83 -20.76
C3C 6PH KA . 15.74 -15.17 -19.40
C3D 6PH KA . 15.11 -16.00 -18.29
O21 6PH KA . 23.01 -19.63 -24.94
O22 6PH KA . 24.79 -18.43 -24.31
C21 6PH KA . 23.62 -18.49 -24.41
C22 6PH KA . 22.75 -17.33 -23.94
C23 6PH KA . 23.61 -16.35 -23.15
C24 6PH KA . 22.78 -15.10 -22.86
C25 6PH KA . 23.56 -13.86 -23.26
C26 6PH KA . 22.88 -13.20 -24.46
C27 6PH KA . 22.78 -11.69 -24.24
C28 6PH KA . 21.31 -11.30 -24.30
C29 6PH KA . 20.86 -10.82 -22.92
C2A 6PH KA . 20.22 -11.99 -22.17
C2B 6PH KA . 19.87 -11.56 -20.75
C2C 6PH KA . 20.24 -12.64 -19.73
C2D 6PH KA . 19.24 -12.59 -18.59
C2E 6PH KA . 19.80 -13.31 -17.36
C2F 6PH KA . 18.71 -13.45 -16.30
P 8PE LA . 6.16 13.87 -32.01
N 8PE LA . 1.86 14.99 -33.18
O11 8PE LA . 7.62 13.13 -32.17
O12 8PE LA . 6.36 15.35 -31.75
O13 8PE LA . 5.28 13.67 -33.39
O14 8PE LA . 5.40 13.27 -30.85
C11 8PE LA . 4.21 14.55 -33.66
C12 8PE LA . 2.93 14.01 -33.05
C1 8PE LA . 8.26 12.69 -31.00
C2 8PE LA . 9.69 13.23 -30.90
C3 8PE LA . 10.06 13.50 -29.46
O31 8PE LA . 10.37 12.29 -28.84
O32 8PE LA . 10.87 12.22 -26.67
C31 8PE LA . 11.25 12.40 -27.77
C32 8PE LA . 12.72 12.74 -28.01
C33 8PE LA . 13.52 12.18 -26.85
C34 8PE LA . 14.98 12.55 -27.04
C35 8PE LA . 15.58 11.69 -28.15
C36 8PE LA . 17.10 11.79 -28.18
C37 8PE LA . 17.69 11.58 -26.79
C38 8PE LA . 18.75 10.49 -26.84
C39 8PE LA . 20.12 11.14 -26.68
C3A 8PE LA . 20.37 11.43 -25.22
C3B 8PE LA . 20.70 12.90 -25.04
C3C 8PE LA . 20.97 13.14 -23.56
C3D 8PE LA . 20.06 14.26 -23.09
C3E 8PE LA . 20.58 14.78 -21.75
C3F 8PE LA . 20.43 13.68 -20.71
C3G 8PE LA . 20.38 14.35 -19.35
C3H 8PE LA . 21.75 14.27 -18.70
C3I 8PE LA . 21.83 15.30 -17.58
O21 8PE LA . 10.55 12.24 -31.36
O22 8PE LA . 11.74 13.83 -32.43
C21 8PE LA . 11.68 12.71 -32.04
C22 8PE LA . 12.86 11.76 -32.26
C23 8PE LA . 13.67 12.24 -33.45
C24 8PE LA . 15.03 11.53 -33.45
C25 8PE LA . 15.74 11.79 -32.13
C26 8PE LA . 17.14 11.17 -32.18
C27 8PE LA . 18.04 12.05 -33.04
C28 8PE LA . 19.51 11.81 -32.69
C29 8PE LA . 19.75 12.24 -31.24
C2A 8PE LA . 21.25 12.37 -30.99
C2B 8PE LA . 21.81 11.06 -30.45
C2C 8PE LA . 23.33 11.14 -30.49
C2D 8PE LA . 23.93 9.85 -29.92
C2E 8PE LA . 25.45 9.86 -30.11
#